data_4V4F
#
_entry.id   4V4F
#
_cell.length_a   113.907
_cell.length_b   133.986
_cell.length_c   232.826
_cell.angle_alpha   90.00
_cell.angle_beta   100.11
_cell.angle_gamma   90.00
#
_symmetry.space_group_name_H-M   'C 1 2 1'
#
loop_
_entity.id
_entity.type
_entity.pdbx_description
1 polymer "5'-R(*UP*AP*GP*AP*UP)-3'"
2 polymer 'TRANSCRIPTION ATTENUATION PROTEIN MTRB'
3 non-polymer TRYPTOPHAN
4 water water
#
loop_
_entity_poly.entity_id
_entity_poly.type
_entity_poly.pdbx_seq_one_letter_code
_entity_poly.pdbx_strand_id
1 'polyribonucleotide' UAGAU A0,A1,A2,A3,A4,A5,A6,A7,A8,A9,AZ,B0,B1,B2,B3,B4,B5,B6,B7,B8,B9,BZ
2 'polypeptide(L)' MYTNSDFVVIKALEDGVNVIGLTRGADTRFHHSEKLDKGEVLIAQFTEHTSAIKVRGKAYIQTRHGVIESEGKK AA,AB,AC,AD,AE,AF,AG,AH,AI,AJ,AK,AL,AM,AN,AO,AP,AQ,AR,AS,AT,AU,AV,BA,BB,BC,BD,BE,BF,BG,BH,BI,BJ,BK,BL,BM,BN,BO,BP,BQ,BR,BS,BT,BU,BV
#
# COMPACT_ATOMS: atom_id res chain seq x y z
N THR K 3 17.12 -25.74 -4.55
CA THR K 3 17.67 -24.71 -5.50
C THR K 3 16.89 -23.36 -5.48
N ASN K 4 16.04 -23.15 -4.47
CA ASN K 4 15.20 -21.94 -4.33
C ASN K 4 15.63 -20.95 -3.21
N SER K 5 16.91 -20.93 -2.91
CA SER K 5 17.43 -20.03 -1.92
C SER K 5 17.61 -18.64 -2.53
N ASP K 6 17.78 -17.62 -1.69
CA ASP K 6 18.00 -16.26 -2.20
C ASP K 6 19.26 -16.01 -2.99
N PHE K 7 19.24 -14.91 -3.74
CA PHE K 7 20.35 -14.56 -4.60
C PHE K 7 20.64 -13.08 -4.49
N VAL K 8 21.82 -12.66 -4.95
CA VAL K 8 22.16 -11.28 -4.95
C VAL K 8 22.56 -10.90 -6.37
N VAL K 9 22.33 -9.64 -6.74
CA VAL K 9 22.70 -9.12 -8.06
C VAL K 9 23.85 -8.16 -7.85
N ILE K 10 24.92 -8.29 -8.65
CA ILE K 10 26.05 -7.41 -8.51
C ILE K 10 26.46 -6.92 -9.89
N LYS K 11 26.56 -5.59 -10.02
CA LYS K 11 26.99 -4.93 -11.27
C LYS K 11 28.29 -4.20 -10.98
N ALA K 12 29.35 -4.53 -11.72
CA ALA K 12 30.63 -3.85 -11.59
C ALA K 12 30.54 -2.43 -12.14
N LEU K 13 31.16 -1.51 -11.40
CA LEU K 13 31.21 -0.08 -11.76
C LEU K 13 32.62 0.31 -12.08
N GLU K 14 33.51 -0.69 -12.05
CA GLU K 14 34.88 -0.52 -12.56
C GLU K 14 35.44 -1.91 -12.90
N ASP K 15 36.59 -1.93 -13.60
CA ASP K 15 37.39 -3.16 -13.91
C ASP K 15 37.97 -3.82 -12.65
N GLY K 16 38.00 -5.19 -12.67
CA GLY K 16 38.60 -5.98 -11.61
C GLY K 16 37.84 -6.08 -10.30
N VAL K 17 36.52 -5.99 -10.33
CA VAL K 17 35.70 -6.27 -9.16
C VAL K 17 35.74 -7.78 -8.83
N ASN K 18 35.69 -8.14 -7.54
CA ASN K 18 35.78 -9.57 -7.18
C ASN K 18 34.60 -9.89 -6.32
N VAL K 19 33.84 -10.94 -6.69
CA VAL K 19 32.71 -11.44 -5.93
C VAL K 19 33.14 -12.81 -5.41
N ILE K 20 33.28 -12.89 -4.09
CA ILE K 20 34.03 -13.98 -3.48
C ILE K 20 33.04 -14.85 -2.73
N GLY K 21 33.00 -16.14 -3.05
CA GLY K 21 32.17 -17.04 -2.25
C GLY K 21 32.98 -17.55 -1.09
N LEU K 22 32.42 -17.42 0.13
CA LEU K 22 33.00 -18.01 1.30
C LEU K 22 32.29 -19.34 1.59
N THR K 23 33.09 -20.33 1.94
CA THR K 23 32.59 -21.68 2.26
C THR K 23 31.57 -21.77 3.35
N ARG K 24 30.53 -22.56 3.11
CA ARG K 24 29.61 -22.96 4.17
C ARG K 24 30.32 -23.98 5.11
N GLY K 25 29.96 -23.99 6.38
CA GLY K 25 30.44 -25.03 7.29
C GLY K 25 31.26 -24.50 8.46
N ALA K 26 31.93 -25.41 9.16
CA ALA K 26 32.76 -25.03 10.30
C ALA K 26 33.96 -24.16 9.88
N ASP K 27 34.41 -24.35 8.65
CA ASP K 27 35.50 -23.55 8.09
C ASP K 27 35.00 -22.38 7.23
N THR K 28 35.68 -21.23 7.30
CA THR K 28 35.36 -20.10 6.44
C THR K 28 36.55 -19.65 5.60
N ARG K 29 36.63 -20.11 4.37
CA ARG K 29 37.73 -19.81 3.45
C ARG K 29 37.10 -19.40 2.15
N PHE K 30 37.90 -18.93 1.21
CA PHE K 30 37.40 -18.62 -0.12
C PHE K 30 37.30 -19.94 -0.87
N HIS K 31 36.23 -20.15 -1.64
CA HIS K 31 36.26 -21.26 -2.61
C HIS K 31 36.29 -20.76 -4.06
N HIS K 32 35.75 -19.57 -4.32
CA HIS K 32 35.87 -19.05 -5.69
C HIS K 32 35.86 -17.54 -5.65
N SER K 33 36.63 -16.92 -6.53
CA SER K 33 36.58 -15.48 -6.65
C SER K 33 36.20 -15.18 -8.10
N GLU K 34 34.99 -14.66 -8.33
CA GLU K 34 34.56 -14.31 -9.69
C GLU K 34 34.94 -12.88 -10.03
N LYS K 35 35.79 -12.72 -11.02
CA LYS K 35 36.22 -11.39 -11.49
C LYS K 35 35.26 -10.80 -12.53
N LEU K 36 34.80 -9.58 -12.26
CA LEU K 36 33.89 -8.84 -13.15
C LEU K 36 34.53 -7.57 -13.66
N ASP K 37 34.48 -7.37 -14.98
CA ASP K 37 34.87 -6.09 -15.56
C ASP K 37 33.72 -5.10 -15.60
N LYS K 38 34.03 -3.83 -15.86
CA LYS K 38 33.01 -2.78 -15.71
C LYS K 38 31.73 -3.07 -16.53
N GLY K 39 30.58 -2.96 -15.89
CA GLY K 39 29.32 -3.15 -16.58
C GLY K 39 28.77 -4.57 -16.53
N GLU K 40 29.65 -5.56 -16.37
CA GLU K 40 29.20 -6.95 -16.19
C GLU K 40 28.33 -7.16 -14.96
N VAL K 41 27.34 -8.05 -15.09
CA VAL K 41 26.41 -8.35 -14.02
C VAL K 41 26.49 -9.83 -13.64
N LEU K 42 26.52 -10.09 -12.34
CA LEU K 42 26.48 -11.44 -11.81
C LEU K 42 25.29 -11.57 -10.87
N ILE K 43 24.57 -12.68 -11.00
CA ILE K 43 23.40 -12.94 -10.22
C ILE K 43 23.70 -14.31 -9.55
N ALA K 44 23.86 -14.29 -8.23
CA ALA K 44 24.49 -15.43 -7.53
C ALA K 44 23.73 -15.83 -6.30
N GLN K 45 23.45 -17.13 -6.20
CA GLN K 45 22.68 -17.65 -5.06
C GLN K 45 23.58 -17.98 -3.85
N PHE K 46 22.96 -18.05 -2.69
CA PHE K 46 23.46 -18.84 -1.59
C PHE K 46 23.16 -20.33 -1.88
N THR K 47 24.10 -21.22 -1.51
CA THR K 47 24.07 -22.62 -1.96
C THR K 47 24.60 -23.53 -0.89
N GLU K 48 24.63 -24.83 -1.19
CA GLU K 48 25.29 -25.80 -0.29
C GLU K 48 26.75 -25.35 0.01
N HIS K 49 27.44 -24.81 -0.98
CA HIS K 49 28.87 -24.44 -0.85
C HIS K 49 29.20 -23.02 -0.37
N THR K 50 28.26 -22.10 -0.55
CA THR K 50 28.42 -20.65 -0.29
C THR K 50 27.37 -20.14 0.67
N SER K 51 27.78 -19.77 1.89
CA SER K 51 26.87 -19.19 2.88
C SER K 51 27.20 -17.69 3.17
N ALA K 52 28.26 -17.16 2.58
CA ALA K 52 28.53 -15.72 2.66
C ALA K 52 29.20 -15.27 1.37
N ILE K 53 28.95 -14.02 0.95
CA ILE K 53 29.57 -13.47 -0.27
C ILE K 53 30.25 -12.15 0.04
N LYS K 54 31.48 -11.96 -0.45
CA LYS K 54 32.18 -10.72 -0.12
C LYS K 54 32.47 -10.05 -1.43
N VAL K 55 32.19 -8.74 -1.51
CA VAL K 55 32.39 -8.01 -2.76
C VAL K 55 33.51 -6.99 -2.54
N ARG K 56 34.57 -7.08 -3.36
CA ARG K 56 35.67 -6.17 -3.29
C ARG K 56 35.70 -5.37 -4.59
N GLY K 57 35.84 -4.04 -4.49
CA GLY K 57 35.85 -3.16 -5.66
C GLY K 57 34.50 -2.42 -5.74
N LYS K 58 34.42 -1.50 -6.69
CA LYS K 58 33.26 -0.65 -6.87
C LYS K 58 32.14 -1.40 -7.64
N ALA K 59 31.03 -1.60 -6.97
CA ALA K 59 29.86 -2.36 -7.47
C ALA K 59 28.52 -1.86 -6.94
N TYR K 60 27.48 -2.03 -7.76
CA TYR K 60 26.11 -1.81 -7.34
C TYR K 60 25.43 -3.16 -7.03
N ILE K 61 24.84 -3.26 -5.84
CA ILE K 61 24.33 -4.52 -5.29
C ILE K 61 22.89 -4.41 -4.98
N GLN K 62 22.12 -5.39 -5.44
CA GLN K 62 20.71 -5.52 -5.06
C GLN K 62 20.51 -6.83 -4.31
N THR K 63 19.78 -6.75 -3.21
CA THR K 63 19.29 -7.93 -2.55
C THR K 63 17.85 -7.71 -2.14
N ARG K 64 17.26 -8.75 -1.55
CA ARG K 64 15.96 -8.68 -0.92
C ARG K 64 15.83 -7.51 0.10
N HIS K 65 16.97 -7.02 0.60
CA HIS K 65 16.92 -6.05 1.74
C HIS K 65 17.18 -4.61 1.31
N GLY K 66 17.48 -4.42 0.03
CA GLY K 66 17.64 -3.09 -0.54
C GLY K 66 18.81 -3.06 -1.48
N VAL K 67 19.25 -1.86 -1.81
CA VAL K 67 20.38 -1.68 -2.66
C VAL K 67 21.52 -1.04 -1.87
N ILE K 68 22.72 -1.15 -2.41
CA ILE K 68 23.90 -0.71 -1.68
C ILE K 68 25.00 -0.68 -2.70
N GLU K 69 25.98 0.18 -2.49
CA GLU K 69 27.17 0.15 -3.33
C GLU K 69 28.40 -0.22 -2.49
N SER K 70 29.22 -1.13 -3.01
CA SER K 70 30.55 -1.39 -2.48
C SER K 70 31.52 -0.39 -3.09
N GLU K 71 32.56 -0.03 -2.34
CA GLU K 71 33.59 0.89 -2.79
C GLU K 71 34.98 0.26 -2.69
N GLY K 72 35.79 0.55 -3.71
CA GLY K 72 37.16 0.05 -3.85
C GLY K 72 37.66 -0.87 -2.77
N THR L 3 11.25 -27.42 -9.57
CA THR L 3 11.03 -26.60 -10.81
C THR L 3 10.34 -25.22 -10.58
N ASN L 4 10.20 -24.80 -9.30
CA ASN L 4 9.72 -23.43 -8.95
C ASN L 4 10.78 -22.44 -8.42
N SER L 5 12.05 -22.70 -8.72
CA SER L 5 13.14 -21.78 -8.39
C SER L 5 12.88 -20.40 -8.96
N ASP L 6 13.54 -19.37 -8.43
CA ASP L 6 13.61 -18.04 -9.09
C ASP L 6 14.12 -18.04 -10.52
N PHE L 7 13.72 -17.04 -11.29
CA PHE L 7 14.24 -16.88 -12.64
C PHE L 7 14.60 -15.43 -12.89
N VAL L 8 15.36 -15.17 -13.96
CA VAL L 8 15.80 -13.85 -14.35
C VAL L 8 15.29 -13.59 -15.76
N VAL L 9 14.94 -12.35 -16.06
CA VAL L 9 14.57 -11.95 -17.43
C VAL L 9 15.70 -11.11 -18.02
N ILE L 10 16.21 -11.49 -19.19
CA ILE L 10 17.25 -10.73 -19.84
C ILE L 10 16.85 -10.38 -21.26
N LYS L 11 16.94 -9.08 -21.60
CA LYS L 11 16.67 -8.61 -22.92
C LYS L 11 17.95 -8.00 -23.45
N ALA L 12 18.41 -8.54 -24.56
CA ALA L 12 19.61 -8.01 -25.21
C ALA L 12 19.40 -6.62 -25.84
N LEU L 13 20.29 -5.70 -25.50
CA LEU L 13 20.27 -4.33 -26.08
C LEU L 13 21.29 -4.14 -27.20
N GLU L 14 21.98 -5.23 -27.53
CA GLU L 14 22.86 -5.26 -28.72
C GLU L 14 23.03 -6.72 -29.13
N ASP L 15 23.68 -6.94 -30.25
CA ASP L 15 24.06 -8.27 -30.69
C ASP L 15 25.20 -8.84 -29.85
N GLY L 16 25.14 -10.16 -29.60
CA GLY L 16 26.30 -10.87 -29.08
C GLY L 16 26.34 -10.82 -27.57
N VAL L 17 25.20 -10.54 -26.93
CA VAL L 17 25.10 -10.62 -25.50
C VAL L 17 25.24 -12.11 -25.08
N ASN L 18 26.00 -12.33 -24.01
CA ASN L 18 26.19 -13.69 -23.49
C ASN L 18 25.62 -13.85 -22.10
N VAL L 19 24.70 -14.81 -21.95
CA VAL L 19 24.13 -15.15 -20.66
C VAL L 19 24.75 -16.49 -20.29
N ILE L 20 25.53 -16.46 -19.21
CA ILE L 20 26.43 -17.58 -18.91
C ILE L 20 25.97 -18.24 -17.64
N GLY L 21 25.71 -19.54 -17.72
CA GLY L 21 25.35 -20.34 -16.55
C GLY L 21 26.62 -20.90 -15.88
N LEU L 22 26.76 -20.62 -14.59
CA LEU L 22 27.93 -21.10 -13.83
C LEU L 22 27.48 -22.29 -12.99
N THR L 23 28.33 -23.30 -12.93
CA THR L 23 28.04 -24.58 -12.29
C THR L 23 27.72 -24.45 -10.82
N ARG L 24 26.62 -25.08 -10.40
CA ARG L 24 26.41 -25.36 -8.95
C ARG L 24 27.51 -26.31 -8.48
N GLY L 25 27.92 -26.19 -7.22
CA GLY L 25 28.71 -27.20 -6.56
C GLY L 25 30.04 -26.65 -6.10
N ALA L 26 30.96 -27.55 -5.76
CA ALA L 26 32.27 -27.14 -5.25
C ALA L 26 33.08 -26.44 -6.35
N ASP L 27 32.81 -26.79 -7.61
CA ASP L 27 33.45 -26.14 -8.73
C ASP L 27 32.61 -25.01 -9.32
N THR L 28 33.26 -23.94 -9.74
CA THR L 28 32.59 -22.82 -10.41
C THR L 28 33.19 -22.60 -11.79
N ARG L 29 32.49 -23.13 -12.80
CA ARG L 29 32.99 -23.02 -14.17
C ARG L 29 31.79 -22.76 -15.06
N PHE L 30 32.02 -22.51 -16.34
CA PHE L 30 30.91 -22.33 -17.26
C PHE L 30 30.35 -23.66 -17.65
N HIS L 31 29.04 -23.80 -17.69
CA HIS L 31 28.53 -24.98 -18.38
C HIS L 31 27.74 -24.63 -19.63
N HIS L 32 27.32 -23.38 -19.74
CA HIS L 32 26.64 -22.91 -20.95
C HIS L 32 26.66 -21.40 -21.10
N SER L 33 26.86 -20.95 -22.32
CA SER L 33 26.75 -19.54 -22.65
C SER L 33 25.64 -19.40 -23.71
N GLU L 34 24.53 -18.75 -23.36
CA GLU L 34 23.48 -18.51 -24.34
C GLU L 34 23.73 -17.16 -24.99
N LYS L 35 24.00 -17.16 -26.30
CA LYS L 35 24.16 -15.90 -27.01
C LYS L 35 22.82 -15.33 -27.49
N LEU L 36 22.64 -14.02 -27.27
CA LEU L 36 21.42 -13.34 -27.70
C LEU L 36 21.72 -12.20 -28.62
N ASP L 37 20.93 -12.08 -29.68
CA ASP L 37 21.05 -10.93 -30.57
C ASP L 37 20.11 -9.83 -30.13
N LYS L 38 20.30 -8.64 -30.67
CA LYS L 38 19.59 -7.46 -30.18
C LYS L 38 18.07 -7.67 -30.17
N GLY L 39 17.46 -7.45 -29.03
CA GLY L 39 16.01 -7.56 -28.93
C GLY L 39 15.51 -8.90 -28.44
N GLU L 40 16.33 -9.95 -28.51
CA GLU L 40 15.92 -11.27 -27.95
C GLU L 40 15.80 -11.23 -26.44
N VAL L 41 14.85 -12.02 -25.89
CA VAL L 41 14.61 -12.15 -24.47
C VAL L 41 14.74 -13.63 -24.03
N LEU L 42 15.49 -13.83 -22.94
CA LEU L 42 15.73 -15.12 -22.30
C LEU L 42 15.20 -15.04 -20.89
N ILE L 43 14.35 -15.99 -20.52
CA ILE L 43 13.89 -16.08 -19.16
C ILE L 43 14.43 -17.40 -18.63
N ALA L 44 15.31 -17.31 -17.64
CA ALA L 44 16.11 -18.44 -17.24
C ALA L 44 16.12 -18.64 -15.72
N GLN L 45 15.88 -19.87 -15.31
CA GLN L 45 15.84 -20.23 -13.90
C GLN L 45 17.21 -20.53 -13.32
N PHE L 46 17.29 -20.46 -11.97
CA PHE L 46 18.33 -21.17 -11.22
C PHE L 46 17.90 -22.63 -11.10
N THR L 47 18.86 -23.56 -11.22
CA THR L 47 18.50 -24.96 -11.39
C THR L 47 19.47 -25.84 -10.61
N GLU L 48 19.24 -27.15 -10.63
CA GLU L 48 20.24 -28.09 -10.13
C GLU L 48 21.65 -27.82 -10.73
N HIS L 49 21.71 -27.41 -11.99
CA HIS L 49 23.02 -27.23 -12.65
C HIS L 49 23.61 -25.81 -12.59
N THR L 50 22.74 -24.83 -12.35
CA THR L 50 23.10 -23.41 -12.45
C THR L 50 22.74 -22.66 -11.18
N SER L 51 23.76 -22.23 -10.42
CA SER L 51 23.59 -21.45 -9.20
C SER L 51 24.07 -19.98 -9.27
N ALA L 52 24.60 -19.57 -10.42
CA ALA L 52 24.96 -18.17 -10.67
C ALA L 52 24.93 -17.94 -12.16
N ILE L 53 24.58 -16.72 -12.56
CA ILE L 53 24.40 -16.38 -13.94
C ILE L 53 25.17 -15.09 -14.16
N LYS L 54 26.06 -15.06 -15.13
CA LYS L 54 26.79 -13.84 -15.50
C LYS L 54 26.33 -13.30 -16.86
N VAL L 55 26.10 -11.99 -16.94
CA VAL L 55 25.66 -11.38 -18.20
C VAL L 55 26.73 -10.48 -18.70
N ARG L 56 27.19 -10.75 -19.93
CA ARG L 56 28.22 -9.97 -20.60
C ARG L 56 27.61 -9.33 -21.83
N GLY L 57 27.90 -8.03 -22.05
CA GLY L 57 27.25 -7.25 -23.11
C GLY L 57 26.09 -6.38 -22.59
N LYS L 58 25.59 -5.47 -23.42
CA LYS L 58 24.52 -4.54 -23.01
C LYS L 58 23.15 -5.24 -22.92
N ALA L 59 22.52 -5.22 -21.74
CA ALA L 59 21.28 -5.94 -21.59
C ALA L 59 20.41 -5.33 -20.49
N TYR L 60 19.11 -5.52 -20.60
CA TYR L 60 18.17 -5.07 -19.59
C TYR L 60 17.72 -6.30 -18.83
N ILE L 61 17.81 -6.24 -17.50
CA ILE L 61 17.62 -7.41 -16.67
C ILE L 61 16.56 -7.14 -15.62
N GLN L 62 15.56 -8.05 -15.47
CA GLN L 62 14.60 -7.98 -14.37
C GLN L 62 14.72 -9.19 -13.45
N THR L 63 14.79 -8.94 -12.15
CA THR L 63 14.73 -9.99 -11.13
C THR L 63 13.73 -9.61 -10.08
N ARG L 64 13.48 -10.53 -9.14
CA ARG L 64 12.73 -10.28 -7.94
C ARG L 64 13.15 -8.98 -7.22
N HIS L 65 14.43 -8.60 -7.33
CA HIS L 65 14.93 -7.47 -6.53
C HIS L 65 14.98 -6.17 -7.30
N GLY L 66 14.44 -6.19 -8.50
CA GLY L 66 14.33 -4.96 -9.27
C GLY L 66 14.91 -5.12 -10.65
N VAL L 67 15.27 -3.98 -11.24
CA VAL L 67 15.78 -3.94 -12.61
C VAL L 67 17.20 -3.34 -12.66
N ILE L 68 17.92 -3.68 -13.70
CA ILE L 68 19.33 -3.29 -13.85
C ILE L 68 19.73 -3.52 -15.29
N GLU L 69 20.70 -2.72 -15.74
CA GLU L 69 21.23 -2.91 -17.07
C GLU L 69 22.68 -3.32 -16.94
N SER L 70 23.06 -4.36 -17.67
CA SER L 70 24.49 -4.65 -17.89
C SER L 70 25.03 -3.78 -19.03
N GLU L 71 26.32 -3.46 -18.99
CA GLU L 71 26.92 -2.66 -20.06
C GLU L 71 28.16 -3.38 -20.60
N GLY L 72 28.35 -3.26 -21.91
CA GLY L 72 29.43 -3.94 -22.60
C GLY L 72 30.59 -3.01 -22.78
N LYS L 73 31.75 -3.58 -23.11
CA LYS L 73 32.96 -2.81 -23.37
C LYS L 73 32.77 -1.97 -24.64
N THR M 3 3.26 -29.31 -10.25
CA THR M 3 2.51 -28.60 -11.33
C THR M 3 2.24 -27.08 -11.08
N ASN M 4 2.75 -26.53 -9.95
CA ASN M 4 2.53 -25.10 -9.60
C ASN M 4 3.71 -24.15 -9.87
N SER M 5 4.64 -24.55 -10.72
CA SER M 5 5.75 -23.67 -11.11
C SER M 5 5.28 -22.32 -11.66
N ASP M 6 6.16 -21.32 -11.66
CA ASP M 6 5.96 -20.04 -12.39
C ASP M 6 5.68 -20.22 -13.89
N PHE M 7 5.08 -19.20 -14.49
CA PHE M 7 4.74 -19.21 -15.91
C PHE M 7 4.96 -17.82 -16.48
N VAL M 8 5.06 -17.75 -17.79
CA VAL M 8 5.20 -16.50 -18.50
C VAL M 8 3.99 -16.35 -19.46
N VAL M 9 3.61 -15.12 -19.73
CA VAL M 9 2.64 -14.83 -20.76
C VAL M 9 3.30 -14.17 -21.97
N ILE M 10 3.03 -14.68 -23.18
CA ILE M 10 3.63 -14.12 -24.39
C ILE M 10 2.54 -13.90 -25.43
N LYS M 11 2.41 -12.65 -25.87
CA LYS M 11 1.54 -12.30 -26.99
C LYS M 11 2.39 -11.87 -28.16
N ALA M 12 2.28 -12.59 -29.27
CA ALA M 12 2.95 -12.21 -30.52
C ALA M 12 2.43 -10.89 -31.10
N LEU M 13 3.37 -10.02 -31.46
CA LEU M 13 3.07 -8.72 -32.06
C LEU M 13 3.33 -8.70 -33.60
N GLU M 14 3.81 -9.84 -34.10
CA GLU M 14 3.98 -10.08 -35.53
C GLU M 14 3.90 -11.58 -35.79
N ASP M 15 3.76 -11.97 -37.06
CA ASP M 15 3.74 -13.39 -37.38
C ASP M 15 5.12 -14.03 -37.16
N GLY M 16 5.12 -15.33 -36.90
CA GLY M 16 6.36 -16.11 -36.85
C GLY M 16 7.21 -15.92 -35.61
N VAL M 17 6.59 -15.43 -34.53
CA VAL M 17 7.30 -15.38 -33.26
C VAL M 17 7.55 -16.81 -32.79
N ASN M 18 8.74 -17.02 -32.24
CA ASN M 18 9.17 -18.32 -31.72
C ASN M 18 9.39 -18.28 -30.22
N VAL M 19 8.63 -19.13 -29.50
CA VAL M 19 8.80 -19.32 -28.08
C VAL M 19 9.49 -20.66 -27.92
N ILE M 20 10.76 -20.61 -27.53
CA ILE M 20 11.65 -21.78 -27.55
C ILE M 20 11.88 -22.28 -26.12
N GLY M 21 11.56 -23.55 -25.86
CA GLY M 21 11.87 -24.14 -24.58
C GLY M 21 13.27 -24.73 -24.58
N LEU M 22 14.12 -24.29 -23.65
CA LEU M 22 15.48 -24.84 -23.54
C LEU M 22 15.52 -25.91 -22.46
N THR M 23 16.21 -27.02 -22.75
CA THR M 23 16.25 -28.19 -21.87
C THR M 23 16.79 -27.91 -20.47
N ARG M 24 16.06 -28.38 -19.46
CA ARG M 24 16.61 -28.56 -18.13
C ARG M 24 17.74 -29.59 -18.13
N GLY M 25 18.73 -29.39 -17.25
CA GLY M 25 19.76 -30.39 -17.03
C GLY M 25 21.17 -29.97 -17.44
N ALA M 26 22.08 -30.94 -17.47
CA ALA M 26 23.48 -30.68 -17.83
C ALA M 26 23.64 -30.13 -19.26
N ASP M 27 22.74 -30.57 -20.17
CA ASP M 27 22.62 -30.05 -21.54
C ASP M 27 21.66 -28.87 -21.67
N THR M 28 22.03 -27.90 -22.51
CA THR M 28 21.14 -26.83 -22.87
C THR M 28 20.95 -26.78 -24.40
N ARG M 29 19.87 -27.39 -24.87
CA ARG M 29 19.53 -27.45 -26.29
C ARG M 29 18.04 -27.13 -26.43
N PHE M 30 17.52 -27.06 -27.65
CA PHE M 30 16.10 -26.75 -27.81
C PHE M 30 15.31 -28.03 -27.67
N HIS M 31 14.23 -28.05 -26.90
CA HIS M 31 13.35 -29.23 -27.00
C HIS M 31 12.05 -28.95 -27.79
N HIS M 32 11.62 -27.69 -27.80
CA HIS M 32 10.45 -27.34 -28.58
C HIS M 32 10.49 -25.86 -28.91
N SER M 33 10.06 -25.54 -30.11
CA SER M 33 9.77 -24.17 -30.47
C SER M 33 8.31 -24.01 -30.89
N GLU M 34 7.58 -23.21 -30.13
CA GLU M 34 6.19 -22.96 -30.46
C GLU M 34 6.12 -21.69 -31.31
N LYS M 35 5.54 -21.82 -32.51
CA LYS M 35 5.38 -20.70 -33.42
C LYS M 35 4.03 -20.03 -33.19
N LEU M 36 4.07 -18.70 -33.07
CA LEU M 36 2.90 -17.90 -32.82
C LEU M 36 2.66 -16.90 -33.95
N ASP M 37 1.43 -16.91 -34.46
CA ASP M 37 0.95 -15.92 -35.39
C ASP M 37 0.55 -14.65 -34.64
N LYS M 38 0.54 -13.51 -35.35
CA LYS M 38 0.26 -12.22 -34.73
C LYS M 38 -1.02 -12.25 -33.88
N GLY M 39 -0.88 -11.79 -32.65
CA GLY M 39 -1.99 -11.65 -31.71
C GLY M 39 -2.27 -12.86 -30.85
N GLU M 40 -1.71 -14.02 -31.22
CA GLU M 40 -1.89 -15.24 -30.42
C GLU M 40 -1.17 -15.12 -29.07
N VAL M 41 -1.76 -15.71 -28.03
CA VAL M 41 -1.20 -15.63 -26.69
C VAL M 41 -0.82 -17.05 -26.23
N LEU M 42 0.40 -17.19 -25.74
CA LEU M 42 0.88 -18.41 -25.11
C LEU M 42 1.22 -18.17 -23.63
N ILE M 43 0.71 -19.04 -22.76
CA ILE M 43 1.01 -18.98 -21.33
C ILE M 43 1.73 -20.28 -20.97
N ALA M 44 3.03 -20.19 -20.67
CA ALA M 44 3.90 -21.37 -20.62
C ALA M 44 4.67 -21.46 -19.30
N GLN M 45 4.61 -22.63 -18.65
CA GLN M 45 5.23 -22.83 -17.35
C GLN M 45 6.70 -23.21 -17.50
N PHE M 46 7.48 -23.03 -16.42
CA PHE M 46 8.71 -23.79 -16.25
C PHE M 46 8.33 -25.19 -15.77
N THR M 47 9.09 -26.19 -16.21
CA THR M 47 8.73 -27.60 -16.02
C THR M 47 9.92 -28.50 -15.76
N GLU M 48 9.63 -29.80 -15.53
CA GLU M 48 10.69 -30.82 -15.50
C GLU M 48 11.58 -30.66 -16.75
N HIS M 49 10.99 -30.39 -17.92
CA HIS M 49 11.76 -30.34 -19.19
C HIS M 49 12.31 -29.01 -19.62
N THR M 50 11.70 -27.93 -19.13
CA THR M 50 12.05 -26.55 -19.56
C THR M 50 12.49 -25.69 -18.38
N SER M 51 13.76 -25.29 -18.37
CA SER M 51 14.30 -24.45 -17.30
C SER M 51 14.72 -23.04 -17.79
N ALA M 52 14.68 -22.80 -19.10
CA ALA M 52 14.90 -21.48 -19.72
C ALA M 52 13.97 -21.36 -20.93
N ILE M 53 13.50 -20.13 -21.22
CA ILE M 53 12.63 -19.87 -22.37
C ILE M 53 13.23 -18.74 -23.18
N LYS M 54 13.39 -18.93 -24.47
CA LYS M 54 13.88 -17.84 -25.29
C LYS M 54 12.77 -17.39 -26.24
N VAL M 55 12.65 -16.07 -26.45
CA VAL M 55 11.63 -15.54 -27.33
C VAL M 55 12.30 -14.79 -28.43
N ARG M 56 11.94 -15.19 -29.65
CA ARG M 56 12.52 -14.64 -30.86
C ARG M 56 11.39 -14.02 -31.69
N GLY M 57 11.63 -12.80 -32.23
CA GLY M 57 10.57 -12.01 -32.84
C GLY M 57 9.86 -11.05 -31.86
N LYS M 58 9.04 -10.15 -32.39
CA LYS M 58 8.39 -9.08 -31.64
C LYS M 58 7.21 -9.63 -30.80
N ALA M 59 7.30 -9.48 -29.49
CA ALA M 59 6.26 -9.99 -28.63
C ALA M 59 6.19 -9.21 -27.33
N TYR M 60 5.01 -9.20 -26.69
CA TYR M 60 4.83 -8.55 -25.39
C TYR M 60 4.77 -9.66 -24.35
N ILE M 61 5.58 -9.53 -23.30
CA ILE M 61 5.81 -10.59 -22.33
C ILE M 61 5.47 -10.13 -20.91
N GLN M 62 4.68 -10.93 -20.19
CA GLN M 62 4.48 -10.63 -18.77
C GLN M 62 5.03 -11.75 -17.91
N THR M 63 5.76 -11.37 -16.87
CA THR M 63 6.15 -12.34 -15.84
C THR M 63 5.90 -11.75 -14.48
N ARG M 64 6.18 -12.55 -13.45
CA ARG M 64 6.17 -12.13 -12.06
C ARG M 64 6.95 -10.83 -11.84
N HIS M 65 7.99 -10.59 -12.66
CA HIS M 65 8.90 -9.48 -12.42
C HIS M 65 8.59 -8.23 -13.21
N GLY M 66 7.55 -8.29 -14.03
CA GLY M 66 7.10 -7.11 -14.76
C GLY M 66 6.81 -7.44 -16.21
N VAL M 67 6.79 -6.40 -17.02
CA VAL M 67 6.47 -6.57 -18.43
C VAL M 67 7.68 -6.12 -19.26
N ILE M 68 7.78 -6.69 -20.45
CA ILE M 68 8.89 -6.39 -21.36
C ILE M 68 8.46 -6.80 -22.76
N GLU M 69 9.04 -6.16 -23.78
CA GLU M 69 8.81 -6.54 -25.15
C GLU M 69 10.10 -7.07 -25.74
N SER M 70 10.00 -8.21 -26.42
CA SER M 70 11.05 -8.67 -27.33
C SER M 70 10.95 -7.98 -28.68
N GLU M 71 12.09 -7.85 -29.35
CA GLU M 71 12.14 -7.19 -30.63
C GLU M 71 12.90 -8.06 -31.63
N GLY M 72 12.48 -7.96 -32.89
CA GLY M 72 13.05 -8.78 -33.96
C GLY M 72 14.02 -7.95 -34.77
N THR N 3 -3.88 -30.23 -6.95
CA THR N 3 -5.10 -29.45 -7.35
C THR N 3 -5.10 -27.94 -7.03
N ASN N 4 -4.04 -27.42 -6.36
CA ASN N 4 -3.91 -25.96 -6.12
C ASN N 4 -2.92 -25.21 -7.03
N SER N 5 -2.76 -25.69 -8.26
CA SER N 5 -2.00 -24.97 -9.28
C SER N 5 -2.69 -23.65 -9.70
N ASP N 6 -1.91 -22.74 -10.30
CA ASP N 6 -2.39 -21.50 -10.93
C ASP N 6 -3.43 -21.80 -12.03
N PHE N 7 -4.28 -20.81 -12.32
CA PHE N 7 -5.26 -20.92 -13.40
C PHE N 7 -5.29 -19.61 -14.17
N VAL N 8 -5.93 -19.64 -15.32
CA VAL N 8 -6.12 -18.45 -16.16
C VAL N 8 -7.62 -18.34 -16.44
N VAL N 9 -8.06 -17.12 -16.72
CA VAL N 9 -9.47 -16.81 -16.99
C VAL N 9 -9.46 -16.27 -18.40
N ILE N 10 -10.32 -16.85 -19.28
CA ILE N 10 -10.43 -16.44 -20.67
C ILE N 10 -11.91 -16.19 -21.01
N LYS N 11 -12.19 -14.98 -21.50
CA LYS N 11 -13.49 -14.59 -22.01
C LYS N 11 -13.38 -14.39 -23.50
N ALA N 12 -14.18 -15.14 -24.25
CA ALA N 12 -14.21 -14.99 -25.70
C ALA N 12 -14.86 -13.65 -26.06
N LEU N 13 -14.20 -12.89 -26.94
CA LEU N 13 -14.73 -11.64 -27.47
C LEU N 13 -15.29 -11.79 -28.90
N GLU N 14 -15.26 -13.03 -29.40
CA GLU N 14 -15.90 -13.38 -30.67
C GLU N 14 -16.18 -14.87 -30.66
N ASP N 15 -16.95 -15.33 -31.64
CA ASP N 15 -17.21 -16.76 -31.79
C ASP N 15 -15.97 -17.54 -32.27
N GLY N 16 -15.87 -18.80 -31.88
CA GLY N 16 -14.82 -19.66 -32.40
C GLY N 16 -13.43 -19.47 -31.78
N VAL N 17 -13.35 -18.84 -30.61
CA VAL N 17 -12.10 -18.80 -29.84
C VAL N 17 -11.68 -20.24 -29.46
N ASN N 18 -10.38 -20.52 -29.52
CA ASN N 18 -9.86 -21.83 -29.15
C ASN N 18 -8.87 -21.70 -27.99
N VAL N 19 -9.17 -22.36 -26.88
CA VAL N 19 -8.22 -22.44 -25.76
C VAL N 19 -7.60 -23.84 -25.83
N ILE N 20 -6.33 -23.89 -26.17
CA ILE N 20 -5.65 -25.15 -26.45
C ILE N 20 -4.72 -25.51 -25.28
N GLY N 21 -4.90 -26.70 -24.70
CA GLY N 21 -3.93 -27.22 -23.76
C GLY N 21 -2.82 -27.99 -24.47
N LEU N 22 -1.58 -27.57 -24.24
CA LEU N 22 -0.39 -28.27 -24.73
C LEU N 22 0.16 -29.23 -23.68
N THR N 23 0.53 -30.43 -24.12
CA THR N 23 0.95 -31.49 -23.22
C THR N 23 2.15 -31.13 -22.36
N ARG N 24 2.05 -31.44 -21.06
CA ARG N 24 3.25 -31.52 -20.21
C ARG N 24 4.16 -32.65 -20.71
N GLY N 25 5.47 -32.48 -20.60
CA GLY N 25 6.43 -33.56 -20.71
C GLY N 25 7.45 -33.33 -21.79
N ALA N 26 8.18 -34.39 -22.14
CA ALA N 26 9.15 -34.35 -23.23
C ALA N 26 8.50 -33.97 -24.57
N ASP N 27 7.25 -34.37 -24.77
CA ASP N 27 6.47 -34.01 -25.96
C ASP N 27 5.63 -32.73 -25.79
N THR N 28 5.53 -31.94 -26.86
CA THR N 28 4.66 -30.78 -26.85
C THR N 28 3.65 -30.80 -28.00
N ARG N 29 2.44 -31.26 -27.71
CA ARG N 29 1.40 -31.40 -28.71
C ARG N 29 0.09 -30.95 -28.09
N PHE N 30 -0.98 -30.97 -28.88
CA PHE N 30 -2.29 -30.62 -28.37
C PHE N 30 -2.93 -31.81 -27.71
N HIS N 31 -3.56 -31.63 -26.55
CA HIS N 31 -4.37 -32.72 -26.03
C HIS N 31 -5.84 -32.32 -25.95
N HIS N 32 -6.12 -31.03 -25.98
CA HIS N 32 -7.51 -30.61 -26.02
C HIS N 32 -7.57 -29.18 -26.48
N SER N 33 -8.56 -28.91 -27.32
CA SER N 33 -8.87 -27.57 -27.74
C SER N 33 -10.31 -27.28 -27.31
N GLU N 34 -10.50 -26.34 -26.39
CA GLU N 34 -11.86 -25.91 -26.02
C GLU N 34 -12.32 -24.73 -26.87
N LYS N 35 -13.39 -24.93 -27.63
CA LYS N 35 -14.00 -23.86 -28.41
C LYS N 35 -14.96 -23.07 -27.53
N LEU N 36 -14.81 -21.74 -27.56
CA LEU N 36 -15.64 -20.79 -26.84
C LEU N 36 -16.35 -19.89 -27.82
N ASP N 37 -17.65 -19.68 -27.59
CA ASP N 37 -18.39 -18.69 -28.34
C ASP N 37 -18.41 -17.36 -27.59
N LYS N 38 -18.70 -16.27 -28.31
CA LYS N 38 -18.62 -14.91 -27.80
C LYS N 38 -19.32 -14.76 -26.44
N GLY N 39 -18.55 -14.26 -25.49
CA GLY N 39 -19.02 -14.03 -24.13
C GLY N 39 -18.80 -15.17 -23.12
N GLU N 40 -18.52 -16.38 -23.60
CA GLU N 40 -18.28 -17.51 -22.72
C GLU N 40 -16.95 -17.33 -21.98
N VAL N 41 -16.93 -17.83 -20.75
CA VAL N 41 -15.77 -17.71 -19.87
C VAL N 41 -15.30 -19.11 -19.50
N LEU N 42 -13.98 -19.29 -19.64
CA LEU N 42 -13.29 -20.49 -19.25
C LEU N 42 -12.22 -20.18 -18.20
N ILE N 43 -12.26 -20.92 -17.09
CA ILE N 43 -11.25 -20.78 -16.04
C ILE N 43 -10.52 -22.11 -15.98
N ALA N 44 -9.25 -22.10 -16.37
CA ALA N 44 -8.54 -23.34 -16.62
C ALA N 44 -7.21 -23.35 -15.85
N GLN N 45 -6.92 -24.41 -15.12
CA GLN N 45 -5.64 -24.54 -14.39
C GLN N 45 -4.55 -25.14 -15.27
N PHE N 46 -3.30 -24.95 -14.84
CA PHE N 46 -2.19 -25.83 -15.21
C PHE N 46 -2.33 -27.12 -14.39
N THR N 47 -1.96 -28.28 -14.98
CA THR N 47 -2.30 -29.62 -14.42
C THR N 47 -1.21 -30.63 -14.72
N GLU N 48 -1.39 -31.86 -14.25
CA GLU N 48 -0.46 -32.92 -14.68
C GLU N 48 -0.36 -32.97 -16.23
N HIS N 49 -1.47 -32.80 -16.93
CA HIS N 49 -1.45 -32.92 -18.39
C HIS N 49 -1.17 -31.64 -19.17
N THR N 50 -1.44 -30.47 -18.56
CA THR N 50 -1.30 -29.18 -19.26
C THR N 50 -0.26 -28.29 -18.59
N SER N 51 0.83 -28.04 -19.30
CA SER N 51 1.87 -27.14 -18.83
C SER N 51 2.01 -25.86 -19.66
N ALA N 52 1.20 -25.74 -20.71
CA ALA N 52 1.15 -24.50 -21.50
C ALA N 52 -0.23 -24.36 -22.13
N ILE N 53 -0.68 -23.14 -22.30
CA ILE N 53 -1.99 -22.87 -22.86
C ILE N 53 -1.84 -21.85 -23.97
N LYS N 54 -2.38 -22.17 -25.13
CA LYS N 54 -2.36 -21.23 -26.23
C LYS N 54 -3.76 -20.80 -26.54
N VAL N 55 -3.93 -19.49 -26.76
CA VAL N 55 -5.24 -18.91 -27.05
C VAL N 55 -5.24 -18.36 -28.48
N ARG N 56 -6.22 -18.81 -29.28
CA ARG N 56 -6.37 -18.40 -30.67
C ARG N 56 -7.72 -17.73 -30.87
N GLY N 57 -7.75 -16.56 -31.52
CA GLY N 57 -8.94 -15.74 -31.65
C GLY N 57 -8.95 -14.61 -30.61
N LYS N 58 -9.94 -13.73 -30.72
CA LYS N 58 -10.06 -12.56 -29.86
C LYS N 58 -10.64 -12.89 -28.48
N ALA N 59 -9.86 -12.63 -27.44
CA ALA N 59 -10.25 -12.98 -26.09
C ALA N 59 -9.61 -12.03 -25.07
N TYR N 60 -10.29 -11.86 -23.94
CA TYR N 60 -9.71 -11.16 -22.81
C TYR N 60 -9.24 -12.19 -21.79
N ILE N 61 -8.00 -12.02 -21.34
CA ILE N 61 -7.32 -12.99 -20.47
C ILE N 61 -6.88 -12.36 -19.15
N GLN N 62 -7.18 -13.02 -18.03
CA GLN N 62 -6.61 -12.59 -16.73
C GLN N 62 -5.70 -13.67 -16.17
N THR N 63 -4.50 -13.29 -15.74
CA THR N 63 -3.66 -14.21 -14.98
C THR N 63 -3.14 -13.47 -13.75
N ARG N 64 -2.38 -14.20 -12.95
CA ARG N 64 -1.68 -13.64 -11.82
C ARG N 64 -0.78 -12.43 -12.22
N HIS N 65 -0.31 -12.40 -13.46
CA HIS N 65 0.62 -11.36 -13.92
C HIS N 65 0.02 -10.17 -14.63
N GLY N 66 -1.30 -10.15 -14.72
CA GLY N 66 -1.96 -8.98 -15.27
C GLY N 66 -3.04 -9.42 -16.24
N VAL N 67 -3.47 -8.46 -17.05
CA VAL N 67 -4.46 -8.75 -18.08
C VAL N 67 -3.86 -8.52 -19.45
N ILE N 68 -4.49 -9.15 -20.46
CA ILE N 68 -4.03 -9.02 -21.84
C ILE N 68 -5.16 -9.51 -22.76
N GLU N 69 -5.11 -9.08 -23.99
CA GLU N 69 -6.07 -9.55 -24.99
C GLU N 69 -5.34 -10.28 -26.12
N SER N 70 -5.89 -11.43 -26.51
CA SER N 70 -5.45 -12.07 -27.77
C SER N 70 -6.23 -11.46 -28.92
N GLU N 71 -5.59 -11.48 -30.09
CA GLU N 71 -6.21 -11.08 -31.34
C GLU N 71 -6.00 -12.19 -32.38
N GLY N 72 -6.85 -12.23 -33.40
CA GLY N 72 -6.75 -13.30 -34.38
C GLY N 72 -7.25 -12.88 -35.74
N THR O 3 -8.03 -30.02 0.13
CA THR O 3 -9.38 -29.38 0.21
C THR O 3 -9.31 -27.83 0.24
N ASN O 4 -8.14 -27.26 -0.11
CA ASN O 4 -7.90 -25.81 -0.04
C ASN O 4 -7.43 -25.20 -1.36
N SER O 5 -7.89 -25.78 -2.46
CA SER O 5 -7.55 -25.24 -3.76
C SER O 5 -8.34 -23.94 -3.96
N ASP O 6 -7.97 -23.18 -4.99
CA ASP O 6 -8.69 -21.98 -5.42
C ASP O 6 -10.19 -22.25 -5.68
N PHE O 7 -11.03 -21.25 -5.50
CA PHE O 7 -12.42 -21.34 -5.90
C PHE O 7 -12.83 -20.13 -6.75
N VAL O 8 -13.99 -20.25 -7.38
CA VAL O 8 -14.54 -19.14 -8.13
C VAL O 8 -15.94 -18.87 -7.61
N VAL O 9 -16.36 -17.60 -7.72
CA VAL O 9 -17.68 -17.17 -7.25
C VAL O 9 -18.44 -16.79 -8.52
N ILE O 10 -19.63 -17.37 -8.69
CA ILE O 10 -20.46 -17.14 -9.89
C ILE O 10 -21.85 -16.74 -9.48
N LYS O 11 -22.25 -15.54 -9.88
CA LYS O 11 -23.63 -15.09 -9.66
C LYS O 11 -24.37 -14.99 -10.99
N ALA O 12 -25.48 -15.73 -11.12
CA ALA O 12 -26.27 -15.71 -12.36
C ALA O 12 -26.98 -14.37 -12.54
N LEU O 13 -26.81 -13.77 -13.72
CA LEU O 13 -27.46 -12.50 -14.03
C LEU O 13 -28.78 -12.70 -14.85
N GLU O 14 -29.11 -13.97 -15.11
CA GLU O 14 -30.31 -14.35 -15.88
C GLU O 14 -30.59 -15.83 -15.56
N ASP O 15 -31.80 -16.29 -15.87
CA ASP O 15 -32.15 -17.71 -15.70
C ASP O 15 -31.31 -18.59 -16.64
N GLY O 16 -31.01 -19.82 -16.20
CA GLY O 16 -30.42 -20.82 -17.08
C GLY O 16 -28.92 -20.71 -17.32
N VAL O 17 -28.21 -19.99 -16.47
CA VAL O 17 -26.74 -20.01 -16.47
C VAL O 17 -26.22 -21.42 -16.21
N ASN O 18 -25.23 -21.86 -16.99
CA ASN O 18 -24.60 -23.17 -16.76
C ASN O 18 -23.18 -23.00 -16.23
N VAL O 19 -22.90 -23.59 -15.07
CA VAL O 19 -21.53 -23.68 -14.58
C VAL O 19 -21.10 -25.12 -14.77
N ILE O 20 -20.14 -25.30 -15.66
CA ILE O 20 -19.77 -26.63 -16.17
C ILE O 20 -18.38 -27.06 -15.67
N GLY O 21 -18.33 -28.17 -14.95
CA GLY O 21 -17.06 -28.72 -14.48
C GLY O 21 -16.51 -29.63 -15.57
N LEU O 22 -15.31 -29.31 -16.02
CA LEU O 22 -14.62 -30.16 -17.00
C LEU O 22 -13.63 -31.07 -16.28
N THR O 23 -13.54 -32.33 -16.74
CA THR O 23 -12.76 -33.35 -16.03
C THR O 23 -11.28 -33.03 -15.99
N ARG O 24 -10.68 -33.17 -14.80
CA ARG O 24 -9.22 -33.31 -14.70
C ARG O 24 -8.71 -34.59 -15.42
N GLY O 25 -7.55 -34.47 -16.06
CA GLY O 25 -6.85 -35.65 -16.52
C GLY O 25 -6.56 -35.60 -17.99
N ALA O 26 -6.24 -36.77 -18.57
CA ALA O 26 -5.90 -36.91 -19.99
C ALA O 26 -7.10 -36.59 -20.86
N ASP O 27 -8.30 -36.84 -20.33
CA ASP O 27 -9.54 -36.55 -21.03
C ASP O 27 -10.18 -35.27 -20.54
N THR O 28 -10.73 -34.50 -21.47
CA THR O 28 -11.47 -33.31 -21.12
C THR O 28 -12.93 -33.39 -21.61
N ARG O 29 -13.82 -33.70 -20.68
CA ARG O 29 -15.24 -33.85 -20.96
C ARG O 29 -16.03 -33.22 -19.83
N PHE O 30 -17.32 -33.09 -19.99
CA PHE O 30 -18.15 -32.48 -18.97
C PHE O 30 -18.40 -33.55 -17.94
N HIS O 31 -18.30 -33.20 -16.66
CA HIS O 31 -18.76 -34.16 -15.67
C HIS O 31 -19.95 -33.67 -14.89
N HIS O 32 -20.18 -32.37 -14.87
CA HIS O 32 -21.34 -31.82 -14.19
C HIS O 32 -21.72 -30.48 -14.76
N SER O 33 -23.02 -30.26 -14.93
CA SER O 33 -23.50 -28.94 -15.31
C SER O 33 -24.43 -28.43 -14.21
N GLU O 34 -24.03 -27.37 -13.52
CA GLU O 34 -24.90 -26.81 -12.50
C GLU O 34 -25.69 -25.68 -13.13
N LYS O 35 -27.01 -25.81 -13.13
CA LYS O 35 -27.83 -24.71 -13.65
C LYS O 35 -28.23 -23.74 -12.55
N LEU O 36 -28.04 -22.45 -12.85
CA LEU O 36 -28.39 -21.37 -11.92
C LEU O 36 -29.53 -20.51 -12.44
N ASP O 37 -30.51 -20.24 -11.58
CA ASP O 37 -31.54 -19.23 -11.87
C ASP O 37 -31.02 -17.84 -11.51
N LYS O 38 -31.68 -16.79 -12.02
CA LYS O 38 -31.19 -15.43 -11.86
C LYS O 38 -31.02 -15.09 -10.38
N GLY O 39 -29.83 -14.60 -10.03
CA GLY O 39 -29.55 -14.16 -8.67
C GLY O 39 -28.87 -15.19 -7.78
N GLU O 40 -28.90 -16.44 -8.20
CA GLU O 40 -28.23 -17.50 -7.44
C GLU O 40 -26.73 -17.38 -7.54
N VAL O 41 -26.07 -17.73 -6.43
CA VAL O 41 -24.60 -17.73 -6.33
C VAL O 41 -24.10 -19.15 -6.12
N LEU O 42 -23.12 -19.50 -6.95
CA LEU O 42 -22.36 -20.73 -6.78
C LEU O 42 -20.89 -20.40 -6.48
N ILE O 43 -20.39 -21.02 -5.42
CA ILE O 43 -18.99 -20.89 -5.02
C ILE O 43 -18.35 -22.27 -5.17
N ALA O 44 -17.41 -22.40 -6.12
CA ALA O 44 -16.97 -23.71 -6.59
C ALA O 44 -15.44 -23.82 -6.61
N GLN O 45 -14.90 -24.86 -6.01
CA GLN O 45 -13.46 -25.08 -6.04
C GLN O 45 -12.98 -25.83 -7.28
N PHE O 46 -11.69 -25.70 -7.62
CA PHE O 46 -11.02 -26.76 -8.39
C PHE O 46 -10.70 -27.96 -7.48
N THR O 47 -10.73 -29.16 -8.03
CA THR O 47 -10.78 -30.40 -7.23
C THR O 47 -10.05 -31.51 -7.95
N GLU O 48 -9.96 -32.66 -7.29
CA GLU O 48 -9.48 -33.88 -7.94
C GLU O 48 -10.26 -34.13 -9.27
N HIS O 49 -11.57 -33.85 -9.30
CA HIS O 49 -12.35 -34.07 -10.54
C HIS O 49 -12.45 -32.93 -11.54
N THR O 50 -12.26 -31.69 -11.08
CA THR O 50 -12.51 -30.51 -11.92
C THR O 50 -11.25 -29.68 -12.01
N SER O 51 -10.67 -29.59 -13.20
CA SER O 51 -9.50 -28.73 -13.41
C SER O 51 -9.76 -27.55 -14.33
N ALA O 52 -11.00 -27.42 -14.81
CA ALA O 52 -11.37 -26.28 -15.66
C ALA O 52 -12.86 -26.08 -15.47
N ILE O 53 -13.29 -24.83 -15.53
CA ILE O 53 -14.71 -24.50 -15.30
C ILE O 53 -15.16 -23.59 -16.43
N LYS O 54 -16.28 -23.95 -17.08
CA LYS O 54 -16.81 -23.14 -18.20
C LYS O 54 -18.18 -22.53 -17.82
N VAL O 55 -18.37 -21.24 -18.09
CA VAL O 55 -19.60 -20.53 -17.74
C VAL O 55 -20.31 -20.10 -19.02
N ARG O 56 -21.52 -20.60 -19.19
CA ARG O 56 -22.40 -20.25 -20.29
C ARG O 56 -23.60 -19.44 -19.79
N GLY O 57 -23.88 -18.32 -20.45
CA GLY O 57 -24.96 -17.43 -20.05
C GLY O 57 -24.44 -16.25 -19.25
N LYS O 58 -25.31 -15.30 -18.97
CA LYS O 58 -24.94 -14.03 -18.32
C LYS O 58 -24.69 -14.15 -16.82
N ALA O 59 -23.45 -13.90 -16.41
CA ALA O 59 -23.03 -14.13 -15.04
C ALA O 59 -21.91 -13.19 -14.61
N TYR O 60 -21.87 -12.91 -13.31
CA TYR O 60 -20.77 -12.11 -12.78
C TYR O 60 -19.89 -13.06 -11.99
N ILE O 61 -18.58 -13.01 -12.26
CA ILE O 61 -17.63 -13.99 -11.78
C ILE O 61 -16.51 -13.30 -10.97
N GLN O 62 -16.22 -13.78 -9.75
CA GLN O 62 -15.04 -13.32 -9.03
C GLN O 62 -14.03 -14.46 -8.89
N THR O 63 -12.76 -14.15 -9.15
CA THR O 63 -11.66 -15.07 -8.83
C THR O 63 -10.55 -14.32 -8.13
N ARG O 64 -9.50 -15.03 -7.75
CA ARG O 64 -8.25 -14.39 -7.27
C ARG O 64 -7.68 -13.30 -8.22
N HIS O 65 -7.90 -13.45 -9.52
CA HIS O 65 -7.31 -12.52 -10.49
C HIS O 65 -8.18 -11.33 -10.85
N GLY O 66 -9.37 -11.26 -10.28
CA GLY O 66 -10.17 -10.09 -10.55
C GLY O 66 -11.59 -10.48 -10.86
N VAL O 67 -12.31 -9.57 -11.49
CA VAL O 67 -13.73 -9.84 -11.72
C VAL O 67 -13.95 -9.79 -13.22
N ILE O 68 -15.03 -10.45 -13.65
CA ILE O 68 -15.37 -10.50 -15.06
C ILE O 68 -16.84 -10.94 -15.20
N GLU O 69 -17.47 -10.56 -16.30
CA GLU O 69 -18.81 -11.07 -16.60
C GLU O 69 -18.79 -11.94 -17.83
N SER O 70 -19.48 -13.07 -17.75
CA SER O 70 -19.75 -13.83 -18.98
C SER O 70 -20.97 -13.23 -19.63
N GLU O 71 -21.10 -13.43 -20.93
CA GLU O 71 -22.29 -12.95 -21.60
C GLU O 71 -22.97 -14.08 -22.36
N GLY O 72 -24.31 -14.08 -22.32
CA GLY O 72 -25.11 -15.06 -23.03
C GLY O 72 -25.17 -14.77 -24.51
N THR P 3 -8.31 -29.16 8.07
CA THR P 3 -9.15 -28.18 8.81
C THR P 3 -8.81 -26.68 8.55
N ASN P 4 -7.84 -26.40 7.67
CA ASN P 4 -7.49 -25.00 7.35
C ASN P 4 -7.85 -24.50 5.92
N SER P 5 -8.90 -25.08 5.35
CA SER P 5 -9.38 -24.66 4.04
C SER P 5 -10.04 -23.28 4.11
N ASP P 6 -10.22 -22.63 2.96
CA ASP P 6 -11.05 -21.40 2.85
C ASP P 6 -12.46 -21.57 3.42
N PHE P 7 -13.09 -20.44 3.78
CA PHE P 7 -14.46 -20.41 4.28
C PHE P 7 -15.22 -19.23 3.65
N VAL P 8 -16.54 -19.28 3.73
CA VAL P 8 -17.42 -18.23 3.23
C VAL P 8 -18.27 -17.72 4.36
N VAL P 9 -18.61 -16.42 4.34
CA VAL P 9 -19.51 -15.83 5.34
C VAL P 9 -20.84 -15.52 4.64
N ILE P 10 -21.96 -15.98 5.19
CA ILE P 10 -23.27 -15.76 4.55
C ILE P 10 -24.26 -15.25 5.61
N LYS P 11 -24.81 -14.08 5.34
CA LYS P 11 -25.84 -13.43 6.13
C LYS P 11 -27.15 -13.39 5.37
N ALA P 12 -28.16 -14.05 5.95
CA ALA P 12 -29.50 -14.02 5.37
C ALA P 12 -30.09 -12.62 5.41
N LEU P 13 -30.54 -12.14 4.24
CA LEU P 13 -31.26 -10.86 4.13
C LEU P 13 -32.79 -11.02 4.14
N GLU P 14 -33.26 -12.26 4.18
CA GLU P 14 -34.68 -12.59 4.28
C GLU P 14 -34.76 -13.97 4.91
N ASP P 15 -35.96 -14.37 5.33
CA ASP P 15 -36.22 -15.73 5.85
C ASP P 15 -36.19 -16.77 4.73
N GLY P 16 -35.79 -18.01 5.09
CA GLY P 16 -35.82 -19.10 4.13
C GLY P 16 -34.63 -19.17 3.15
N VAL P 17 -33.55 -18.49 3.47
CA VAL P 17 -32.32 -18.62 2.70
C VAL P 17 -31.80 -20.06 2.89
N ASN P 18 -31.22 -20.64 1.84
CA ASN P 18 -30.66 -21.99 1.94
C ASN P 18 -29.22 -21.96 1.48
N VAL P 19 -28.33 -22.48 2.32
CA VAL P 19 -26.93 -22.61 1.98
C VAL P 19 -26.72 -24.10 1.77
N ILE P 20 -26.40 -24.47 0.55
CA ILE P 20 -26.45 -25.85 0.14
C ILE P 20 -25.04 -26.34 -0.13
N GLY P 21 -24.64 -27.42 0.55
CA GLY P 21 -23.32 -27.99 0.32
C GLY P 21 -23.46 -29.07 -0.75
N LEU P 22 -22.65 -28.94 -1.80
CA LEU P 22 -22.58 -29.92 -2.90
C LEU P 22 -21.41 -30.88 -2.68
N THR P 23 -21.61 -32.16 -3.02
CA THR P 23 -20.64 -33.20 -2.73
C THR P 23 -19.36 -33.04 -3.51
N ARG P 24 -18.24 -33.18 -2.79
CA ARG P 24 -16.95 -33.38 -3.42
C ARG P 24 -16.99 -34.73 -4.12
N GLY P 25 -16.26 -34.84 -5.21
CA GLY P 25 -16.05 -36.12 -5.85
C GLY P 25 -16.63 -36.23 -7.24
N ALA P 26 -16.66 -37.46 -7.75
CA ALA P 26 -17.14 -37.75 -9.10
C ALA P 26 -18.61 -37.32 -9.26
N ASP P 27 -19.32 -37.37 -8.15
CA ASP P 27 -20.73 -37.05 -8.09
C ASP P 27 -21.01 -35.64 -7.52
N THR P 28 -21.95 -34.93 -8.11
CA THR P 28 -22.33 -33.62 -7.62
C THR P 28 -23.79 -33.58 -7.20
N ARG P 29 -24.05 -33.81 -5.91
CA ARG P 29 -25.41 -33.81 -5.39
C ARG P 29 -25.43 -32.97 -4.14
N PHE P 30 -26.63 -32.82 -3.58
CA PHE P 30 -26.78 -32.10 -2.33
C PHE P 30 -26.45 -33.03 -1.18
N HIS P 31 -25.66 -32.57 -0.22
CA HIS P 31 -25.49 -33.38 0.97
C HIS P 31 -26.11 -32.71 2.17
N HIS P 32 -26.29 -31.40 2.10
CA HIS P 32 -26.90 -30.67 3.19
C HIS P 32 -27.36 -29.29 2.74
N SER P 33 -28.54 -28.91 3.22
CA SER P 33 -29.06 -27.57 3.03
C SER P 33 -29.31 -26.94 4.40
N GLU P 34 -28.53 -25.89 4.69
CA GLU P 34 -28.70 -25.18 5.94
C GLU P 34 -29.65 -23.99 5.74
N LYS P 35 -30.78 -24.00 6.42
CA LYS P 35 -31.73 -22.88 6.36
C LYS P 35 -31.38 -21.76 7.30
N LEU P 36 -31.40 -20.54 6.76
CA LEU P 36 -31.11 -19.34 7.52
C LEU P 36 -32.31 -18.39 7.49
N ASP P 37 -32.70 -17.91 8.66
CA ASP P 37 -33.71 -16.86 8.72
C ASP P 37 -33.07 -15.48 8.73
N LYS P 38 -33.89 -14.43 8.59
CA LYS P 38 -33.35 -13.09 8.35
C LYS P 38 -32.36 -12.70 9.45
N GLY P 39 -31.17 -12.25 9.07
CA GLY P 39 -30.24 -11.77 10.05
C GLY P 39 -29.22 -12.78 10.53
N GLU P 40 -29.54 -14.08 10.43
CA GLU P 40 -28.59 -15.15 10.78
C GLU P 40 -27.32 -15.19 9.94
N VAL P 41 -26.20 -15.58 10.56
CA VAL P 41 -24.92 -15.67 9.83
C VAL P 41 -24.36 -17.09 9.90
N LEU P 42 -23.98 -17.62 8.74
CA LEU P 42 -23.31 -18.90 8.67
C LEU P 42 -21.91 -18.68 8.15
N ILE P 43 -20.92 -19.24 8.85
CA ILE P 43 -19.53 -19.22 8.36
C ILE P 43 -19.14 -20.67 8.05
N ALA P 44 -19.01 -21.00 6.77
CA ALA P 44 -18.86 -22.40 6.43
C ALA P 44 -17.59 -22.64 5.59
N GLN P 45 -16.87 -23.70 5.91
CA GLN P 45 -15.63 -24.04 5.21
C GLN P 45 -15.88 -24.93 3.99
N PHE P 46 -14.94 -24.94 3.05
CA PHE P 46 -14.79 -26.04 2.11
C PHE P 46 -14.12 -27.22 2.87
N THR P 47 -14.57 -28.45 2.65
CA THR P 47 -14.14 -29.58 3.48
C THR P 47 -13.99 -30.84 2.62
N GLU P 48 -13.67 -31.96 3.27
CA GLU P 48 -13.66 -33.26 2.59
C GLU P 48 -15.00 -33.54 1.86
N HIS P 49 -16.10 -33.20 2.50
CA HIS P 49 -17.43 -33.43 1.93
C HIS P 49 -18.03 -32.37 1.02
N THR P 50 -17.54 -31.12 1.10
CA THR P 50 -18.11 -29.97 0.35
C THR P 50 -17.05 -29.29 -0.49
N SER P 51 -17.23 -29.33 -1.83
CA SER P 51 -16.31 -28.68 -2.73
C SER P 51 -16.98 -27.55 -3.55
N ALA P 52 -18.28 -27.35 -3.35
CA ALA P 52 -19.02 -26.20 -3.94
C ALA P 52 -20.20 -25.88 -3.00
N ILE P 53 -20.58 -24.60 -2.93
CA ILE P 53 -21.66 -24.14 -2.06
C ILE P 53 -22.60 -23.34 -2.94
N LYS P 54 -23.89 -23.63 -2.84
CA LYS P 54 -24.93 -22.91 -3.61
C LYS P 54 -25.78 -22.13 -2.62
N VAL P 55 -26.02 -20.85 -2.90
CA VAL P 55 -26.82 -20.01 -2.03
C VAL P 55 -28.12 -19.62 -2.75
N ARG P 56 -29.24 -19.96 -2.14
CA ARG P 56 -30.57 -19.70 -2.69
C ARG P 56 -31.30 -18.74 -1.76
N GLY P 57 -31.93 -17.69 -2.32
CA GLY P 57 -32.48 -16.61 -1.51
C GLY P 57 -31.55 -15.41 -1.35
N LYS P 58 -32.09 -14.35 -0.76
CA LYS P 58 -31.39 -13.08 -0.60
C LYS P 58 -30.37 -13.15 0.55
N ALA P 59 -29.09 -13.06 0.23
CA ALA P 59 -28.04 -13.10 1.26
C ALA P 59 -26.86 -12.23 0.88
N TYR P 60 -26.13 -11.79 1.90
CA TYR P 60 -24.89 -11.04 1.72
C TYR P 60 -23.71 -12.00 1.98
N ILE P 61 -22.75 -12.02 1.06
CA ILE P 61 -21.72 -13.03 1.07
C ILE P 61 -20.37 -12.37 1.07
N GLN P 62 -19.50 -12.82 1.98
CA GLN P 62 -18.10 -12.44 1.95
C GLN P 62 -17.21 -13.67 1.72
N THR P 63 -16.32 -13.54 0.77
CA THR P 63 -15.21 -14.49 0.55
C THR P 63 -13.90 -13.77 0.43
N ARG P 64 -12.83 -14.55 0.29
CA ARG P 64 -11.50 -14.04 0.03
C ARG P 64 -11.48 -13.14 -1.24
N HIS P 65 -12.43 -13.37 -2.15
CA HIS P 65 -12.40 -12.67 -3.46
C HIS P 65 -13.27 -11.41 -3.50
N GLY P 66 -13.97 -11.14 -2.41
CA GLY P 66 -14.72 -9.92 -2.26
C GLY P 66 -16.09 -10.19 -1.73
N VAL P 67 -17.00 -9.28 -2.01
CA VAL P 67 -18.34 -9.38 -1.45
C VAL P 67 -19.32 -9.46 -2.61
N ILE P 68 -20.49 -10.02 -2.32
CA ILE P 68 -21.51 -10.22 -3.34
C ILE P 68 -22.81 -10.51 -2.62
N GLU P 69 -23.92 -10.15 -3.26
CA GLU P 69 -25.23 -10.47 -2.72
C GLU P 69 -25.94 -11.46 -3.65
N SER P 70 -26.47 -12.54 -3.09
CA SER P 70 -27.30 -13.47 -3.85
C SER P 70 -28.70 -12.89 -3.88
N GLU P 71 -29.48 -13.25 -4.90
CA GLU P 71 -30.85 -12.78 -4.99
C GLU P 71 -31.80 -13.98 -5.23
N GLY P 72 -32.95 -13.97 -4.55
CA GLY P 72 -33.83 -15.14 -4.45
C GLY P 72 -33.72 -16.20 -5.52
N THR Q 3 -3.05 -27.11 14.89
CA THR Q 3 -3.96 -26.26 15.71
C THR Q 3 -3.90 -24.76 15.29
N ASN Q 4 -3.53 -24.52 14.02
CA ASN Q 4 -3.47 -23.18 13.40
C ASN Q 4 -4.47 -22.93 12.23
N SER Q 5 -5.68 -23.44 12.39
CA SER Q 5 -6.79 -23.17 11.50
C SER Q 5 -7.39 -21.76 11.79
N ASP Q 6 -8.14 -21.22 10.83
CA ASP Q 6 -8.82 -19.93 10.97
C ASP Q 6 -9.71 -19.85 12.21
N PHE Q 7 -9.98 -18.63 12.68
CA PHE Q 7 -10.91 -18.43 13.79
C PHE Q 7 -11.83 -17.23 13.48
N VAL Q 8 -12.94 -17.14 14.20
CA VAL Q 8 -13.84 -16.01 14.06
C VAL Q 8 -13.95 -15.33 15.42
N VAL Q 9 -14.21 -14.03 15.42
CA VAL Q 9 -14.43 -13.29 16.68
C VAL Q 9 -15.91 -12.87 16.71
N ILE Q 10 -16.63 -13.15 17.80
CA ILE Q 10 -18.04 -12.83 17.96
C ILE Q 10 -18.29 -12.11 19.30
N LYS Q 11 -18.88 -10.92 19.22
CA LYS Q 11 -19.30 -10.16 20.40
C LYS Q 11 -20.83 -10.06 20.42
N ALA Q 12 -21.45 -10.56 21.48
CA ALA Q 12 -22.89 -10.43 21.64
C ALA Q 12 -23.26 -8.96 21.80
N LEU Q 13 -24.25 -8.51 21.01
CA LEU Q 13 -24.83 -7.15 21.17
C LEU Q 13 -26.15 -7.14 21.92
N GLU Q 14 -26.56 -8.32 22.39
CA GLU Q 14 -27.75 -8.54 23.17
C GLU Q 14 -27.56 -9.85 23.94
N ASP Q 15 -28.42 -10.06 24.94
CA ASP Q 15 -28.43 -11.33 25.69
C ASP Q 15 -28.92 -12.49 24.81
N GLY Q 16 -28.50 -13.71 25.16
CA GLY Q 16 -29.00 -14.92 24.53
C GLY Q 16 -28.52 -15.20 23.11
N VAL Q 17 -27.40 -14.63 22.70
CA VAL Q 17 -26.81 -14.90 21.39
C VAL Q 17 -26.29 -16.35 21.40
N ASN Q 18 -26.50 -17.10 20.32
CA ASN Q 18 -25.99 -18.46 20.28
C ASN Q 18 -24.99 -18.63 19.17
N VAL Q 19 -23.80 -19.08 19.54
CA VAL Q 19 -22.78 -19.43 18.58
C VAL Q 19 -22.77 -20.95 18.46
N ILE Q 20 -23.21 -21.45 17.32
CA ILE Q 20 -23.50 -22.87 17.20
C ILE Q 20 -22.44 -23.53 16.32
N GLY Q 21 -21.83 -24.61 16.81
CA GLY Q 21 -20.88 -25.39 16.03
C GLY Q 21 -21.55 -26.53 15.29
N LEU Q 22 -21.27 -26.63 13.99
CA LEU Q 22 -21.88 -27.65 13.15
C LEU Q 22 -20.81 -28.67 12.80
N THR Q 23 -21.16 -29.94 12.85
CA THR Q 23 -20.19 -31.05 12.76
C THR Q 23 -19.54 -31.13 11.40
N ARG Q 24 -18.23 -31.33 11.41
CA ARG Q 24 -17.51 -31.66 10.19
C ARG Q 24 -17.90 -33.09 9.79
N GLY Q 25 -17.87 -33.38 8.50
CA GLY Q 25 -18.07 -34.74 8.05
C GLY Q 25 -19.27 -34.92 7.14
N ALA Q 26 -19.60 -36.18 6.87
CA ALA Q 26 -20.77 -36.50 6.02
C ALA Q 26 -22.08 -36.00 6.63
N ASP Q 27 -22.13 -35.98 7.96
CA ASP Q 27 -23.30 -35.48 8.70
C ASP Q 27 -23.16 -34.02 9.17
N THR Q 28 -24.24 -33.24 9.03
CA THR Q 28 -24.23 -31.86 9.47
C THR Q 28 -25.28 -31.66 10.56
N ARG Q 29 -24.82 -31.65 11.81
CA ARG Q 29 -25.70 -31.55 12.98
C ARG Q 29 -25.06 -30.56 13.93
N PHE Q 30 -25.82 -30.13 14.92
CA PHE Q 30 -25.29 -29.28 15.99
C PHE Q 30 -24.49 -30.12 16.99
N HIS Q 31 -23.30 -29.68 17.39
CA HIS Q 31 -22.65 -30.40 18.48
C HIS Q 31 -22.45 -29.53 19.71
N HIS Q 32 -22.54 -28.22 19.54
CA HIS Q 32 -22.45 -27.31 20.68
C HIS Q 32 -23.12 -25.97 20.37
N SER Q 33 -23.89 -25.48 21.33
CA SER Q 33 -24.35 -24.09 21.23
C SER Q 33 -23.78 -23.28 22.40
N GLU Q 34 -22.89 -22.32 22.12
CA GLU Q 34 -22.40 -21.45 23.20
C GLU Q 34 -23.32 -20.22 23.33
N LYS Q 35 -23.93 -20.05 24.49
CA LYS Q 35 -24.74 -18.85 24.76
C LYS Q 35 -23.87 -17.70 25.25
N LEU Q 36 -24.02 -16.54 24.61
CA LEU Q 36 -23.31 -15.32 24.97
C LEU Q 36 -24.25 -14.22 25.44
N ASP Q 37 -23.97 -13.63 26.60
CA ASP Q 37 -24.75 -12.47 27.01
C ASP Q 37 -24.11 -11.16 26.56
N LYS Q 38 -24.84 -10.06 26.70
CA LYS Q 38 -24.43 -8.80 26.10
C LYS Q 38 -23.00 -8.43 26.49
N GLY Q 39 -22.18 -8.17 25.49
CA GLY Q 39 -20.84 -7.69 25.75
C GLY Q 39 -19.76 -8.78 25.77
N GLU Q 40 -20.15 -10.03 26.03
CA GLU Q 40 -19.22 -11.16 25.99
C GLU Q 40 -18.64 -11.41 24.58
N VAL Q 41 -17.39 -11.90 24.53
CA VAL Q 41 -16.69 -12.14 23.23
C VAL Q 41 -16.22 -13.60 23.18
N LEU Q 42 -16.53 -14.27 22.07
CA LEU Q 42 -16.05 -15.62 21.87
C LEU Q 42 -15.14 -15.61 20.66
N ILE Q 43 -13.99 -16.23 20.83
CA ILE Q 43 -13.02 -16.34 19.73
C ILE Q 43 -12.89 -17.81 19.43
N ALA Q 44 -13.31 -18.25 18.24
CA ALA Q 44 -13.52 -19.70 18.02
C ALA Q 44 -12.91 -20.15 16.68
N GLN Q 45 -12.15 -21.24 16.73
CA GLN Q 45 -11.56 -21.81 15.51
C GLN Q 45 -12.47 -22.75 14.74
N PHE Q 46 -12.12 -22.96 13.45
CA PHE Q 46 -12.49 -24.20 12.77
C PHE Q 46 -11.58 -25.33 13.27
N THR Q 47 -12.17 -26.52 13.48
CA THR Q 47 -11.47 -27.65 14.13
C THR Q 47 -11.78 -28.97 13.45
N GLU Q 48 -11.18 -30.06 13.96
CA GLU Q 48 -11.58 -31.42 13.59
C GLU Q 48 -13.11 -31.62 13.65
N HIS Q 49 -13.74 -31.08 14.69
CA HIS Q 49 -15.16 -31.28 14.92
C HIS Q 49 -16.10 -30.19 14.36
N THR Q 50 -15.55 -29.02 14.03
CA THR Q 50 -16.36 -27.87 13.61
C THR Q 50 -15.91 -27.36 12.26
N SER Q 51 -16.76 -27.52 11.25
CA SER Q 51 -16.42 -27.02 9.92
C SER Q 51 -17.36 -25.90 9.45
N ALA Q 52 -18.35 -25.59 10.27
CA ALA Q 52 -19.27 -24.48 9.99
C ALA Q 52 -19.77 -23.92 11.33
N ILE Q 53 -19.98 -22.61 11.34
CA ILE Q 53 -20.41 -21.93 12.55
C ILE Q 53 -21.63 -21.06 12.24
N LYS Q 54 -22.68 -21.21 13.03
CA LYS Q 54 -23.87 -20.40 12.81
C LYS Q 54 -24.09 -19.47 14.02
N VAL Q 55 -24.37 -18.20 13.74
CA VAL Q 55 -24.67 -17.25 14.82
C VAL Q 55 -26.14 -16.80 14.76
N ARG Q 56 -26.85 -16.94 15.88
CA ARG Q 56 -28.24 -16.54 16.07
C ARG Q 56 -28.30 -15.43 17.12
N GLY Q 57 -29.04 -14.37 16.82
CA GLY Q 57 -29.12 -13.22 17.70
C GLY Q 57 -28.20 -12.12 17.24
N LYS Q 58 -28.26 -10.98 17.92
CA LYS Q 58 -27.57 -9.76 17.51
C LYS Q 58 -26.10 -9.78 17.92
N ALA Q 59 -25.17 -9.81 16.95
CA ALA Q 59 -23.75 -9.94 17.30
C ALA Q 59 -22.87 -9.26 16.31
N TYR Q 60 -21.67 -8.88 16.74
CA TYR Q 60 -20.72 -8.29 15.83
C TYR Q 60 -19.63 -9.35 15.63
N ILE Q 61 -19.24 -9.56 14.38
CA ILE Q 61 -18.38 -10.67 13.93
C ILE Q 61 -17.22 -10.16 13.08
N GLN Q 62 -15.99 -10.57 13.42
CA GLN Q 62 -14.82 -10.30 12.59
C GLN Q 62 -14.28 -11.62 12.10
N THR Q 63 -14.00 -11.66 10.79
CA THR Q 63 -13.25 -12.75 10.25
C THR Q 63 -12.16 -12.23 9.36
N ARG Q 64 -11.37 -13.15 8.85
CA ARG Q 64 -10.38 -12.85 7.84
C ARG Q 64 -10.90 -11.97 6.65
N HIS Q 65 -12.19 -12.13 6.35
CA HIS Q 65 -12.77 -11.53 5.14
C HIS Q 65 -13.55 -10.25 5.43
N GLY Q 66 -13.53 -9.84 6.68
CA GLY Q 66 -14.07 -8.54 7.02
C GLY Q 66 -14.97 -8.64 8.23
N VAL Q 67 -15.79 -7.61 8.39
CA VAL Q 67 -16.70 -7.59 9.52
C VAL Q 67 -18.16 -7.71 9.04
N ILE Q 68 -19.04 -8.13 9.96
CA ILE Q 68 -20.44 -8.31 9.66
C ILE Q 68 -21.23 -8.35 10.97
N GLU Q 69 -22.49 -7.92 10.98
CA GLU Q 69 -23.32 -8.09 12.16
C GLU Q 69 -24.43 -9.07 11.84
N SER Q 70 -24.65 -10.04 12.72
CA SER Q 70 -25.88 -10.83 12.68
C SER Q 70 -27.00 -10.06 13.38
N GLU Q 71 -28.25 -10.41 13.07
CA GLU Q 71 -29.40 -9.72 13.65
C GLU Q 71 -30.45 -10.71 14.15
N GLY Q 72 -30.97 -10.47 15.35
CA GLY Q 72 -31.98 -11.36 15.93
C GLY Q 72 -33.34 -11.23 15.29
N THR R 3 3.35 -25.47 18.26
CA THR R 3 3.79 -24.20 18.94
C THR R 3 3.64 -22.85 18.15
N ASN R 4 3.40 -22.91 16.83
CA ASN R 4 3.16 -21.70 15.98
C ASN R 4 1.66 -21.37 15.72
N SER R 5 0.79 -21.73 16.64
CA SER R 5 -0.62 -21.36 16.47
C SER R 5 -0.83 -19.85 16.71
N ASP R 6 -1.98 -19.34 16.25
CA ASP R 6 -2.31 -17.96 16.55
C ASP R 6 -2.62 -17.66 18.01
N PHE R 7 -2.50 -16.39 18.37
CA PHE R 7 -2.73 -15.98 19.73
C PHE R 7 -3.63 -14.76 19.77
N VAL R 8 -4.14 -14.48 20.98
CA VAL R 8 -5.04 -13.39 21.24
C VAL R 8 -4.36 -12.57 22.34
N VAL R 9 -4.42 -11.22 22.26
CA VAL R 9 -4.03 -10.33 23.38
C VAL R 9 -5.26 -9.78 24.12
N ILE R 10 -5.27 -9.87 25.46
CA ILE R 10 -6.38 -9.38 26.30
C ILE R 10 -5.84 -8.56 27.48
N LYS R 11 -6.33 -7.31 27.58
CA LYS R 11 -6.00 -6.39 28.67
C LYS R 11 -7.27 -6.12 29.37
N ALA R 12 -7.28 -6.49 30.63
CA ALA R 12 -8.41 -6.24 31.50
C ALA R 12 -8.58 -4.73 31.70
N LEU R 13 -9.80 -4.24 31.55
CA LEU R 13 -10.15 -2.84 31.84
C LEU R 13 -10.88 -2.65 33.17
N GLU R 14 -11.04 -3.75 33.91
CA GLU R 14 -11.56 -3.75 35.26
C GLU R 14 -11.07 -5.03 35.91
N ASP R 15 -11.18 -5.09 37.22
CA ASP R 15 -10.90 -6.29 38.00
C ASP R 15 -11.90 -7.42 37.70
N GLY R 16 -11.47 -8.66 37.94
CA GLY R 16 -12.31 -9.85 37.78
C GLY R 16 -12.59 -10.32 36.35
N VAL R 17 -11.87 -9.81 35.37
CA VAL R 17 -12.04 -10.30 33.98
C VAL R 17 -11.73 -11.80 33.97
N ASN R 18 -12.54 -12.60 33.27
CA ASN R 18 -12.24 -14.02 33.06
C ASN R 18 -11.89 -14.32 31.62
N VAL R 19 -10.74 -14.95 31.41
CA VAL R 19 -10.36 -15.43 30.07
C VAL R 19 -10.49 -16.97 30.15
N ILE R 20 -11.48 -17.50 29.45
CA ILE R 20 -11.87 -18.89 29.68
C ILE R 20 -11.43 -19.69 28.46
N GLY R 21 -10.70 -20.79 28.69
CA GLY R 21 -10.31 -21.71 27.64
C GLY R 21 -11.33 -22.84 27.50
N LEU R 22 -11.90 -22.99 26.30
CA LEU R 22 -12.86 -24.06 26.06
C LEU R 22 -12.14 -25.21 25.37
N THR R 23 -12.49 -26.45 25.73
CA THR R 23 -11.78 -27.63 25.26
C THR R 23 -11.91 -27.90 23.77
N ARG R 24 -10.79 -28.23 23.14
CA ARG R 24 -10.80 -28.80 21.80
C ARG R 24 -11.46 -30.18 21.88
N GLY R 25 -12.09 -30.60 20.78
CA GLY R 25 -12.56 -31.96 20.64
C GLY R 25 -14.07 -32.08 20.53
N ALA R 26 -14.54 -33.32 20.55
CA ALA R 26 -15.99 -33.60 20.50
C ALA R 26 -16.77 -32.91 21.65
N ASP R 27 -16.12 -32.74 22.79
CA ASP R 27 -16.70 -32.08 23.96
C ASP R 27 -16.29 -30.60 24.08
N THR R 28 -17.22 -29.76 24.53
CA THR R 28 -16.96 -28.35 24.74
C THR R 28 -17.28 -27.96 26.17
N ARG R 29 -16.22 -27.79 26.98
CA ARG R 29 -16.37 -27.49 28.39
C ARG R 29 -15.26 -26.56 28.79
N PHE R 30 -15.36 -25.94 29.96
CA PHE R 30 -14.27 -25.07 30.43
C PHE R 30 -13.09 -25.95 30.84
N HIS R 31 -11.86 -25.65 30.41
CA HIS R 31 -10.74 -26.35 31.05
C HIS R 31 -9.93 -25.44 31.99
N HIS R 32 -10.01 -24.14 31.75
CA HIS R 32 -9.32 -23.22 32.62
C HIS R 32 -9.93 -21.83 32.52
N SER R 33 -9.99 -21.14 33.63
CA SER R 33 -10.45 -19.77 33.64
C SER R 33 -9.32 -18.92 34.23
N GLU R 34 -8.75 -18.01 33.45
CA GLU R 34 -7.71 -17.15 34.00
C GLU R 34 -8.33 -15.81 34.43
N LYS R 35 -8.21 -15.50 35.71
CA LYS R 35 -8.71 -14.23 36.26
C LYS R 35 -7.66 -13.10 36.13
N LEU R 36 -8.11 -11.97 35.54
CA LEU R 36 -7.26 -10.82 35.32
C LEU R 36 -7.73 -9.59 36.08
N ASP R 37 -6.79 -8.92 36.72
CA ASP R 37 -7.10 -7.72 37.49
C ASP R 37 -6.85 -6.55 36.52
N LYS R 38 -7.42 -5.39 36.83
CA LYS R 38 -7.41 -4.26 35.93
C LYS R 38 -5.99 -3.92 35.48
N GLY R 39 -5.83 -3.76 34.17
CA GLY R 39 -4.55 -3.39 33.55
C GLY R 39 -3.62 -4.53 33.15
N GLU R 40 -3.88 -5.74 33.66
CA GLU R 40 -3.07 -6.91 33.38
C GLU R 40 -3.30 -7.39 31.96
N VAL R 41 -2.25 -7.93 31.35
CA VAL R 41 -2.33 -8.37 29.97
C VAL R 41 -2.06 -9.89 29.93
N LEU R 42 -2.92 -10.61 29.19
CA LEU R 42 -2.70 -12.02 28.89
C LEU R 42 -2.55 -12.19 27.38
N ILE R 43 -1.53 -12.94 26.96
CA ILE R 43 -1.34 -13.21 25.54
C ILE R 43 -1.47 -14.72 25.40
N ALA R 44 -2.55 -15.20 24.76
CA ALA R 44 -2.92 -16.64 24.86
C ALA R 44 -3.10 -17.29 23.49
N GLN R 45 -2.40 -18.40 23.25
CA GLN R 45 -2.51 -19.17 22.01
C GLN R 45 -3.74 -20.10 21.98
N PHE R 46 -4.16 -20.43 20.76
CA PHE R 46 -4.93 -21.66 20.51
C PHE R 46 -3.96 -22.84 20.59
N THR R 47 -4.41 -23.96 21.18
CA THR R 47 -3.49 -25.07 21.51
C THR R 47 -4.15 -26.42 21.26
N GLU R 48 -3.40 -27.49 21.50
CA GLU R 48 -3.97 -28.82 21.55
C GLU R 48 -5.21 -28.87 22.46
N HIS R 49 -5.16 -28.21 23.61
CA HIS R 49 -6.26 -28.22 24.58
C HIS R 49 -7.34 -27.18 24.41
N THR R 50 -7.03 -26.06 23.73
CA THR R 50 -7.94 -24.90 23.63
C THR R 50 -8.24 -24.52 22.18
N SER R 51 -9.48 -24.70 21.75
CA SER R 51 -9.90 -24.35 20.38
C SER R 51 -10.88 -23.17 20.37
N ALA R 52 -11.28 -22.69 21.55
CA ALA R 52 -12.13 -21.47 21.63
C ALA R 52 -11.85 -20.75 22.97
N ILE R 53 -11.91 -19.42 22.95
CA ILE R 53 -11.61 -18.61 24.12
C ILE R 53 -12.78 -17.67 24.35
N LYS R 54 -13.28 -17.64 25.58
CA LYS R 54 -14.40 -16.77 25.96
C LYS R 54 -13.85 -15.69 26.91
N VAL R 55 -14.19 -14.43 26.67
CA VAL R 55 -13.87 -13.33 27.58
C VAL R 55 -15.13 -12.79 28.25
N ARG R 56 -15.15 -12.83 29.58
CA ARG R 56 -16.21 -12.19 30.37
C ARG R 56 -15.62 -11.02 31.16
N GLY R 57 -16.36 -9.91 31.19
CA GLY R 57 -15.88 -8.70 31.84
C GLY R 57 -15.29 -7.75 30.81
N LYS R 58 -14.88 -6.57 31.26
CA LYS R 58 -14.47 -5.50 30.38
C LYS R 58 -12.99 -5.63 30.09
N ALA R 59 -12.70 -5.82 28.80
CA ALA R 59 -11.34 -6.04 28.31
C ALA R 59 -11.18 -5.51 26.89
N TYR R 60 -9.95 -5.21 26.51
CA TYR R 60 -9.61 -4.77 25.17
C TYR R 60 -8.83 -5.94 24.61
N ILE R 61 -9.22 -6.34 23.40
CA ILE R 61 -8.74 -7.57 22.74
C ILE R 61 -8.14 -7.22 21.38
N GLN R 62 -6.96 -7.78 21.10
CA GLN R 62 -6.34 -7.66 19.80
C GLN R 62 -6.18 -9.06 19.24
N THR R 63 -6.60 -9.26 17.99
CA THR R 63 -6.31 -10.50 17.28
C THR R 63 -5.85 -10.18 15.88
N ARG R 64 -5.57 -11.22 15.10
CA ARG R 64 -5.23 -11.09 13.69
C ARG R 64 -6.26 -10.26 12.91
N HIS R 65 -7.52 -10.30 13.34
CA HIS R 65 -8.62 -9.70 12.59
C HIS R 65 -9.01 -8.32 13.02
N GLY R 66 -8.29 -7.77 13.99
CA GLY R 66 -8.49 -6.40 14.37
C GLY R 66 -8.67 -6.32 15.86
N VAL R 67 -9.28 -5.24 16.32
CA VAL R 67 -9.43 -5.03 17.75
C VAL R 67 -10.89 -5.01 18.11
N ILE R 68 -11.18 -5.27 19.39
CA ILE R 68 -12.54 -5.36 19.89
C ILE R 68 -12.53 -5.19 21.42
N GLU R 69 -13.62 -4.70 22.01
CA GLU R 69 -13.76 -4.69 23.48
C GLU R 69 -14.93 -5.55 23.92
N SER R 70 -14.70 -6.41 24.92
CA SER R 70 -15.81 -7.03 25.66
C SER R 70 -16.32 -6.07 26.70
N GLU R 71 -17.60 -6.22 27.05
CA GLU R 71 -18.20 -5.41 28.09
C GLU R 71 -18.80 -6.34 29.13
N GLY R 72 -18.56 -6.04 30.41
CA GLY R 72 -19.07 -6.88 31.49
C GLY R 72 -20.28 -6.21 32.11
N THR S 3 11.56 -24.07 16.36
CA THR S 3 12.13 -22.82 16.98
C THR S 3 11.75 -21.48 16.28
N ASN S 4 10.74 -21.52 15.39
CA ASN S 4 10.24 -20.32 14.63
C ASN S 4 8.81 -19.87 15.05
N SER S 5 8.43 -20.09 16.29
CA SER S 5 7.13 -19.63 16.77
C SER S 5 7.10 -18.10 16.89
N ASP S 6 5.91 -17.54 17.10
CA ASP S 6 5.75 -16.11 17.40
C ASP S 6 6.49 -15.75 18.67
N PHE S 7 6.86 -14.47 18.79
CA PHE S 7 7.35 -13.94 20.05
C PHE S 7 6.67 -12.60 20.33
N VAL S 8 6.85 -12.18 21.56
CA VAL S 8 6.38 -10.92 22.04
C VAL S 8 7.53 -10.09 22.59
N VAL S 9 7.38 -8.76 22.54
CA VAL S 9 8.41 -7.87 23.05
C VAL S 9 7.84 -7.13 24.27
N ILE S 10 8.53 -7.19 25.42
CA ILE S 10 8.10 -6.48 26.61
C ILE S 10 9.21 -5.59 27.18
N LYS S 11 8.88 -4.32 27.38
CA LYS S 11 9.75 -3.34 28.01
C LYS S 11 9.12 -2.92 29.34
N ALA S 12 9.81 -3.17 30.45
CA ALA S 12 9.33 -2.74 31.76
C ALA S 12 9.31 -1.22 31.85
N LEU S 13 8.18 -0.69 32.31
CA LEU S 13 8.05 0.75 32.50
C LEU S 13 8.24 1.17 33.98
N GLU S 14 8.45 0.16 34.84
CA GLU S 14 8.77 0.34 36.26
C GLU S 14 9.57 -0.89 36.72
N ASP S 15 10.19 -0.81 37.88
CA ASP S 15 10.88 -1.94 38.48
C ASP S 15 9.84 -2.99 38.93
N GLY S 16 10.22 -4.25 38.88
CA GLY S 16 9.38 -5.32 39.38
C GLY S 16 8.31 -5.86 38.45
N VAL S 17 8.40 -5.59 37.15
CA VAL S 17 7.50 -6.20 36.18
C VAL S 17 7.77 -7.72 36.15
N ASN S 18 6.69 -8.48 36.04
CA ASN S 18 6.74 -9.93 35.94
C ASN S 18 6.19 -10.40 34.61
N VAL S 19 7.03 -11.06 33.81
CA VAL S 19 6.59 -11.74 32.59
C VAL S 19 6.45 -13.23 32.92
N ILE S 20 5.20 -13.68 33.07
CA ILE S 20 4.94 -15.01 33.59
C ILE S 20 4.61 -15.99 32.45
N GLY S 21 5.33 -17.12 32.38
CA GLY S 21 5.03 -18.15 31.39
C GLY S 21 4.07 -19.16 31.98
N LEU S 22 2.90 -19.30 31.36
CA LEU S 22 1.93 -20.30 31.75
C LEU S 22 2.17 -21.59 30.96
N THR S 23 2.07 -22.73 31.65
CA THR S 23 2.34 -24.04 31.03
C THR S 23 1.40 -24.42 29.89
N ARG S 24 2.00 -24.89 28.80
CA ARG S 24 1.25 -25.61 27.79
C ARG S 24 0.66 -26.92 28.33
N GLY S 25 -0.52 -27.29 27.84
CA GLY S 25 -1.01 -28.63 28.09
C GLY S 25 -2.31 -28.61 28.88
N ALA S 26 -2.66 -29.76 29.42
CA ALA S 26 -3.92 -29.93 30.17
C ALA S 26 -3.94 -29.04 31.42
N ASP S 27 -2.75 -28.79 31.98
CA ASP S 27 -2.57 -27.90 33.12
C ASP S 27 -2.21 -26.48 32.77
N THR S 28 -2.76 -25.53 33.51
CA THR S 28 -2.43 -24.13 33.32
C THR S 28 -1.87 -23.57 34.63
N ARG S 29 -0.54 -23.67 34.80
CA ARG S 29 0.12 -23.18 36.02
C ARG S 29 1.33 -22.36 35.54
N PHE S 30 2.05 -21.77 36.48
CA PHE S 30 3.18 -20.93 36.15
C PHE S 30 4.36 -21.86 36.09
N HIS S 31 5.22 -21.71 35.10
CA HIS S 31 6.50 -22.42 35.17
C HIS S 31 7.71 -21.50 35.33
N HIS S 32 7.54 -20.23 34.97
CA HIS S 32 8.61 -19.24 35.14
C HIS S 32 8.04 -17.84 35.21
N SER S 33 8.57 -17.03 36.13
CA SER S 33 8.27 -15.61 36.19
C SER S 33 9.59 -14.88 35.99
N GLU S 34 9.73 -14.14 34.89
CA GLU S 34 10.92 -13.34 34.69
C GLU S 34 10.69 -11.94 35.21
N LYS S 35 11.52 -11.51 36.15
CA LYS S 35 11.41 -10.18 36.73
C LYS S 35 12.25 -9.17 35.95
N LEU S 36 11.64 -8.04 35.60
CA LEU S 36 12.28 -7.01 34.82
C LEU S 36 12.37 -5.73 35.63
N ASP S 37 13.50 -5.05 35.52
CA ASP S 37 13.71 -3.75 36.16
C ASP S 37 13.33 -2.73 35.13
N LYS S 38 13.10 -1.49 35.55
CA LYS S 38 12.63 -0.46 34.63
C LYS S 38 13.59 -0.31 33.45
N GLY S 39 13.02 -0.34 32.24
CA GLY S 39 13.82 -0.12 31.05
C GLY S 39 14.36 -1.39 30.40
N GLU S 40 14.35 -2.50 31.13
CA GLU S 40 14.84 -3.74 30.54
C GLU S 40 13.81 -4.27 29.55
N VAL S 41 14.33 -4.95 28.52
CA VAL S 41 13.48 -5.54 27.48
C VAL S 41 13.68 -7.05 27.43
N LEU S 42 12.55 -7.74 27.44
CA LEU S 42 12.45 -9.18 27.23
C LEU S 42 11.75 -9.51 25.88
N ILE S 43 12.34 -10.41 25.10
CA ILE S 43 11.74 -10.84 23.83
C ILE S 43 11.51 -12.34 24.00
N ALA S 44 10.25 -12.78 24.04
CA ALA S 44 9.97 -14.14 24.51
C ALA S 44 9.08 -14.85 23.49
N GLN S 45 9.46 -16.07 23.06
CA GLN S 45 8.65 -16.88 22.17
C GLN S 45 7.61 -17.68 22.94
N PHE S 46 6.58 -18.07 22.20
CA PHE S 46 5.74 -19.22 22.54
C PHE S 46 6.58 -20.48 22.22
N THR S 47 6.42 -21.52 23.04
CA THR S 47 7.34 -22.68 23.03
C THR S 47 6.62 -23.97 23.41
N GLU S 48 7.35 -25.10 23.36
CA GLU S 48 6.84 -26.36 23.91
C GLU S 48 6.22 -26.18 25.31
N HIS S 49 6.89 -25.39 26.14
CA HIS S 49 6.48 -25.28 27.55
C HIS S 49 5.58 -24.10 27.84
N THR S 50 5.56 -23.11 26.95
CA THR S 50 4.78 -21.89 27.16
C THR S 50 3.78 -21.64 26.05
N SER S 51 2.50 -21.64 26.42
CA SER S 51 1.41 -21.38 25.48
C SER S 51 0.58 -20.12 25.84
N ALA S 52 0.88 -19.51 26.98
CA ALA S 52 0.27 -18.22 27.32
C ALA S 52 1.26 -17.42 28.16
N ILE S 53 1.21 -16.09 28.03
CA ILE S 53 2.12 -15.22 28.78
C ILE S 53 1.27 -14.22 29.56
N LYS S 54 1.50 -14.06 30.87
CA LYS S 54 0.79 -13.01 31.62
C LYS S 54 1.79 -11.95 32.08
N VAL S 55 1.46 -10.66 31.86
CA VAL S 55 2.32 -9.55 32.26
C VAL S 55 1.71 -8.78 33.45
N ARG S 56 2.45 -8.72 34.56
CA ARG S 56 2.04 -8.00 35.77
C ARG S 56 2.97 -6.79 35.94
N GLY S 57 2.40 -5.63 36.30
CA GLY S 57 3.18 -4.41 36.27
C GLY S 57 3.10 -3.61 34.97
N LYS S 58 3.61 -2.38 35.02
CA LYS S 58 3.56 -1.46 33.89
C LYS S 58 4.65 -1.81 32.90
N ALA S 59 4.20 -2.17 31.70
CA ALA S 59 5.10 -2.51 30.62
C ALA S 59 4.52 -2.10 29.25
N TYR S 60 5.38 -1.89 28.27
CA TYR S 60 4.97 -1.62 26.90
C TYR S 60 5.23 -2.91 26.13
N ILE S 61 4.24 -3.35 25.37
CA ILE S 61 4.24 -4.68 24.73
C ILE S 61 4.05 -4.55 23.23
N GLN S 62 4.92 -5.17 22.43
CA GLN S 62 4.74 -5.26 20.99
C GLN S 62 4.51 -6.73 20.58
N THR S 63 3.46 -6.97 19.80
CA THR S 63 3.26 -8.28 19.19
C THR S 63 2.91 -8.08 17.71
N ARG S 64 2.76 -9.20 17.00
CA ARG S 64 2.24 -9.24 15.63
C ARG S 64 0.95 -8.41 15.48
N HIS S 65 0.11 -8.38 16.53
CA HIS S 65 -1.23 -7.74 16.42
C HIS S 65 -1.33 -6.31 16.88
N GLY S 66 -0.18 -5.70 17.19
CA GLY S 66 -0.14 -4.30 17.54
C GLY S 66 0.61 -4.06 18.84
N VAL S 67 0.44 -2.87 19.42
CA VAL S 67 1.13 -2.50 20.66
C VAL S 67 0.10 -2.29 21.74
N ILE S 68 0.53 -2.44 22.99
CA ILE S 68 -0.40 -2.31 24.12
C ILE S 68 0.46 -2.05 25.37
N GLU S 69 -0.13 -1.41 26.37
CA GLU S 69 0.55 -1.19 27.64
C GLU S 69 -0.22 -1.95 28.70
N SER S 70 0.47 -2.74 29.53
CA SER S 70 -0.15 -3.28 30.75
C SER S 70 0.01 -2.24 31.83
N GLU S 71 -0.89 -2.29 32.81
CA GLU S 71 -0.93 -1.31 33.87
C GLU S 71 -1.34 -1.97 35.18
N GLY S 72 -1.18 -3.29 35.25
CA GLY S 72 -1.53 -4.05 36.45
C GLY S 72 -0.80 -3.63 37.72
N THR T 3 17.49 -23.49 11.21
CA THR T 3 18.39 -22.31 11.00
C THR T 3 17.71 -21.03 10.40
N ASN T 4 16.40 -21.10 10.14
CA ASN T 4 15.64 -19.94 9.61
C ASN T 4 14.66 -19.30 10.59
N SER T 5 15.00 -19.32 11.87
CA SER T 5 14.17 -18.74 12.94
C SER T 5 14.25 -17.22 12.86
N ASP T 6 13.39 -16.52 13.59
CA ASP T 6 13.43 -15.05 13.71
C ASP T 6 14.73 -14.62 14.41
N PHE T 7 15.17 -13.40 14.12
CA PHE T 7 16.28 -12.82 14.83
C PHE T 7 15.95 -11.40 15.30
N VAL T 8 16.75 -10.91 16.25
CA VAL T 8 16.60 -9.56 16.75
C VAL T 8 17.88 -8.83 16.42
N VAL T 9 17.81 -7.50 16.24
CA VAL T 9 19.00 -6.68 16.06
C VAL T 9 19.17 -5.75 17.29
N ILE T 10 20.37 -5.73 17.88
CA ILE T 10 20.63 -4.92 19.08
C ILE T 10 21.87 -4.08 18.89
N LYS T 11 21.71 -2.76 19.01
CA LYS T 11 22.81 -1.81 18.99
C LYS T 11 22.95 -1.20 20.37
N ALA T 12 24.12 -1.37 20.98
CA ALA T 12 24.44 -0.80 22.29
C ALA T 12 24.51 0.73 22.19
N LEU T 13 23.81 1.41 23.08
CA LEU T 13 23.86 2.88 23.16
C LEU T 13 24.76 3.42 24.28
N GLU T 14 25.33 2.49 25.07
CA GLU T 14 26.35 2.79 26.08
C GLU T 14 27.26 1.57 26.20
N ASP T 15 28.38 1.67 26.94
CA ASP T 15 29.18 0.51 27.25
C ASP T 15 28.46 -0.41 28.23
N GLY T 16 28.76 -1.71 28.16
CA GLY T 16 28.32 -2.67 29.17
C GLY T 16 26.90 -3.19 29.00
N VAL T 17 26.35 -3.05 27.80
CA VAL T 17 25.05 -3.63 27.49
C VAL T 17 25.17 -5.15 27.54
N ASN T 18 24.18 -5.82 28.13
CA ASN T 18 24.14 -7.27 28.20
C ASN T 18 23.00 -7.82 27.36
N VAL T 19 23.29 -8.76 26.46
CA VAL T 19 22.27 -9.44 25.67
C VAL T 19 22.30 -10.87 26.19
N ILE T 20 21.24 -11.21 26.92
CA ILE T 20 21.20 -12.44 27.69
C ILE T 20 20.31 -13.45 26.97
N GLY T 21 20.84 -14.62 26.61
CA GLY T 21 20.02 -15.74 26.15
C GLY T 21 19.49 -16.60 27.26
N LEU T 22 18.16 -16.76 27.32
CA LEU T 22 17.53 -17.63 28.29
C LEU T 22 17.27 -18.99 27.66
N THR T 23 17.42 -20.05 28.45
CA THR T 23 17.33 -21.41 27.93
C THR T 23 15.93 -21.79 27.52
N ARG T 24 15.88 -22.41 26.35
CA ARG T 24 14.70 -23.17 25.95
C ARG T 24 14.46 -24.37 26.85
N GLY T 25 13.18 -24.68 27.11
CA GLY T 25 12.82 -25.91 27.76
C GLY T 25 12.07 -25.71 29.07
N ALA T 26 12.00 -26.77 29.87
CA ALA T 26 11.26 -26.75 31.16
C ALA T 26 11.89 -25.76 32.12
N ASP T 27 13.21 -25.64 32.00
CA ASP T 27 14.04 -24.70 32.77
C ASP T 27 14.29 -23.34 32.11
N THR T 28 14.15 -22.27 32.88
CA THR T 28 14.53 -20.95 32.38
C THR T 28 15.74 -20.38 33.13
N ARG T 29 16.91 -20.40 32.50
CA ARG T 29 18.15 -19.97 33.16
C ARG T 29 18.96 -19.28 32.10
N PHE T 30 19.98 -18.55 32.52
CA PHE T 30 20.89 -17.90 31.61
C PHE T 30 21.83 -18.95 31.06
N HIS T 31 22.07 -18.95 29.75
CA HIS T 31 23.15 -19.78 29.25
C HIS T 31 24.27 -18.96 28.65
N HIS T 32 23.99 -17.71 28.28
CA HIS T 32 25.03 -16.84 27.75
C HIS T 32 24.63 -15.39 27.90
N SER T 33 25.59 -14.57 28.34
CA SER T 33 25.41 -13.14 28.33
C SER T 33 26.48 -12.50 27.43
N GLU T 34 26.05 -11.87 26.34
CA GLU T 34 26.97 -11.21 25.43
C GLU T 34 27.06 -9.75 25.78
N LYS T 35 28.27 -9.30 26.09
CA LYS T 35 28.48 -7.94 26.52
C LYS T 35 28.86 -7.09 25.32
N LEU T 36 28.15 -5.98 25.14
CA LEU T 36 28.33 -5.07 24.02
C LEU T 36 28.80 -3.70 24.52
N ASP T 37 29.83 -3.17 23.85
CA ASP T 37 30.25 -1.80 24.09
C ASP T 37 29.52 -0.84 23.15
N LYS T 38 29.56 0.46 23.48
CA LYS T 38 28.73 1.44 22.80
C LYS T 38 28.94 1.36 21.29
N GLY T 39 27.86 1.33 20.53
CA GLY T 39 27.98 1.31 19.08
C GLY T 39 28.01 -0.07 18.47
N GLU T 40 28.42 -1.08 19.23
CA GLU T 40 28.43 -2.44 18.72
C GLU T 40 27.03 -3.01 18.41
N VAL T 41 26.96 -3.85 17.38
CA VAL T 41 25.71 -4.44 16.92
C VAL T 41 25.78 -5.96 17.02
N LEU T 42 24.78 -6.54 17.67
CA LEU T 42 24.57 -7.98 17.69
C LEU T 42 23.28 -8.31 16.92
N ILE T 43 23.34 -9.33 16.09
CA ILE T 43 22.13 -9.84 15.40
C ILE T 43 22.01 -11.29 15.81
N ALA T 44 20.96 -11.62 16.56
CA ALA T 44 20.89 -12.90 17.24
C ALA T 44 19.56 -13.56 16.95
N GLN T 45 19.62 -14.82 16.52
CA GLN T 45 18.42 -15.64 16.31
C GLN T 45 17.86 -16.28 17.59
N PHE T 46 16.58 -16.66 17.53
CA PHE T 46 16.03 -17.68 18.44
C PHE T 46 16.52 -19.03 17.92
N THR T 47 16.82 -19.97 18.82
CA THR T 47 17.49 -21.21 18.44
C THR T 47 17.01 -22.39 19.27
N GLU T 48 17.60 -23.56 18.99
CA GLU T 48 17.39 -24.73 19.83
C GLU T 48 17.60 -24.41 21.34
N HIS T 49 18.66 -23.66 21.62
CA HIS T 49 19.05 -23.30 22.99
C HIS T 49 18.47 -22.02 23.59
N THR T 50 18.01 -21.10 22.75
CA THR T 50 17.53 -19.77 23.18
C THR T 50 16.09 -19.55 22.77
N SER T 51 15.17 -19.47 23.72
CA SER T 51 13.78 -19.17 23.36
C SER T 51 13.32 -17.82 23.93
N ALA T 52 14.17 -17.16 24.70
CA ALA T 52 13.93 -15.79 25.10
C ALA T 52 15.25 -15.00 25.28
N ILE T 53 15.18 -13.70 24.98
CA ILE T 53 16.35 -12.85 25.04
C ILE T 53 16.02 -11.64 25.92
N LYS T 54 16.89 -11.39 26.90
CA LYS T 54 16.77 -10.24 27.80
C LYS T 54 17.83 -9.22 27.50
N VAL T 55 17.44 -7.95 27.37
CA VAL T 55 18.41 -6.88 27.12
C VAL T 55 18.51 -5.94 28.34
N ARG T 56 19.70 -5.84 28.94
CA ARG T 56 20.00 -4.97 30.08
C ARG T 56 20.96 -3.88 29.64
N GLY T 57 20.61 -2.62 29.91
CA GLY T 57 21.40 -1.49 29.47
C GLY T 57 20.71 -0.72 28.35
N LYS T 58 21.25 0.44 28.01
CA LYS T 58 20.69 1.28 26.97
C LYS T 58 21.06 0.74 25.59
N ALA T 59 20.03 0.34 24.84
CA ALA T 59 20.20 -0.26 23.52
C ALA T 59 19.04 0.06 22.61
N TYR T 60 19.31 0.05 21.31
CA TYR T 60 18.29 0.21 20.28
C TYR T 60 18.04 -1.16 19.70
N ILE T 61 16.76 -1.55 19.62
CA ILE T 61 16.39 -2.92 19.28
C ILE T 61 15.43 -2.91 18.08
N GLN T 62 15.76 -3.68 17.03
CA GLN T 62 14.83 -3.94 15.94
C GLN T 62 14.38 -5.40 15.93
N THR T 63 13.07 -5.57 15.79
CA THR T 63 12.49 -6.87 15.48
C THR T 63 11.45 -6.78 14.40
N ARG T 64 10.93 -7.94 14.02
CA ARG T 64 9.82 -8.06 13.08
C ARG T 64 8.64 -7.18 13.53
N HIS T 65 8.51 -6.99 14.84
CA HIS T 65 7.32 -6.27 15.38
C HIS T 65 7.50 -4.75 15.55
N GLY T 66 8.70 -4.26 15.24
CA GLY T 66 8.99 -2.85 15.24
C GLY T 66 10.29 -2.55 15.97
N VAL T 67 10.43 -1.29 16.39
CA VAL T 67 11.62 -0.87 17.10
C VAL T 67 11.33 -0.43 18.51
N ILE T 68 12.35 -0.53 19.36
CA ILE T 68 12.19 -0.20 20.77
C ILE T 68 13.58 0.07 21.34
N GLU T 69 13.64 0.95 22.34
CA GLU T 69 14.86 1.11 23.10
C GLU T 69 14.73 0.54 24.52
N SER T 70 15.74 -0.22 24.94
CA SER T 70 15.93 -0.57 26.32
C SER T 70 16.64 0.60 26.98
N GLU T 71 16.42 0.74 28.27
CA GLU T 71 16.97 1.84 29.02
C GLU T 71 17.69 1.29 30.24
N GLY T 72 18.80 1.93 30.59
CA GLY T 72 19.62 1.48 31.72
C GLY T 72 19.01 1.93 33.04
N THR U 3 19.64 -24.11 3.39
CA THR U 3 20.35 -23.06 2.56
C THR U 3 19.52 -21.81 2.18
N ASN U 4 18.28 -21.73 2.66
CA ASN U 4 17.40 -20.55 2.45
C ASN U 4 17.14 -19.74 3.73
N SER U 5 18.10 -19.76 4.64
CA SER U 5 18.06 -18.93 5.84
C SER U 5 18.18 -17.44 5.50
N ASP U 6 17.77 -16.59 6.45
CA ASP U 6 17.97 -15.11 6.44
C ASP U 6 19.44 -14.75 6.31
N PHE U 7 19.71 -13.56 5.77
CA PHE U 7 21.07 -13.08 5.65
C PHE U 7 21.10 -11.60 6.03
N VAL U 8 22.29 -11.10 6.31
CA VAL U 8 22.51 -9.68 6.59
C VAL U 8 23.50 -9.10 5.58
N VAL U 9 23.41 -7.78 5.34
CA VAL U 9 24.35 -7.07 4.43
C VAL U 9 25.13 -6.10 5.29
N ILE U 10 26.45 -6.11 5.15
CA ILE U 10 27.30 -5.27 5.98
C ILE U 10 28.30 -4.59 5.09
N LYS U 11 28.24 -3.25 5.07
CA LYS U 11 29.23 -2.43 4.38
C LYS U 11 30.12 -1.70 5.38
N ALA U 12 31.43 -1.95 5.28
CA ALA U 12 32.39 -1.26 6.12
C ALA U 12 32.49 0.24 5.81
N LEU U 13 32.38 1.06 6.85
CA LEU U 13 32.58 2.52 6.73
C LEU U 13 33.99 3.01 7.12
N GLU U 14 34.83 2.07 7.52
CA GLU U 14 36.21 2.35 7.89
C GLU U 14 36.99 1.06 7.72
N ASP U 15 38.30 1.17 7.76
CA ASP U 15 39.16 -0.01 7.73
C ASP U 15 39.02 -0.78 9.03
N GLY U 16 39.15 -2.11 8.96
CA GLY U 16 39.28 -2.93 10.15
C GLY U 16 38.02 -3.32 10.88
N VAL U 17 36.88 -3.23 10.19
CA VAL U 17 35.61 -3.73 10.67
C VAL U 17 35.73 -5.26 10.82
N ASN U 18 35.20 -5.77 11.92
CA ASN U 18 35.11 -7.23 12.07
C ASN U 18 33.67 -7.66 12.11
N VAL U 19 33.38 -8.65 11.26
CA VAL U 19 32.08 -9.31 11.29
C VAL U 19 32.28 -10.71 11.86
N ILE U 20 31.76 -10.89 13.06
CA ILE U 20 32.08 -12.08 13.84
C ILE U 20 30.91 -13.07 13.91
N GLY U 21 31.15 -14.31 13.47
CA GLY U 21 30.16 -15.37 13.60
C GLY U 21 30.29 -16.08 14.94
N LEU U 22 29.20 -16.08 15.70
CA LEU U 22 29.17 -16.77 16.97
C LEU U 22 28.51 -18.13 16.77
N THR U 23 29.03 -19.13 17.47
CA THR U 23 28.59 -20.52 17.25
C THR U 23 27.16 -20.77 17.69
N ARG U 24 26.40 -21.46 16.82
CA ARG U 24 25.16 -22.14 17.22
C ARG U 24 25.43 -23.24 18.23
N GLY U 25 24.48 -23.48 19.13
CA GLY U 25 24.54 -24.58 20.07
C GLY U 25 24.59 -24.13 21.53
N ALA U 26 24.82 -25.10 22.41
CA ALA U 26 24.91 -24.85 23.85
C ALA U 26 26.06 -23.88 24.21
N ASP U 27 27.12 -23.92 23.42
CA ASP U 27 28.25 -22.99 23.51
C ASP U 27 28.13 -21.74 22.66
N THR U 28 28.52 -20.59 23.21
CA THR U 28 28.55 -19.37 22.44
C THR U 28 30.00 -18.80 22.39
N ARG U 29 30.72 -19.13 21.33
CA ARG U 29 32.10 -18.68 21.16
C ARG U 29 32.28 -18.13 19.76
N PHE U 30 33.44 -17.56 19.46
CA PHE U 30 33.68 -17.05 18.11
C PHE U 30 34.16 -18.22 17.28
N HIS U 31 33.66 -18.38 16.06
CA HIS U 31 34.27 -19.37 15.16
C HIS U 31 34.95 -18.73 13.97
N HIS U 32 34.58 -17.50 13.64
CA HIS U 32 35.25 -16.78 12.57
C HIS U 32 34.98 -15.28 12.69
N SER U 33 36.00 -14.50 12.37
CA SER U 33 35.85 -13.06 12.29
C SER U 33 36.37 -12.61 10.93
N GLU U 34 35.45 -12.12 10.09
CA GLU U 34 35.82 -11.60 8.79
C GLU U 34 36.15 -10.12 8.92
N LYS U 35 37.36 -9.76 8.48
CA LYS U 35 37.78 -8.37 8.51
C LYS U 35 37.48 -7.68 7.19
N LEU U 36 36.87 -6.51 7.31
CA LEU U 36 36.49 -5.72 6.15
C LEU U 36 37.18 -4.39 6.19
N ASP U 37 37.71 -3.99 5.03
CA ASP U 37 38.25 -2.66 4.86
C ASP U 37 37.18 -1.76 4.27
N LYS U 38 37.39 -0.45 4.40
CA LYS U 38 36.38 0.54 4.09
C LYS U 38 35.83 0.33 2.69
N GLY U 39 34.51 0.28 2.59
CA GLY U 39 33.87 0.16 1.29
C GLY U 39 33.49 -1.27 0.93
N GLU U 40 34.14 -2.28 1.54
CA GLU U 40 33.84 -3.67 1.27
C GLU U 40 32.47 -4.09 1.80
N VAL U 41 31.83 -5.02 1.09
CA VAL U 41 30.51 -5.49 1.49
C VAL U 41 30.56 -6.99 1.72
N LEU U 42 30.00 -7.39 2.85
CA LEU U 42 29.80 -8.80 3.15
C LEU U 42 28.30 -9.08 3.25
N ILE U 43 27.83 -10.12 2.55
CA ILE U 43 26.43 -10.58 2.68
C ILE U 43 26.48 -11.96 3.31
N ALA U 44 25.93 -12.11 4.53
CA ALA U 44 26.24 -13.34 5.23
C ALA U 44 24.98 -13.96 5.76
N GLN U 45 24.81 -15.26 5.57
CA GLN U 45 23.65 -15.96 6.16
C GLN U 45 23.79 -16.42 7.58
N PHE U 46 22.65 -16.69 8.23
CA PHE U 46 22.66 -17.56 9.41
C PHE U 46 22.74 -18.99 8.89
N THR U 47 23.40 -19.89 9.63
CA THR U 47 23.74 -21.22 9.11
C THR U 47 23.74 -22.24 10.24
N GLU U 48 24.05 -23.49 9.89
CA GLU U 48 24.29 -24.55 10.88
C GLU U 48 25.26 -24.09 12.00
N HIS U 49 26.30 -23.37 11.59
CA HIS U 49 27.39 -22.95 12.49
C HIS U 49 27.28 -21.58 13.12
N THR U 50 26.45 -20.71 12.54
CA THR U 50 26.34 -19.31 12.96
C THR U 50 24.89 -18.98 13.31
N SER U 51 24.65 -18.72 14.58
CA SER U 51 23.27 -18.34 15.02
C SER U 51 23.20 -16.88 15.58
N ALA U 52 24.33 -16.19 15.52
CA ALA U 52 24.45 -14.77 15.91
C ALA U 52 25.68 -14.16 15.29
N ILE U 53 25.58 -12.87 14.92
CA ILE U 53 26.60 -12.16 14.22
C ILE U 53 26.85 -10.87 15.04
N LYS U 54 28.11 -10.62 15.37
CA LYS U 54 28.47 -9.39 16.10
C LYS U 54 29.33 -8.53 15.20
N VAL U 55 28.99 -7.25 15.10
CA VAL U 55 29.78 -6.36 14.24
C VAL U 55 30.52 -5.30 15.09
N ARG U 56 31.85 -5.24 14.89
CA ARG U 56 32.73 -4.34 15.61
C ARG U 56 33.31 -3.38 14.57
N GLY U 57 33.36 -2.09 14.90
CA GLY U 57 33.80 -1.06 13.97
C GLY U 57 32.59 -0.39 13.30
N LYS U 58 32.85 0.62 12.51
CA LYS U 58 31.85 1.44 11.85
C LYS U 58 31.37 0.79 10.55
N ALA U 59 30.09 0.46 10.51
CA ALA U 59 29.53 -0.21 9.34
C ALA U 59 28.05 0.14 9.14
N TYR U 60 27.59 0.00 7.89
CA TYR U 60 26.15 0.19 7.57
C TYR U 60 25.55 -1.17 7.37
N ILE U 61 24.44 -1.46 8.08
CA ILE U 61 23.89 -2.83 8.11
C ILE U 61 22.45 -2.83 7.62
N GLN U 62 22.16 -3.75 6.68
CA GLN U 62 20.79 -3.97 6.21
C GLN U 62 20.35 -5.38 6.59
N THR U 63 19.21 -5.46 7.27
CA THR U 63 18.50 -6.73 7.44
C THR U 63 17.02 -6.63 7.04
N ARG U 64 16.32 -7.76 7.19
CA ARG U 64 14.88 -7.83 6.98
C ARG U 64 14.15 -6.79 7.84
N HIS U 65 14.74 -6.42 8.98
CA HIS U 65 14.01 -5.57 9.94
C HIS U 65 14.34 -4.08 9.83
N GLY U 66 15.25 -3.74 8.93
CA GLY U 66 15.54 -2.32 8.70
C GLY U 66 17.02 -2.10 8.51
N VAL U 67 17.42 -0.83 8.57
CA VAL U 67 18.84 -0.50 8.47
C VAL U 67 19.33 0.06 9.81
N ILE U 68 20.64 -0.05 10.00
CA ILE U 68 21.26 0.40 11.26
C ILE U 68 22.74 0.58 10.97
N GLU U 69 23.39 1.49 11.71
CA GLU U 69 24.83 1.60 11.66
C GLU U 69 25.46 1.19 12.99
N SER U 70 26.49 0.36 12.93
CA SER U 70 27.34 0.11 14.11
C SER U 70 28.37 1.23 14.20
N GLU U 71 28.84 1.50 15.41
CA GLU U 71 29.88 2.50 15.60
C GLU U 71 30.81 2.15 16.78
N GLY U 72 30.86 0.87 17.13
CA GLY U 72 31.70 0.43 18.23
C GLY U 72 33.18 0.56 17.92
N LYS U 73 33.99 0.58 18.98
CA LYS U 73 35.46 0.64 18.95
C LYS U 73 35.92 2.07 18.70
N THR V 3 19.29 -59.25 -2.98
CA THR V 3 20.20 -58.44 -3.85
C THR V 3 19.78 -56.95 -3.91
N ASN V 4 19.21 -56.44 -2.81
CA ASN V 4 18.76 -55.04 -2.71
C ASN V 4 19.69 -54.13 -1.89
N SER V 5 20.99 -54.24 -2.14
CA SER V 5 21.98 -53.39 -1.50
C SER V 5 21.88 -51.96 -2.02
N ASP V 6 22.50 -50.99 -1.34
CA ASP V 6 22.53 -49.64 -1.92
C ASP V 6 23.49 -49.53 -3.09
N PHE V 7 23.33 -48.47 -3.86
CA PHE V 7 24.10 -48.26 -5.06
C PHE V 7 24.58 -46.81 -5.17
N VAL V 8 25.59 -46.58 -6.01
CA VAL V 8 26.13 -45.25 -6.25
C VAL V 8 25.93 -44.97 -7.72
N VAL V 9 25.62 -43.73 -8.09
CA VAL V 9 25.57 -43.31 -9.49
C VAL V 9 26.80 -42.47 -9.79
N ILE V 10 27.54 -42.82 -10.83
CA ILE V 10 28.74 -42.05 -11.18
C ILE V 10 28.69 -41.60 -12.63
N LYS V 11 28.65 -40.27 -12.84
CA LYS V 11 28.80 -39.72 -14.21
C LYS V 11 30.18 -39.06 -14.43
N ALA V 12 30.91 -39.54 -15.44
CA ALA V 12 32.24 -39.03 -15.72
C ALA V 12 32.11 -37.65 -16.36
N LEU V 13 32.84 -36.68 -15.80
CA LEU V 13 32.90 -35.30 -16.32
C LEU V 13 34.14 -35.07 -17.16
N GLU V 14 34.99 -36.09 -17.24
CA GLU V 14 36.15 -36.03 -18.14
C GLU V 14 36.47 -37.45 -18.56
N ASP V 15 37.38 -37.60 -19.50
CA ASP V 15 37.85 -38.93 -19.88
C ASP V 15 38.65 -39.61 -18.75
N GLY V 16 38.72 -40.94 -18.80
CA GLY V 16 39.61 -41.69 -17.91
C GLY V 16 39.31 -41.67 -16.42
N VAL V 17 38.05 -41.43 -16.06
CA VAL V 17 37.62 -41.55 -14.69
C VAL V 17 37.68 -43.04 -14.30
N ASN V 18 38.07 -43.33 -13.05
CA ASN V 18 38.19 -44.70 -12.55
C ASN V 18 37.25 -44.91 -11.37
N VAL V 19 36.38 -45.91 -11.46
CA VAL V 19 35.55 -46.33 -10.32
C VAL V 19 36.13 -47.67 -9.87
N ILE V 20 36.69 -47.68 -8.67
CA ILE V 20 37.49 -48.79 -8.16
C ILE V 20 36.77 -49.49 -7.02
N GLY V 21 36.58 -50.81 -7.15
CA GLY V 21 35.98 -51.63 -6.12
C GLY V 21 37.04 -52.22 -5.18
N LEU V 22 36.82 -52.04 -3.87
CA LEU V 22 37.68 -52.58 -2.81
C LEU V 22 37.02 -53.82 -2.23
N THR V 23 37.83 -54.85 -2.05
CA THR V 23 37.37 -56.16 -1.57
C THR V 23 36.71 -56.09 -0.20
N ARG V 24 35.57 -56.75 -0.08
CA ARG V 24 34.96 -57.04 1.22
C ARG V 24 35.81 -58.10 1.91
N GLY V 25 35.89 -58.05 3.24
CA GLY V 25 36.58 -59.06 4.00
C GLY V 25 37.68 -58.48 4.89
N ALA V 26 38.46 -59.39 5.52
CA ALA V 26 39.57 -59.01 6.38
C ALA V 26 40.66 -58.27 5.63
N ASP V 27 40.83 -58.60 4.34
CA ASP V 27 41.80 -57.97 3.46
C ASP V 27 41.11 -56.86 2.65
N THR V 28 41.87 -55.79 2.40
CA THR V 28 41.40 -54.66 1.61
C THR V 28 42.39 -54.40 0.48
N ARG V 29 41.95 -54.61 -0.75
CA ARG V 29 42.73 -54.35 -1.95
C ARG V 29 41.73 -54.03 -3.09
N PHE V 30 42.23 -53.43 -4.17
CA PHE V 30 41.40 -53.13 -5.35
C PHE V 30 41.17 -54.42 -6.12
N HIS V 31 39.93 -54.75 -6.47
CA HIS V 31 39.71 -55.97 -7.28
C HIS V 31 39.30 -55.67 -8.70
N HIS V 32 38.83 -54.44 -8.93
CA HIS V 32 38.44 -54.04 -10.27
C HIS V 32 38.45 -52.53 -10.37
N SER V 33 38.92 -52.03 -11.51
CA SER V 33 38.80 -50.62 -11.83
C SER V 33 38.07 -50.42 -13.16
N GLU V 34 36.88 -49.85 -13.08
CA GLU V 34 36.09 -49.53 -14.26
C GLU V 34 36.43 -48.14 -14.81
N LYS V 35 36.88 -48.09 -16.05
CA LYS V 35 37.19 -46.80 -16.67
C LYS V 35 35.96 -46.19 -17.36
N LEU V 36 35.68 -44.93 -17.02
CA LEU V 36 34.55 -44.21 -17.60
C LEU V 36 35.08 -43.05 -18.40
N ASP V 37 34.65 -42.97 -19.66
CA ASP V 37 34.87 -41.77 -20.45
C ASP V 37 33.80 -40.69 -20.31
N LYS V 38 34.15 -39.48 -20.72
CA LYS V 38 33.30 -38.32 -20.46
C LYS V 38 31.84 -38.55 -20.89
N GLY V 39 30.93 -38.40 -19.94
CA GLY V 39 29.51 -38.48 -20.24
C GLY V 39 28.90 -39.85 -19.92
N GLU V 40 29.74 -40.86 -19.66
CA GLU V 40 29.25 -42.20 -19.40
C GLU V 40 28.76 -42.27 -17.97
N VAL V 41 27.76 -43.11 -17.70
CA VAL V 41 27.21 -43.23 -16.35
C VAL V 41 27.33 -44.69 -15.89
N LEU V 42 27.86 -44.88 -14.69
CA LEU V 42 27.92 -46.20 -14.08
C LEU V 42 27.06 -46.17 -12.82
N ILE V 43 26.17 -47.15 -12.68
CA ILE V 43 25.35 -47.25 -11.46
C ILE V 43 25.80 -48.56 -10.84
N ALA V 44 26.43 -48.46 -9.67
CA ALA V 44 27.17 -49.56 -9.07
C ALA V 44 26.71 -49.90 -7.64
N GLN V 45 26.39 -51.16 -7.39
CA GLN V 45 25.97 -51.60 -6.07
C GLN V 45 27.18 -51.91 -5.18
N PHE V 46 26.95 -51.87 -3.88
CA PHE V 46 27.76 -52.62 -2.90
C PHE V 46 27.28 -54.07 -2.91
N THR V 47 28.24 -55.01 -2.86
CA THR V 47 28.00 -56.42 -3.15
C THR V 47 28.70 -57.34 -2.13
N GLU V 48 28.54 -58.64 -2.32
CA GLU V 48 29.35 -59.65 -1.61
C GLU V 48 30.86 -59.42 -1.75
N HIS V 49 31.28 -58.93 -2.92
CA HIS V 49 32.70 -58.70 -3.23
C HIS V 49 33.21 -57.26 -3.09
N THR V 50 32.31 -56.27 -3.00
CA THR V 50 32.68 -54.84 -2.97
C THR V 50 31.99 -54.15 -1.81
N SER V 51 32.76 -53.75 -0.78
CA SER V 51 32.22 -53.01 0.37
C SER V 51 32.71 -51.57 0.49
N ALA V 52 33.53 -51.13 -0.45
CA ALA V 52 33.89 -49.71 -0.54
C ALA V 52 34.25 -49.42 -1.99
N ILE V 53 34.02 -48.18 -2.43
CA ILE V 53 34.21 -47.81 -3.84
C ILE V 53 34.96 -46.48 -3.85
N LYS V 54 35.99 -46.38 -4.67
CA LYS V 54 36.78 -45.17 -4.77
C LYS V 54 36.61 -44.61 -6.16
N VAL V 55 36.42 -43.30 -6.23
CA VAL V 55 36.32 -42.60 -7.51
C VAL V 55 37.50 -41.64 -7.68
N ARG V 56 38.20 -41.80 -8.80
CA ARG V 56 39.37 -41.00 -9.15
C ARG V 56 39.15 -40.32 -10.50
N GLY V 57 39.30 -39.00 -10.54
CA GLY V 57 38.98 -38.22 -11.73
C GLY V 57 37.72 -37.39 -11.48
N LYS V 58 37.39 -36.52 -12.45
CA LYS V 58 36.28 -35.57 -12.30
C LYS V 58 34.94 -36.24 -12.57
N ALA V 59 34.05 -36.22 -11.57
CA ALA V 59 32.82 -36.98 -11.67
C ALA V 59 31.71 -36.38 -10.85
N TYR V 60 30.48 -36.58 -11.32
CA TYR V 60 29.30 -36.18 -10.56
C TYR V 60 28.75 -37.44 -9.94
N ILE V 61 28.50 -37.45 -8.63
CA ILE V 61 28.17 -38.68 -7.92
C ILE V 61 26.91 -38.47 -7.11
N GLN V 62 26.01 -39.46 -7.14
CA GLN V 62 24.78 -39.40 -6.35
C GLN V 62 24.75 -40.65 -5.49
N THR V 63 24.49 -40.45 -4.21
CA THR V 63 24.20 -41.56 -3.31
C THR V 63 22.94 -41.21 -2.57
N ARG V 64 22.54 -42.08 -1.65
CA ARG V 64 21.38 -41.81 -0.88
C ARG V 64 21.58 -40.59 0.05
N HIS V 65 22.84 -40.18 0.24
CA HIS V 65 23.15 -39.03 1.12
C HIS V 65 23.23 -37.71 0.36
N GLY V 66 23.17 -37.77 -0.97
CA GLY V 66 23.12 -36.55 -1.77
C GLY V 66 24.15 -36.60 -2.87
N VAL V 67 24.46 -35.42 -3.41
CA VAL V 67 25.35 -35.30 -4.53
C VAL V 67 26.72 -34.96 -3.96
N ILE V 68 27.76 -35.44 -4.62
CA ILE V 68 29.14 -35.07 -4.27
C ILE V 68 29.90 -35.09 -5.58
N GLU V 69 30.98 -34.33 -5.68
CA GLU V 69 31.74 -34.29 -6.90
C GLU V 69 33.19 -34.64 -6.63
N SER V 70 33.74 -35.62 -7.34
CA SER V 70 35.19 -35.84 -7.31
C SER V 70 35.89 -34.92 -8.30
N GLU V 71 37.16 -34.62 -8.04
CA GLU V 71 37.95 -33.71 -8.89
C GLU V 71 39.24 -34.44 -9.23
N GLY V 72 39.65 -34.34 -10.49
CA GLY V 72 40.91 -34.90 -10.93
C GLY V 72 42.08 -34.06 -10.46
N THR W 3 14.22 -60.94 -6.47
CA THR W 3 13.38 -60.22 -7.49
C THR W 3 12.88 -58.82 -7.02
N ASN W 4 13.28 -58.43 -5.81
CA ASN W 4 12.75 -57.21 -5.15
C ASN W 4 13.64 -55.96 -5.19
N SER W 5 14.74 -56.06 -5.93
CA SER W 5 15.84 -55.13 -5.92
C SER W 5 15.55 -53.81 -6.64
N ASP W 6 16.40 -52.82 -6.37
CA ASP W 6 16.34 -51.52 -7.03
C ASP W 6 16.31 -51.69 -8.54
N PHE W 7 15.79 -50.68 -9.22
CA PHE W 7 15.79 -50.62 -10.64
C PHE W 7 16.19 -49.23 -11.15
N VAL W 8 16.67 -49.20 -12.38
CA VAL W 8 17.05 -48.00 -13.10
C VAL W 8 16.13 -47.80 -14.33
N VAL W 9 15.73 -46.55 -14.59
CA VAL W 9 14.95 -46.24 -15.80
C VAL W 9 15.86 -45.52 -16.81
N ILE W 10 15.92 -46.00 -18.05
CA ILE W 10 16.78 -45.37 -19.07
C ILE W 10 15.95 -45.08 -20.32
N LYS W 11 15.83 -43.80 -20.69
CA LYS W 11 15.22 -43.42 -21.96
C LYS W 11 16.31 -42.95 -22.94
N ALA W 12 16.42 -43.64 -24.06
CA ALA W 12 17.37 -43.23 -25.08
C ALA W 12 16.99 -41.88 -25.76
N LEU W 13 17.92 -40.93 -25.77
CA LEU W 13 17.71 -39.62 -26.42
C LEU W 13 18.38 -39.56 -27.78
N GLU W 14 18.95 -40.69 -28.18
CA GLU W 14 19.50 -40.82 -29.52
C GLU W 14 19.52 -42.29 -29.85
N ASP W 15 19.78 -42.61 -31.12
CA ASP W 15 19.86 -44.00 -31.56
C ASP W 15 21.14 -44.64 -31.06
N GLY W 16 21.06 -45.92 -30.70
CA GLY W 16 22.26 -46.69 -30.40
C GLY W 16 22.81 -46.58 -28.98
N VAL W 17 21.97 -46.17 -28.02
CA VAL W 17 22.38 -46.15 -26.64
C VAL W 17 22.56 -47.60 -26.18
N ASN W 18 23.62 -47.87 -25.41
CA ASN W 18 23.90 -49.19 -24.86
C ASN W 18 23.73 -49.21 -23.34
N VAL W 19 22.86 -50.08 -22.86
CA VAL W 19 22.70 -50.33 -21.44
C VAL W 19 23.43 -51.66 -21.20
N ILE W 20 24.56 -51.62 -20.47
CA ILE W 20 25.44 -52.77 -20.30
C ILE W 20 25.37 -53.32 -18.86
N GLY W 21 25.09 -54.61 -18.72
CA GLY W 21 25.14 -55.27 -17.43
C GLY W 21 26.50 -55.85 -17.10
N LEU W 22 26.96 -55.57 -15.90
CA LEU W 22 28.22 -56.10 -15.39
C LEU W 22 27.96 -57.24 -14.43
N THR W 23 28.73 -58.31 -14.56
CA THR W 23 28.54 -59.53 -13.77
C THR W 23 28.70 -59.32 -12.26
N ARG W 24 27.73 -59.85 -11.51
CA ARG W 24 27.89 -60.00 -10.07
C ARG W 24 28.95 -61.06 -9.75
N GLY W 25 29.74 -60.81 -8.72
CA GLY W 25 30.70 -61.81 -8.26
C GLY W 25 32.14 -61.32 -8.20
N ALA W 26 33.05 -62.25 -7.97
CA ALA W 26 34.47 -61.93 -7.87
C ALA W 26 35.01 -61.36 -9.17
N ASP W 27 34.42 -61.79 -10.28
CA ASP W 27 34.85 -61.31 -11.59
C ASP W 27 33.91 -60.26 -12.13
N THR W 28 34.47 -59.30 -12.84
CA THR W 28 33.69 -58.20 -13.40
C THR W 28 33.88 -58.07 -14.92
N ARG W 29 32.83 -58.37 -15.67
CA ARG W 29 32.86 -58.16 -17.12
C ARG W 29 31.45 -57.91 -17.60
N PHE W 30 31.32 -57.48 -18.86
CA PHE W 30 30.00 -57.23 -19.46
C PHE W 30 29.36 -58.55 -19.87
N HIS W 31 28.12 -58.79 -19.49
CA HIS W 31 27.48 -60.05 -19.90
C HIS W 31 26.38 -59.81 -20.92
N HIS W 32 25.90 -58.57 -21.02
CA HIS W 32 24.83 -58.23 -21.95
C HIS W 32 24.87 -56.76 -22.30
N SER W 33 24.73 -56.44 -23.58
CA SER W 33 24.54 -55.04 -23.95
C SER W 33 23.20 -54.89 -24.66
N GLU W 34 22.28 -54.14 -24.07
CA GLU W 34 20.97 -53.94 -24.66
C GLU W 34 20.98 -52.62 -25.40
N LYS W 35 20.73 -52.69 -26.72
CA LYS W 35 20.67 -51.48 -27.55
C LYS W 35 19.28 -50.86 -27.52
N LEU W 36 19.24 -49.56 -27.26
CA LEU W 36 18.01 -48.79 -27.31
C LEU W 36 18.11 -47.71 -28.36
N ASP W 37 17.12 -47.67 -29.27
CA ASP W 37 17.00 -46.55 -30.19
C ASP W 37 16.20 -45.39 -29.60
N LYS W 38 16.30 -44.24 -30.26
CA LYS W 38 15.76 -43.02 -29.73
C LYS W 38 14.30 -43.16 -29.30
N GLY W 39 14.04 -42.84 -28.03
CA GLY W 39 12.68 -42.78 -27.53
C GLY W 39 12.25 -44.04 -26.78
N GLU W 40 13.04 -45.11 -26.92
CA GLU W 40 12.76 -46.37 -26.20
C GLU W 40 13.16 -46.26 -24.73
N VAL W 41 12.44 -46.98 -23.90
CA VAL W 41 12.66 -46.89 -22.46
C VAL W 41 12.92 -48.29 -21.97
N LEU W 42 14.00 -48.43 -21.21
CA LEU W 42 14.31 -49.65 -20.49
C LEU W 42 14.23 -49.46 -18.97
N ILE W 43 13.47 -50.33 -18.31
CA ILE W 43 13.41 -50.34 -16.83
C ILE W 43 14.06 -51.66 -16.37
N ALA W 44 15.26 -51.57 -15.80
CA ALA W 44 16.10 -52.74 -15.52
C ALA W 44 16.46 -52.79 -14.03
N GLN W 45 16.32 -53.98 -13.43
CA GLN W 45 16.72 -54.19 -12.04
C GLN W 45 18.19 -54.56 -11.89
N PHE W 46 18.69 -54.40 -10.67
CA PHE W 46 19.88 -55.14 -10.24
C PHE W 46 19.40 -56.56 -9.85
N THR W 47 20.24 -57.55 -10.15
CA THR W 47 19.83 -58.94 -10.08
C THR W 47 20.91 -59.85 -9.52
N GLU W 48 20.57 -61.14 -9.38
CA GLU W 48 21.59 -62.16 -9.07
C GLU W 48 22.76 -62.07 -10.08
N HIS W 49 22.50 -61.70 -11.32
CA HIS W 49 23.55 -61.72 -12.34
C HIS W 49 24.17 -60.37 -12.66
N THR W 50 23.44 -59.29 -12.37
CA THR W 50 23.89 -57.92 -12.65
C THR W 50 23.97 -57.08 -11.39
N SER W 51 25.19 -56.68 -11.03
CA SER W 51 25.40 -55.83 -9.86
C SER W 51 25.92 -54.41 -10.19
N ALA W 52 26.08 -54.09 -11.46
CA ALA W 52 26.41 -52.73 -11.91
C ALA W 52 25.94 -52.60 -13.34
N ILE W 53 25.52 -51.39 -13.71
CA ILE W 53 24.97 -51.12 -15.00
C ILE W 53 25.68 -49.88 -15.56
N LYS W 54 26.12 -49.96 -16.81
CA LYS W 54 26.80 -48.84 -17.44
C LYS W 54 25.92 -48.36 -18.59
N VAL W 55 25.79 -47.05 -18.73
CA VAL W 55 25.02 -46.48 -19.82
C VAL W 55 25.98 -45.67 -20.70
N ARG W 56 26.00 -46.01 -21.99
CA ARG W 56 26.80 -45.33 -23.00
C ARG W 56 25.87 -44.71 -24.04
N GLY W 57 26.13 -43.46 -24.42
CA GLY W 57 25.27 -42.74 -25.34
C GLY W 57 24.35 -41.78 -24.60
N LYS W 58 23.67 -40.91 -25.35
CA LYS W 58 22.83 -39.87 -24.72
C LYS W 58 21.48 -40.41 -24.22
N ALA W 59 21.26 -40.34 -22.90
CA ALA W 59 20.05 -40.91 -22.30
C ALA W 59 19.62 -40.14 -21.05
N TYR W 60 18.33 -40.26 -20.73
CA TYR W 60 17.74 -39.68 -19.53
C TYR W 60 17.53 -40.81 -18.57
N ILE W 61 18.14 -40.71 -17.41
CA ILE W 61 18.15 -41.83 -16.45
C ILE W 61 17.47 -41.45 -15.14
N GLN W 62 16.57 -42.29 -14.63
CA GLN W 62 16.02 -42.07 -13.29
C GLN W 62 16.44 -43.22 -12.37
N THR W 63 16.92 -42.87 -11.18
CA THR W 63 17.12 -43.84 -10.09
C THR W 63 16.46 -43.33 -8.87
N ARG W 64 16.50 -44.12 -7.79
CA ARG W 64 16.04 -43.70 -6.49
C ARG W 64 16.70 -42.37 -6.02
N HIS W 65 17.87 -42.05 -6.59
CA HIS W 65 18.64 -40.87 -6.12
C HIS W 65 18.30 -39.64 -6.94
N GLY W 66 17.47 -39.83 -7.97
CA GLY W 66 17.09 -38.71 -8.80
C GLY W 66 17.45 -38.91 -10.23
N VAL W 67 17.44 -37.83 -10.98
CA VAL W 67 17.67 -37.87 -12.41
C VAL W 67 19.14 -37.60 -12.71
N ILE W 68 19.64 -38.24 -13.75
CA ILE W 68 21.00 -38.01 -14.28
C ILE W 68 20.95 -38.27 -15.78
N GLU W 69 21.84 -37.62 -16.54
CA GLU W 69 21.83 -37.80 -17.97
C GLU W 69 23.22 -38.22 -18.46
N SER W 70 23.23 -39.29 -19.25
CA SER W 70 24.44 -39.71 -19.94
C SER W 70 24.56 -38.89 -21.23
N GLU W 71 25.79 -38.65 -21.64
CA GLU W 71 26.08 -37.90 -22.86
C GLU W 71 26.99 -38.72 -23.77
N GLY W 72 26.70 -38.70 -25.08
CA GLY W 72 27.53 -39.37 -26.07
C GLY W 72 28.74 -38.54 -26.45
N LYS W 73 29.63 -39.12 -27.27
CA LYS W 73 30.83 -38.46 -27.77
C LYS W 73 30.51 -37.34 -28.76
N THR X 3 6.20 -62.11 -4.25
CA THR X 3 5.05 -61.58 -5.05
C THR X 3 4.80 -60.07 -4.82
N ASN X 4 5.67 -59.42 -4.03
CA ASN X 4 5.56 -57.97 -3.71
C ASN X 4 6.56 -57.00 -4.40
N SER X 5 7.17 -57.45 -5.50
CA SER X 5 8.15 -56.64 -6.22
C SER X 5 7.61 -55.31 -6.69
N ASP X 6 8.48 -54.49 -7.26
CA ASP X 6 8.11 -53.27 -7.92
C ASP X 6 7.26 -53.55 -9.16
N PHE X 7 6.50 -52.57 -9.60
CA PHE X 7 5.70 -52.63 -10.82
C PHE X 7 5.79 -51.32 -11.59
N VAL X 8 5.46 -51.41 -12.88
CA VAL X 8 5.50 -50.30 -13.81
C VAL X 8 4.07 -50.19 -14.40
N VAL X 9 3.62 -48.96 -14.62
CA VAL X 9 2.34 -48.69 -15.28
C VAL X 9 2.67 -48.13 -16.68
N ILE X 10 2.08 -48.72 -17.72
CA ILE X 10 2.26 -48.27 -19.10
C ILE X 10 0.89 -47.99 -19.73
N LYS X 11 0.69 -46.77 -20.21
CA LYS X 11 -0.52 -46.42 -20.95
C LYS X 11 -0.13 -46.10 -22.39
N ALA X 12 -0.63 -46.87 -23.35
CA ALA X 12 -0.29 -46.64 -24.76
C ALA X 12 -0.89 -45.33 -25.27
N LEU X 13 -0.07 -44.52 -25.93
CA LEU X 13 -0.54 -43.24 -26.45
C LEU X 13 -0.76 -43.35 -27.98
N GLU X 14 -0.59 -44.57 -28.51
CA GLU X 14 -0.84 -44.90 -29.93
C GLU X 14 -1.04 -46.40 -30.03
N ASP X 15 -1.55 -46.87 -31.15
CA ASP X 15 -1.69 -48.31 -31.36
C ASP X 15 -0.31 -49.00 -31.52
N GLY X 16 -0.25 -50.26 -31.14
CA GLY X 16 0.92 -51.09 -31.42
C GLY X 16 2.14 -50.84 -30.55
N VAL X 17 1.92 -50.26 -29.37
CA VAL X 17 2.99 -50.14 -28.36
C VAL X 17 3.35 -51.58 -27.93
N ASN X 18 4.64 -51.87 -27.73
CA ASN X 18 5.06 -53.17 -27.19
C ASN X 18 5.68 -53.07 -25.78
N VAL X 19 5.20 -53.88 -24.86
CA VAL X 19 5.84 -53.98 -23.54
C VAL X 19 6.54 -55.34 -23.50
N ILE X 20 7.87 -55.30 -23.50
CA ILE X 20 8.72 -56.46 -23.67
C ILE X 20 9.36 -56.89 -22.35
N GLY X 21 9.19 -58.16 -21.96
CA GLY X 21 9.91 -58.70 -20.83
C GLY X 21 11.18 -59.41 -21.26
N LEU X 22 12.26 -59.09 -20.55
CA LEU X 22 13.56 -59.71 -20.73
C LEU X 22 13.77 -60.70 -19.58
N THR X 23 14.33 -61.84 -19.92
CA THR X 23 14.50 -62.93 -18.97
C THR X 23 15.45 -62.58 -17.82
N ARG X 24 15.02 -62.95 -16.62
CA ARG X 24 15.92 -63.02 -15.47
C ARG X 24 16.91 -64.16 -15.64
N GLY X 25 18.16 -63.92 -15.24
CA GLY X 25 19.17 -64.97 -15.20
C GLY X 25 20.43 -64.60 -15.95
N ALA X 26 21.32 -65.57 -16.11
CA ALA X 26 22.59 -65.38 -16.82
C ALA X 26 22.38 -65.04 -18.30
N ASP X 27 21.24 -65.47 -18.85
CA ASP X 27 20.88 -65.22 -20.24
C ASP X 27 19.87 -64.08 -20.30
N THR X 28 19.99 -63.23 -21.31
CA THR X 28 19.07 -62.12 -21.53
C THR X 28 18.47 -62.16 -22.94
N ARG X 29 17.18 -62.46 -23.03
CA ARG X 29 16.44 -62.51 -24.28
C ARG X 29 15.03 -62.06 -23.98
N PHE X 30 14.27 -61.75 -25.02
CA PHE X 30 12.87 -61.34 -24.88
C PHE X 30 12.04 -62.59 -24.69
N HIS X 31 11.16 -62.64 -23.70
CA HIS X 31 10.36 -63.88 -23.53
C HIS X 31 8.90 -63.67 -23.83
N HIS X 32 8.51 -62.40 -23.91
CA HIS X 32 7.13 -62.03 -24.18
C HIS X 32 7.06 -60.58 -24.60
N SER X 33 6.18 -60.30 -25.55
CA SER X 33 5.95 -58.93 -25.96
C SER X 33 4.44 -58.69 -25.98
N GLU X 34 3.98 -57.85 -25.05
CA GLU X 34 2.56 -57.57 -24.93
C GLU X 34 2.23 -56.34 -25.74
N LYS X 35 1.28 -56.47 -26.66
CA LYS X 35 0.94 -55.35 -27.52
C LYS X 35 -0.24 -54.60 -26.94
N LEU X 36 -0.07 -53.28 -26.84
CA LEU X 36 -1.09 -52.38 -26.29
C LEU X 36 -1.59 -51.45 -27.36
N ASP X 37 -2.90 -51.37 -27.54
CA ASP X 37 -3.41 -50.32 -28.41
C ASP X 37 -3.77 -49.05 -27.66
N LYS X 38 -4.02 -47.99 -28.43
CA LYS X 38 -4.11 -46.65 -27.87
C LYS X 38 -5.11 -46.61 -26.72
N GLY X 39 -4.67 -46.12 -25.56
CA GLY X 39 -5.54 -45.97 -24.43
C GLY X 39 -5.58 -47.14 -23.45
N GLU X 40 -5.03 -48.28 -23.86
CA GLU X 40 -4.95 -49.45 -22.98
C GLU X 40 -3.85 -49.24 -21.94
N VAL X 41 -4.08 -49.83 -20.76
CA VAL X 41 -3.12 -49.71 -19.68
C VAL X 41 -2.65 -51.07 -19.19
N LEU X 42 -1.33 -51.26 -19.17
CA LEU X 42 -0.72 -52.43 -18.55
C LEU X 42 0.01 -52.07 -17.22
N ILE X 43 -0.29 -52.81 -16.17
CA ILE X 43 0.43 -52.71 -14.89
C ILE X 43 1.18 -54.02 -14.69
N ALA X 44 2.50 -53.97 -14.82
CA ALA X 44 3.36 -55.13 -14.92
C ALA X 44 4.41 -55.12 -13.82
N GLN X 45 4.50 -56.22 -13.06
CA GLN X 45 5.55 -56.43 -12.03
C GLN X 45 6.88 -56.88 -12.63
N PHE X 46 7.95 -56.69 -11.85
CA PHE X 46 9.18 -57.48 -11.99
C PHE X 46 8.91 -58.79 -11.29
N THR X 47 9.45 -59.89 -11.82
CA THR X 47 9.01 -61.21 -11.39
C THR X 47 10.18 -62.16 -11.42
N GLU X 48 9.97 -63.38 -10.94
CA GLU X 48 10.97 -64.45 -11.08
C GLU X 48 11.51 -64.59 -12.51
N HIS X 49 10.64 -64.39 -13.51
CA HIS X 49 11.02 -64.58 -14.91
C HIS X 49 11.37 -63.28 -15.66
N THR X 50 10.93 -62.14 -15.14
CA THR X 50 11.18 -60.83 -15.77
C THR X 50 11.97 -59.91 -14.84
N SER X 51 13.18 -59.57 -15.26
CA SER X 51 14.05 -58.68 -14.50
C SER X 51 14.35 -57.34 -15.20
N ALA X 52 13.84 -57.17 -16.41
CA ALA X 52 13.92 -55.88 -17.09
C ALA X 52 12.76 -55.79 -18.08
N ILE X 53 12.27 -54.60 -18.34
CA ILE X 53 11.10 -54.40 -19.18
C ILE X 53 11.44 -53.29 -20.15
N LYS X 54 11.16 -53.50 -21.42
CA LYS X 54 11.41 -52.48 -22.40
C LYS X 54 10.10 -52.06 -23.03
N VAL X 55 9.95 -50.75 -23.26
CA VAL X 55 8.76 -50.20 -23.88
C VAL X 55 9.17 -49.57 -25.20
N ARG X 56 8.50 -50.01 -26.26
CA ARG X 56 8.73 -49.56 -27.64
C ARG X 56 7.43 -48.92 -28.16
N GLY X 57 7.49 -47.68 -28.65
CA GLY X 57 6.30 -46.95 -29.05
C GLY X 57 5.88 -45.85 -28.09
N LYS X 58 4.96 -44.99 -28.52
CA LYS X 58 4.57 -43.84 -27.67
C LYS X 58 3.69 -44.22 -26.48
N ALA X 59 4.20 -44.02 -25.26
CA ALA X 59 3.49 -44.44 -24.05
C ALA X 59 3.81 -43.51 -22.89
N TYR X 60 2.87 -43.39 -21.95
CA TYR X 60 3.05 -42.67 -20.67
C TYR X 60 3.35 -43.74 -19.65
N ILE X 61 4.48 -43.59 -18.95
CA ILE X 61 4.98 -44.64 -18.02
C ILE X 61 5.12 -44.10 -16.60
N GLN X 62 4.58 -44.81 -15.61
CA GLN X 62 4.81 -44.44 -14.21
C GLN X 62 5.58 -45.54 -13.48
N THR X 63 6.65 -45.15 -12.82
CA THR X 63 7.32 -46.03 -11.86
C THR X 63 7.48 -45.35 -10.52
N ARG X 64 8.11 -46.05 -9.59
CA ARG X 64 8.43 -45.49 -8.30
C ARG X 64 9.26 -44.18 -8.40
N HIS X 65 9.99 -44.03 -9.52
CA HIS X 65 10.88 -42.87 -9.72
C HIS X 65 10.24 -41.70 -10.43
N GLY X 66 8.98 -41.84 -10.82
CA GLY X 66 8.24 -40.76 -11.42
C GLY X 66 7.69 -41.14 -12.78
N VAL X 67 7.32 -40.14 -13.57
CA VAL X 67 6.85 -40.45 -14.91
C VAL X 67 7.98 -40.31 -15.91
N ILE X 68 7.92 -41.14 -16.94
CA ILE X 68 8.79 -41.03 -18.09
C ILE X 68 7.91 -41.34 -19.30
N GLU X 69 8.29 -40.82 -20.47
CA GLU X 69 7.48 -41.07 -21.65
C GLU X 69 8.33 -41.73 -22.73
N SER X 70 7.87 -42.87 -23.26
CA SER X 70 8.54 -43.42 -24.44
C SER X 70 7.95 -42.72 -25.66
N GLU X 71 8.78 -42.58 -26.70
CA GLU X 71 8.39 -41.90 -27.91
C GLU X 71 8.50 -42.89 -29.06
N GLY X 72 7.57 -42.74 -30.01
CA GLY X 72 7.42 -43.68 -31.13
C GLY X 72 8.61 -43.59 -32.04
N THR Y 3 -0.13 -62.43 0.39
CA THR Y 3 -1.39 -61.68 0.69
C THR Y 3 -1.18 -60.16 0.87
N ASN Y 4 0.09 -59.73 0.94
CA ASN Y 4 0.49 -58.34 1.20
C ASN Y 4 0.90 -57.51 -0.05
N SER Y 5 0.97 -58.16 -1.21
CA SER Y 5 1.38 -57.53 -2.46
C SER Y 5 0.66 -56.21 -2.75
N ASP Y 6 1.20 -55.44 -3.69
CA ASP Y 6 0.53 -54.26 -4.22
C ASP Y 6 -0.84 -54.58 -4.83
N PHE Y 7 -1.70 -53.57 -4.93
CA PHE Y 7 -3.01 -53.73 -5.52
C PHE Y 7 -3.34 -52.50 -6.35
N VAL Y 8 -4.30 -52.65 -7.26
CA VAL Y 8 -4.72 -51.60 -8.19
C VAL Y 8 -6.22 -51.32 -7.95
N VAL Y 9 -6.61 -50.05 -8.01
CA VAL Y 9 -8.02 -49.69 -7.98
C VAL Y 9 -8.48 -49.34 -9.40
N ILE Y 10 -9.59 -49.94 -9.84
CA ILE Y 10 -10.15 -49.68 -11.20
C ILE Y 10 -11.62 -49.33 -11.06
N LYS Y 11 -11.97 -48.12 -11.49
CA LYS Y 11 -13.36 -47.74 -11.51
C LYS Y 11 -13.79 -47.66 -12.97
N ALA Y 12 -14.78 -48.47 -13.37
CA ALA Y 12 -15.26 -48.43 -14.77
C ALA Y 12 -16.02 -47.13 -15.07
N LEU Y 13 -15.64 -46.44 -16.15
CA LEU Y 13 -16.30 -45.18 -16.54
C LEU Y 13 -17.29 -45.36 -17.69
N GLU Y 14 -17.38 -46.61 -18.16
CA GLU Y 14 -18.38 -47.05 -19.13
C GLU Y 14 -18.65 -48.51 -18.90
N ASP Y 15 -19.70 -49.02 -19.59
CA ASP Y 15 -20.01 -50.43 -19.56
C ASP Y 15 -18.95 -51.26 -20.28
N GLY Y 16 -18.72 -52.47 -19.76
CA GLY Y 16 -17.95 -53.49 -20.45
C GLY Y 16 -16.45 -53.26 -20.46
N VAL Y 17 -15.93 -52.60 -19.42
CA VAL Y 17 -14.49 -52.51 -19.19
C VAL Y 17 -14.04 -53.94 -18.81
N ASN Y 18 -12.87 -54.34 -19.30
CA ASN Y 18 -12.29 -55.62 -18.92
C ASN Y 18 -11.02 -55.41 -18.11
N VAL Y 19 -10.96 -56.03 -16.94
CA VAL Y 19 -9.72 -56.07 -16.18
C VAL Y 19 -9.16 -57.49 -16.35
N ILE Y 20 -8.01 -57.58 -17.02
CA ILE Y 20 -7.45 -58.86 -17.46
C ILE Y 20 -6.22 -59.28 -16.62
N GLY Y 21 -6.25 -60.49 -16.05
CA GLY Y 21 -5.07 -60.99 -15.35
C GLY Y 21 -4.15 -61.80 -16.25
N LEU Y 22 -2.87 -61.49 -16.26
CA LEU Y 22 -1.89 -62.26 -17.01
C LEU Y 22 -1.16 -63.21 -16.06
N THR Y 23 -0.88 -64.43 -16.53
CA THR Y 23 -0.27 -65.47 -15.70
C THR Y 23 1.15 -65.11 -15.26
N ARG Y 24 1.40 -65.27 -13.96
CA ARG Y 24 2.77 -65.29 -13.44
C ARG Y 24 3.48 -66.52 -13.99
N GLY Y 25 4.76 -66.40 -14.33
CA GLY Y 25 5.53 -67.55 -14.75
C GLY Y 25 6.26 -67.39 -16.06
N ALA Y 26 6.80 -68.49 -16.54
CA ALA Y 26 7.55 -68.54 -17.79
C ALA Y 26 6.60 -68.29 -18.96
N ASP Y 27 5.33 -68.65 -18.74
CA ASP Y 27 4.23 -68.50 -19.69
C ASP Y 27 3.45 -67.21 -19.43
N THR Y 28 3.10 -66.48 -20.47
CA THR Y 28 2.30 -65.27 -20.32
C THR Y 28 1.01 -65.34 -21.15
N ARG Y 29 -0.13 -65.51 -20.47
CA ARG Y 29 -1.42 -65.52 -21.16
C ARG Y 29 -2.52 -65.03 -20.24
N PHE Y 30 -3.68 -64.70 -20.80
CA PHE Y 30 -4.78 -64.21 -19.98
C PHE Y 30 -5.45 -65.40 -19.28
N HIS Y 31 -5.56 -65.36 -17.97
CA HIS Y 31 -6.19 -66.46 -17.23
C HIS Y 31 -7.60 -66.07 -16.81
N HIS Y 32 -7.88 -64.76 -16.84
CA HIS Y 32 -9.18 -64.24 -16.43
C HIS Y 32 -9.45 -62.82 -16.90
N SER Y 33 -10.66 -62.58 -17.39
CA SER Y 33 -11.06 -61.23 -17.73
C SER Y 33 -12.30 -60.87 -16.90
N GLU Y 34 -12.15 -59.93 -15.97
CA GLU Y 34 -13.26 -59.52 -15.14
C GLU Y 34 -13.95 -58.30 -15.79
N LYS Y 35 -15.23 -58.46 -16.14
CA LYS Y 35 -15.99 -57.40 -16.77
C LYS Y 35 -16.61 -56.48 -15.72
N LEU Y 36 -16.39 -55.19 -15.92
CA LEU Y 36 -16.91 -54.15 -15.04
C LEU Y 36 -17.84 -53.24 -15.82
N ASP Y 37 -18.99 -52.97 -15.22
CA ASP Y 37 -19.92 -52.02 -15.83
C ASP Y 37 -19.79 -50.65 -15.17
N LYS Y 38 -20.38 -49.65 -15.80
CA LYS Y 38 -20.11 -48.26 -15.48
C LYS Y 38 -20.34 -48.01 -14.00
N GLY Y 39 -19.35 -47.39 -13.37
CA GLY Y 39 -19.44 -47.04 -11.96
C GLY Y 39 -18.97 -48.09 -10.98
N GLU Y 40 -18.79 -49.35 -11.41
CA GLU Y 40 -18.28 -50.41 -10.51
C GLU Y 40 -16.79 -50.21 -10.20
N VAL Y 41 -16.38 -50.66 -9.02
CA VAL Y 41 -15.00 -50.52 -8.60
C VAL Y 41 -14.40 -51.91 -8.33
N LEU Y 42 -13.28 -52.20 -8.96
CA LEU Y 42 -12.53 -53.43 -8.66
C LEU Y 42 -11.23 -53.06 -7.96
N ILE Y 43 -10.95 -53.75 -6.86
CA ILE Y 43 -9.67 -53.58 -6.18
C ILE Y 43 -8.96 -54.93 -6.22
N ALA Y 44 -7.88 -55.00 -7.00
CA ALA Y 44 -7.27 -56.28 -7.37
C ALA Y 44 -5.79 -56.26 -7.02
N GLN Y 45 -5.34 -57.31 -6.33
CA GLN Y 45 -3.93 -57.50 -5.94
C GLN Y 45 -3.16 -58.16 -7.06
N PHE Y 46 -1.84 -57.98 -7.07
CA PHE Y 46 -0.95 -58.95 -7.71
C PHE Y 46 -0.83 -60.16 -6.79
N THR Y 47 -0.80 -61.35 -7.38
CA THR Y 47 -0.90 -62.59 -6.61
C THR Y 47 0.05 -63.65 -7.15
N GLU Y 48 0.09 -64.81 -6.49
CA GLU Y 48 0.80 -65.99 -7.02
C GLU Y 48 0.44 -66.29 -8.50
N HIS Y 49 -0.81 -66.06 -8.87
CA HIS Y 49 -1.27 -66.37 -10.22
C HIS Y 49 -1.24 -65.21 -11.24
N THR Y 50 -1.24 -63.96 -10.74
CA THR Y 50 -1.35 -62.76 -11.59
C THR Y 50 -0.17 -61.79 -11.32
N SER Y 51 0.70 -61.63 -12.33
CA SER Y 51 1.86 -60.76 -12.20
C SER Y 51 1.81 -59.54 -13.12
N ALA Y 52 0.73 -59.43 -13.88
CA ALA Y 52 0.46 -58.19 -14.63
C ALA Y 52 -1.03 -58.11 -14.91
N ILE Y 53 -1.53 -56.89 -15.05
CA ILE Y 53 -2.94 -56.62 -15.20
C ILE Y 53 -3.12 -55.68 -16.37
N LYS Y 54 -4.01 -56.04 -17.29
CA LYS Y 54 -4.36 -55.15 -18.41
C LYS Y 54 -5.78 -54.63 -18.28
N VAL Y 55 -5.96 -53.34 -18.57
CA VAL Y 55 -7.27 -52.69 -18.52
C VAL Y 55 -7.67 -52.20 -19.91
N ARG Y 56 -8.85 -52.64 -20.34
CA ARG Y 56 -9.35 -52.36 -21.67
C ARG Y 56 -10.72 -51.72 -21.53
N GLY Y 57 -10.88 -50.52 -22.09
CA GLY Y 57 -12.09 -49.73 -21.92
C GLY Y 57 -11.80 -48.53 -21.05
N LYS Y 58 -12.80 -47.66 -20.89
CA LYS Y 58 -12.61 -46.42 -20.17
C LYS Y 58 -12.75 -46.58 -18.65
N ALA Y 59 -11.64 -46.30 -17.94
CA ALA Y 59 -11.62 -46.45 -16.50
C ALA Y 59 -10.66 -45.49 -15.81
N TYR Y 60 -10.93 -45.27 -14.53
CA TYR Y 60 -10.10 -44.44 -13.68
C TYR Y 60 -9.32 -45.42 -12.80
N ILE Y 61 -8.00 -45.32 -12.85
CA ILE Y 61 -7.13 -46.31 -12.18
C ILE Y 61 -6.22 -45.63 -11.11
N GLN Y 62 -6.13 -46.22 -9.94
CA GLN Y 62 -5.23 -45.71 -8.91
C GLN Y 62 -4.24 -46.81 -8.56
N THR Y 63 -2.95 -46.45 -8.52
CA THR Y 63 -1.96 -47.36 -7.96
C THR Y 63 -1.06 -46.59 -7.02
N ARG Y 64 -0.05 -47.28 -6.49
CA ARG Y 64 0.99 -46.67 -5.66
C ARG Y 64 1.63 -45.46 -6.36
N HIS Y 65 1.71 -45.51 -7.70
CA HIS Y 65 2.40 -44.45 -8.43
C HIS Y 65 1.49 -43.30 -8.81
N GLY Y 66 0.22 -43.37 -8.45
CA GLY Y 66 -0.70 -42.29 -8.70
C GLY Y 66 -1.90 -42.71 -9.53
N VAL Y 67 -2.58 -41.71 -10.10
CA VAL Y 67 -3.75 -41.90 -10.95
C VAL Y 67 -3.32 -42.07 -12.42
N ILE Y 68 -4.02 -42.93 -13.15
CA ILE Y 68 -3.90 -43.07 -14.61
C ILE Y 68 -5.30 -43.43 -15.17
N GLU Y 69 -5.58 -43.10 -16.42
CA GLU Y 69 -6.89 -43.36 -17.01
C GLU Y 69 -6.75 -44.16 -18.29
N SER Y 70 -7.53 -45.22 -18.42
CA SER Y 70 -7.52 -45.99 -19.65
C SER Y 70 -8.63 -45.42 -20.52
N GLU Y 71 -8.42 -45.46 -21.81
CA GLU Y 71 -9.41 -44.98 -22.75
C GLU Y 71 -9.75 -46.12 -23.73
N GLY Y 72 -11.03 -46.22 -24.08
CA GLY Y 72 -11.53 -47.28 -24.94
C GLY Y 72 -11.42 -46.99 -26.42
N LYS Y 73 -11.80 -47.99 -27.23
CA LYS Y 73 -11.96 -47.88 -28.70
C LYS Y 73 -10.76 -48.44 -29.48
N THR Z 3 -1.89 -61.75 8.23
CA THR Z 3 -2.88 -60.93 9.01
C THR Z 3 -2.60 -59.42 8.94
N ASN Z 4 -1.42 -59.05 8.43
CA ASN Z 4 -1.02 -57.64 8.21
C ASN Z 4 -1.22 -57.10 6.77
N SER Z 5 -2.05 -57.77 5.97
CA SER Z 5 -2.35 -57.36 4.59
C SER Z 5 -3.06 -56.00 4.51
N ASP Z 6 -3.08 -55.39 3.33
CA ASP Z 6 -3.89 -54.19 3.02
C ASP Z 6 -5.39 -54.44 3.27
N PHE Z 7 -6.14 -53.35 3.48
CA PHE Z 7 -7.58 -53.42 3.72
C PHE Z 7 -8.31 -52.31 2.99
N VAL Z 8 -9.61 -52.49 2.74
CA VAL Z 8 -10.42 -51.43 2.11
C VAL Z 8 -11.57 -51.04 3.04
N VAL Z 9 -11.93 -49.75 2.99
CA VAL Z 9 -13.08 -49.25 3.77
C VAL Z 9 -14.19 -48.95 2.78
N ILE Z 10 -15.39 -49.44 3.05
CA ILE Z 10 -16.52 -49.23 2.14
C ILE Z 10 -17.70 -48.69 2.96
N LYS Z 11 -18.13 -47.46 2.67
CA LYS Z 11 -19.36 -46.93 3.32
C LYS Z 11 -20.45 -46.91 2.27
N ALA Z 12 -21.58 -47.56 2.58
CA ALA Z 12 -22.70 -47.65 1.64
C ALA Z 12 -23.45 -46.32 1.60
N LEU Z 13 -23.68 -45.78 0.40
CA LEU Z 13 -24.39 -44.51 0.23
C LEU Z 13 -25.86 -44.74 -0.13
N GLU Z 14 -26.23 -46.01 -0.22
CA GLU Z 14 -27.61 -46.43 -0.50
C GLU Z 14 -27.76 -47.87 -0.01
N ASP Z 15 -29.00 -48.32 0.14
CA ASP Z 15 -29.31 -49.70 0.56
C ASP Z 15 -28.86 -50.67 -0.52
N GLY Z 16 -28.43 -51.86 -0.11
CA GLY Z 16 -28.15 -52.96 -1.02
C GLY Z 16 -26.85 -52.89 -1.82
N VAL Z 17 -25.91 -52.12 -1.32
CA VAL Z 17 -24.56 -52.13 -1.87
C VAL Z 17 -24.02 -53.55 -1.65
N ASN Z 18 -23.32 -54.05 -2.65
CA ASN Z 18 -22.74 -55.38 -2.66
C ASN Z 18 -21.20 -55.32 -2.66
N VAL Z 19 -20.57 -55.83 -1.59
CA VAL Z 19 -19.12 -55.97 -1.54
C VAL Z 19 -18.83 -57.44 -1.80
N ILE Z 20 -18.09 -57.69 -2.86
CA ILE Z 20 -17.98 -59.01 -3.49
C ILE Z 20 -16.51 -59.43 -3.35
N GLY Z 21 -16.25 -60.54 -2.66
CA GLY Z 21 -14.90 -61.08 -2.59
C GLY Z 21 -14.66 -62.12 -3.67
N LEU Z 22 -13.58 -61.94 -4.42
CA LEU Z 22 -13.15 -62.89 -5.46
C LEU Z 22 -12.06 -63.85 -4.96
N THR Z 23 -12.10 -65.10 -5.39
CA THR Z 23 -11.21 -66.15 -4.89
C THR Z 23 -9.76 -65.92 -5.28
N ARG Z 24 -8.86 -66.00 -4.30
CA ARG Z 24 -7.44 -66.15 -4.60
C ARG Z 24 -7.16 -67.50 -5.29
N GLY Z 25 -6.22 -67.52 -6.24
CA GLY Z 25 -5.78 -68.76 -6.85
C GLY Z 25 -5.88 -68.78 -8.37
N ALA Z 26 -5.72 -69.96 -8.97
CA ALA Z 26 -5.79 -70.10 -10.44
C ALA Z 26 -7.23 -69.84 -10.95
N ASP Z 27 -8.22 -70.07 -10.08
CA ASP Z 27 -9.65 -69.86 -10.38
C ASP Z 27 -10.11 -68.50 -9.89
N THR Z 28 -10.93 -67.81 -10.69
CA THR Z 28 -11.50 -66.53 -10.24
C THR Z 28 -13.02 -66.52 -10.30
N ARG Z 29 -13.65 -66.50 -9.13
CA ARG Z 29 -15.11 -66.45 -9.02
C ARG Z 29 -15.42 -65.81 -7.69
N PHE Z 30 -16.65 -65.36 -7.50
CA PHE Z 30 -16.94 -64.78 -6.21
C PHE Z 30 -17.26 -65.88 -5.20
N HIS Z 31 -16.75 -65.71 -3.99
CA HIS Z 31 -17.03 -66.69 -2.94
C HIS Z 31 -17.93 -66.12 -1.83
N HIS Z 32 -18.06 -64.80 -1.79
CA HIS Z 32 -18.91 -64.18 -0.79
C HIS Z 32 -19.38 -62.82 -1.31
N SER Z 33 -20.63 -62.48 -1.02
CA SER Z 33 -21.10 -61.13 -1.28
C SER Z 33 -21.72 -60.57 0.01
N GLU Z 34 -21.15 -59.50 0.54
CA GLU Z 34 -21.67 -58.93 1.76
C GLU Z 34 -22.48 -57.71 1.37
N LYS Z 35 -23.76 -57.71 1.75
CA LYS Z 35 -24.63 -56.58 1.47
C LYS Z 35 -24.65 -55.57 2.60
N LEU Z 36 -24.57 -54.30 2.22
CA LEU Z 36 -24.63 -53.18 3.15
C LEU Z 36 -25.82 -52.27 2.89
N ASP Z 37 -26.50 -51.92 3.97
CA ASP Z 37 -27.53 -50.89 3.96
C ASP Z 37 -26.95 -49.50 4.11
N LYS Z 38 -27.76 -48.52 3.72
CA LYS Z 38 -27.32 -47.12 3.71
C LYS Z 38 -26.66 -46.70 5.03
N GLY Z 39 -25.41 -46.23 4.94
CA GLY Z 39 -24.69 -45.73 6.10
C GLY Z 39 -23.84 -46.75 6.86
N GLU Z 40 -23.97 -48.04 6.53
CA GLU Z 40 -23.12 -49.08 7.12
C GLU Z 40 -21.72 -49.04 6.51
N VAL Z 41 -20.72 -49.42 7.30
CA VAL Z 41 -19.32 -49.42 6.89
C VAL Z 41 -18.76 -50.84 6.98
N LEU Z 42 -18.06 -51.28 5.94
CA LEU Z 42 -17.34 -52.54 6.01
C LEU Z 42 -15.87 -52.21 5.85
N ILE Z 43 -15.02 -52.78 6.71
CA ILE Z 43 -13.56 -52.64 6.59
C ILE Z 43 -13.07 -54.08 6.38
N ALA Z 44 -12.51 -54.32 5.19
CA ALA Z 44 -12.29 -55.66 4.68
C ALA Z 44 -10.88 -55.83 4.12
N GLN Z 45 -10.19 -56.86 4.60
CA GLN Z 45 -8.81 -57.15 4.24
C GLN Z 45 -8.75 -58.00 2.99
N PHE Z 46 -7.62 -57.91 2.29
CA PHE Z 46 -7.20 -59.00 1.38
C PHE Z 46 -6.70 -60.16 2.27
N THR Z 47 -6.98 -61.39 1.87
CA THR Z 47 -6.72 -62.55 2.72
C THR Z 47 -6.23 -63.73 1.87
N GLU Z 48 -5.88 -64.86 2.53
CA GLU Z 48 -5.61 -66.14 1.83
C GLU Z 48 -6.73 -66.52 0.84
N HIS Z 49 -7.97 -66.17 1.17
CA HIS Z 49 -9.11 -66.52 0.29
C HIS Z 49 -9.60 -65.44 -0.68
N THR Z 50 -9.33 -64.17 -0.38
CA THR Z 50 -9.81 -63.02 -1.19
C THR Z 50 -8.62 -62.23 -1.68
N SER Z 51 -8.43 -62.20 -3.00
CA SER Z 51 -7.32 -61.45 -3.61
C SER Z 51 -7.82 -60.32 -4.52
N ALA Z 52 -9.15 -60.13 -4.60
CA ALA Z 52 -9.73 -58.98 -5.33
C ALA Z 52 -11.14 -58.72 -4.77
N ILE Z 53 -11.56 -57.46 -4.73
CA ILE Z 53 -12.85 -57.11 -4.11
C ILE Z 53 -13.61 -56.21 -5.06
N LYS Z 54 -14.86 -56.53 -5.33
CA LYS Z 54 -15.65 -55.71 -6.24
C LYS Z 54 -16.75 -55.02 -5.47
N VAL Z 55 -16.99 -53.74 -5.77
CA VAL Z 55 -18.07 -53.01 -5.13
C VAL Z 55 -19.12 -52.60 -6.18
N ARG Z 56 -20.37 -52.97 -5.91
CA ARG Z 56 -21.51 -52.67 -6.77
C ARG Z 56 -22.53 -51.88 -5.97
N GLY Z 57 -23.01 -50.77 -6.53
CA GLY Z 57 -23.88 -49.88 -5.78
C GLY Z 57 -23.14 -48.62 -5.39
N LYS Z 58 -23.87 -47.63 -4.91
CA LYS Z 58 -23.28 -46.34 -4.56
C LYS Z 58 -22.55 -46.43 -3.19
N ALA Z 59 -21.22 -46.26 -3.20
CA ALA Z 59 -20.40 -46.36 -1.98
C ALA Z 59 -19.21 -45.40 -2.02
N TYR Z 60 -18.77 -45.00 -0.82
CA TYR Z 60 -17.58 -44.15 -0.63
C TYR Z 60 -16.50 -45.11 -0.16
N ILE Z 61 -15.40 -45.16 -0.89
CA ILE Z 61 -14.37 -46.15 -0.64
C ILE Z 61 -13.02 -45.48 -0.29
N GLN Z 62 -12.33 -45.97 0.74
CA GLN Z 62 -10.94 -45.50 1.01
C GLN Z 62 -10.01 -46.70 0.95
N THR Z 63 -8.92 -46.54 0.20
CA THR Z 63 -7.82 -47.50 0.26
C THR Z 63 -6.51 -46.76 0.54
N ARG Z 64 -5.39 -47.48 0.55
CA ARG Z 64 -4.10 -46.84 0.76
C ARG Z 64 -3.88 -45.79 -0.36
N HIS Z 65 -4.59 -45.90 -1.49
CA HIS Z 65 -4.32 -45.00 -2.64
C HIS Z 65 -5.17 -43.76 -2.68
N GLY Z 66 -6.03 -43.59 -1.68
CA GLY Z 66 -6.92 -42.45 -1.66
C GLY Z 66 -8.39 -42.85 -1.65
N VAL Z 67 -9.23 -41.87 -1.90
CA VAL Z 67 -10.67 -42.08 -1.94
C VAL Z 67 -11.07 -42.43 -3.40
N ILE Z 68 -12.07 -43.31 -3.51
CA ILE Z 68 -12.75 -43.56 -4.78
C ILE Z 68 -14.24 -43.81 -4.47
N GLU Z 69 -15.10 -43.57 -5.45
CA GLU Z 69 -16.52 -43.74 -5.19
C GLU Z 69 -17.10 -44.65 -6.24
N SER Z 70 -17.87 -45.66 -5.79
CA SER Z 70 -18.59 -46.47 -6.75
C SER Z 70 -19.98 -45.88 -6.98
N GLU Z 71 -20.52 -46.14 -8.17
CA GLU Z 71 -21.86 -45.65 -8.52
C GLU Z 71 -22.67 -46.85 -9.07
N GLY Z 72 -23.92 -46.99 -8.63
CA GLY Z 72 -24.78 -48.10 -9.06
C GLY Z 72 -25.22 -48.00 -10.52
N THR AA 3 2.44 -59.91 16.82
CA THR AA 3 0.95 -59.64 16.88
C THR AA 3 0.60 -58.19 16.39
N ASN AA 4 1.17 -57.78 15.24
CA ASN AA 4 1.22 -56.36 14.82
C ASN AA 4 0.38 -55.95 13.57
N SER AA 5 -0.85 -56.43 13.49
CA SER AA 5 -1.76 -56.14 12.36
C SER AA 5 -2.38 -54.74 12.46
N ASP AA 6 -3.14 -54.32 11.45
CA ASP AA 6 -3.91 -53.06 11.51
C ASP AA 6 -5.03 -53.16 12.52
N PHE AA 7 -5.48 -52.00 12.99
CA PHE AA 7 -6.60 -51.90 13.91
C PHE AA 7 -7.53 -50.78 13.45
N VAL AA 8 -8.74 -50.79 13.96
CA VAL AA 8 -9.72 -49.75 13.68
C VAL AA 8 -10.19 -49.18 15.02
N VAL AA 9 -10.41 -47.87 15.06
CA VAL AA 9 -10.94 -47.23 16.23
C VAL AA 9 -12.40 -46.91 15.92
N ILE AA 10 -13.30 -47.30 16.81
CA ILE AA 10 -14.73 -46.98 16.68
C ILE AA 10 -15.27 -46.29 17.92
N LYS AA 11 -15.81 -45.08 17.71
CA LYS AA 11 -16.50 -44.36 18.77
C LYS AA 11 -18.00 -44.32 18.49
N ALA AA 12 -18.81 -44.90 19.38
CA ALA AA 12 -20.27 -44.90 19.24
C ALA AA 12 -20.77 -43.47 19.37
N LEU AA 13 -21.63 -43.03 18.44
CA LEU AA 13 -22.20 -41.68 18.53
C LEU AA 13 -23.70 -41.74 18.91
N GLU AA 14 -24.18 -42.96 19.15
CA GLU AA 14 -25.53 -43.24 19.68
C GLU AA 14 -25.46 -44.61 20.34
N ASP AA 15 -26.48 -44.96 21.14
CA ASP AA 15 -26.54 -46.25 21.78
C ASP AA 15 -26.77 -47.35 20.75
N GLY AA 16 -26.27 -48.56 21.03
CA GLY AA 16 -26.64 -49.74 20.29
C GLY AA 16 -25.85 -49.97 19.01
N VAL AA 17 -24.74 -49.26 18.85
CA VAL AA 17 -23.84 -49.50 17.73
C VAL AA 17 -23.33 -50.94 17.80
N ASN AA 18 -23.24 -51.61 16.66
CA ASN AA 18 -22.66 -52.96 16.65
C ASN AA 18 -21.38 -52.99 15.85
N VAL AA 19 -20.32 -53.51 16.45
CA VAL AA 19 -19.11 -53.82 15.73
C VAL AA 19 -19.04 -55.32 15.55
N ILE AA 20 -19.14 -55.76 14.30
CA ILE AA 20 -19.31 -57.16 13.97
C ILE AA 20 -18.05 -57.72 13.28
N GLY AA 21 -17.56 -58.84 13.79
CA GLY AA 21 -16.42 -59.49 13.18
C GLY AA 21 -16.85 -60.57 12.22
N LEU AA 22 -16.30 -60.56 11.02
CA LEU AA 22 -16.55 -61.65 10.07
C LEU AA 22 -15.39 -62.63 10.08
N THR AA 23 -15.70 -63.92 10.00
CA THR AA 23 -14.65 -64.96 10.11
C THR AA 23 -13.64 -64.92 8.96
N ARG AA 24 -12.37 -65.12 9.32
CA ARG AA 24 -11.34 -65.38 8.31
C ARG AA 24 -11.48 -66.80 7.76
N GLY AA 25 -11.21 -66.97 6.46
CA GLY AA 25 -11.24 -68.30 5.89
C GLY AA 25 -12.14 -68.46 4.67
N ALA AA 26 -12.29 -69.70 4.22
CA ALA AA 26 -13.11 -70.02 3.05
C ALA AA 26 -14.57 -69.71 3.36
N ASP AA 27 -14.93 -69.84 4.64
CA ASP AA 27 -16.25 -69.49 5.17
C ASP AA 27 -16.34 -68.04 5.73
N THR AA 28 -17.42 -67.35 5.36
CA THR AA 28 -17.70 -66.00 5.83
C THR AA 28 -19.06 -65.94 6.56
N ARG AA 29 -18.99 -65.62 7.86
CA ARG AA 29 -20.18 -65.49 8.73
C ARG AA 29 -19.75 -64.57 9.86
N PHE AA 30 -20.72 -63.96 10.55
CA PHE AA 30 -20.45 -63.13 11.72
C PHE AA 30 -20.07 -64.06 12.89
N HIS AA 31 -18.96 -63.81 13.59
CA HIS AA 31 -18.66 -64.66 14.78
C HIS AA 31 -18.89 -63.94 16.12
N HIS AA 32 -18.95 -62.62 16.07
CA HIS AA 32 -19.13 -61.83 17.30
C HIS AA 32 -19.73 -60.47 16.92
N SER AA 33 -20.68 -59.99 17.71
CA SER AA 33 -21.18 -58.62 17.57
C SER AA 33 -20.94 -57.85 18.86
N GLU AA 34 -20.04 -56.88 18.85
CA GLU AA 34 -19.77 -56.13 20.08
C GLU AA 34 -20.65 -54.89 20.14
N LYS AA 35 -21.47 -54.75 21.17
CA LYS AA 35 -22.35 -53.60 21.24
C LYS AA 35 -21.71 -52.44 21.96
N LEU AA 36 -21.82 -51.27 21.35
CA LEU AA 36 -21.20 -50.07 21.90
C LEU AA 36 -22.25 -49.00 22.18
N ASP AA 37 -22.30 -48.50 23.40
CA ASP AA 37 -23.27 -47.45 23.71
C ASP AA 37 -22.66 -46.07 23.52
N LYS AA 38 -23.49 -45.03 23.52
CA LYS AA 38 -23.01 -43.68 23.18
C LYS AA 38 -21.73 -43.26 23.94
N GLY AA 39 -20.71 -42.85 23.19
CA GLY AA 39 -19.48 -42.35 23.77
C GLY AA 39 -18.41 -43.38 24.11
N GLU AA 40 -18.77 -44.66 24.05
CA GLU AA 40 -17.81 -45.77 24.24
C GLU AA 40 -16.92 -45.96 23.02
N VAL AA 41 -15.67 -46.36 23.25
CA VAL AA 41 -14.68 -46.52 22.18
C VAL AA 41 -14.17 -47.95 22.18
N LEU AA 42 -14.16 -48.54 20.98
CA LEU AA 42 -13.54 -49.83 20.77
C LEU AA 42 -12.37 -49.69 19.82
N ILE AA 43 -11.23 -50.27 20.17
CA ILE AA 43 -10.07 -50.33 19.26
C ILE AA 43 -9.82 -51.79 18.98
N ALA AA 44 -10.02 -52.19 17.72
CA ALA AA 44 -10.14 -53.61 17.38
C ALA AA 44 -9.21 -53.94 16.21
N GLN AA 45 -8.40 -54.99 16.39
CA GLN AA 45 -7.48 -55.45 15.35
C GLN AA 45 -8.15 -56.38 14.36
N PHE AA 46 -7.50 -56.52 13.21
CA PHE AA 46 -7.68 -57.72 12.39
C PHE AA 46 -6.79 -58.80 12.98
N THR AA 47 -7.30 -60.02 12.98
CA THR AA 47 -6.70 -61.12 13.73
C THR AA 47 -6.79 -62.42 12.92
N GLU AA 48 -6.22 -63.51 13.47
CA GLU AA 48 -6.39 -64.86 12.88
C GLU AA 48 -7.87 -65.21 12.65
N HIS AA 49 -8.73 -64.74 13.55
CA HIS AA 49 -10.15 -65.08 13.49
C HIS AA 49 -11.07 -64.04 12.83
N THR AA 50 -10.56 -62.80 12.65
CA THR AA 50 -11.34 -61.71 12.08
C THR AA 50 -10.65 -61.05 10.91
N SER AA 51 -11.22 -61.17 9.70
CA SER AA 51 -10.61 -60.59 8.50
C SER AA 51 -11.45 -59.48 7.84
N ALA AA 52 -12.63 -59.20 8.41
CA ALA AA 52 -13.43 -58.05 8.01
C ALA AA 52 -14.25 -57.62 9.20
N ILE AA 53 -14.54 -56.32 9.25
CA ILE AA 53 -15.29 -55.75 10.38
C ILE AA 53 -16.40 -54.88 9.81
N LYS AA 54 -17.63 -55.11 10.27
CA LYS AA 54 -18.79 -54.33 9.85
C LYS AA 54 -19.23 -53.43 10.98
N VAL AA 55 -19.54 -52.17 10.69
CA VAL AA 55 -20.05 -51.29 11.76
C VAL AA 55 -21.49 -50.89 11.38
N ARG AA 56 -22.44 -51.15 12.30
CA ARG AA 56 -23.85 -50.79 12.13
C ARG AA 56 -24.29 -49.77 13.21
N GLY AA 57 -24.91 -48.66 12.78
CA GLY AA 57 -25.30 -47.60 13.69
C GLY AA 57 -24.37 -46.39 13.57
N LYS AA 58 -24.71 -45.31 14.24
CA LYS AA 58 -23.95 -44.06 14.07
C LYS AA 58 -22.66 -44.10 14.90
N ALA AA 59 -21.53 -43.99 14.20
CA ALA AA 59 -20.20 -44.09 14.82
C ALA AA 59 -19.17 -43.24 14.06
N TYR AA 60 -18.12 -42.81 14.78
CA TYR AA 60 -16.95 -42.12 14.22
C TYR AA 60 -15.81 -43.14 14.18
N ILE AA 61 -15.23 -43.35 13.00
CA ILE AA 61 -14.29 -44.44 12.75
C ILE AA 61 -12.93 -43.90 12.26
N GLN AA 62 -11.85 -44.35 12.88
CA GLN AA 62 -10.52 -44.03 12.38
C GLN AA 62 -9.84 -45.29 11.91
N THR AA 63 -9.22 -45.20 10.73
CA THR AA 63 -8.30 -46.23 10.27
C THR AA 63 -7.04 -45.60 9.73
N ARG AA 64 -6.11 -46.44 9.33
CA ARG AA 64 -4.95 -45.95 8.66
C ARG AA 64 -5.32 -45.07 7.44
N HIS AA 65 -6.51 -45.27 6.88
CA HIS AA 65 -6.89 -44.50 5.67
C HIS AA 65 -7.47 -43.14 5.97
N GLY AA 66 -7.74 -42.88 7.24
CA GLY AA 66 -8.37 -41.62 7.62
C GLY AA 66 -9.66 -41.83 8.38
N VAL AA 67 -10.49 -40.79 8.43
CA VAL AA 67 -11.77 -40.86 9.15
C VAL AA 67 -12.89 -41.28 8.20
N ILE AA 68 -13.84 -42.05 8.70
CA ILE AA 68 -15.09 -42.35 7.97
C ILE AA 68 -16.17 -42.39 9.06
N GLU AA 69 -17.44 -42.15 8.70
CA GLU AA 69 -18.52 -42.23 9.68
C GLU AA 69 -19.58 -43.18 9.23
N SER AA 70 -20.04 -44.02 10.14
CA SER AA 70 -21.19 -44.84 9.81
C SER AA 70 -22.43 -44.07 10.23
N GLU AA 71 -23.56 -44.33 9.57
CA GLU AA 71 -24.79 -43.65 9.93
C GLU AA 71 -25.86 -44.72 10.20
N GLY AA 72 -26.64 -44.52 11.25
CA GLY AA 72 -27.83 -45.35 11.49
C GLY AA 72 -28.97 -45.05 10.53
N THR BA 3 6.60 -58.95 20.53
CA THR BA 3 6.66 -57.94 21.63
C THR BA 3 6.75 -56.48 21.10
N ASN BA 4 6.74 -56.35 19.75
CA ASN BA 4 6.60 -55.04 19.10
C ASN BA 4 5.30 -54.88 18.29
N SER BA 5 4.19 -54.74 19.01
CA SER BA 5 2.87 -54.48 18.42
C SER BA 5 2.45 -53.03 18.76
N ASP BA 6 1.32 -52.60 18.20
CA ASP BA 6 0.73 -51.29 18.48
C ASP BA 6 0.27 -51.13 19.93
N PHE BA 7 0.16 -49.90 20.38
CA PHE BA 7 -0.35 -49.63 21.72
C PHE BA 7 -1.32 -48.45 21.70
N VAL BA 8 -2.13 -48.38 22.75
CA VAL BA 8 -3.07 -47.29 22.91
C VAL BA 8 -2.68 -46.55 24.20
N VAL BA 9 -2.79 -45.22 24.21
CA VAL BA 9 -2.59 -44.41 25.41
C VAL BA 9 -3.98 -43.98 25.91
N ILE BA 10 -4.28 -44.21 27.18
CA ILE BA 10 -5.57 -43.78 27.76
C ILE BA 10 -5.34 -42.92 29.02
N LYS BA 11 -5.78 -41.66 28.96
CA LYS BA 11 -5.76 -40.79 30.14
C LYS BA 11 -7.17 -40.62 30.64
N ALA BA 12 -7.45 -41.13 31.84
CA ALA BA 12 -8.76 -40.97 32.49
C ALA BA 12 -9.06 -39.52 32.83
N LEU BA 13 -10.27 -39.06 32.45
CA LEU BA 13 -10.70 -37.67 32.64
C LEU BA 13 -11.72 -37.57 33.76
N GLU BA 14 -12.03 -38.72 34.35
CA GLU BA 14 -12.91 -38.82 35.48
C GLU BA 14 -12.56 -40.11 36.21
N ASP BA 15 -13.05 -40.27 37.42
CA ASP BA 15 -12.81 -41.49 38.17
C ASP BA 15 -13.55 -42.66 37.53
N GLY BA 16 -12.97 -43.85 37.63
CA GLY BA 16 -13.72 -45.09 37.36
C GLY BA 16 -13.79 -45.41 35.87
N VAL BA 17 -12.88 -44.83 35.11
CA VAL BA 17 -12.78 -45.16 33.69
C VAL BA 17 -12.35 -46.64 33.61
N ASN BA 18 -13.02 -47.42 32.75
CA ASN BA 18 -12.68 -48.85 32.61
C ASN BA 18 -12.04 -49.09 31.25
N VAL BA 19 -10.83 -49.65 31.27
CA VAL BA 19 -10.16 -50.11 30.04
C VAL BA 19 -10.19 -51.63 30.00
N ILE BA 20 -10.96 -52.15 29.05
CA ILE BA 20 -11.33 -53.56 29.02
C ILE BA 20 -10.65 -54.32 27.89
N GLY BA 21 -10.00 -55.42 28.22
CA GLY BA 21 -9.36 -56.25 27.22
C GLY BA 21 -10.25 -57.40 26.81
N LEU BA 22 -10.42 -57.55 25.51
CA LEU BA 22 -11.18 -58.65 24.92
C LEU BA 22 -10.20 -59.72 24.40
N THR BA 23 -10.56 -60.98 24.61
CA THR BA 23 -9.69 -62.11 24.29
C THR BA 23 -9.42 -62.29 22.81
N ARG BA 24 -8.17 -62.59 22.49
CA ARG BA 24 -7.82 -63.00 21.13
C ARG BA 24 -8.29 -64.44 20.93
N GLY BA 25 -8.68 -64.81 19.73
CA GLY BA 25 -9.09 -66.17 19.48
C GLY BA 25 -10.49 -66.32 18.92
N ALA BA 26 -10.97 -67.56 18.82
CA ALA BA 26 -12.29 -67.86 18.27
C ALA BA 26 -13.36 -67.26 19.17
N ASP BA 27 -13.09 -67.29 20.48
CA ASP BA 27 -13.95 -66.71 21.52
C ASP BA 27 -13.67 -65.24 21.74
N THR BA 28 -14.72 -64.46 21.96
CA THR BA 28 -14.59 -63.06 22.39
C THR BA 28 -15.32 -62.81 23.72
N ARG BA 29 -14.53 -62.53 24.76
CA ARG BA 29 -15.02 -62.26 26.11
C ARG BA 29 -14.05 -61.24 26.75
N PHE BA 30 -14.50 -60.53 27.78
CA PHE BA 30 -13.61 -59.62 28.48
C PHE BA 30 -12.79 -60.47 29.44
N HIS BA 31 -11.47 -60.30 29.43
CA HIS BA 31 -10.61 -61.07 30.33
C HIS BA 31 -9.99 -60.21 31.43
N HIS BA 32 -10.02 -58.89 31.27
CA HIS BA 32 -9.53 -57.99 32.30
C HIS BA 32 -10.12 -56.58 32.15
N SER BA 33 -10.46 -55.96 33.27
CA SER BA 33 -10.86 -54.55 33.27
C SER BA 33 -9.96 -53.77 34.25
N GLU BA 34 -9.25 -52.79 33.71
CA GLU BA 34 -8.30 -51.99 34.47
C GLU BA 34 -9.02 -50.67 34.74
N LYS BA 35 -9.27 -50.39 36.01
CA LYS BA 35 -9.97 -49.19 36.42
C LYS BA 35 -8.96 -48.07 36.66
N LEU BA 36 -9.26 -46.91 36.07
CA LEU BA 36 -8.42 -45.73 36.18
C LEU BA 36 -9.10 -44.59 36.93
N ASP BA 37 -8.36 -44.00 37.88
CA ASP BA 37 -8.82 -42.80 38.55
C ASP BA 37 -8.49 -41.61 37.67
N LYS BA 38 -9.22 -40.52 37.87
CA LYS BA 38 -8.99 -39.28 37.12
C LYS BA 38 -7.50 -38.91 37.17
N GLY BA 39 -6.97 -38.65 35.97
CA GLY BA 39 -5.62 -38.18 35.80
C GLY BA 39 -4.60 -39.28 35.54
N GLU BA 40 -4.97 -40.53 35.84
CA GLU BA 40 -4.10 -41.69 35.58
C GLU BA 40 -3.97 -42.02 34.09
N VAL BA 41 -2.77 -42.45 33.67
CA VAL BA 41 -2.53 -42.84 32.29
C VAL BA 41 -2.16 -44.31 32.21
N LEU BA 42 -2.84 -45.02 31.33
CA LEU BA 42 -2.48 -46.38 30.98
C LEU BA 42 -1.98 -46.45 29.54
N ILE BA 43 -0.83 -47.08 29.34
CA ILE BA 43 -0.35 -47.30 27.98
C ILE BA 43 -0.38 -48.79 27.76
N ALA BA 44 -1.23 -49.29 26.85
CA ALA BA 44 -1.56 -50.73 26.77
C ALA BA 44 -1.38 -51.25 25.35
N GLN BA 45 -0.63 -52.34 25.19
CA GLN BA 45 -0.37 -52.95 23.89
C GLN BA 45 -1.51 -53.91 23.52
N PHE BA 46 -1.65 -54.21 22.22
CA PHE BA 46 -2.29 -55.44 21.76
C PHE BA 46 -1.28 -56.59 21.90
N THR BA 47 -1.76 -57.77 22.30
CA THR BA 47 -0.88 -58.84 22.74
C THR BA 47 -1.41 -60.19 22.30
N GLU BA 48 -0.65 -61.24 22.63
CA GLU BA 48 -1.12 -62.59 22.39
C GLU BA 48 -2.55 -62.80 22.96
N HIS BA 49 -2.87 -62.13 24.05
CA HIS BA 49 -4.13 -62.38 24.76
C HIS BA 49 -5.24 -61.35 24.53
N THR BA 50 -4.86 -60.18 23.99
CA THR BA 50 -5.74 -59.01 23.84
C THR BA 50 -5.69 -58.52 22.39
N SER BA 51 -6.79 -58.74 21.65
CA SER BA 51 -6.89 -58.32 20.24
C SER BA 51 -7.86 -57.15 20.01
N ALA BA 52 -8.54 -56.74 21.08
CA ALA BA 52 -9.38 -55.54 21.01
C ALA BA 52 -9.52 -54.97 22.42
N ILE BA 53 -9.65 -53.65 22.52
CA ILE BA 53 -9.69 -52.94 23.79
C ILE BA 53 -10.92 -52.03 23.78
N LYS BA 54 -11.71 -52.08 24.85
CA LYS BA 54 -12.87 -51.23 25.00
C LYS BA 54 -12.60 -50.20 26.11
N VAL BA 55 -12.91 -48.92 25.85
CA VAL BA 55 -12.82 -47.87 26.88
C VAL BA 55 -14.22 -47.36 27.21
N ARG BA 56 -14.53 -47.40 28.51
CA ARG BA 56 -15.79 -46.90 29.04
C ARG BA 56 -15.50 -45.78 30.03
N GLY BA 57 -16.23 -44.66 29.91
CA GLY BA 57 -15.99 -43.51 30.77
C GLY BA 57 -15.29 -42.38 30.04
N LYS BA 58 -15.27 -41.21 30.66
CA LYS BA 58 -14.61 -40.07 30.04
C LYS BA 58 -13.07 -40.20 30.00
N ALA BA 59 -12.52 -40.36 28.80
CA ALA BA 59 -11.07 -40.40 28.62
C ALA BA 59 -10.53 -39.77 27.33
N TYR BA 60 -9.28 -39.36 27.40
CA TYR BA 60 -8.52 -38.85 26.26
C TYR BA 60 -7.64 -40.00 25.78
N ILE BA 61 -7.78 -40.34 24.51
CA ILE BA 61 -7.14 -41.52 23.91
C ILE BA 61 -6.27 -41.17 22.70
N GLN BA 62 -5.04 -41.67 22.67
CA GLN BA 62 -4.18 -41.51 21.51
C GLN BA 62 -3.81 -42.88 20.99
N THR BA 63 -3.90 -43.00 19.66
CA THR BA 63 -3.40 -44.15 18.88
C THR BA 63 -2.59 -43.69 17.69
N ARG BA 64 -2.04 -44.66 16.99
CA ARG BA 64 -1.38 -44.43 15.73
C ARG BA 64 -2.26 -43.57 14.78
N HIS BA 65 -3.59 -43.68 14.92
CA HIS BA 65 -4.50 -42.96 14.00
C HIS BA 65 -4.89 -41.57 14.45
N GLY BA 66 -4.48 -41.19 15.66
CA GLY BA 66 -4.68 -39.85 16.17
C GLY BA 66 -5.41 -39.89 17.48
N VAL BA 67 -6.05 -38.79 17.80
CA VAL BA 67 -6.69 -38.64 19.11
C VAL BA 67 -8.17 -38.96 18.99
N ILE BA 68 -8.74 -39.61 20.03
CA ILE BA 68 -10.19 -39.82 20.10
C ILE BA 68 -10.57 -39.72 21.57
N GLU BA 69 -11.82 -39.37 21.86
CA GLU BA 69 -12.23 -39.22 23.25
C GLU BA 69 -13.43 -40.09 23.55
N SER BA 70 -13.32 -40.89 24.60
CA SER BA 70 -14.49 -41.61 25.06
C SER BA 70 -15.24 -40.69 25.98
N GLU BA 71 -16.56 -40.89 26.06
CA GLU BA 71 -17.42 -40.01 26.81
C GLU BA 71 -18.31 -40.86 27.70
N GLY BA 72 -18.56 -40.37 28.90
CA GLY BA 72 -19.33 -41.13 29.88
C GLY BA 72 -20.81 -40.84 29.76
N THR CA 3 14.76 -57.44 20.80
CA THR CA 3 14.94 -56.32 21.80
C THR CA 3 14.61 -54.91 21.23
N ASN CA 4 13.69 -54.85 20.24
CA ASN CA 4 13.33 -53.61 19.50
C ASN CA 4 11.91 -53.00 19.71
N SER CA 5 11.22 -53.37 20.79
CA SER CA 5 9.89 -52.83 21.10
C SER CA 5 9.89 -51.30 21.27
N ASP CA 6 8.71 -50.69 21.22
CA ASP CA 6 8.62 -49.27 21.59
C ASP CA 6 8.82 -48.99 23.07
N PHE CA 7 8.99 -47.71 23.37
CA PHE CA 7 9.29 -47.28 24.73
C PHE CA 7 8.51 -46.01 25.05
N VAL CA 8 8.34 -45.76 26.35
CA VAL CA 8 7.71 -44.54 26.81
C VAL CA 8 8.71 -43.75 27.65
N VAL CA 9 8.60 -42.42 27.59
CA VAL CA 9 9.47 -41.53 28.37
C VAL CA 9 8.57 -40.96 29.47
N ILE CA 10 9.00 -41.01 30.73
CA ILE CA 10 8.19 -40.42 31.82
C ILE CA 10 9.09 -39.49 32.62
N LYS CA 11 8.73 -38.22 32.73
CA LYS CA 11 9.44 -37.30 33.60
C LYS CA 11 8.51 -36.98 34.76
N ALA CA 12 8.93 -37.32 35.98
CA ALA CA 12 8.17 -37.00 37.19
C ALA CA 12 8.15 -35.49 37.41
N LEU CA 13 6.96 -34.90 37.53
CA LEU CA 13 6.79 -33.46 37.82
C LEU CA 13 6.51 -33.20 39.34
N GLU CA 14 6.58 -34.27 40.13
CA GLU CA 14 6.40 -34.22 41.58
C GLU CA 14 7.04 -35.47 42.13
N ASP CA 15 7.30 -35.46 43.44
CA ASP CA 15 7.81 -36.63 44.13
C ASP CA 15 6.75 -37.73 44.16
N GLY CA 16 7.22 -38.98 44.18
CA GLY CA 16 6.36 -40.12 44.50
C GLY CA 16 5.51 -40.62 43.32
N VAL CA 17 5.89 -40.25 42.10
CA VAL CA 17 5.23 -40.73 40.89
C VAL CA 17 5.49 -42.24 40.79
N ASN CA 18 4.49 -43.02 40.41
CA ASN CA 18 4.70 -44.45 40.24
C ASN CA 18 4.56 -44.86 38.78
N VAL CA 19 5.56 -45.58 38.26
CA VAL CA 19 5.47 -46.18 36.93
C VAL CA 19 5.30 -47.68 37.13
N ILE CA 20 4.11 -48.18 36.80
CA ILE CA 20 3.69 -49.53 37.12
C ILE CA 20 3.70 -50.44 35.88
N GLY CA 21 4.39 -51.59 35.97
CA GLY CA 21 4.34 -52.57 34.88
C GLY CA 21 3.33 -53.69 35.12
N LEU CA 22 2.45 -53.91 34.15
CA LEU CA 22 1.45 -54.98 34.17
C LEU CA 22 1.96 -56.17 33.35
N THR CA 23 1.72 -57.35 33.87
CA THR CA 23 2.21 -58.61 33.32
C THR CA 23 1.63 -58.93 31.95
N ARG CA 24 2.53 -59.25 31.02
CA ARG CA 24 2.15 -59.93 29.80
C ARG CA 24 1.61 -61.32 30.08
N GLY CA 25 0.59 -61.71 29.30
CA GLY CA 25 0.04 -63.06 29.32
C GLY CA 25 -1.41 -63.10 29.70
N ALA CA 26 -1.88 -64.29 30.05
CA ALA CA 26 -3.28 -64.55 30.33
C ALA CA 26 -3.73 -63.81 31.58
N ASP CA 27 -2.77 -63.60 32.48
CA ASP CA 27 -3.00 -62.97 33.76
C ASP CA 27 -2.59 -61.50 33.70
N THR CA 28 -3.36 -60.63 34.36
CA THR CA 28 -2.99 -59.21 34.47
C THR CA 28 -2.83 -58.75 35.93
N ARG CA 29 -1.59 -58.51 36.35
CA ARG CA 29 -1.30 -58.01 37.69
C ARG CA 29 -0.07 -57.09 37.61
N PHE CA 30 0.12 -56.26 38.63
CA PHE CA 30 1.27 -55.38 38.64
C PHE CA 30 2.49 -56.20 39.06
N HIS CA 31 3.59 -56.16 38.30
CA HIS CA 31 4.76 -56.95 38.72
C HIS CA 31 5.90 -56.09 39.32
N HIS CA 32 5.79 -54.78 39.11
CA HIS CA 32 6.77 -53.82 39.55
C HIS CA 32 6.22 -52.40 39.50
N SER CA 33 6.65 -51.57 40.45
CA SER CA 33 6.29 -50.17 40.46
C SER CA 33 7.57 -49.40 40.73
N GLU CA 34 8.00 -48.60 39.74
CA GLU CA 34 9.23 -47.82 39.86
C GLU CA 34 8.82 -46.44 40.36
N LYS CA 35 9.33 -46.07 41.52
CA LYS CA 35 9.01 -44.76 42.11
C LYS CA 35 10.00 -43.72 41.56
N LEU CA 36 9.47 -42.62 41.05
CA LEU CA 36 10.29 -41.54 40.53
C LEU CA 36 10.00 -40.28 41.29
N ASP CA 37 11.07 -39.57 41.64
CA ASP CA 37 10.91 -38.31 42.32
C ASP CA 37 11.07 -37.16 41.33
N LYS CA 38 10.70 -35.97 41.78
CA LYS CA 38 10.57 -34.79 40.93
C LYS CA 38 11.80 -34.55 40.07
N GLY CA 39 11.57 -34.55 38.75
CA GLY CA 39 12.60 -34.23 37.79
C GLY CA 39 13.36 -35.41 37.23
N GLU CA 40 13.15 -36.59 37.80
CA GLU CA 40 13.80 -37.80 37.29
C GLU CA 40 13.07 -38.22 36.02
N VAL CA 41 13.83 -38.80 35.08
CA VAL CA 41 13.26 -39.35 33.84
C VAL CA 41 13.48 -40.86 33.75
N LEU CA 42 12.42 -41.57 33.39
CA LEU CA 42 12.46 -43.00 33.15
C LEU CA 42 12.10 -43.27 31.69
N ILE CA 43 12.93 -44.03 31.00
CA ILE CA 43 12.66 -44.41 29.62
C ILE CA 43 12.49 -45.93 29.68
N ALA CA 44 11.28 -46.43 29.39
CA ALA CA 44 10.91 -47.81 29.70
C ALA CA 44 10.31 -48.46 28.47
N GLN CA 45 10.80 -49.64 28.11
CA GLN CA 45 10.21 -50.42 27.02
C GLN CA 45 9.03 -51.26 27.43
N PHE CA 46 8.25 -51.67 26.42
CA PHE CA 46 7.42 -52.86 26.51
C PHE CA 46 8.33 -54.06 26.28
N THR CA 47 8.06 -55.16 26.98
CA THR CA 47 9.03 -56.24 27.03
C THR CA 47 8.27 -57.56 27.09
N GLU CA 48 9.03 -58.66 27.19
CA GLU CA 48 8.45 -59.99 27.37
C GLU CA 48 7.56 -60.03 28.64
N HIS CA 49 7.93 -59.25 29.63
CA HIS CA 49 7.24 -59.30 30.92
C HIS CA 49 6.20 -58.22 31.14
N THR CA 50 6.28 -57.13 30.36
CA THR CA 50 5.45 -55.94 30.56
C THR CA 50 4.76 -55.59 29.24
N SER CA 51 3.43 -55.69 29.20
CA SER CA 51 2.67 -55.35 27.99
C SER CA 51 1.67 -54.18 28.19
N ALA CA 52 1.65 -53.59 29.40
CA ALA CA 52 0.92 -52.35 29.66
C ALA CA 52 1.63 -51.61 30.81
N ILE CA 53 1.57 -50.28 30.80
CA ILE CA 53 2.31 -49.45 31.78
C ILE CA 53 1.30 -48.45 32.29
N LYS CA 54 1.11 -48.41 33.60
CA LYS CA 54 0.23 -47.42 34.23
C LYS CA 54 1.11 -46.35 34.95
N VAL CA 55 0.81 -45.06 34.74
CA VAL CA 55 1.51 -43.98 35.45
C VAL CA 55 0.53 -43.32 36.41
N ARG CA 56 0.94 -43.19 37.68
CA ARG CA 56 0.15 -42.61 38.74
C ARG CA 56 0.97 -41.45 39.29
N GLY CA 57 0.33 -40.31 39.55
CA GLY CA 57 1.03 -39.09 39.94
C GLY CA 57 1.31 -38.14 38.78
N LYS CA 58 1.64 -36.89 39.11
CA LYS CA 58 1.97 -35.85 38.10
C LYS CA 58 3.23 -36.07 37.27
N ALA CA 59 3.06 -36.27 35.96
CA ALA CA 59 4.21 -36.55 35.08
C ALA CA 59 3.99 -36.11 33.62
N TYR CA 60 5.09 -35.83 32.93
CA TYR CA 60 5.09 -35.51 31.51
C TYR CA 60 5.56 -36.74 30.74
N ILE CA 61 4.74 -37.21 29.80
CA ILE CA 61 4.97 -38.51 29.18
C ILE CA 61 5.10 -38.33 27.67
N GLN CA 62 6.13 -38.94 27.06
CA GLN CA 62 6.24 -38.97 25.61
C GLN CA 62 6.12 -40.40 25.12
N THR CA 63 5.33 -40.59 24.05
CA THR CA 63 5.30 -41.85 23.30
C THR CA 63 5.32 -41.55 21.81
N ARG CA 64 5.37 -42.61 21.01
CA ARG CA 64 5.28 -42.44 19.55
C ARG CA 64 4.05 -41.61 19.15
N HIS CA 65 3.01 -41.62 19.98
CA HIS CA 65 1.75 -40.93 19.64
C HIS CA 65 1.71 -39.48 20.10
N GLY CA 66 2.73 -39.07 20.85
CA GLY CA 66 2.91 -37.69 21.21
C GLY CA 66 3.02 -37.52 22.71
N VAL CA 67 2.70 -36.33 23.18
CA VAL CA 67 2.85 -36.05 24.61
C VAL CA 67 1.51 -36.18 25.28
N ILE CA 68 1.55 -36.64 26.54
CA ILE CA 68 0.37 -36.71 27.37
C ILE CA 68 0.83 -36.47 28.82
N GLU CA 69 -0.06 -35.95 29.66
CA GLU CA 69 0.34 -35.67 31.03
C GLU CA 69 -0.58 -36.34 32.04
N SER CA 70 0.01 -37.07 32.98
CA SER CA 70 -0.78 -37.66 34.07
C SER CA 70 -0.88 -36.63 35.20
N GLU CA 71 -1.93 -36.74 36.01
CA GLU CA 71 -2.12 -35.77 37.08
C GLU CA 71 -2.30 -36.56 38.36
N GLY CA 72 -1.81 -35.99 39.45
CA GLY CA 72 -2.02 -36.56 40.78
C GLY CA 72 -3.45 -36.37 41.24
N THR DA 3 21.07 -56.39 17.49
CA THR DA 3 21.78 -55.17 17.99
C THR DA 3 21.24 -53.85 17.37
N ASN DA 4 19.99 -53.91 16.88
CA ASN DA 4 19.31 -52.76 16.25
C ASN DA 4 18.16 -52.12 17.07
N SER DA 5 18.37 -52.04 18.37
CA SER DA 5 17.42 -51.43 19.30
C SER DA 5 17.53 -49.90 19.29
N ASP DA 6 16.55 -49.24 19.90
CA ASP DA 6 16.55 -47.80 20.09
C ASP DA 6 17.66 -47.43 21.08
N PHE DA 7 18.09 -46.17 21.07
CA PHE DA 7 19.08 -45.68 22.02
C PHE DA 7 18.67 -44.29 22.55
N VAL DA 8 19.27 -43.89 23.67
CA VAL DA 8 18.97 -42.60 24.30
C VAL DA 8 20.29 -41.85 24.30
N VAL DA 9 20.24 -40.52 24.14
CA VAL DA 9 21.42 -39.67 24.25
C VAL DA 9 21.28 -38.88 25.56
N ILE DA 10 22.33 -38.89 26.39
CA ILE DA 10 22.31 -38.15 27.65
C ILE DA 10 23.49 -37.22 27.75
N LYS DA 11 23.22 -35.92 27.90
CA LYS DA 11 24.30 -34.97 28.12
C LYS DA 11 24.18 -34.44 29.54
N ALA DA 12 25.21 -34.68 30.37
CA ALA DA 12 25.22 -34.13 31.74
C ALA DA 12 25.34 -32.60 31.77
N LEU DA 13 24.39 -31.97 32.45
CA LEU DA 13 24.45 -30.51 32.65
C LEU DA 13 25.01 -30.10 34.03
N GLU DA 14 25.39 -31.10 34.83
CA GLU DA 14 26.06 -30.92 36.11
C GLU DA 14 26.91 -32.16 36.38
N ASP DA 15 27.83 -32.07 37.35
CA ASP DA 15 28.62 -33.22 37.75
C ASP DA 15 27.71 -34.24 38.45
N GLY DA 16 28.04 -35.53 38.28
CA GLY DA 16 27.44 -36.59 39.07
C GLY DA 16 26.06 -37.04 38.60
N VAL DA 17 25.73 -36.78 37.32
CA VAL DA 17 24.52 -37.31 36.71
C VAL DA 17 24.69 -38.82 36.69
N ASN DA 18 23.62 -39.51 37.02
CA ASN DA 18 23.60 -40.93 37.13
C ASN DA 18 22.67 -41.54 36.05
N VAL DA 19 23.23 -42.30 35.12
CA VAL DA 19 22.43 -43.07 34.16
C VAL DA 19 22.32 -44.52 34.65
N ILE DA 20 21.10 -44.98 34.87
CA ILE DA 20 20.84 -46.19 35.64
C ILE DA 20 20.18 -47.20 34.72
N GLY DA 21 20.81 -48.35 34.53
CA GLY DA 21 20.22 -49.42 33.75
C GLY DA 21 19.41 -50.40 34.57
N LEU DA 22 18.14 -50.59 34.22
CA LEU DA 22 17.27 -51.53 34.92
C LEU DA 22 17.24 -52.88 34.18
N THR DA 23 17.23 -53.98 34.92
CA THR DA 23 17.32 -55.32 34.36
C THR DA 23 16.11 -55.67 33.51
N ARG DA 24 16.38 -56.24 32.35
CA ARG DA 24 15.36 -56.97 31.59
C ARG DA 24 14.95 -58.26 32.30
N GLY DA 25 13.65 -58.60 32.23
CA GLY DA 25 13.14 -59.88 32.68
C GLY DA 25 12.09 -59.77 33.79
N ALA DA 26 11.84 -60.89 34.47
CA ALA DA 26 10.82 -61.00 35.52
C ALA DA 26 11.14 -60.10 36.70
N ASP DA 27 12.42 -59.86 36.91
CA ASP DA 27 12.88 -59.00 37.99
C ASP DA 27 13.32 -57.63 37.51
N THR DA 28 13.11 -56.62 38.37
CA THR DA 28 13.51 -55.26 38.04
C THR DA 28 14.36 -54.67 39.17
N ARG DA 29 15.63 -54.49 38.89
CA ARG DA 29 16.55 -53.85 39.81
C ARG DA 29 17.63 -53.21 38.95
N PHE DA 30 18.34 -52.22 39.49
CA PHE DA 30 19.36 -51.62 38.65
C PHE DA 30 20.55 -52.55 38.61
N HIS DA 31 21.19 -52.66 37.44
CA HIS DA 31 22.37 -53.52 37.36
C HIS DA 31 23.64 -52.72 37.08
N HIS DA 32 23.49 -51.48 36.63
CA HIS DA 32 24.63 -50.61 36.39
C HIS DA 32 24.24 -49.14 36.55
N SER DA 33 25.08 -48.38 37.21
CA SER DA 33 25.01 -46.92 37.26
C SER DA 33 26.23 -46.30 36.59
N GLU DA 34 26.02 -45.52 35.54
CA GLU DA 34 27.11 -44.84 34.88
C GLU DA 34 27.04 -43.37 35.22
N LYS DA 35 28.06 -42.88 35.92
CA LYS DA 35 28.08 -41.48 36.35
C LYS DA 35 28.77 -40.61 35.30
N LEU DA 36 28.16 -39.47 35.00
CA LEU DA 36 28.68 -38.50 34.03
C LEU DA 36 29.05 -37.18 34.70
N ASP DA 37 30.20 -36.65 34.33
CA ASP DA 37 30.59 -35.29 34.71
C ASP DA 37 29.97 -34.31 33.75
N LYS DA 38 29.92 -33.06 34.19
CA LYS DA 38 29.31 -31.98 33.43
C LYS DA 38 29.85 -31.93 31.99
N GLY DA 39 28.94 -31.96 31.02
CA GLY DA 39 29.35 -31.85 29.63
C GLY DA 39 29.67 -33.16 28.95
N GLU DA 40 29.75 -34.25 29.70
CA GLU DA 40 29.95 -35.57 29.09
C GLU DA 40 28.65 -36.06 28.47
N VAL DA 41 28.79 -36.87 27.42
CA VAL DA 41 27.67 -37.45 26.70
C VAL DA 41 27.72 -38.99 26.68
N LEU DA 42 26.59 -39.60 27.04
CA LEU DA 42 26.43 -41.03 26.95
C LEU DA 42 25.32 -41.37 25.93
N ILE DA 43 25.65 -42.22 24.98
CA ILE DA 43 24.69 -42.74 23.99
C ILE DA 43 24.49 -44.21 24.32
N ALA DA 44 23.33 -44.59 24.85
CA ALA DA 44 23.14 -45.91 25.42
C ALA DA 44 21.91 -46.58 24.78
N GLN DA 45 22.08 -47.82 24.35
CA GLN DA 45 20.99 -48.61 23.77
C GLN DA 45 20.17 -49.34 24.83
N PHE DA 46 18.96 -49.72 24.44
CA PHE DA 46 18.24 -50.81 25.08
C PHE DA 46 18.84 -52.13 24.61
N THR DA 47 18.96 -53.09 25.51
CA THR DA 47 19.73 -54.30 25.22
C THR DA 47 19.06 -55.54 25.80
N GLU DA 48 19.67 -56.68 25.55
CA GLU DA 48 19.23 -57.92 26.21
C GLU DA 48 19.20 -57.76 27.77
N HIS DA 49 20.09 -56.96 28.30
CA HIS DA 49 20.20 -56.80 29.75
C HIS DA 49 19.51 -55.59 30.34
N THR DA 50 19.25 -54.60 29.49
CA THR DA 50 18.67 -53.33 29.94
C THR DA 50 17.37 -53.03 29.17
N SER DA 51 16.25 -52.96 29.88
CA SER DA 51 14.97 -52.71 29.24
C SER DA 51 14.30 -51.42 29.75
N ALA DA 52 14.95 -50.74 30.71
CA ALA DA 52 14.52 -49.40 31.13
C ALA DA 52 15.71 -48.65 31.66
N ILE DA 53 15.75 -47.34 31.42
CA ILE DA 53 16.86 -46.47 31.80
C ILE DA 53 16.33 -45.28 32.57
N LYS DA 54 16.93 -45.03 33.74
CA LYS DA 54 16.54 -43.93 34.60
C LYS DA 54 17.69 -42.94 34.67
N VAL DA 55 17.37 -41.63 34.60
CA VAL DA 55 18.40 -40.60 34.66
C VAL DA 55 18.12 -39.75 35.88
N ARG DA 56 19.11 -39.63 36.76
CA ARG DA 56 19.06 -38.84 37.99
C ARG DA 56 20.08 -37.71 37.89
N GLY DA 57 19.66 -36.49 38.19
CA GLY DA 57 20.51 -35.32 37.99
C GLY DA 57 20.10 -34.49 36.80
N LYS DA 58 20.73 -33.33 36.67
CA LYS DA 58 20.43 -32.41 35.57
C LYS DA 58 21.06 -32.82 34.24
N ALA DA 59 20.22 -33.13 33.26
CA ALA DA 59 20.72 -33.65 31.98
C ALA DA 59 19.79 -33.28 30.80
N TYR DA 60 20.36 -33.18 29.60
CA TYR DA 60 19.58 -32.94 28.38
C TYR DA 60 19.57 -34.27 27.69
N ILE DA 61 18.37 -34.76 27.39
CA ILE DA 61 18.19 -36.12 26.89
C ILE DA 61 17.47 -36.09 25.53
N GLN DA 62 17.98 -36.86 24.57
CA GLN DA 62 17.32 -37.02 23.27
C GLN DA 62 16.94 -38.49 23.10
N THR DA 63 15.68 -38.71 22.68
CA THR DA 63 15.22 -39.99 22.19
C THR DA 63 14.49 -39.84 20.83
N ARG DA 64 14.06 -40.97 20.25
CA ARG DA 64 13.20 -40.98 19.06
C ARG DA 64 12.01 -40.03 19.24
N HIS DA 65 11.52 -39.85 20.49
CA HIS DA 65 10.31 -39.04 20.74
C HIS DA 65 10.54 -37.55 20.94
N GLY DA 66 11.79 -37.11 20.93
CA GLY DA 66 12.04 -35.71 21.12
C GLY DA 66 13.00 -35.48 22.27
N VAL DA 67 13.07 -34.23 22.70
CA VAL DA 67 14.03 -33.87 23.74
C VAL DA 67 13.24 -33.88 25.06
N ILE DA 68 13.93 -34.26 26.12
CA ILE DA 68 13.40 -34.14 27.48
C ILE DA 68 14.57 -33.76 28.39
N GLU DA 69 14.27 -33.11 29.51
CA GLU DA 69 15.34 -32.71 30.40
C GLU DA 69 15.04 -33.25 31.77
N SER DA 70 16.02 -33.93 32.36
CA SER DA 70 15.94 -34.30 33.78
C SER DA 70 16.49 -33.17 34.68
N GLU DA 71 15.97 -33.12 35.91
CA GLU DA 71 16.45 -32.12 36.87
C GLU DA 71 16.76 -32.87 38.17
N GLY DA 72 17.90 -32.52 38.77
CA GLY DA 72 18.36 -33.13 40.00
C GLY DA 72 17.51 -32.78 41.19
N THR EA 3 25.09 -56.18 11.05
CA THR EA 3 26.04 -55.08 10.69
C THR EA 3 25.31 -53.83 10.12
N ASN EA 4 23.97 -53.82 10.26
CA ASN EA 4 23.10 -52.68 9.88
C ASN EA 4 22.65 -51.79 11.08
N SER EA 5 23.41 -51.81 12.17
CA SER EA 5 23.12 -51.07 13.40
C SER EA 5 23.24 -49.55 13.27
N ASP EA 6 22.69 -48.82 14.23
CA ASP EA 6 22.87 -47.36 14.31
C ASP EA 6 24.33 -47.01 14.55
N PHE EA 7 24.73 -45.81 14.12
CA PHE EA 7 26.06 -45.30 14.38
C PHE EA 7 26.02 -43.85 14.89
N VAL EA 8 27.14 -43.42 15.45
CA VAL EA 8 27.30 -42.07 15.99
C VAL EA 8 28.47 -41.42 15.21
N VAL EA 9 28.33 -40.13 14.91
CA VAL EA 9 29.41 -39.35 14.33
C VAL EA 9 30.01 -38.44 15.44
N ILE EA 10 31.33 -38.49 15.64
CA ILE EA 10 32.00 -37.63 16.64
C ILE EA 10 33.09 -36.85 15.93
N LYS EA 11 33.00 -35.51 15.97
CA LYS EA 11 34.08 -34.66 15.50
C LYS EA 11 34.73 -34.03 16.71
N ALA EA 12 36.02 -34.29 16.93
CA ALA EA 12 36.74 -33.65 18.05
C ALA EA 12 36.89 -32.13 17.86
N LEU EA 13 36.52 -31.33 18.88
CA LEU EA 13 36.70 -29.86 18.78
C LEU EA 13 37.91 -29.34 19.56
N GLU EA 14 38.65 -30.29 20.14
CA GLU EA 14 39.92 -30.04 20.83
C GLU EA 14 40.73 -31.35 20.82
N ASP EA 15 42.01 -31.27 21.19
CA ASP EA 15 42.86 -32.46 21.31
C ASP EA 15 42.42 -33.32 22.49
N GLY EA 16 42.60 -34.63 22.35
CA GLY EA 16 42.44 -35.58 23.44
C GLY EA 16 41.01 -35.93 23.85
N VAL EA 17 40.08 -35.80 22.90
CA VAL EA 17 38.72 -36.26 23.10
C VAL EA 17 38.77 -37.77 23.16
N ASN EA 18 37.99 -38.37 24.05
CA ASN EA 18 37.94 -39.82 24.11
C ASN EA 18 36.54 -40.34 23.80
N VAL EA 19 36.49 -41.37 22.95
CA VAL EA 19 35.24 -42.02 22.59
C VAL EA 19 35.37 -43.44 23.17
N ILE EA 20 34.55 -43.72 24.16
CA ILE EA 20 34.68 -44.90 25.00
C ILE EA 20 33.56 -45.91 24.78
N GLY EA 21 33.94 -47.15 24.48
CA GLY EA 21 32.98 -48.21 24.24
C GLY EA 21 32.70 -48.98 25.50
N LEU EA 22 31.43 -49.10 25.86
CA LEU EA 22 31.04 -49.92 27.01
C LEU EA 22 30.58 -51.29 26.56
N THR EA 23 30.98 -52.32 27.28
CA THR EA 23 30.61 -53.72 26.94
C THR EA 23 29.10 -54.00 26.91
N ARG EA 24 28.70 -54.70 25.84
CA ARG EA 24 27.40 -55.39 25.83
C ARG EA 24 27.39 -56.62 26.74
N GLY EA 25 26.30 -56.81 27.48
CA GLY EA 25 26.14 -57.99 28.30
C GLY EA 25 25.75 -57.66 29.73
N ALA EA 26 25.73 -58.69 30.58
CA ALA EA 26 25.38 -58.54 31.99
C ALA EA 26 26.44 -57.66 32.70
N ASP EA 27 27.67 -57.72 32.22
CA ASP EA 27 28.78 -56.95 32.75
C ASP EA 27 28.99 -55.64 31.95
N THR EA 28 29.17 -54.51 32.66
CA THR EA 28 29.43 -53.23 32.02
C THR EA 28 30.76 -52.64 32.47
N ARG EA 29 31.63 -52.40 31.51
CA ARG EA 29 32.96 -51.83 31.75
C ARG EA 29 33.40 -51.23 30.44
N PHE EA 30 34.38 -50.34 30.49
CA PHE EA 30 34.97 -49.76 29.27
C PHE EA 30 35.85 -50.85 28.67
N HIS EA 31 35.78 -51.09 27.36
CA HIS EA 31 36.66 -52.07 26.71
C HIS EA 31 37.64 -51.38 25.75
N HIS EA 32 37.31 -50.16 25.34
CA HIS EA 32 38.15 -49.42 24.41
C HIS EA 32 37.91 -47.92 24.55
N SER EA 33 39.00 -47.17 24.53
CA SER EA 33 38.92 -45.70 24.47
C SER EA 33 39.71 -45.20 23.26
N GLU EA 34 39.01 -44.64 22.29
CA GLU EA 34 39.65 -44.09 21.11
C GLU EA 34 39.91 -42.59 21.29
N LYS EA 35 41.17 -42.21 21.11
CA LYS EA 35 41.56 -40.82 21.28
C LYS EA 35 41.47 -40.10 19.96
N LEU EA 36 40.81 -38.94 19.98
CA LEU EA 36 40.63 -38.11 18.80
C LEU EA 36 41.31 -36.77 19.02
N ASP EA 37 42.22 -36.37 18.12
CA ASP EA 37 42.76 -35.00 18.13
C ASP EA 37 41.83 -34.02 17.43
N LYS EA 38 42.08 -32.73 17.64
CA LYS EA 38 41.19 -31.70 17.12
C LYS EA 38 41.00 -31.83 15.60
N GLY EA 39 39.72 -31.85 15.20
CA GLY EA 39 39.34 -31.90 13.80
C GLY EA 39 39.12 -33.32 13.27
N GLU EA 40 39.60 -34.35 13.98
CA GLU EA 40 39.42 -35.71 13.52
C GLU EA 40 37.97 -36.18 13.71
N VAL EA 41 37.55 -37.11 12.84
CA VAL EA 41 36.17 -37.62 12.89
C VAL EA 41 36.16 -39.14 13.05
N LEU EA 42 35.32 -39.61 13.96
CA LEU EA 42 35.13 -41.03 14.20
C LEU EA 42 33.66 -41.30 13.93
N ILE EA 43 33.40 -42.32 13.10
CA ILE EA 43 32.03 -42.77 12.83
C ILE EA 43 31.95 -44.18 13.35
N ALA EA 44 31.18 -44.36 14.41
CA ALA EA 44 31.27 -45.59 15.16
C ALA EA 44 29.91 -46.24 15.38
N GLN EA 45 29.80 -47.55 15.10
CA GLN EA 45 28.53 -48.26 15.26
C GLN EA 45 28.30 -48.79 16.69
N PHE EA 46 27.04 -49.12 16.98
CA PHE EA 46 26.74 -50.05 18.05
C PHE EA 46 26.95 -51.44 17.48
N THR EA 47 27.41 -52.38 18.32
CA THR EA 47 27.90 -53.69 17.82
C THR EA 47 27.64 -54.77 18.84
N GLU EA 48 27.98 -56.00 18.47
CA GLU EA 48 27.94 -57.12 19.39
C GLU EA 48 28.69 -56.84 20.70
N HIS EA 49 29.78 -56.11 20.61
CA HIS EA 49 30.65 -55.82 21.75
C HIS EA 49 30.41 -54.47 22.44
N THR EA 50 29.79 -53.52 21.73
CA THR EA 50 29.59 -52.16 22.22
C THR EA 50 28.11 -51.79 22.20
N SER EA 51 27.52 -51.63 23.38
CA SER EA 51 26.10 -51.26 23.45
C SER EA 51 25.86 -49.88 24.06
N ALA EA 52 26.94 -49.15 24.37
CA ALA EA 52 26.81 -47.76 24.84
C ALA EA 52 28.13 -47.09 24.61
N ILE EA 53 28.09 -45.79 24.31
CA ILE EA 53 29.30 -45.04 23.96
C ILE EA 53 29.31 -43.77 24.79
N LYS EA 54 30.44 -43.51 25.45
CA LYS EA 54 30.62 -42.27 26.23
C LYS EA 54 31.61 -41.38 25.49
N VAL EA 55 31.29 -40.08 25.41
CA VAL EA 55 32.21 -39.08 24.84
C VAL EA 55 32.69 -38.13 25.91
N ARG EA 56 34.01 -38.03 26.02
CA ARG EA 56 34.64 -37.18 27.02
C ARG EA 56 35.52 -36.15 26.32
N GLY EA 57 35.32 -34.87 26.63
CA GLY EA 57 36.01 -33.78 25.94
C GLY EA 57 35.08 -33.07 24.96
N LYS EA 58 35.52 -31.93 24.44
CA LYS EA 58 34.71 -31.09 23.55
C LYS EA 58 34.56 -31.68 22.13
N ALA EA 59 33.34 -32.00 21.76
CA ALA EA 59 33.07 -32.67 20.50
C ALA EA 59 31.72 -32.29 19.94
N TYR EA 60 31.60 -32.38 18.61
CA TYR EA 60 30.33 -32.15 17.91
C TYR EA 60 29.84 -33.53 17.51
N ILE EA 61 28.65 -33.91 17.96
CA ILE EA 61 28.19 -35.29 17.79
C ILE EA 61 26.89 -35.29 16.94
N GLN EA 62 26.77 -36.23 16.00
CA GLN EA 62 25.54 -36.41 15.24
C GLN EA 62 25.04 -37.80 15.47
N THR EA 63 23.76 -37.92 15.87
CA THR EA 63 23.03 -39.19 15.83
C THR EA 63 21.73 -39.06 15.01
N ARG EA 64 21.01 -40.18 14.89
CA ARG EA 64 19.67 -40.21 14.33
C ARG EA 64 18.77 -39.18 15.05
N HIS EA 65 19.05 -38.86 16.32
CA HIS EA 65 18.17 -37.95 17.06
C HIS EA 65 18.56 -36.49 16.87
N GLY EA 66 19.67 -36.25 16.20
CA GLY EA 66 20.08 -34.89 15.92
C GLY EA 66 21.50 -34.59 16.39
N VAL EA 67 21.79 -33.30 16.57
CA VAL EA 67 23.15 -32.87 16.95
C VAL EA 67 23.16 -32.71 18.47
N ILE EA 68 24.26 -33.11 19.09
CA ILE EA 68 24.52 -32.81 20.51
C ILE EA 68 26.00 -32.48 20.63
N GLU EA 69 26.38 -31.72 21.66
CA GLU EA 69 27.77 -31.31 21.83
C GLU EA 69 28.27 -31.69 23.21
N SER EA 70 29.38 -32.42 23.26
CA SER EA 70 30.04 -32.67 24.53
C SER EA 70 30.94 -31.49 24.84
N GLU EA 71 31.13 -31.24 26.12
CA GLU EA 71 31.96 -30.12 26.57
C GLU EA 71 33.01 -30.65 27.52
N GLY EA 72 34.18 -30.04 27.50
CA GLY EA 72 35.24 -30.37 28.44
C GLY EA 72 35.31 -29.31 29.52
N THR FA 3 23.75 -57.77 1.87
CA THR FA 3 24.89 -56.88 2.29
C THR FA 3 24.50 -55.38 2.24
N ASN FA 4 23.50 -55.02 3.04
CA ASN FA 4 22.95 -53.66 3.10
C ASN FA 4 23.16 -52.89 4.42
N SER FA 5 24.42 -52.59 4.72
CA SER FA 5 24.75 -51.77 5.87
C SER FA 5 24.82 -50.30 5.41
N ASP FA 6 24.84 -49.38 6.38
CA ASP FA 6 25.07 -47.96 6.12
C ASP FA 6 26.45 -47.75 5.55
N PHE FA 7 26.65 -46.61 4.89
CA PHE FA 7 27.91 -46.22 4.34
C PHE FA 7 28.20 -44.72 4.61
N VAL FA 8 29.44 -44.32 4.37
CA VAL FA 8 29.93 -42.96 4.54
C VAL FA 8 30.58 -42.52 3.25
N VAL FA 9 30.38 -41.26 2.89
CA VAL FA 9 31.04 -40.66 1.72
C VAL FA 9 32.13 -39.72 2.22
N ILE FA 10 33.35 -39.90 1.72
CA ILE FA 10 34.47 -39.07 2.14
C ILE FA 10 35.12 -38.48 0.91
N LYS FA 11 35.10 -37.16 0.79
CA LYS FA 11 35.81 -36.47 -0.28
C LYS FA 11 37.01 -35.74 0.30
N ALA FA 12 38.19 -36.04 -0.21
CA ALA FA 12 39.42 -35.46 0.31
C ALA FA 12 39.57 -34.02 -0.15
N LEU FA 13 39.76 -33.11 0.81
CA LEU FA 13 39.94 -31.68 0.50
C LEU FA 13 41.41 -31.28 0.50
N GLU FA 14 42.27 -32.26 0.75
CA GLU FA 14 43.72 -32.06 0.63
C GLU FA 14 44.38 -33.42 0.32
N ASP FA 15 45.68 -33.40 0.01
CA ASP FA 15 46.41 -34.66 -0.16
C ASP FA 15 46.62 -35.36 1.18
N GLY FA 16 46.69 -36.69 1.15
CA GLY FA 16 47.07 -37.47 2.32
C GLY FA 16 46.01 -37.68 3.38
N VAL FA 17 44.74 -37.53 3.00
CA VAL FA 17 43.62 -37.85 3.89
C VAL FA 17 43.67 -39.35 4.12
N ASN FA 18 43.46 -39.78 5.35
CA ASN FA 18 43.44 -41.21 5.65
C ASN FA 18 42.11 -41.64 6.18
N VAL FA 19 41.54 -42.69 5.57
CA VAL FA 19 40.30 -43.26 6.02
C VAL FA 19 40.61 -44.62 6.61
N ILE FA 20 40.39 -44.72 7.91
CA ILE FA 20 40.87 -45.83 8.70
C ILE FA 20 39.75 -46.76 9.22
N GLY FA 21 39.88 -48.04 8.93
CA GLY FA 21 38.89 -49.00 9.40
C GLY FA 21 39.31 -49.62 10.74
N LEU FA 22 38.41 -49.63 11.68
CA LEU FA 22 38.68 -50.24 12.99
C LEU FA 22 37.96 -51.57 13.04
N THR FA 23 38.63 -52.59 13.59
CA THR FA 23 38.13 -53.95 13.56
C THR FA 23 36.84 -54.10 14.37
N ARG FA 24 35.89 -54.84 13.82
CA ARG FA 24 34.71 -55.29 14.55
C ARG FA 24 35.09 -56.45 15.47
N GLY FA 25 34.52 -56.50 16.68
CA GLY FA 25 34.76 -57.62 17.59
C GLY FA 25 35.23 -57.13 18.96
N ALA FA 26 35.72 -58.06 19.79
CA ALA FA 26 36.17 -57.77 21.15
C ALA FA 26 37.42 -56.86 21.14
N ASP FA 27 38.23 -57.04 20.10
CA ASP FA 27 39.46 -56.26 19.86
C ASP FA 27 39.18 -55.06 18.96
N THR FA 28 39.81 -53.92 19.27
CA THR FA 28 39.72 -52.69 18.46
C THR FA 28 41.11 -52.20 17.98
N ARG FA 29 41.40 -52.40 16.71
CA ARG FA 29 42.66 -51.95 16.12
C ARG FA 29 42.37 -51.53 14.70
N PHE FA 30 43.32 -50.82 14.08
CA PHE FA 30 43.20 -50.35 12.72
C PHE FA 30 43.60 -51.52 11.84
N HIS FA 31 42.74 -51.94 10.91
CA HIS FA 31 43.13 -53.04 10.03
C HIS FA 31 43.46 -52.53 8.65
N HIS FA 32 43.11 -51.28 8.38
CA HIS FA 32 43.36 -50.68 7.09
C HIS FA 32 43.28 -49.17 7.13
N SER FA 33 44.20 -48.52 6.44
CA SER FA 33 44.15 -47.08 6.20
C SER FA 33 44.16 -46.82 4.70
N GLU FA 34 43.08 -46.24 4.19
CA GLU FA 34 43.01 -45.93 2.77
C GLU FA 34 43.36 -44.44 2.58
N LYS FA 35 44.39 -44.18 1.78
CA LYS FA 35 44.89 -42.83 1.55
C LYS FA 35 44.22 -42.18 0.35
N LEU FA 36 43.59 -41.02 0.61
CA LEU FA 36 42.93 -40.22 -0.43
C LEU FA 36 43.73 -38.96 -0.77
N ASP FA 37 43.97 -38.76 -2.04
CA ASP FA 37 44.52 -37.50 -2.51
C ASP FA 37 43.40 -36.49 -2.78
N LYS FA 38 43.77 -35.22 -2.92
CA LYS FA 38 42.78 -34.14 -3.01
C LYS FA 38 41.81 -34.37 -4.19
N GLY FA 39 40.51 -34.33 -3.90
CA GLY FA 39 39.53 -34.49 -4.95
C GLY FA 39 38.96 -35.89 -5.10
N GLU FA 40 39.70 -36.91 -4.65
CA GLU FA 40 39.19 -38.29 -4.68
C GLU FA 40 38.05 -38.51 -3.67
N VAL FA 41 37.12 -39.39 -4.05
CA VAL FA 41 35.96 -39.74 -3.19
C VAL FA 41 35.97 -41.24 -2.84
N LEU FA 42 35.80 -41.57 -1.55
CA LEU FA 42 35.68 -42.94 -1.14
C LEU FA 42 34.31 -43.12 -0.58
N ILE FA 43 33.63 -44.19 -0.98
CA ILE FA 43 32.32 -44.48 -0.38
C ILE FA 43 32.45 -45.83 0.31
N ALA FA 44 32.30 -45.84 1.61
CA ALA FA 44 32.72 -46.99 2.41
C ALA FA 44 31.62 -47.47 3.33
N GLN FA 45 31.33 -48.77 3.29
CA GLN FA 45 30.32 -49.38 4.16
C GLN FA 45 30.87 -49.77 5.51
N PHE FA 46 29.96 -49.91 6.51
CA PHE FA 46 30.26 -50.69 7.69
C PHE FA 46 30.03 -52.16 7.28
N THR FA 47 30.85 -53.07 7.80
CA THR FA 47 30.93 -54.44 7.30
C THR FA 47 31.23 -55.44 8.41
N GLU FA 48 31.29 -56.73 8.05
CA GLU FA 48 31.64 -57.77 9.01
C GLU FA 48 32.97 -57.41 9.72
N HIS FA 49 33.85 -56.75 9.00
CA HIS FA 49 35.20 -56.48 9.48
C HIS FA 49 35.47 -55.06 9.98
N THR FA 50 34.59 -54.12 9.67
CA THR FA 50 34.78 -52.70 10.00
C THR FA 50 33.55 -52.19 10.73
N SER FA 51 33.68 -51.89 12.02
CA SER FA 51 32.54 -51.38 12.81
C SER FA 51 32.67 -49.92 13.27
N ALA FA 52 33.79 -49.29 12.94
CA ALA FA 52 34.00 -47.86 13.20
C ALA FA 52 35.01 -47.36 12.16
N ILE FA 53 34.92 -46.08 11.79
CA ILE FA 53 35.76 -45.55 10.72
C ILE FA 53 36.30 -44.21 11.22
N LYS FA 54 37.58 -43.99 11.04
CA LYS FA 54 38.20 -42.74 11.50
C LYS FA 54 38.74 -42.02 10.30
N VAL FA 55 38.54 -40.69 10.24
CA VAL FA 55 39.03 -39.84 9.16
C VAL FA 55 40.02 -38.82 9.70
N ARG FA 56 41.24 -38.83 9.13
CA ARG FA 56 42.29 -37.90 9.52
C ARG FA 56 42.68 -37.10 8.29
N GLY FA 57 42.78 -35.79 8.46
CA GLY FA 57 43.01 -34.88 7.34
C GLY FA 57 41.73 -34.19 6.94
N LYS FA 58 41.86 -33.16 6.12
CA LYS FA 58 40.74 -32.32 5.70
C LYS FA 58 39.83 -33.04 4.69
N ALA FA 59 38.57 -33.23 5.05
CA ALA FA 59 37.66 -33.99 4.17
C ALA FA 59 36.23 -33.49 4.33
N TYR FA 60 35.42 -33.69 3.29
CA TYR FA 60 33.99 -33.38 3.35
C TYR FA 60 33.29 -34.71 3.50
N ILE FA 61 32.46 -34.86 4.51
CA ILE FA 61 31.95 -36.21 4.81
C ILE FA 61 30.41 -36.18 4.83
N GLN FA 62 29.79 -37.18 4.19
CA GLN FA 62 28.34 -37.31 4.24
C GLN FA 62 27.95 -38.66 4.83
N THR FA 63 27.03 -38.59 5.77
CA THR FA 63 26.38 -39.76 6.31
C THR FA 63 24.86 -39.59 6.32
N ARG FA 64 24.18 -40.66 6.76
CA ARG FA 64 22.76 -40.61 6.99
C ARG FA 64 22.39 -39.40 7.89
N HIS FA 65 23.33 -38.97 8.74
CA HIS FA 65 22.97 -37.92 9.70
C HIS FA 65 23.29 -36.51 9.19
N GLY FA 66 23.91 -36.41 8.03
CA GLY FA 66 24.16 -35.12 7.44
C GLY FA 66 25.62 -34.96 7.08
N VAL FA 67 26.02 -33.71 6.88
CA VAL FA 67 27.36 -33.36 6.46
C VAL FA 67 28.20 -33.08 7.72
N ILE FA 68 29.46 -33.52 7.69
CA ILE FA 68 30.44 -33.14 8.72
C ILE FA 68 31.77 -32.96 7.99
N GLU FA 69 32.65 -32.10 8.53
CA GLU FA 69 33.95 -31.87 7.91
C GLU FA 69 35.08 -32.20 8.88
N SER FA 70 35.99 -33.07 8.47
CA SER FA 70 37.16 -33.27 9.28
C SER FA 70 38.15 -32.21 8.89
N GLU FA 71 39.02 -31.85 9.84
CA GLU FA 71 39.97 -30.76 9.65
C GLU FA 71 41.37 -31.26 9.96
N GLY FA 72 42.34 -30.84 9.14
CA GLY FA 72 43.70 -31.37 9.25
C GLY FA 72 44.72 -30.34 9.72
N THR RA 3 -2.32 25.55 -17.67
CA THR RA 3 -1.17 24.71 -18.17
C THR RA 3 -0.89 23.43 -17.34
N ASN RA 4 -1.49 23.28 -16.15
CA ASN RA 4 -1.37 21.98 -15.40
C ASN RA 4 -2.57 21.04 -15.58
N SER RA 5 -3.21 21.12 -16.74
CA SER RA 5 -4.33 20.23 -17.01
C SER RA 5 -3.84 18.78 -17.26
N ASP RA 6 -4.71 17.81 -17.08
CA ASP RA 6 -4.31 16.42 -17.33
C ASP RA 6 -4.08 16.17 -18.80
N PHE RA 7 -3.31 15.13 -19.05
CA PHE RA 7 -2.98 14.74 -20.39
C PHE RA 7 -3.17 13.23 -20.64
N VAL RA 8 -3.14 12.87 -21.92
CA VAL RA 8 -3.28 11.49 -22.33
C VAL RA 8 -2.05 11.16 -23.18
N VAL RA 9 -1.63 9.90 -23.14
CA VAL RA 9 -0.49 9.42 -23.91
C VAL RA 9 -1.04 8.43 -24.94
N ILE RA 10 -0.71 8.64 -26.20
CA ILE RA 10 -1.24 7.82 -27.27
C ILE RA 10 -0.06 7.36 -28.16
N LYS RA 11 0.10 6.03 -28.26
CA LYS RA 11 1.04 5.42 -29.17
C LYS RA 11 0.32 4.74 -30.34
N ALA RA 12 0.70 5.12 -31.56
CA ALA RA 12 0.11 4.52 -32.75
C ALA RA 12 0.65 3.09 -33.00
N LEU RA 13 -0.28 2.18 -33.15
CA LEU RA 13 0.06 0.79 -33.43
C LEU RA 13 -0.06 0.45 -34.91
N GLU RA 14 -0.37 1.46 -35.71
CA GLU RA 14 -0.44 1.33 -37.15
C GLU RA 14 -0.28 2.73 -37.78
N ASP RA 15 -0.05 2.76 -39.09
CA ASP RA 15 0.02 4.04 -39.81
C ASP RA 15 -1.38 4.67 -39.84
N GLY RA 16 -1.45 6.00 -39.77
CA GLY RA 16 -2.69 6.72 -40.02
C GLY RA 16 -3.66 6.82 -38.87
N VAL RA 17 -3.17 6.63 -37.64
CA VAL RA 17 -3.95 6.91 -36.44
C VAL RA 17 -4.26 8.41 -36.42
N ASN RA 18 -5.49 8.74 -35.99
CA ASN RA 18 -5.90 10.14 -35.92
C ASN RA 18 -6.24 10.46 -34.48
N VAL RA 19 -5.54 11.42 -33.90
CA VAL RA 19 -5.91 11.93 -32.56
C VAL RA 19 -6.63 13.25 -32.76
N ILE RA 20 -7.92 13.26 -32.45
CA ILE RA 20 -8.77 14.37 -32.86
C ILE RA 20 -9.20 15.16 -31.64
N GLY RA 21 -8.92 16.46 -31.66
CA GLY RA 21 -9.33 17.35 -30.58
C GLY RA 21 -10.70 17.93 -30.88
N LEU RA 22 -11.66 17.70 -29.98
CA LEU RA 22 -13.02 18.22 -30.14
C LEU RA 22 -13.11 19.53 -29.38
N THR RA 23 -13.79 20.53 -29.96
CA THR RA 23 -13.88 21.87 -29.40
C THR RA 23 -14.52 21.89 -28.04
N ARG RA 24 -13.89 22.64 -27.14
CA ARG RA 24 -14.56 23.06 -25.89
C ARG RA 24 -15.70 24.05 -26.23
N GLY RA 25 -16.79 24.03 -25.45
CA GLY RA 25 -17.78 25.07 -25.57
C GLY RA 25 -19.14 24.53 -25.95
N ALA RA 26 -20.00 25.45 -26.39
CA ALA RA 26 -21.38 25.12 -26.76
C ALA RA 26 -21.39 24.21 -28.00
N ASP RA 27 -20.39 24.39 -28.86
CA ASP RA 27 -20.22 23.60 -30.06
C ASP RA 27 -19.28 22.41 -29.86
N THR RA 28 -19.56 21.30 -30.51
CA THR RA 28 -18.64 20.15 -30.49
C THR RA 28 -18.24 19.76 -31.92
N ARG RA 29 -17.17 20.35 -32.41
CA ARG RA 29 -16.70 20.10 -33.76
C ARG RA 29 -15.22 19.74 -33.66
N PHE RA 30 -14.60 19.39 -34.78
CA PHE RA 30 -13.18 19.07 -34.79
C PHE RA 30 -12.43 20.36 -34.88
N HIS RA 31 -11.40 20.54 -34.05
CA HIS RA 31 -10.49 21.67 -34.33
C HIS RA 31 -9.18 21.24 -34.90
N HIS RA 32 -8.74 20.04 -34.53
CA HIS RA 32 -7.49 19.57 -35.11
C HIS RA 32 -7.44 18.03 -35.10
N SER RA 33 -6.90 17.46 -36.16
CA SER RA 33 -6.67 16.03 -36.16
C SER RA 33 -5.19 15.82 -36.33
N GLU RA 34 -4.54 15.24 -35.32
CA GLU RA 34 -3.11 14.92 -35.47
C GLU RA 34 -2.92 13.49 -35.97
N LYS RA 35 -2.27 13.36 -37.12
CA LYS RA 35 -1.97 12.07 -37.72
C LYS RA 35 -0.69 11.48 -37.17
N LEU RA 36 -0.76 10.21 -36.74
CA LEU RA 36 0.41 9.49 -36.28
C LEU RA 36 0.70 8.25 -37.12
N ASP RA 37 1.98 8.06 -37.41
CA ASP RA 37 2.45 6.83 -38.03
C ASP RA 37 2.82 5.80 -36.95
N LYS RA 38 2.87 4.54 -37.34
CA LYS RA 38 3.11 3.44 -36.39
C LYS RA 38 4.34 3.73 -35.52
N GLY RA 39 4.18 3.59 -34.21
CA GLY RA 39 5.32 3.77 -33.33
C GLY RA 39 5.42 5.17 -32.71
N GLU RA 40 4.81 6.19 -33.33
CA GLU RA 40 4.91 7.55 -32.78
C GLU RA 40 4.06 7.69 -31.57
N VAL RA 41 4.52 8.52 -30.63
CA VAL RA 41 3.79 8.79 -29.40
C VAL RA 41 3.39 10.26 -29.36
N LEU RA 42 2.13 10.48 -28.99
CA LEU RA 42 1.61 11.84 -28.76
C LEU RA 42 1.21 11.99 -27.31
N ILE RA 43 1.70 13.03 -26.66
CA ILE RA 43 1.28 13.29 -25.26
C ILE RA 43 0.50 14.60 -25.32
N ALA RA 44 -0.81 14.56 -25.03
CA ALA RA 44 -1.68 15.73 -25.33
C ALA RA 44 -2.54 16.14 -24.12
N GLN RA 45 -2.61 17.44 -23.86
CA GLN RA 45 -3.40 17.89 -22.70
C GLN RA 45 -4.82 18.19 -23.09
N PHE RA 46 -5.71 18.21 -22.10
CA PHE RA 46 -6.93 18.98 -22.18
C PHE RA 46 -6.60 20.48 -21.99
N THR RA 47 -7.25 21.33 -22.80
CA THR RA 47 -6.88 22.75 -22.90
C THR RA 47 -8.09 23.66 -23.04
N GLU RA 48 -7.85 24.97 -23.12
CA GLU RA 48 -8.90 25.94 -23.43
C GLU RA 48 -9.70 25.53 -24.68
N HIS RA 49 -9.01 25.06 -25.72
CA HIS RA 49 -9.67 24.66 -26.97
C HIS RA 49 -10.18 23.21 -27.09
N THR RA 50 -9.66 22.31 -26.24
CA THR RA 50 -9.90 20.86 -26.33
C THR RA 50 -10.48 20.35 -25.05
N SER RA 51 -11.75 19.94 -25.07
CA SER RA 51 -12.32 19.31 -23.87
C SER RA 51 -12.66 17.84 -24.09
N ALA RA 52 -12.39 17.31 -25.29
CA ALA RA 52 -12.60 15.87 -25.52
C ALA RA 52 -11.68 15.44 -26.66
N ILE RA 53 -11.25 14.18 -26.60
CA ILE RA 53 -10.29 13.68 -27.58
C ILE RA 53 -10.81 12.36 -28.15
N LYS RA 54 -10.91 12.26 -29.48
CA LYS RA 54 -11.33 11.01 -30.10
C LYS RA 54 -10.12 10.40 -30.81
N VAL RA 55 -9.94 9.08 -30.60
CA VAL RA 55 -8.89 8.34 -31.26
C VAL RA 55 -9.48 7.36 -32.30
N ARG RA 56 -9.10 7.54 -33.56
CA ARG RA 56 -9.44 6.59 -34.61
C ARG RA 56 -8.20 5.83 -35.07
N GLY RA 57 -8.34 4.52 -35.26
CA GLY RA 57 -7.20 3.69 -35.63
C GLY RA 57 -6.70 2.94 -34.41
N LYS RA 58 -5.78 2.02 -34.65
CA LYS RA 58 -5.24 1.16 -33.61
C LYS RA 58 -4.17 1.92 -32.82
N ALA RA 59 -4.42 2.05 -31.52
CA ALA RA 59 -3.55 2.81 -30.64
C ALA RA 59 -3.54 2.25 -29.23
N TYR RA 60 -2.40 2.39 -28.56
CA TYR RA 60 -2.31 2.11 -27.13
C TYR RA 60 -2.39 3.41 -26.31
N ILE RA 61 -3.28 3.47 -25.32
CA ILE RA 61 -3.56 4.73 -24.65
C ILE RA 61 -3.38 4.68 -23.14
N GLN RA 62 -2.63 5.63 -22.58
CA GLN RA 62 -2.49 5.72 -21.13
C GLN RA 62 -3.10 7.01 -20.60
N THR RA 63 -3.96 6.86 -19.60
CA THR RA 63 -4.48 8.00 -18.90
C THR RA 63 -4.33 7.77 -17.42
N ARG RA 64 -4.76 8.77 -16.67
CA ARG RA 64 -4.78 8.65 -15.25
C ARG RA 64 -5.74 7.53 -14.75
N HIS RA 65 -6.72 7.13 -15.58
CA HIS RA 65 -7.64 6.06 -15.16
C HIS RA 65 -7.28 4.66 -15.61
N GLY RA 66 -6.16 4.53 -16.30
CA GLY RA 66 -5.66 3.22 -16.64
C GLY RA 66 -5.19 3.23 -18.06
N VAL RA 67 -5.18 2.04 -18.67
CA VAL RA 67 -4.71 1.92 -20.04
C VAL RA 67 -5.77 1.24 -20.86
N ILE RA 68 -5.71 1.46 -22.16
CA ILE RA 68 -6.79 0.99 -23.04
C ILE RA 68 -6.21 0.95 -24.44
N GLU RA 69 -6.75 0.09 -25.29
CA GLU RA 69 -6.33 0.09 -26.69
C GLU RA 69 -7.54 0.47 -27.56
N SER RA 70 -7.37 1.46 -28.41
CA SER RA 70 -8.37 1.74 -29.43
C SER RA 70 -8.19 0.77 -30.62
N GLU RA 71 -9.31 0.50 -31.29
CA GLU RA 71 -9.35 -0.52 -32.34
C GLU RA 71 -10.23 -0.09 -33.52
N GLY RA 72 -10.61 1.18 -33.56
CA GLY RA 72 -11.62 1.59 -34.51
C GLY RA 72 -11.05 1.69 -35.91
N LYS RA 73 -11.96 1.52 -36.88
CA LYS RA 73 -11.89 2.09 -38.24
C LYS RA 73 -11.49 1.07 -39.31
N THR SA 3 4.87 27.74 -13.75
CA THR SA 3 6.15 26.93 -13.92
C THR SA 3 6.12 25.57 -13.19
N ASN SA 4 4.95 25.19 -12.65
CA ASN SA 4 4.76 23.91 -11.95
C ASN SA 4 3.82 22.90 -12.64
N SER SA 5 3.79 22.93 -13.97
CA SER SA 5 3.05 21.94 -14.73
C SER SA 5 3.77 20.59 -14.81
N ASP SA 6 3.03 19.58 -15.23
CA ASP SA 6 3.61 18.26 -15.51
C ASP SA 6 4.74 18.28 -16.52
N PHE SA 7 5.60 17.26 -16.45
CA PHE SA 7 6.66 17.10 -17.43
C PHE SA 7 6.78 15.63 -17.86
N VAL SA 8 7.50 15.44 -18.96
CA VAL SA 8 7.74 14.12 -19.52
C VAL SA 8 9.23 13.93 -19.61
N VAL SA 9 9.67 12.67 -19.46
CA VAL SA 9 11.09 12.36 -19.55
C VAL SA 9 11.29 11.50 -20.82
N ILE SA 10 12.25 11.85 -21.68
CA ILE SA 10 12.43 11.13 -22.96
C ILE SA 10 13.90 10.80 -23.10
N LYS SA 11 14.21 9.50 -23.21
CA LYS SA 11 15.57 9.06 -23.56
C LYS SA 11 15.58 8.46 -24.95
N ALA SA 12 16.48 8.97 -25.77
CA ALA SA 12 16.65 8.48 -27.13
C ALA SA 12 17.28 7.10 -27.12
N LEU SA 13 16.72 6.19 -27.90
CA LEU SA 13 17.30 4.84 -28.02
C LEU SA 13 18.03 4.61 -29.34
N GLU SA 14 18.08 5.66 -30.16
CA GLU SA 14 18.86 5.68 -31.40
C GLU SA 14 19.11 7.16 -31.71
N ASP SA 15 19.97 7.42 -32.68
CA ASP SA 15 20.24 8.80 -33.10
C ASP SA 15 19.03 9.43 -33.80
N GLY SA 16 18.94 10.76 -33.74
CA GLY SA 16 18.01 11.52 -34.58
C GLY SA 16 16.56 11.47 -34.11
N VAL SA 17 16.32 11.10 -32.86
CA VAL SA 17 14.99 11.18 -32.27
C VAL SA 17 14.58 12.67 -32.29
N ASN SA 18 13.28 12.95 -32.44
CA ASN SA 18 12.78 14.33 -32.43
C ASN SA 18 11.69 14.42 -31.40
N VAL SA 19 11.82 15.39 -30.49
CA VAL SA 19 10.78 15.68 -29.50
C VAL SA 19 10.19 17.00 -29.98
N ILE SA 20 8.94 16.94 -30.43
CA ILE SA 20 8.32 18.07 -31.10
C ILE SA 20 7.29 18.75 -30.18
N GLY SA 21 7.39 20.07 -30.04
CA GLY SA 21 6.46 20.81 -29.21
C GLY SA 21 5.41 21.35 -30.14
N LEU SA 22 4.16 21.02 -29.87
CA LEU SA 22 3.07 21.55 -30.69
C LEU SA 22 2.45 22.73 -29.94
N THR SA 23 1.99 23.73 -30.67
CA THR SA 23 1.53 24.99 -30.07
C THR SA 23 0.23 24.82 -29.29
N ARG SA 24 0.18 25.43 -28.11
CA ARG SA 24 -1.10 25.65 -27.41
C ARG SA 24 -1.96 26.65 -28.21
N GLY SA 25 -3.30 26.52 -28.11
CA GLY SA 25 -4.19 27.55 -28.64
C GLY SA 25 -5.05 27.03 -29.77
N ALA SA 26 -5.73 27.93 -30.46
CA ALA SA 26 -6.62 27.55 -31.56
C ALA SA 26 -5.86 26.90 -32.74
N ASP SA 27 -4.60 27.27 -32.91
CA ASP SA 27 -3.73 26.65 -33.93
C ASP SA 27 -2.91 25.49 -33.35
N THR SA 28 -2.76 24.40 -34.12
CA THR SA 28 -1.84 23.32 -33.74
C THR SA 28 -0.73 23.17 -34.80
N ARG SA 29 0.42 23.74 -34.51
CA ARG SA 29 1.57 23.68 -35.42
C ARG SA 29 2.80 23.36 -34.57
N PHE SA 30 3.89 23.02 -35.24
CA PHE SA 30 5.18 22.76 -34.59
C PHE SA 30 5.77 24.10 -34.23
N HIS SA 31 6.24 24.26 -33.00
CA HIS SA 31 7.09 25.44 -32.74
C HIS SA 31 8.56 25.11 -32.47
N HIS SA 32 8.83 23.86 -32.07
CA HIS SA 32 10.18 23.43 -31.81
C HIS SA 32 10.31 21.93 -31.95
N SER SA 33 11.39 21.49 -32.58
CA SER SA 33 11.71 20.09 -32.64
C SER SA 33 13.08 19.92 -31.97
N GLU SA 34 13.13 19.29 -30.80
CA GLU SA 34 14.43 19.00 -30.21
C GLU SA 34 14.97 17.63 -30.66
N LYS SA 35 16.13 17.66 -31.30
CA LYS SA 35 16.79 16.46 -31.76
C LYS SA 35 17.66 15.87 -30.66
N LEU SA 36 17.56 14.56 -30.49
CA LEU SA 36 18.27 13.86 -29.43
C LEU SA 36 19.02 12.72 -30.07
N ASP SA 37 20.32 12.61 -29.78
CA ASP SA 37 21.05 11.43 -30.19
C ASP SA 37 21.07 10.34 -29.11
N LYS SA 38 21.54 9.16 -29.49
CA LYS SA 38 21.36 7.98 -28.65
C LYS SA 38 21.85 8.23 -27.23
N GLY SA 39 20.99 7.93 -26.27
CA GLY SA 39 21.32 8.02 -24.88
C GLY SA 39 21.07 9.36 -24.20
N GLU SA 40 20.80 10.41 -24.97
CA GLU SA 40 20.58 11.74 -24.40
C GLU SA 40 19.22 11.75 -23.79
N VAL SA 41 19.06 12.54 -22.73
CA VAL SA 41 17.77 12.62 -22.02
C VAL SA 41 17.25 14.07 -22.07
N LEU SA 42 15.96 14.22 -22.39
CA LEU SA 42 15.25 15.51 -22.30
C LEU SA 42 14.12 15.41 -21.31
N ILE SA 43 14.01 16.41 -20.42
CA ILE SA 43 12.92 16.47 -19.44
C ILE SA 43 12.17 17.74 -19.77
N ALA SA 44 10.92 17.63 -20.22
CA ALA SA 44 10.25 18.80 -20.83
C ALA SA 44 8.87 18.97 -20.25
N GLN SA 45 8.54 20.21 -19.86
CA GLN SA 45 7.21 20.48 -19.29
C GLN SA 45 6.18 20.79 -20.35
N PHE SA 46 4.90 20.70 -19.97
CA PHE SA 46 3.87 21.45 -20.67
C PHE SA 46 3.91 22.91 -20.17
N THR SA 47 3.63 23.87 -21.05
CA THR SA 47 3.88 25.29 -20.78
C THR SA 47 2.83 26.16 -21.47
N GLU SA 48 2.98 27.48 -21.34
CA GLU SA 48 2.14 28.42 -22.09
C GLU SA 48 2.20 28.14 -23.60
N HIS SA 49 3.37 27.80 -24.12
CA HIS SA 49 3.55 27.54 -25.56
C HIS SA 49 3.32 26.13 -26.12
N THR SA 50 3.35 25.13 -25.22
CA THR SA 50 3.30 23.71 -25.57
C THR SA 50 2.19 22.96 -24.80
N SER SA 51 1.13 22.58 -25.51
CA SER SA 51 0.05 21.80 -24.91
C SER SA 51 0.00 20.35 -25.38
N ALA SA 52 0.90 20.01 -26.29
CA ALA SA 52 1.05 18.62 -26.80
C ALA SA 52 2.49 18.39 -27.24
N ILE SA 53 2.97 17.16 -27.00
CA ILE SA 53 4.32 16.77 -27.39
C ILE SA 53 4.26 15.50 -28.23
N LYS SA 54 4.99 15.50 -29.35
CA LYS SA 54 5.04 14.35 -30.24
C LYS SA 54 6.46 13.84 -30.32
N VAL SA 55 6.62 12.53 -30.15
CA VAL SA 55 7.93 11.90 -30.23
C VAL SA 55 8.02 10.99 -31.43
N ARG SA 56 8.99 11.29 -32.31
CA ARG SA 56 9.35 10.50 -33.47
C ARG SA 56 10.73 9.87 -33.29
N GLY SA 57 10.83 8.58 -33.57
CA GLY SA 57 12.07 7.86 -33.38
C GLY SA 57 11.93 6.93 -32.19
N LYS SA 58 12.88 6.02 -32.07
CA LYS SA 58 12.93 5.07 -30.97
C LYS SA 58 13.34 5.73 -29.64
N ALA SA 59 12.44 5.74 -28.65
CA ALA SA 59 12.69 6.46 -27.41
C ALA SA 59 11.97 5.78 -26.25
N TYR SA 60 12.55 5.88 -25.05
CA TYR SA 60 11.94 5.43 -23.82
C TYR SA 60 11.38 6.66 -23.12
N ILE SA 61 10.12 6.60 -22.70
CA ILE SA 61 9.37 7.76 -22.25
C ILE SA 61 8.74 7.48 -20.89
N GLN SA 62 8.93 8.39 -19.94
CA GLN SA 62 8.27 8.29 -18.65
C GLN SA 62 7.36 9.50 -18.43
N THR SA 63 6.16 9.25 -17.91
CA THR SA 63 5.23 10.30 -17.48
C THR SA 63 4.61 9.85 -16.22
N ARG SA 64 3.73 10.71 -15.69
CA ARG SA 64 2.92 10.44 -14.54
C ARG SA 64 2.10 9.14 -14.71
N HIS SA 65 1.78 8.80 -15.98
CA HIS SA 65 0.85 7.69 -16.24
C HIS SA 65 1.53 6.36 -16.51
N GLY SA 66 2.87 6.39 -16.57
CA GLY SA 66 3.60 5.14 -16.66
C GLY SA 66 4.72 5.33 -17.65
N VAL SA 67 5.21 4.22 -18.19
CA VAL SA 67 6.32 4.29 -19.13
C VAL SA 67 5.86 3.72 -20.47
N ILE SA 68 6.56 4.11 -21.54
CA ILE SA 68 6.18 3.65 -22.86
C ILE SA 68 7.38 3.92 -23.78
N GLU SA 69 7.49 3.13 -24.83
CA GLU SA 69 8.51 3.36 -25.84
C GLU SA 69 7.89 3.77 -27.17
N SER SA 70 8.42 4.83 -27.77
CA SER SA 70 8.12 5.13 -29.15
C SER SA 70 9.01 4.26 -30.01
N GLU SA 71 8.56 4.00 -31.22
CA GLU SA 71 9.33 3.21 -32.17
C GLU SA 71 9.46 4.01 -33.45
N GLY SA 72 10.61 3.86 -34.11
CA GLY SA 72 10.90 4.59 -35.34
C GLY SA 72 10.72 3.69 -36.56
N LYS SA 73 10.99 4.25 -37.72
CA LYS SA 73 10.99 3.46 -38.95
C LYS SA 73 12.29 2.67 -39.02
N THR TA 3 8.37 29.45 -6.58
CA THR TA 3 9.59 28.69 -6.14
C THR TA 3 9.36 27.22 -5.71
N ASN TA 4 8.13 26.71 -5.90
CA ASN TA 4 7.73 25.33 -5.53
C ASN TA 4 7.63 24.36 -6.72
N SER TA 5 8.29 24.68 -7.83
CA SER TA 5 8.29 23.80 -9.01
C SER TA 5 9.02 22.45 -8.79
N ASP TA 6 8.69 21.47 -9.61
CA ASP TA 6 9.41 20.19 -9.61
C ASP TA 6 10.88 20.40 -9.81
N PHE TA 7 11.68 19.40 -9.44
CA PHE TA 7 13.09 19.42 -9.71
C PHE TA 7 13.57 18.05 -10.17
N VAL TA 8 14.79 18.01 -10.71
CA VAL TA 8 15.42 16.80 -11.22
C VAL TA 8 16.74 16.64 -10.46
N VAL TA 9 17.13 15.40 -10.12
CA VAL TA 9 18.43 15.14 -9.53
C VAL TA 9 19.31 14.50 -10.60
N ILE TA 10 20.51 15.02 -10.78
CA ILE TA 10 21.45 14.49 -11.78
C ILE TA 10 22.82 14.21 -11.15
N LYS TA 11 23.24 12.93 -11.15
CA LYS TA 11 24.59 12.58 -10.76
C LYS TA 11 25.43 12.22 -11.97
N ALA TA 12 26.58 12.85 -12.12
CA ALA TA 12 27.47 12.57 -13.24
C ALA TA 12 28.18 11.22 -13.06
N LEU TA 13 28.17 10.39 -14.10
CA LEU TA 13 28.83 9.07 -14.04
C LEU TA 13 30.16 9.08 -14.78
N GLU TA 14 30.54 10.27 -15.28
CA GLU TA 14 31.79 10.42 -16.02
C GLU TA 14 32.09 11.93 -16.04
N ASP TA 15 33.31 12.33 -16.38
CA ASP TA 15 33.61 13.76 -16.48
C ASP TA 15 32.91 14.42 -17.69
N GLY TA 16 32.57 15.70 -17.57
CA GLY TA 16 32.10 16.46 -18.72
C GLY TA 16 30.63 16.28 -19.07
N VAL TA 17 29.83 15.78 -18.14
CA VAL TA 17 28.38 15.76 -18.31
C VAL TA 17 27.91 17.23 -18.41
N ASN TA 18 26.97 17.50 -19.34
CA ASN TA 18 26.35 18.81 -19.45
C ASN TA 18 24.89 18.75 -19.14
N VAL TA 19 24.47 19.58 -18.20
CA VAL TA 19 23.06 19.74 -17.90
C VAL TA 19 22.65 21.07 -18.50
N ILE TA 20 21.84 21.01 -19.55
CA ILE TA 20 21.50 22.20 -20.35
C ILE TA 20 20.08 22.69 -19.99
N GLY TA 21 19.94 23.98 -19.65
CA GLY TA 21 18.61 24.54 -19.47
C GLY TA 21 18.17 25.16 -20.76
N LEU TA 22 16.98 24.77 -21.21
CA LEU TA 22 16.42 25.34 -22.42
C LEU TA 22 15.41 26.40 -22.01
N THR TA 23 15.40 27.51 -22.73
CA THR TA 23 14.49 28.61 -22.37
C THR TA 23 13.00 28.30 -22.45
N ARG TA 24 12.29 28.75 -21.42
CA ARG TA 24 10.84 28.92 -21.44
C ARG TA 24 10.38 29.97 -22.48
N GLY TA 25 9.23 29.75 -23.12
CA GLY TA 25 8.61 30.79 -23.93
C GLY TA 25 8.48 30.38 -25.39
N ALA TA 26 8.21 31.35 -26.26
CA ALA TA 26 8.05 31.08 -27.70
C ALA TA 26 9.36 30.57 -28.33
N ASP TA 27 10.47 30.98 -27.75
CA ASP TA 27 11.77 30.62 -28.28
C ASP TA 27 12.35 29.45 -27.49
N THR TA 28 12.99 28.51 -28.17
CA THR TA 28 13.66 27.41 -27.46
C THR TA 28 15.14 27.42 -27.76
N ARG TA 29 15.93 27.92 -26.81
CA ARG TA 29 17.37 28.04 -26.99
C ARG TA 29 18.08 27.65 -25.70
N PHE TA 30 19.40 27.47 -25.76
CA PHE TA 30 20.17 27.16 -24.55
C PHE TA 30 20.29 28.46 -23.79
N HIS TA 31 20.09 28.46 -22.48
CA HIS TA 31 20.51 29.65 -21.74
C HIS TA 31 21.66 29.34 -20.78
N HIS TA 32 21.79 28.07 -20.41
CA HIS TA 32 22.89 27.69 -19.53
C HIS TA 32 23.24 26.22 -19.68
N SER TA 33 24.53 25.93 -19.61
CA SER TA 33 24.97 24.54 -19.59
C SER TA 33 25.87 24.38 -18.39
N GLU TA 34 25.39 23.61 -17.41
CA GLU TA 34 26.22 23.31 -16.23
C GLU TA 34 27.00 22.04 -16.47
N LYS TA 35 28.32 22.17 -16.37
CA LYS TA 35 29.24 21.06 -16.56
C LYS TA 35 29.52 20.37 -15.22
N LEU TA 36 29.34 19.05 -15.20
CA LEU TA 36 29.50 18.23 -14.02
C LEU TA 36 30.62 17.23 -14.22
N ASP TA 37 31.58 17.19 -13.30
CA ASP TA 37 32.61 16.16 -13.31
C ASP TA 37 32.13 14.92 -12.57
N LYS TA 38 32.85 13.80 -12.75
CA LYS TA 38 32.38 12.51 -12.23
C LYS TA 38 31.99 12.54 -10.74
N GLY TA 39 30.79 12.13 -10.44
CA GLY TA 39 30.32 12.00 -9.07
C GLY TA 39 29.60 13.21 -8.51
N GLU TA 40 29.76 14.36 -9.15
CA GLU TA 40 29.05 15.57 -8.72
C GLU TA 40 27.57 15.40 -8.93
N VAL TA 41 26.79 16.00 -8.01
CA VAL TA 41 25.32 15.99 -8.07
C VAL TA 41 24.77 17.41 -8.28
N LEU TA 42 23.80 17.53 -9.20
CA LEU TA 42 23.07 18.76 -9.43
C LEU TA 42 21.60 18.49 -9.19
N ILE TA 43 20.97 19.36 -8.39
CA ILE TA 43 19.55 19.27 -8.13
C ILE TA 43 18.95 20.56 -8.72
N ALA TA 44 18.18 20.47 -9.82
CA ALA TA 44 17.78 21.69 -10.55
C ALA TA 44 16.28 21.73 -10.74
N GLN TA 45 15.67 22.89 -10.49
CA GLN TA 45 14.23 23.07 -10.67
C GLN TA 45 13.86 23.46 -12.08
N PHE TA 46 12.59 23.27 -12.43
CA PHE TA 46 12.02 24.06 -13.53
C PHE TA 46 11.64 25.43 -12.98
N THR TA 47 11.77 26.48 -13.80
CA THR TA 47 11.71 27.87 -13.32
C THR TA 47 11.03 28.79 -14.32
N GLU TA 48 10.91 30.07 -13.99
CA GLU TA 48 10.54 31.08 -14.97
C GLU TA 48 11.41 31.00 -16.24
N HIS TA 49 12.71 30.72 -16.08
CA HIS TA 49 13.59 30.69 -17.26
C HIS TA 49 13.79 29.36 -17.98
N THR TA 50 13.50 28.26 -17.27
CA THR TA 50 13.81 26.90 -17.71
C THR TA 50 12.56 26.02 -17.70
N SER TA 51 12.15 25.60 -18.90
CA SER TA 51 10.97 24.76 -19.08
C SER TA 51 11.28 23.35 -19.67
N ALA TA 52 12.53 23.15 -20.06
CA ALA TA 52 13.01 21.85 -20.49
C ALA TA 52 14.49 21.73 -20.11
N ILE TA 53 14.89 20.50 -19.77
CA ILE TA 53 16.28 20.25 -19.36
C ILE TA 53 16.83 19.08 -20.17
N LYS TA 54 18.01 19.27 -20.79
CA LYS TA 54 18.63 18.22 -21.58
C LYS TA 54 19.96 17.79 -20.92
N VAL TA 55 20.17 16.47 -20.83
CA VAL TA 55 21.42 15.91 -20.27
C VAL TA 55 22.24 15.22 -21.37
N ARG TA 56 23.50 15.65 -21.49
CA ARG TA 56 24.43 15.02 -22.41
C ARG TA 56 25.51 14.36 -21.58
N GLY TA 57 25.93 13.17 -21.99
CA GLY TA 57 26.92 12.39 -21.25
C GLY TA 57 26.27 11.39 -20.29
N LYS TA 58 27.10 10.58 -19.67
CA LYS TA 58 26.61 9.48 -18.84
C LYS TA 58 26.29 9.98 -17.41
N ALA TA 59 25.03 9.84 -17.00
CA ALA TA 59 24.48 10.36 -15.73
C ALA TA 59 23.31 9.55 -15.21
N TYR TA 60 23.12 9.53 -13.88
CA TYR TA 60 21.99 8.87 -13.23
C TYR TA 60 21.03 9.99 -12.86
N ILE TA 61 19.75 9.84 -13.21
CA ILE TA 61 18.77 10.91 -13.04
C ILE TA 61 17.56 10.44 -12.29
N GLN TA 62 17.17 11.22 -11.26
CA GLN TA 62 15.96 10.92 -10.50
C GLN TA 62 14.95 12.05 -10.72
N THR TA 63 13.69 11.69 -11.00
CA THR TA 63 12.58 12.62 -11.01
C THR TA 63 11.39 11.99 -10.33
N ARG TA 64 10.32 12.78 -10.17
CA ARG TA 64 9.02 12.32 -9.70
C ARG TA 64 8.53 11.04 -10.43
N HIS TA 65 8.96 10.82 -11.69
CA HIS TA 65 8.44 9.69 -12.48
C HIS TA 65 9.31 8.44 -12.49
N GLY TA 66 10.47 8.52 -11.85
CA GLY TA 66 11.30 7.34 -11.61
C GLY TA 66 12.74 7.68 -11.87
N VAL TA 67 13.55 6.68 -12.20
CA VAL TA 67 14.97 6.94 -12.41
C VAL TA 67 15.36 6.54 -13.81
N ILE TA 68 16.45 7.09 -14.31
CA ILE TA 68 16.82 6.76 -15.66
C ILE TA 68 18.27 7.17 -15.77
N GLU TA 69 19.00 6.51 -16.66
CA GLU TA 69 20.38 6.92 -16.88
C GLU TA 69 20.52 7.48 -18.29
N SER TA 70 21.23 8.61 -18.43
CA SER TA 70 21.64 9.09 -19.74
C SER TA 70 22.93 8.39 -20.09
N GLU TA 71 23.24 8.34 -21.37
CA GLU TA 71 24.39 7.60 -21.85
C GLU TA 71 25.17 8.46 -22.85
N GLY TA 72 26.49 8.53 -22.68
CA GLY TA 72 27.32 9.35 -23.54
C GLY TA 72 27.57 8.79 -24.93
N THR UA 3 7.36 30.38 1.64
CA THR UA 3 8.35 29.71 2.56
C THR UA 3 8.17 28.19 2.71
N ASN UA 4 7.26 27.60 1.91
CA ASN UA 4 7.14 26.13 1.92
C ASN UA 4 7.54 25.34 0.66
N SER UA 5 8.65 25.73 0.06
CA SER UA 5 9.16 25.06 -1.13
C SER UA 5 9.85 23.76 -0.69
N ASP UA 6 10.13 22.88 -1.65
CA ASP UA 6 10.86 21.65 -1.34
C ASP UA 6 12.27 21.95 -0.77
N PHE UA 7 12.82 20.95 -0.09
CA PHE UA 7 14.18 21.04 0.43
C PHE UA 7 14.98 19.76 0.17
N VAL UA 8 16.29 19.83 0.35
CA VAL UA 8 17.18 18.70 0.25
C VAL UA 8 17.97 18.52 1.53
N VAL UA 9 18.25 17.28 1.90
CA VAL UA 9 19.08 17.01 3.08
C VAL UA 9 20.45 16.52 2.63
N ILE UA 10 21.53 17.15 3.11
CA ILE UA 10 22.85 16.75 2.72
C ILE UA 10 23.73 16.44 3.94
N LYS UA 11 24.32 15.24 3.98
CA LYS UA 11 25.30 14.87 5.01
C LYS UA 11 26.68 14.67 4.43
N ALA UA 12 27.66 15.43 4.92
CA ALA UA 12 29.02 15.31 4.45
C ALA UA 12 29.63 13.99 4.91
N LEU UA 13 30.23 13.24 3.96
CA LEU UA 13 30.91 11.98 4.29
C LEU UA 13 32.45 12.13 4.36
N GLU UA 14 32.95 13.35 4.15
CA GLU UA 14 34.38 13.67 4.29
C GLU UA 14 34.43 15.17 4.58
N ASP UA 15 35.60 15.71 4.96
CA ASP UA 15 35.67 17.15 5.19
C ASP UA 15 35.67 17.90 3.85
N GLY UA 16 35.24 19.17 3.88
CA GLY UA 16 35.39 20.08 2.74
C GLY UA 16 34.35 19.93 1.65
N VAL UA 17 33.23 19.29 1.97
CA VAL UA 17 32.08 19.21 1.08
C VAL UA 17 31.52 20.64 0.87
N ASN UA 18 31.21 20.97 -0.38
CA ASN UA 18 30.60 22.23 -0.67
C ASN UA 18 29.20 22.03 -1.23
N VAL UA 19 28.23 22.74 -0.63
CA VAL UA 19 26.86 22.75 -1.09
C VAL UA 19 26.61 24.15 -1.69
N ILE UA 20 26.44 24.21 -2.98
CA ILE UA 20 26.52 25.50 -3.63
C ILE UA 20 25.15 25.88 -4.15
N GLY UA 21 24.70 27.10 -3.80
CA GLY UA 21 23.47 27.66 -4.34
C GLY UA 21 23.70 28.36 -5.68
N LEU UA 22 22.96 27.95 -6.71
CA LEU UA 22 23.08 28.63 -7.99
C LEU UA 22 21.91 29.58 -8.09
N THR UA 23 22.16 30.76 -8.62
CA THR UA 23 21.16 31.83 -8.74
C THR UA 23 19.94 31.47 -9.59
N ARG UA 24 18.76 31.79 -9.05
CA ARG UA 24 17.54 31.86 -9.84
C ARG UA 24 17.58 33.02 -10.85
N GLY UA 25 17.00 32.81 -12.02
CA GLY UA 25 16.84 33.86 -13.01
C GLY UA 25 17.53 33.63 -14.34
N ALA UA 26 17.69 34.70 -15.06
CA ALA UA 26 18.35 34.67 -16.36
C ALA UA 26 19.81 34.27 -16.24
N ASP UA 27 20.42 34.66 -15.13
CA ASP UA 27 21.82 34.32 -14.83
C ASP UA 27 21.94 33.04 -14.00
N THR UA 28 22.96 32.24 -14.30
CA THR UA 28 23.26 31.06 -13.48
C THR UA 28 24.72 31.14 -12.97
N ARG UA 29 24.88 31.68 -11.76
CA ARG UA 29 26.19 31.90 -11.16
C ARG UA 29 26.09 31.43 -9.71
N PHE UA 30 27.21 31.32 -9.01
CA PHE UA 30 27.13 30.89 -7.61
C PHE UA 30 26.76 32.09 -6.79
N HIS UA 31 25.86 31.94 -5.81
CA HIS UA 31 25.70 33.01 -4.83
C HIS UA 31 26.20 32.66 -3.43
N HIS UA 32 26.29 31.36 -3.13
CA HIS UA 32 26.84 30.99 -1.85
C HIS UA 32 27.29 29.54 -1.93
N SER UA 33 28.43 29.28 -1.30
CA SER UA 33 28.92 27.91 -1.11
C SER UA 33 29.02 27.63 0.39
N GLU UA 34 28.22 26.69 0.88
CA GLU UA 34 28.35 26.27 2.28
C GLU UA 34 29.28 25.06 2.40
N LYS UA 35 30.35 25.25 3.16
CA LYS UA 35 31.33 24.20 3.42
C LYS UA 35 30.84 23.37 4.62
N LEU UA 36 30.84 22.06 4.43
CA LEU UA 36 30.53 21.09 5.48
C LEU UA 36 31.72 20.16 5.80
N ASP UA 37 31.95 19.97 7.09
CA ASP UA 37 32.96 19.02 7.55
C ASP UA 37 32.26 17.67 7.75
N LYS UA 38 33.04 16.59 7.85
CA LYS UA 38 32.50 15.23 7.83
C LYS UA 38 31.46 15.03 8.93
N GLY UA 39 30.30 14.54 8.53
CA GLY UA 39 29.23 14.25 9.47
C GLY UA 39 28.24 15.38 9.74
N GLU UA 40 28.54 16.61 9.34
CA GLU UA 40 27.60 17.73 9.50
C GLU UA 40 26.45 17.56 8.53
N VAL UA 41 25.26 17.97 8.94
CA VAL UA 41 24.12 17.91 8.03
C VAL UA 41 23.60 19.30 7.70
N LEU UA 42 23.32 19.50 6.42
CA LEU UA 42 22.62 20.70 5.94
C LEU UA 42 21.24 20.35 5.32
N ILE UA 43 20.20 21.08 5.76
CA ILE UA 43 18.87 20.94 5.16
C ILE UA 43 18.50 22.26 4.51
N ALA UA 44 18.45 22.31 3.17
CA ALA UA 44 18.44 23.58 2.40
C ALA UA 44 17.27 23.61 1.41
N GLN UA 45 16.50 24.68 1.45
CA GLN UA 45 15.33 24.82 0.57
C GLN UA 45 15.71 25.37 -0.79
N PHE UA 46 14.84 25.13 -1.79
CA PHE UA 46 14.83 26.02 -2.95
C PHE UA 46 14.14 27.31 -2.55
N THR UA 47 14.58 28.45 -3.09
CA THR UA 47 14.13 29.77 -2.59
C THR UA 47 14.02 30.77 -3.73
N GLU UA 48 13.63 32.01 -3.41
CA GLU UA 48 13.72 33.12 -4.36
C GLU UA 48 15.10 33.19 -5.03
N HIS UA 49 16.16 32.94 -4.26
CA HIS UA 49 17.52 33.19 -4.77
C HIS UA 49 18.24 31.97 -5.33
N THR UA 50 17.76 30.78 -4.93
CA THR UA 50 18.35 29.46 -5.27
C THR UA 50 17.37 28.57 -6.06
N SER UA 51 17.70 28.29 -7.32
CA SER UA 51 16.85 27.41 -8.11
C SER UA 51 17.56 26.12 -8.57
N ALA UA 52 18.84 25.97 -8.20
CA ALA UA 52 19.63 24.75 -8.46
C ALA UA 52 20.69 24.64 -7.37
N ILE UA 53 21.01 23.41 -6.94
CA ILE UA 53 21.99 23.18 -5.89
C ILE UA 53 22.99 22.20 -6.48
N LYS UA 54 24.27 22.53 -6.37
CA LYS UA 54 25.34 21.62 -6.78
C LYS UA 54 26.08 21.13 -5.55
N VAL UA 55 26.36 19.83 -5.47
CA VAL UA 55 27.14 19.30 -4.34
C VAL UA 55 28.48 18.78 -4.81
N ARG UA 56 29.55 19.29 -4.19
CA ARG UA 56 30.92 18.89 -4.55
C ARG UA 56 31.53 18.15 -3.37
N GLY UA 57 32.19 17.02 -3.63
CA GLY UA 57 32.72 16.21 -2.56
C GLY UA 57 31.77 15.08 -2.17
N LYS UA 58 32.25 14.20 -1.29
CA LYS UA 58 31.53 12.99 -0.90
C LYS UA 58 30.43 13.27 0.10
N ALA UA 59 29.17 12.98 -0.28
CA ALA UA 59 28.02 13.32 0.57
C ALA UA 59 26.83 12.38 0.40
N TYR UA 60 26.01 12.22 1.43
CA TYR UA 60 24.78 11.45 1.33
C TYR UA 60 23.60 12.44 1.25
N ILE UA 61 22.74 12.26 0.26
CA ILE UA 61 21.69 13.23 -0.08
C ILE UA 61 20.34 12.59 -0.13
N GLN UA 62 19.39 13.19 0.60
CA GLN UA 62 18.01 12.78 0.52
C GLN UA 62 17.15 13.88 -0.10
N THR UA 63 16.31 13.49 -1.05
CA THR UA 63 15.28 14.38 -1.59
C THR UA 63 13.97 13.64 -1.65
N ARG UA 64 12.94 14.36 -2.04
CA ARG UA 64 11.61 13.79 -2.29
C ARG UA 64 11.65 12.58 -3.26
N HIS UA 65 12.64 12.58 -4.17
CA HIS UA 65 12.74 11.54 -5.22
C HIS UA 65 13.62 10.36 -4.87
N GLY UA 66 14.15 10.36 -3.65
CA GLY UA 66 14.97 9.26 -3.19
C GLY UA 66 16.29 9.73 -2.63
N VAL UA 67 17.21 8.77 -2.52
CA VAL UA 67 18.52 9.03 -1.95
C VAL UA 67 19.62 8.78 -2.98
N ILE UA 68 20.76 9.37 -2.71
CA ILE UA 68 21.84 9.38 -3.69
C ILE UA 68 23.10 9.84 -2.97
N GLU UA 69 24.25 9.37 -3.40
CA GLU UA 69 25.49 9.87 -2.86
C GLU UA 69 26.27 10.56 -3.95
N SER UA 70 26.77 11.75 -3.63
CA SER UA 70 27.78 12.38 -4.47
C SER UA 70 29.17 11.86 -4.11
N GLU UA 71 30.04 11.91 -5.09
CA GLU UA 71 31.43 11.53 -4.90
C GLU UA 71 32.24 12.72 -5.46
N GLY UA 72 33.31 13.12 -4.79
CA GLY UA 72 34.07 14.30 -5.17
C GLY UA 72 35.51 13.88 -5.28
N LYS UA 73 36.32 14.72 -5.93
CA LYS UA 73 37.76 14.46 -6.03
C LYS UA 73 38.44 15.58 -6.81
N THR VA 3 2.50 30.21 7.87
CA THR VA 3 2.92 29.44 9.10
C THR VA 3 2.76 27.90 9.01
N ASN VA 4 2.47 27.38 7.81
CA ASN VA 4 2.39 25.91 7.61
C ASN VA 4 3.47 25.32 6.69
N SER VA 5 4.69 25.81 6.86
CA SER VA 5 5.86 25.34 6.15
C SER VA 5 6.37 24.03 6.79
N ASP VA 6 7.21 23.29 6.07
CA ASP VA 6 7.81 22.05 6.60
C ASP VA 6 8.69 22.33 7.82
N PHE VA 7 8.91 21.29 8.62
CA PHE VA 7 9.79 21.34 9.78
C PHE VA 7 10.70 20.11 9.86
N VAL VA 8 11.75 20.24 10.67
CA VAL VA 8 12.64 19.15 10.97
C VAL VA 8 12.60 18.85 12.48
N VAL VA 9 12.76 17.57 12.84
CA VAL VA 9 12.92 17.17 14.24
C VAL VA 9 14.37 16.81 14.51
N ILE VA 10 14.97 17.39 15.55
CA ILE VA 10 16.36 17.09 15.87
C ILE VA 10 16.48 16.67 17.33
N LYS VA 11 16.97 15.45 17.59
CA LYS VA 11 17.31 15.01 18.96
C LYS VA 11 18.81 14.96 19.16
N ALA VA 12 19.31 15.67 20.16
CA ALA VA 12 20.74 15.66 20.46
C ALA VA 12 21.16 14.31 21.04
N LEU VA 13 22.26 13.77 20.49
CA LEU VA 13 22.78 12.51 20.96
C LEU VA 13 24.02 12.71 21.87
N GLU VA 14 24.42 13.98 22.04
CA GLU VA 14 25.51 14.35 22.95
C GLU VA 14 25.26 15.81 23.37
N ASP VA 15 25.98 16.28 24.37
CA ASP VA 15 25.90 17.67 24.78
C ASP VA 15 26.47 18.60 23.71
N GLY VA 16 25.92 19.81 23.64
CA GLY VA 16 26.45 20.85 22.80
C GLY VA 16 26.25 20.67 21.31
N VAL VA 17 25.16 20.01 20.94
CA VAL VA 17 24.71 20.04 19.55
C VAL VA 17 24.26 21.47 19.19
N ASN VA 18 24.61 21.92 17.98
CA ASN VA 18 24.19 23.25 17.51
C ASN VA 18 23.24 23.06 16.33
N VAL VA 19 22.05 23.64 16.42
CA VAL VA 19 21.13 23.73 15.30
C VAL VA 19 21.12 25.18 14.81
N ILE VA 20 21.68 25.39 13.61
CA ILE VA 20 21.93 26.74 13.14
C ILE VA 20 20.94 27.16 12.03
N GLY VA 21 20.31 28.30 12.20
CA GLY VA 21 19.45 28.85 11.18
C GLY VA 21 20.26 29.74 10.28
N LEU VA 22 20.16 29.51 8.97
CA LEU VA 22 20.84 30.31 8.00
C LEU VA 22 19.81 31.20 7.31
N THR VA 23 20.20 32.45 7.09
CA THR VA 23 19.27 33.46 6.62
C THR VA 23 18.72 33.18 5.23
N ARG VA 24 17.40 33.37 5.10
CA ARG VA 24 16.78 33.52 3.78
C ARG VA 24 17.25 34.81 3.06
N GLY VA 25 17.36 34.75 1.73
CA GLY VA 25 17.58 35.95 0.92
C GLY VA 25 18.88 35.90 0.12
N ALA VA 26 19.26 37.03 -0.45
CA ALA VA 26 20.53 37.14 -1.21
C ALA VA 26 21.76 36.84 -0.34
N ASP VA 27 21.65 37.12 0.96
CA ASP VA 27 22.72 36.84 1.91
C ASP VA 27 22.52 35.53 2.67
N THR VA 28 23.62 34.82 2.89
CA THR VA 28 23.58 33.56 3.62
C THR VA 28 24.53 33.59 4.83
N ARG VA 29 23.99 33.97 5.98
CA ARG VA 29 24.77 34.06 7.22
C ARG VA 29 23.97 33.43 8.33
N PHE VA 30 24.59 33.24 9.49
CA PHE VA 30 23.91 32.63 10.65
C PHE VA 30 23.05 33.70 11.28
N HIS VA 31 21.85 33.37 11.70
CA HIS VA 31 21.07 34.33 12.47
C HIS VA 31 20.79 33.79 13.86
N HIS VA 32 20.94 32.48 14.04
CA HIS VA 32 20.74 31.93 15.37
C HIS VA 32 21.32 30.54 15.46
N SER VA 33 21.88 30.22 16.61
CA SER VA 33 22.37 28.88 16.85
C SER VA 33 21.74 28.39 18.14
N GLU VA 34 20.88 27.38 18.03
CA GLU VA 34 20.26 26.80 19.23
C GLU VA 34 21.08 25.62 19.74
N LYS VA 35 21.54 25.75 20.98
CA LYS VA 35 22.36 24.73 21.60
C LYS VA 35 21.48 23.73 22.32
N LEU VA 36 21.75 22.45 22.06
CA LEU VA 36 21.02 21.33 22.66
C LEU VA 36 21.94 20.44 23.50
N ASP VA 37 21.49 20.10 24.69
CA ASP VA 37 22.17 19.11 25.49
C ASP VA 37 21.60 17.74 25.21
N LYS VA 38 22.34 16.71 25.61
CA LYS VA 38 22.01 15.34 25.25
C LYS VA 38 20.56 15.00 25.61
N GLY VA 39 19.82 14.49 24.63
CA GLY VA 39 18.45 14.06 24.85
C GLY VA 39 17.38 15.10 24.57
N GLU VA 40 17.76 16.38 24.47
CA GLU VA 40 16.79 17.43 24.13
C GLU VA 40 16.32 17.34 22.68
N VAL VA 41 15.08 17.73 22.45
CA VAL VA 41 14.47 17.68 21.11
C VAL VA 41 14.08 19.08 20.61
N LEU VA 42 14.47 19.40 19.38
CA LEU VA 42 14.06 20.66 18.79
C LEU VA 42 13.23 20.33 17.55
N ILE VA 43 12.06 20.96 17.45
CA ILE VA 43 11.22 20.83 16.24
C ILE VA 43 11.14 22.21 15.62
N ALA VA 44 11.74 22.37 14.44
CA ALA VA 44 11.92 23.69 13.85
C ALA VA 44 11.51 23.81 12.37
N GLN VA 45 10.73 24.85 12.08
CA GLN VA 45 10.21 25.09 10.74
C GLN VA 45 11.20 25.85 9.90
N PHE VA 46 11.04 25.78 8.58
CA PHE VA 46 11.53 26.81 7.69
C PHE VA 46 10.58 27.97 7.73
N THR VA 47 11.12 29.18 7.60
CA THR VA 47 10.33 30.39 7.84
C THR VA 47 10.76 31.55 6.97
N GLU VA 48 10.09 32.68 7.19
CA GLU VA 48 10.51 33.92 6.53
C GLU VA 48 12.03 34.16 6.73
N HIS VA 49 12.53 33.85 7.93
CA HIS VA 49 13.93 34.15 8.21
C HIS VA 49 14.94 33.03 7.95
N THR VA 50 14.44 31.79 7.84
CA THR VA 50 15.29 30.59 7.81
C THR VA 50 14.95 29.76 6.60
N SER VA 51 15.89 29.71 5.67
CA SER VA 51 15.70 28.92 4.47
C SER VA 51 16.65 27.72 4.41
N ALA VA 52 17.58 27.60 5.38
CA ALA VA 52 18.43 26.41 5.52
C ALA VA 52 18.81 26.23 6.96
N ILE VA 53 19.05 24.97 7.34
CA ILE VA 53 19.35 24.61 8.72
C ILE VA 53 20.58 23.71 8.72
N LYS VA 54 21.60 24.09 9.49
CA LYS VA 54 22.82 23.28 9.62
C LYS VA 54 22.85 22.65 11.01
N VAL VA 55 23.21 21.37 11.07
CA VAL VA 55 23.32 20.67 12.36
C VAL VA 55 24.77 20.23 12.62
N ARG VA 56 25.34 20.72 13.73
CA ARG VA 56 26.71 20.43 14.12
C ARG VA 56 26.68 19.63 15.42
N GLY VA 57 27.41 18.52 15.46
CA GLY VA 57 27.37 17.62 16.60
C GLY VA 57 26.54 16.39 16.30
N LYS VA 58 26.60 15.39 17.19
CA LYS VA 58 25.92 14.10 17.01
C LYS VA 58 24.41 14.20 17.36
N ALA VA 59 23.54 13.97 16.38
CA ALA VA 59 22.10 14.21 16.54
C ALA VA 59 21.33 13.25 15.65
N TYR VA 60 20.12 12.90 16.08
CA TYR VA 60 19.22 12.15 15.24
C TYR VA 60 18.15 13.08 14.63
N ILE VA 61 17.99 13.01 13.31
CA ILE VA 61 17.16 13.96 12.58
C ILE VA 61 16.05 13.25 11.78
N GLN VA 62 14.83 13.75 11.95
CA GLN VA 62 13.68 13.34 11.16
C GLN VA 62 13.21 14.47 10.25
N THR VA 63 13.06 14.18 8.95
CA THR VA 63 12.39 15.09 8.01
C THR VA 63 11.35 14.30 7.20
N ARG VA 64 10.58 15.02 6.39
CA ARG VA 64 9.66 14.43 5.40
C ARG VA 64 10.35 13.39 4.48
N HIS VA 65 11.67 13.51 4.31
CA HIS VA 65 12.41 12.62 3.38
C HIS VA 65 13.09 11.43 4.02
N GLY VA 66 12.91 11.29 5.32
CA GLY VA 66 13.39 10.14 6.04
C GLY VA 66 14.21 10.56 7.24
N VAL VA 67 15.06 9.65 7.71
CA VAL VA 67 15.85 9.91 8.92
C VAL VA 67 17.33 9.85 8.61
N ILE VA 68 18.12 10.51 9.47
CA ILE VA 68 19.56 10.62 9.26
C ILE VA 68 20.18 11.03 10.59
N GLU VA 69 21.43 10.68 10.79
CA GLU VA 69 22.13 11.14 11.97
C GLU VA 69 23.28 11.99 11.53
N SER VA 70 23.42 13.16 12.15
CA SER VA 70 24.64 13.93 12.03
C SER VA 70 25.69 13.37 13.00
N GLU VA 71 26.96 13.55 12.67
CA GLU VA 71 28.02 13.05 13.50
C GLU VA 71 28.96 14.19 13.79
N GLY VA 72 29.60 14.16 14.97
CA GLY VA 72 30.51 15.20 15.39
C GLY VA 72 31.76 14.67 16.05
N THR WA 3 -4.89 29.03 10.62
CA THR WA 3 -5.16 28.13 11.80
C THR WA 3 -5.09 26.60 11.47
N ASN WA 4 -4.59 26.25 10.27
CA ASN WA 4 -4.43 24.83 9.88
C ASN WA 4 -2.97 24.34 9.80
N SER WA 5 -2.10 24.98 10.58
CA SER WA 5 -0.69 24.62 10.61
C SER WA 5 -0.48 23.27 11.30
N ASP WA 6 0.67 22.65 11.06
CA ASP WA 6 1.07 21.40 11.72
C ASP WA 6 1.10 21.55 13.22
N PHE WA 7 1.00 20.44 13.93
CA PHE WA 7 1.09 20.45 15.37
C PHE WA 7 1.89 19.20 15.77
N VAL WA 8 2.38 19.21 17.00
CA VAL WA 8 3.09 18.10 17.61
C VAL WA 8 2.34 17.63 18.86
N VAL WA 9 2.50 16.36 19.19
CA VAL WA 9 1.90 15.80 20.39
C VAL WA 9 3.00 15.48 21.41
N ILE WA 10 2.86 15.90 22.67
CA ILE WA 10 3.94 15.65 23.66
C ILE WA 10 3.33 15.09 24.91
N LYS WA 11 3.76 13.89 25.30
CA LYS WA 11 3.33 13.27 26.54
C LYS WA 11 4.53 13.29 27.47
N ALA WA 12 4.36 13.90 28.65
CA ALA WA 12 5.42 13.94 29.64
C ALA WA 12 5.62 12.54 30.26
N LEU WA 13 6.86 12.06 30.27
CA LEU WA 13 7.17 10.78 30.93
C LEU WA 13 7.69 10.93 32.39
N GLU WA 14 7.79 12.16 32.87
CA GLU WA 14 8.25 12.50 34.23
C GLU WA 14 7.73 13.88 34.58
N ASP WA 15 7.82 14.27 35.86
CA ASP WA 15 7.39 15.60 36.23
C ASP WA 15 8.34 16.67 35.68
N GLY WA 16 7.81 17.85 35.41
CA GLY WA 16 8.64 19.02 35.15
C GLY WA 16 9.21 19.10 33.75
N VAL WA 17 8.60 18.37 32.82
CA VAL WA 17 8.86 18.52 31.40
C VAL WA 17 8.51 19.95 30.98
N ASN WA 18 9.41 20.57 30.22
CA ASN WA 18 9.18 21.88 29.63
C ASN WA 18 8.98 21.78 28.13
N VAL WA 19 7.83 22.28 27.66
CA VAL WA 19 7.65 22.51 26.22
C VAL WA 19 7.77 24.00 25.92
N ILE WA 20 8.84 24.38 25.21
CA ILE WA 20 9.21 25.79 25.06
C ILE WA 20 8.92 26.29 23.64
N GLY WA 21 8.15 27.38 23.52
CA GLY WA 21 7.90 27.99 22.22
C GLY WA 21 8.97 29.03 21.92
N LEU WA 22 9.71 28.86 20.83
CA LEU WA 22 10.66 29.85 20.36
C LEU WA 22 9.96 30.79 19.39
N THR WA 23 10.32 32.07 19.46
CA THR WA 23 9.64 33.10 18.72
C THR WA 23 9.92 32.97 17.23
N ARG WA 24 8.84 33.09 16.46
CA ARG WA 24 8.96 33.44 15.04
C ARG WA 24 9.62 34.81 14.82
N GLY WA 25 10.46 34.88 13.79
CA GLY WA 25 10.96 36.15 13.28
C GLY WA 25 12.47 36.27 13.28
N ALA WA 26 12.92 37.52 13.20
CA ALA WA 26 14.36 37.81 13.18
C ALA WA 26 15.01 37.42 14.50
N ASP WA 27 14.20 37.45 15.56
CA ASP WA 27 14.64 37.12 16.90
C ASP WA 27 14.23 35.72 17.27
N THR WA 28 15.12 35.01 17.96
CA THR WA 28 14.81 33.68 18.48
C THR WA 28 15.01 33.62 20.00
N ARG WA 29 13.95 33.92 20.74
CA ARG WA 29 13.98 33.90 22.19
C ARG WA 29 12.82 33.04 22.65
N PHE WA 30 12.72 32.75 23.93
CA PHE WA 30 11.60 32.00 24.47
C PHE WA 30 10.44 32.95 24.55
N HIS WA 31 9.23 32.50 24.20
CA HIS WA 31 8.08 33.33 24.52
C HIS WA 31 7.15 32.64 25.52
N HIS WA 32 7.27 31.33 25.68
CA HIS WA 32 6.45 30.64 26.66
C HIS WA 32 7.06 29.29 26.93
N SER WA 33 7.00 28.87 28.18
CA SER WA 33 7.43 27.53 28.55
C SER WA 33 6.25 26.89 29.26
N GLU WA 34 5.67 25.86 28.65
CA GLU WA 34 4.60 25.10 29.32
C GLU WA 34 5.19 23.93 30.09
N LYS WA 35 4.89 23.88 31.38
CA LYS WA 35 5.36 22.78 32.23
C LYS WA 35 4.32 21.69 32.31
N LEU WA 36 4.77 20.46 32.11
CA LEU WA 36 3.92 19.29 32.12
C LEU WA 36 4.36 18.35 33.22
N ASP WA 37 3.42 17.88 34.00
CA ASP WA 37 3.70 16.82 34.94
C ASP WA 37 3.56 15.49 34.24
N LYS WA 38 4.07 14.44 34.88
CA LYS WA 38 4.07 13.07 34.37
C LYS WA 38 2.71 12.61 33.86
N GLY WA 39 2.65 12.20 32.60
CA GLY WA 39 1.42 11.69 32.02
C GLY WA 39 0.52 12.70 31.31
N GLU WA 40 0.78 13.99 31.47
CA GLU WA 40 0.00 15.01 30.75
C GLU WA 40 0.38 15.06 29.28
N VAL WA 41 -0.62 15.34 28.45
CA VAL WA 41 -0.45 15.45 27.01
C VAL WA 41 -0.69 16.89 26.59
N LEU WA 42 0.25 17.42 25.83
CA LEU WA 42 0.08 18.70 25.17
C LEU WA 42 0.08 18.50 23.68
N ILE WA 43 -0.93 19.07 23.03
CA ILE WA 43 -0.95 19.11 21.54
C ILE WA 43 -0.81 20.55 21.07
N ALA WA 44 0.27 20.89 20.36
CA ALA WA 44 0.65 22.30 20.15
C ALA WA 44 0.92 22.57 18.71
N GLN WA 45 0.37 23.67 18.17
CA GLN WA 45 0.62 23.99 16.74
C GLN WA 45 1.83 24.88 16.60
N PHE WA 46 2.41 24.88 15.41
CA PHE WA 46 3.14 26.05 14.96
C PHE WA 46 2.16 27.19 14.67
N THR WA 47 2.60 28.44 14.87
CA THR WA 47 1.71 29.60 14.86
C THR WA 47 2.42 30.87 14.42
N GLU WA 48 1.66 31.97 14.38
CA GLU WA 48 2.23 33.30 14.15
C GLU WA 48 3.42 33.55 15.08
N HIS WA 49 3.26 33.18 16.34
CA HIS WA 49 4.29 33.46 17.34
C HIS WA 49 5.35 32.39 17.59
N THR WA 50 5.05 31.15 17.17
CA THR WA 50 5.92 30.00 17.45
C THR WA 50 6.34 29.29 16.16
N SER WA 51 7.62 29.36 15.84
CA SER WA 51 8.13 28.68 14.66
C SER WA 51 9.14 27.56 14.99
N ALA WA 52 9.43 27.39 16.29
CA ALA WA 52 10.28 26.30 16.77
C ALA WA 52 9.86 25.91 18.17
N ILE WA 53 9.92 24.62 18.46
CA ILE WA 53 9.48 24.11 19.76
C ILE WA 53 10.60 23.25 20.31
N LYS WA 54 11.04 23.56 21.53
CA LYS WA 54 12.09 22.78 22.20
C LYS WA 54 11.49 22.00 23.36
N VAL WA 55 11.81 20.72 23.44
CA VAL WA 55 11.34 19.93 24.60
C VAL WA 55 12.53 19.57 25.51
N ARG WA 56 12.40 19.91 26.79
CA ARG WA 56 13.36 19.54 27.83
C ARG WA 56 12.70 18.61 28.82
N GLY WA 57 13.36 17.51 29.12
CA GLY WA 57 12.82 16.52 30.05
C GLY WA 57 12.43 15.31 29.24
N LYS WA 58 12.10 14.23 29.94
CA LYS WA 58 11.82 12.96 29.30
C LYS WA 58 10.39 12.98 28.84
N ALA WA 59 10.20 12.79 27.53
CA ALA WA 59 8.86 12.83 26.95
C ALA WA 59 8.74 12.01 25.68
N TYR WA 60 7.53 11.60 25.38
CA TYR WA 60 7.18 10.92 24.11
C TYR WA 60 6.51 11.90 23.14
N ILE WA 61 7.05 11.98 21.92
CA ILE WA 61 6.64 13.00 20.98
C ILE WA 61 6.15 12.37 19.66
N GLN WA 62 4.97 12.78 19.19
CA GLN WA 62 4.51 12.40 17.84
C GLN WA 62 4.40 13.61 16.94
N THR WA 63 4.94 13.47 15.73
CA THR WA 63 4.79 14.50 14.70
C THR WA 63 4.43 13.79 13.38
N ARG WA 64 4.12 14.58 12.36
CA ARG WA 64 3.93 14.03 11.02
C ARG WA 64 5.09 13.13 10.52
N HIS WA 65 6.29 13.35 11.08
CA HIS WA 65 7.48 12.63 10.58
C HIS WA 65 7.84 11.38 11.35
N GLY WA 66 7.06 11.09 12.39
CA GLY WA 66 7.19 9.88 13.17
C GLY WA 66 7.21 10.18 14.63
N VAL WA 67 7.71 9.23 15.41
CA VAL WA 67 7.75 9.35 16.87
C VAL WA 67 9.19 9.42 17.37
N ILE WA 68 9.33 9.99 18.56
CA ILE WA 68 10.67 10.19 19.13
C ILE WA 68 10.50 10.45 20.59
N GLU WA 69 11.52 10.13 21.37
CA GLU WA 69 11.50 10.46 22.80
C GLU WA 69 12.62 11.45 23.13
N SER WA 70 12.24 12.51 23.86
CA SER WA 70 13.21 13.36 24.52
C SER WA 70 13.68 12.68 25.82
N GLU WA 71 14.91 12.95 26.21
CA GLU WA 71 15.45 12.37 27.44
C GLU WA 71 15.98 13.47 28.36
N GLY WA 72 15.72 13.30 29.66
CA GLY WA 72 16.20 14.26 30.66
C GLY WA 72 17.36 13.71 31.49
N THR XA 3 -12.75 27.10 8.95
CA THR XA 3 -13.51 26.09 9.77
C THR XA 3 -13.05 24.64 9.48
N ASN XA 4 -12.01 24.48 8.66
CA ASN XA 4 -11.47 23.15 8.29
C ASN XA 4 -10.05 22.89 8.83
N SER XA 5 -9.79 23.38 10.03
CA SER XA 5 -8.55 23.08 10.73
C SER XA 5 -8.61 21.67 11.30
N ASP XA 6 -7.43 21.09 11.55
CA ASP XA 6 -7.30 19.84 12.31
C ASP XA 6 -8.06 19.76 13.61
N PHE XA 7 -8.38 18.53 14.00
CA PHE XA 7 -9.02 18.32 15.27
C PHE XA 7 -8.45 17.12 16.02
N VAL XA 8 -8.78 17.02 17.30
CA VAL XA 8 -8.32 15.89 18.07
C VAL XA 8 -9.52 15.23 18.72
N VAL XA 9 -9.41 13.93 18.97
CA VAL XA 9 -10.47 13.18 19.64
C VAL XA 9 -9.98 12.77 21.02
N ILE XA 10 -10.78 13.04 22.07
CA ILE XA 10 -10.39 12.69 23.45
C ILE XA 10 -11.53 11.93 24.09
N LYS XA 11 -11.25 10.69 24.51
CA LYS XA 11 -12.16 9.92 25.32
C LYS XA 11 -11.66 9.76 26.77
N ALA XA 12 -12.45 10.27 27.71
CA ALA XA 12 -12.11 10.15 29.11
C ALA XA 12 -12.20 8.70 29.63
N LEU XA 13 -11.14 8.26 30.32
CA LEU XA 13 -11.06 6.92 30.88
C LEU XA 13 -11.28 6.91 32.38
N GLU XA 14 -11.54 8.09 32.95
CA GLU XA 14 -11.94 8.23 34.34
C GLU XA 14 -12.70 9.54 34.45
N ASP XA 15 -13.36 9.75 35.56
CA ASP XA 15 -14.05 11.01 35.80
C ASP XA 15 -13.04 12.18 35.87
N GLY XA 16 -13.54 13.39 35.57
CA GLY XA 16 -12.80 14.62 35.85
C GLY XA 16 -11.60 14.89 34.98
N VAL XA 17 -11.60 14.31 33.78
CA VAL XA 17 -10.61 14.68 32.80
C VAL XA 17 -10.87 16.13 32.37
N ASN XA 18 -9.81 16.90 32.16
CA ASN XA 18 -9.95 18.27 31.69
C ASN XA 18 -9.23 18.41 30.36
N VAL XA 19 -9.95 18.92 29.36
CA VAL XA 19 -9.31 19.25 28.08
C VAL XA 19 -9.28 20.79 28.07
N ILE XA 20 -8.08 21.35 28.00
CA ILE XA 20 -7.91 22.76 28.31
C ILE XA 20 -7.44 23.43 27.00
N GLY XA 21 -8.16 24.45 26.55
CA GLY XA 21 -7.72 25.17 25.37
C GLY XA 21 -6.79 26.30 25.77
N LEU XA 22 -5.61 26.34 25.18
CA LEU XA 22 -4.69 27.41 25.46
C LEU XA 22 -4.78 28.46 24.34
N THR XA 23 -4.77 29.73 24.74
CA THR XA 23 -4.99 30.86 23.84
C THR XA 23 -3.95 30.96 22.74
N ARG XA 24 -4.43 31.23 21.53
CA ARG XA 24 -3.54 31.61 20.44
C ARG XA 24 -2.97 33.02 20.71
N GLY XA 25 -1.75 33.29 20.23
CA GLY XA 25 -1.27 34.66 20.22
C GLY XA 25 -0.01 34.87 21.03
N ALA XA 26 0.32 36.12 21.31
CA ALA XA 26 1.51 36.45 22.11
C ALA XA 26 1.41 35.91 23.55
N ASP XA 27 0.20 35.83 24.07
CA ASP XA 27 -0.09 35.27 25.39
C ASP XA 27 -0.50 33.81 25.34
N THR XA 28 -0.01 33.02 26.31
CA THR XA 28 -0.44 31.63 26.46
C THR XA 28 -1.09 31.38 27.83
N ARG XA 29 -2.41 31.52 27.85
CA ARG XA 29 -3.21 31.37 29.07
C ARG XA 29 -4.31 30.36 28.78
N PHE XA 30 -5.06 29.95 29.79
CA PHE XA 30 -6.21 29.09 29.57
C PHE XA 30 -7.36 29.98 29.18
N HIS XA 31 -8.14 29.57 28.17
CA HIS XA 31 -9.40 30.27 27.93
C HIS XA 31 -10.61 29.40 28.23
N HIS XA 32 -10.41 28.08 28.27
CA HIS XA 32 -11.53 27.21 28.58
C HIS XA 32 -11.04 25.84 29.02
N SER XA 33 -11.74 25.25 29.98
CA SER XA 33 -11.42 23.90 30.41
C SER XA 33 -12.72 23.11 30.34
N GLU XA 34 -12.73 22.12 29.44
CA GLU XA 34 -13.86 21.22 29.32
C GLU XA 34 -13.67 19.99 30.21
N LYS XA 35 -14.57 19.83 31.17
CA LYS XA 35 -14.54 18.67 32.06
C LYS XA 35 -15.27 17.49 31.44
N LEU XA 36 -14.55 16.37 31.33
CA LEU XA 36 -15.09 15.09 30.87
C LEU XA 36 -15.24 14.02 31.97
N ASP XA 37 -16.42 13.42 32.04
CA ASP XA 37 -16.59 12.24 32.86
C ASP XA 37 -16.31 10.95 32.11
N LYS XA 38 -16.13 9.88 32.87
CA LYS XA 38 -15.67 8.61 32.27
C LYS XA 38 -16.51 8.23 31.05
N GLY XA 39 -15.85 7.99 29.91
CA GLY XA 39 -16.57 7.49 28.75
C GLY XA 39 -17.07 8.54 27.78
N GLU XA 40 -17.19 9.80 28.23
CA GLU XA 40 -17.50 10.92 27.31
C GLU XA 40 -16.42 11.18 26.29
N VAL XA 41 -16.84 11.54 25.07
CA VAL XA 41 -15.91 11.86 23.99
C VAL XA 41 -16.04 13.34 23.59
N LEU XA 42 -14.91 13.99 23.37
CA LEU XA 42 -14.88 15.34 22.83
C LEU XA 42 -14.04 15.39 21.58
N ILE XA 43 -14.59 16.01 20.55
CA ILE XA 43 -13.87 16.20 19.28
C ILE XA 43 -13.65 17.72 19.12
N ALA XA 44 -12.39 18.15 19.14
CA ALA XA 44 -12.12 19.58 19.26
C ALA XA 44 -11.10 20.04 18.24
N GLN XA 45 -11.42 21.15 17.59
CA GLN XA 45 -10.56 21.71 16.56
C GLN XA 45 -9.56 22.67 17.15
N PHE XA 46 -8.44 22.87 16.44
CA PHE XA 46 -7.68 24.09 16.62
C PHE XA 46 -8.49 25.20 15.92
N THR XA 47 -8.40 26.44 16.43
CA THR XA 47 -9.24 27.55 16.01
C THR XA 47 -8.50 28.89 16.16
N GLU XA 48 -9.19 29.97 15.79
CA GLU XA 48 -8.71 31.32 16.02
C GLU XA 48 -8.30 31.49 17.50
N HIS XA 49 -9.06 30.91 18.41
CA HIS XA 49 -8.81 31.11 19.85
C HIS XA 49 -7.95 30.07 20.57
N THR XA 50 -7.78 28.91 19.94
CA THR XA 50 -7.06 27.78 20.54
C THR XA 50 -5.99 27.31 19.60
N SER XA 51 -4.72 27.45 20.02
CA SER XA 51 -3.59 26.91 19.23
C SER XA 51 -2.80 25.79 19.97
N ALA XA 52 -3.24 25.48 21.19
CA ALA XA 52 -2.64 24.38 21.96
C ALA XA 52 -3.71 23.79 22.84
N ILE XA 53 -3.65 22.49 23.04
CA ILE XA 53 -4.60 21.79 23.90
C ILE XA 53 -3.81 20.96 24.90
N LYS XA 54 -4.15 21.08 26.20
CA LYS XA 54 -3.50 20.24 27.19
C LYS XA 54 -4.56 19.33 27.79
N VAL XA 55 -4.25 18.05 27.94
CA VAL XA 55 -5.18 17.12 28.59
C VAL XA 55 -4.64 16.69 29.95
N ARG XA 56 -5.45 16.84 31.02
CA ARG XA 56 -5.10 16.38 32.34
C ARG XA 56 -6.08 15.27 32.74
N GLY XA 57 -5.57 14.19 33.29
CA GLY XA 57 -6.40 13.05 33.64
C GLY XA 57 -6.20 11.94 32.63
N LYS XA 58 -6.70 10.75 32.98
CA LYS XA 58 -6.55 9.57 32.14
C LYS XA 58 -7.52 9.63 30.96
N ALA XA 59 -6.96 9.61 29.75
CA ALA XA 59 -7.76 9.76 28.53
C ALA XA 59 -7.10 9.02 27.36
N TYR XA 60 -7.92 8.59 26.39
CA TYR XA 60 -7.45 8.05 25.12
C TYR XA 60 -7.63 9.11 24.00
N ILE XA 61 -6.55 9.42 23.29
CA ILE XA 61 -6.53 10.55 22.38
C ILE XA 61 -6.20 10.03 20.98
N GLN XA 62 -6.95 10.45 19.96
CA GLN XA 62 -6.56 10.21 18.56
C GLN XA 62 -6.29 11.50 17.81
N THR XA 63 -5.20 11.55 17.06
CA THR XA 63 -4.95 12.69 16.21
C THR XA 63 -4.50 12.13 14.89
N ARG XA 64 -4.18 13.01 13.95
CA ARG XA 64 -3.66 12.69 12.64
C ARG XA 64 -2.34 11.92 12.76
N HIS XA 65 -1.64 12.06 13.91
CA HIS XA 65 -0.30 11.48 14.05
C HIS XA 65 -0.30 10.18 14.87
N GLY XA 66 -1.47 9.75 15.27
CA GLY XA 66 -1.58 8.47 15.95
C GLY XA 66 -2.44 8.55 17.16
N VAL XA 67 -2.26 7.55 18.03
CA VAL XA 67 -3.04 7.43 19.24
C VAL XA 67 -2.06 7.50 20.41
N ILE XA 68 -2.60 7.86 21.58
CA ILE XA 68 -1.78 8.07 22.75
C ILE XA 68 -2.74 8.18 23.91
N GLU XA 69 -2.27 7.81 25.10
CA GLU XA 69 -3.07 7.96 26.29
C GLU XA 69 -2.38 8.91 27.27
N SER XA 70 -3.16 9.84 27.82
CA SER XA 70 -2.73 10.61 28.97
C SER XA 70 -3.01 9.80 30.21
N GLU XA 71 -2.24 10.03 31.26
CA GLU XA 71 -2.50 9.35 32.51
C GLU XA 71 -2.82 10.40 33.58
N GLY XA 72 -3.65 10.02 34.53
CA GLY XA 72 -3.98 10.88 35.67
C GLY XA 72 -3.21 10.55 36.93
N THR YA 3 -18.32 25.13 3.54
CA THR YA 3 -19.25 23.95 3.45
C THR YA 3 -18.53 22.61 3.25
N ASN YA 4 -17.20 22.68 3.06
CA ASN YA 4 -16.34 21.49 2.91
C ASN YA 4 -15.47 21.11 4.15
N SER YA 5 -15.88 21.52 5.34
CA SER YA 5 -15.19 21.17 6.58
C SER YA 5 -15.36 19.69 6.91
N ASP YA 6 -14.48 19.13 7.75
CA ASP YA 6 -14.65 17.72 8.12
C ASP YA 6 -15.92 17.48 8.94
N PHE YA 7 -16.33 16.22 9.01
CA PHE YA 7 -17.52 15.84 9.79
C PHE YA 7 -17.17 14.60 10.58
N VAL YA 8 -18.04 14.29 11.50
CA VAL YA 8 -17.98 13.05 12.28
C VAL YA 8 -19.30 12.30 12.11
N VAL YA 9 -19.22 10.98 12.28
CA VAL YA 9 -20.41 10.13 12.16
C VAL YA 9 -20.68 9.55 13.54
N ILE YA 10 -21.90 9.69 14.02
CA ILE YA 10 -22.26 9.20 15.35
C ILE YA 10 -23.47 8.29 15.23
N LYS YA 11 -23.35 7.05 15.71
CA LYS YA 11 -24.50 6.13 15.83
C LYS YA 11 -24.80 5.81 17.28
N ALA YA 12 -26.03 6.10 17.76
CA ALA YA 12 -26.39 5.84 19.12
C ALA YA 12 -26.54 4.34 19.38
N LEU YA 13 -25.99 3.89 20.50
CA LEU YA 13 -26.08 2.47 20.90
C LEU YA 13 -27.04 2.29 22.02
N GLU YA 14 -27.70 3.37 22.43
CA GLU YA 14 -28.78 3.29 23.43
C GLU YA 14 -29.62 4.56 23.26
N ASP YA 15 -30.79 4.62 23.90
CA ASP YA 15 -31.60 5.83 23.85
C ASP YA 15 -30.96 7.01 24.58
N GLY YA 16 -31.30 8.22 24.14
CA GLY YA 16 -30.95 9.42 24.86
C GLY YA 16 -29.50 9.84 24.76
N VAL YA 17 -28.80 9.42 23.71
CA VAL YA 17 -27.45 9.90 23.46
C VAL YA 17 -27.60 11.39 23.11
N ASN YA 18 -26.60 12.19 23.46
CA ASN YA 18 -26.60 13.62 23.18
C ASN YA 18 -25.37 13.97 22.40
N VAL YA 19 -25.57 14.61 21.26
CA VAL YA 19 -24.45 15.16 20.51
C VAL YA 19 -24.53 16.65 20.67
N ILE YA 20 -23.54 17.21 21.36
CA ILE YA 20 -23.61 18.61 21.75
C ILE YA 20 -22.63 19.44 20.97
N GLY YA 21 -23.12 20.50 20.35
CA GLY YA 21 -22.25 21.44 19.65
C GLY YA 21 -21.79 22.54 20.59
N LEU YA 22 -20.49 22.71 20.70
CA LEU YA 22 -19.97 23.78 21.53
C LEU YA 22 -19.56 24.94 20.59
N THR YA 23 -19.82 26.15 21.06
CA THR YA 23 -19.67 27.36 20.25
C THR YA 23 -18.26 27.63 19.84
N ARG YA 24 -18.11 28.01 18.58
CA ARG YA 24 -16.84 28.59 18.11
C ARG YA 24 -16.66 29.97 18.74
N GLY YA 25 -15.42 30.38 19.01
CA GLY YA 25 -15.13 31.75 19.40
C GLY YA 25 -14.49 31.90 20.78
N ALA YA 26 -14.47 33.11 21.32
CA ALA YA 26 -13.88 33.35 22.64
C ALA YA 26 -14.66 32.63 23.74
N ASP YA 27 -15.97 32.50 23.53
CA ASP YA 27 -16.86 31.82 24.45
C ASP YA 27 -17.01 30.36 24.11
N THR YA 28 -17.06 29.52 25.14
CA THR YA 28 -17.34 28.10 24.92
C THR YA 28 -18.54 27.63 25.73
N ARG YA 29 -19.67 27.54 25.04
CA ARG YA 29 -20.94 27.18 25.66
C ARG YA 29 -21.64 26.22 24.73
N PHE YA 30 -22.72 25.63 25.22
CA PHE YA 30 -23.60 24.79 24.39
C PHE YA 30 -24.42 25.67 23.46
N HIS YA 31 -24.50 25.34 22.17
CA HIS YA 31 -25.49 26.00 21.31
C HIS YA 31 -26.59 25.06 20.83
N HIS YA 32 -26.28 23.78 20.76
CA HIS YA 32 -27.30 22.80 20.45
C HIS YA 32 -26.97 21.41 20.99
N SER YA 33 -27.98 20.71 21.49
CA SER YA 33 -27.83 19.30 21.79
C SER YA 33 -28.84 18.47 20.96
N GLU YA 34 -28.31 17.65 20.05
CA GLU YA 34 -29.11 16.70 19.32
C GLU YA 34 -29.22 15.39 20.09
N LYS YA 35 -30.46 15.06 20.47
CA LYS YA 35 -30.78 13.77 21.11
C LYS YA 35 -31.02 12.65 20.09
N LEU YA 36 -30.26 11.56 20.23
CA LEU YA 36 -30.37 10.38 19.36
C LEU YA 36 -30.95 9.17 20.11
N ASP YA 37 -31.95 8.53 19.53
CA ASP YA 37 -32.42 7.28 20.09
C ASP YA 37 -31.64 6.10 19.52
N LYS YA 38 -31.79 4.92 20.11
CA LYS YA 38 -30.91 3.81 19.75
C LYS YA 38 -30.96 3.53 18.24
N GLY YA 39 -29.80 3.43 17.61
CA GLY YA 39 -29.77 3.09 16.19
C GLY YA 39 -29.80 4.25 15.21
N GLU YA 40 -30.21 5.45 15.68
CA GLU YA 40 -30.07 6.63 14.79
C GLU YA 40 -28.61 7.03 14.53
N VAL YA 41 -28.37 7.59 13.34
CA VAL YA 41 -27.07 8.07 12.92
C VAL YA 41 -27.18 9.58 12.66
N LEU YA 42 -26.23 10.32 13.23
CA LEU YA 42 -26.01 11.72 12.89
C LEU YA 42 -24.66 11.95 12.20
N ILE YA 43 -24.67 12.66 11.09
CA ILE YA 43 -23.44 13.04 10.43
C ILE YA 43 -23.37 14.55 10.54
N ALA YA 44 -22.34 15.07 11.23
CA ALA YA 44 -22.28 16.48 11.54
C ALA YA 44 -20.91 17.11 11.24
N GLN YA 45 -20.91 18.28 10.63
CA GLN YA 45 -19.68 18.97 10.32
C GLN YA 45 -19.23 19.86 11.46
N PHE YA 46 -17.95 20.21 11.44
CA PHE YA 46 -17.53 21.44 12.11
C PHE YA 46 -17.97 22.62 11.26
N THR YA 47 -18.40 23.71 11.88
CA THR YA 47 -18.97 24.84 11.12
C THR YA 47 -18.53 26.21 11.65
N GLU YA 48 -19.09 27.28 11.08
CA GLU YA 48 -18.93 28.61 11.63
C GLU YA 48 -19.30 28.68 13.13
N HIS YA 49 -20.31 27.92 13.53
CA HIS YA 49 -20.85 28.03 14.88
C HIS YA 49 -20.36 26.96 15.84
N THR YA 50 -19.82 25.87 15.30
CA THR YA 50 -19.43 24.70 16.09
C THR YA 50 -17.97 24.36 15.83
N SER YA 51 -17.13 24.53 16.85
CA SER YA 51 -15.72 24.17 16.79
C SER YA 51 -15.34 23.01 17.71
N ALA YA 52 -16.32 22.46 18.41
CA ALA YA 52 -16.09 21.26 19.20
C ALA YA 52 -17.39 20.54 19.39
N ILE YA 53 -17.30 19.21 19.50
CA ILE YA 53 -18.47 18.38 19.65
C ILE YA 53 -18.27 17.44 20.80
N LYS YA 54 -19.26 17.37 21.69
CA LYS YA 54 -19.18 16.48 22.83
C LYS YA 54 -20.25 15.42 22.75
N VAL YA 55 -19.87 14.15 22.93
CA VAL YA 55 -20.85 13.06 22.95
C VAL YA 55 -21.08 12.51 24.36
N ARG YA 56 -22.34 12.52 24.81
CA ARG YA 56 -22.73 11.92 26.08
C ARG YA 56 -23.61 10.71 25.77
N GLY YA 57 -23.35 9.61 26.46
CA GLY YA 57 -24.09 8.37 26.22
C GLY YA 57 -23.28 7.42 25.35
N LYS YA 58 -23.81 6.22 25.20
CA LYS YA 58 -23.14 5.12 24.52
C LYS YA 58 -23.36 5.25 23.02
N ALA YA 59 -22.27 5.46 22.29
CA ALA YA 59 -22.34 5.68 20.83
C ALA YA 59 -21.12 5.14 20.12
N TYR YA 60 -21.27 4.88 18.82
CA TYR YA 60 -20.20 4.46 17.94
C TYR YA 60 -19.91 5.66 17.03
N ILE YA 61 -18.64 6.07 17.01
CA ILE YA 61 -18.21 7.29 16.33
C ILE YA 61 -17.12 7.01 15.31
N GLN YA 62 -17.29 7.58 14.11
CA GLN YA 62 -16.22 7.51 13.09
C GLN YA 62 -15.74 8.90 12.78
N THR YA 63 -14.42 9.09 12.71
CA THR YA 63 -13.92 10.33 12.20
C THR YA 63 -12.79 10.01 11.26
N ARG YA 64 -12.18 11.05 10.73
CA ARG YA 64 -11.00 10.88 9.91
C ARG YA 64 -9.86 10.12 10.62
N HIS YA 65 -9.77 10.27 11.94
CA HIS YA 65 -8.67 9.71 12.71
C HIS YA 65 -8.89 8.27 13.22
N GLY YA 66 -10.04 7.69 12.87
CA GLY YA 66 -10.34 6.30 13.19
C GLY YA 66 -11.68 6.22 13.87
N VAL YA 67 -11.95 5.09 14.54
CA VAL YA 67 -13.23 4.79 15.23
C VAL YA 67 -13.04 4.74 16.76
N ILE YA 68 -14.13 4.90 17.48
CA ILE YA 68 -14.05 5.05 18.92
C ILE YA 68 -15.49 5.01 19.42
N GLU YA 69 -15.68 4.48 20.63
CA GLU YA 69 -17.00 4.45 21.23
C GLU YA 69 -17.05 5.33 22.48
N SER YA 70 -18.11 6.13 22.61
CA SER YA 70 -18.45 6.77 23.89
C SER YA 70 -19.21 5.82 24.80
N GLU YA 71 -19.07 6.00 26.11
CA GLU YA 71 -19.86 5.20 27.06
C GLU YA 71 -20.61 6.08 28.04
N GLY YA 72 -21.79 5.61 28.48
CA GLY YA 72 -22.63 6.35 29.42
C GLY YA 72 -22.37 5.98 30.87
N THR ZA 3 -19.75 23.81 -4.51
CA THR ZA 3 -20.42 22.60 -5.10
C THR ZA 3 -19.56 21.30 -5.00
N ASN ZA 4 -18.38 21.40 -4.35
CA ASN ZA 4 -17.39 20.31 -4.22
C ASN ZA 4 -17.26 19.79 -2.78
N SER ZA 5 -18.32 20.01 -1.98
CA SER ZA 5 -18.39 19.54 -0.60
C SER ZA 5 -18.56 18.02 -0.50
N ASP ZA 6 -18.25 17.46 0.67
CA ASP ZA 6 -18.43 16.03 0.90
C ASP ZA 6 -19.88 15.62 0.79
N PHE ZA 7 -20.10 14.33 0.55
CA PHE ZA 7 -21.43 13.80 0.43
C PHE ZA 7 -21.51 12.44 1.11
N VAL ZA 8 -22.74 12.03 1.42
CA VAL ZA 8 -23.00 10.73 2.00
C VAL ZA 8 -23.92 9.92 1.06
N VAL ZA 9 -23.81 8.59 1.10
CA VAL ZA 9 -24.64 7.69 0.30
C VAL ZA 9 -25.49 6.93 1.28
N ILE ZA 10 -26.81 6.90 1.08
CA ILE ZA 10 -27.74 6.23 2.00
C ILE ZA 10 -28.68 5.30 1.21
N LYS ZA 11 -28.73 4.01 1.58
CA LYS ZA 11 -29.66 3.05 1.01
C LYS ZA 11 -30.61 2.57 2.08
N ALA ZA 12 -31.92 2.76 1.84
CA ALA ZA 12 -32.93 2.33 2.76
C ALA ZA 12 -33.02 0.79 2.81
N LEU ZA 13 -32.98 0.23 4.00
CA LEU ZA 13 -33.12 -1.22 4.16
C LEU ZA 13 -34.56 -1.63 4.46
N GLU ZA 14 -35.43 -0.61 4.50
CA GLU ZA 14 -36.85 -0.77 4.85
C GLU ZA 14 -37.63 0.44 4.33
N ASP ZA 15 -38.96 0.38 4.32
CA ASP ZA 15 -39.76 1.53 3.89
C ASP ZA 15 -39.76 2.61 4.97
N GLY ZA 16 -39.84 3.87 4.53
CA GLY ZA 16 -40.08 4.97 5.45
C GLY ZA 16 -38.84 5.50 6.17
N VAL ZA 17 -37.66 5.20 5.63
CA VAL ZA 17 -36.45 5.78 6.16
C VAL ZA 17 -36.50 7.30 5.90
N ASN ZA 18 -36.01 8.09 6.87
CA ASN ZA 18 -36.00 9.54 6.73
C ASN ZA 18 -34.58 10.05 6.79
N VAL ZA 19 -34.15 10.70 5.72
CA VAL ZA 19 -32.88 11.42 5.72
C VAL ZA 19 -33.15 12.91 5.95
N ILE ZA 20 -32.79 13.39 7.14
CA ILE ZA 20 -33.16 14.75 7.58
C ILE ZA 20 -31.97 15.74 7.50
N GLY ZA 21 -32.18 16.83 6.77
CA GLY ZA 21 -31.18 17.88 6.70
C GLY ZA 21 -31.40 18.85 7.83
N LEU ZA 22 -30.38 19.07 8.64
CA LEU ZA 22 -30.49 20.01 9.73
C LEU ZA 22 -29.84 21.28 9.25
N THR ZA 23 -30.35 22.42 9.70
CA THR ZA 23 -29.91 23.70 9.17
C THR ZA 23 -28.50 24.09 9.61
N ARG ZA 24 -27.77 24.65 8.65
CA ARG ZA 24 -26.51 25.35 8.97
C ARG ZA 24 -26.83 26.64 9.72
N GLY ZA 25 -25.96 27.04 10.64
CA GLY ZA 25 -26.09 28.35 11.26
C GLY ZA 25 -26.29 28.34 12.75
N ALA ZA 26 -26.69 29.50 13.30
CA ALA ZA 26 -26.89 29.65 14.73
C ALA ZA 26 -28.03 28.74 15.19
N ASP ZA 27 -28.96 28.52 14.28
CA ASP ZA 27 -30.13 27.71 14.58
C ASP ZA 27 -29.99 26.29 14.05
N THR ZA 28 -30.47 25.31 14.81
CA THR ZA 28 -30.39 23.90 14.40
C THR ZA 28 -31.79 23.28 14.36
N ARG ZA 29 -32.40 23.29 13.19
CA ARG ZA 29 -33.76 22.78 13.02
C ARG ZA 29 -33.79 21.94 11.75
N PHE ZA 30 -34.91 21.25 11.53
CA PHE ZA 30 -35.10 20.48 10.29
C PHE ZA 30 -35.45 21.45 9.18
N HIS ZA 31 -34.79 21.34 8.02
CA HIS ZA 31 -35.26 22.07 6.86
C HIS ZA 31 -35.91 21.17 5.83
N HIS ZA 32 -35.60 19.88 5.92
CA HIS ZA 32 -36.14 18.91 4.98
C HIS ZA 32 -35.92 17.48 5.46
N SER ZA 33 -36.94 16.65 5.31
CA SER ZA 33 -36.76 15.19 5.49
C SER ZA 33 -37.13 14.53 4.18
N GLU ZA 34 -36.16 13.81 3.61
CA GLU ZA 34 -36.41 13.01 2.42
C GLU ZA 34 -36.81 11.60 2.86
N LYS ZA 35 -38.01 11.17 2.48
CA LYS ZA 35 -38.48 9.82 2.77
C LYS ZA 35 -38.02 8.85 1.68
N LEU ZA 36 -37.42 7.74 2.10
CA LEU ZA 36 -36.91 6.72 1.19
C LEU ZA 36 -37.62 5.39 1.42
N ASP ZA 37 -37.98 4.73 0.33
CA ASP ZA 37 -38.61 3.41 0.42
C ASP ZA 37 -37.55 2.34 0.22
N LYS ZA 38 -37.86 1.10 0.63
CA LYS ZA 38 -36.83 0.08 0.71
C LYS ZA 38 -36.12 -0.03 -0.64
N GLY ZA 39 -34.80 0.06 -0.60
CA GLY ZA 39 -33.99 -0.18 -1.78
C GLY ZA 39 -33.57 1.08 -2.53
N GLU ZA 40 -34.25 2.21 -2.27
CA GLU ZA 40 -33.86 3.49 -2.88
C GLU ZA 40 -32.53 4.00 -2.27
N VAL ZA 41 -31.74 4.65 -3.11
CA VAL ZA 41 -30.47 5.25 -2.71
C VAL ZA 41 -30.51 6.76 -2.88
N LEU ZA 42 -30.02 7.46 -1.85
CA LEU ZA 42 -29.95 8.93 -1.87
C LEU ZA 42 -28.48 9.25 -1.69
N ILE ZA 43 -27.96 10.08 -2.58
CA ILE ZA 43 -26.61 10.60 -2.43
C ILE ZA 43 -26.67 12.10 -2.18
N ALA ZA 44 -26.26 12.52 -0.98
CA ALA ZA 44 -26.53 13.90 -0.59
C ALA ZA 44 -25.31 14.66 -0.06
N GLN ZA 45 -25.11 15.89 -0.53
CA GLN ZA 45 -23.95 16.67 -0.06
C GLN ZA 45 -24.24 17.44 1.19
N PHE ZA 46 -23.18 17.86 1.91
CA PHE ZA 46 -23.30 19.00 2.83
C PHE ZA 46 -23.32 20.27 1.96
N THR ZA 47 -24.09 21.27 2.38
CA THR ZA 47 -24.31 22.45 1.55
C THR ZA 47 -24.40 23.74 2.36
N GLU ZA 48 -24.68 24.85 1.69
CA GLU ZA 48 -24.95 26.10 2.38
C GLU ZA 48 -26.07 25.92 3.41
N HIS ZA 49 -27.10 25.13 3.09
CA HIS ZA 49 -28.25 24.98 4.00
C HIS ZA 49 -28.18 23.80 5.00
N THR ZA 50 -27.33 22.81 4.73
CA THR ZA 50 -27.25 21.57 5.55
C THR ZA 50 -25.87 21.35 6.11
N SER ZA 51 -25.74 21.37 7.42
CA SER ZA 51 -24.43 21.15 8.05
C SER ZA 51 -24.38 19.89 8.93
N ALA ZA 52 -25.52 19.20 8.98
CA ALA ZA 52 -25.71 17.97 9.75
C ALA ZA 52 -26.84 17.17 9.07
N ILE ZA 53 -26.72 15.85 9.07
CA ILE ZA 53 -27.71 14.96 8.49
C ILE ZA 53 -28.03 13.86 9.50
N LYS ZA 54 -29.33 13.67 9.77
CA LYS ZA 54 -29.80 12.63 10.68
C LYS ZA 54 -30.54 11.59 9.85
N VAL ZA 55 -30.23 10.32 10.08
CA VAL ZA 55 -30.88 9.22 9.38
C VAL ZA 55 -31.71 8.47 10.41
N ARG ZA 56 -33.03 8.40 10.18
CA ARG ZA 56 -33.96 7.62 11.00
C ARG ZA 56 -34.46 6.40 10.23
N GLY ZA 57 -34.61 5.26 10.92
CA GLY ZA 57 -34.93 3.98 10.28
C GLY ZA 57 -33.71 3.19 9.77
N LYS ZA 58 -33.96 2.03 9.15
CA LYS ZA 58 -32.91 1.06 8.84
C LYS ZA 58 -32.32 1.38 7.50
N ALA ZA 59 -31.01 1.55 7.49
CA ALA ZA 59 -30.33 2.09 6.33
C ALA ZA 59 -28.85 1.75 6.34
N TYR ZA 60 -28.29 1.62 5.14
CA TYR ZA 60 -26.89 1.37 4.95
C TYR ZA 60 -26.27 2.65 4.44
N ILE ZA 61 -25.19 3.09 5.08
CA ILE ZA 61 -24.61 4.44 4.88
C ILE ZA 61 -23.15 4.30 4.54
N GLN ZA 62 -22.72 4.97 3.48
CA GLN ZA 62 -21.31 5.11 3.19
C GLN ZA 62 -20.92 6.55 3.31
N THR ZA 63 -19.80 6.78 3.97
CA THR ZA 63 -19.15 8.09 3.89
C THR ZA 63 -17.64 7.92 3.71
N ARG ZA 64 -16.94 9.05 3.65
CA ARG ZA 64 -15.48 9.06 3.52
C ARG ZA 64 -14.79 8.29 4.67
N HIS ZA 65 -15.49 8.15 5.80
CA HIS ZA 65 -14.94 7.57 7.03
C HIS ZA 65 -15.22 6.08 7.19
N GLY ZA 66 -15.91 5.52 6.21
CA GLY ZA 66 -16.25 4.10 6.20
C GLY ZA 66 -17.74 3.91 6.06
N VAL ZA 67 -18.21 2.73 6.48
CA VAL ZA 67 -19.60 2.35 6.32
C VAL ZA 67 -20.23 2.10 7.68
N ILE ZA 68 -21.55 2.25 7.71
CA ILE ZA 68 -22.29 2.09 8.95
C ILE ZA 68 -23.75 1.83 8.62
N GLU ZA 69 -24.44 1.18 9.55
CA GLU ZA 69 -25.88 0.99 9.41
C GLU ZA 69 -26.65 1.67 10.54
N SER ZA 70 -27.65 2.50 10.17
CA SER ZA 70 -28.67 2.93 11.14
C SER ZA 70 -29.70 1.83 11.31
N GLU ZA 71 -30.38 1.82 12.46
CA GLU ZA 71 -31.36 0.79 12.76
C GLU ZA 71 -32.62 1.46 13.22
N GLY ZA 72 -33.74 0.73 13.06
CA GLY ZA 72 -35.06 1.28 13.38
C GLY ZA 72 -35.60 0.83 14.71
N THR AB 3 -16.11 23.61 -12.23
CA THR AB 3 -16.66 22.42 -12.98
C THR AB 3 -15.94 21.08 -12.60
N ASN AB 4 -15.30 21.03 -11.42
CA ASN AB 4 -14.62 19.81 -10.92
C ASN AB 4 -15.21 19.23 -9.63
N SER AB 5 -16.50 19.37 -9.48
CA SER AB 5 -17.19 18.66 -8.41
C SER AB 5 -17.17 17.12 -8.56
N ASP AB 6 -17.44 16.41 -7.46
CA ASP AB 6 -17.61 14.95 -7.48
C ASP AB 6 -18.69 14.54 -8.48
N PHE AB 7 -18.63 13.29 -8.91
CA PHE AB 7 -19.68 12.69 -9.75
C PHE AB 7 -19.98 11.29 -9.28
N VAL AB 8 -21.12 10.76 -9.73
CA VAL AB 8 -21.49 9.38 -9.46
C VAL AB 8 -21.70 8.67 -10.81
N VAL AB 9 -21.46 7.36 -10.82
CA VAL AB 9 -21.72 6.55 -12.01
C VAL AB 9 -22.89 5.63 -11.72
N ILE AB 10 -23.89 5.61 -12.63
CA ILE AB 10 -25.08 4.78 -12.44
C ILE AB 10 -25.29 3.91 -13.69
N LYS AB 11 -25.39 2.59 -13.48
CA LYS AB 11 -25.80 1.68 -14.56
C LYS AB 11 -27.15 1.05 -14.24
N ALA AB 12 -28.13 1.27 -15.14
CA ALA AB 12 -29.43 0.63 -14.98
C ALA AB 12 -29.31 -0.90 -15.13
N LEU AB 13 -29.90 -1.60 -14.17
CA LEU AB 13 -29.93 -3.05 -14.21
C LEU AB 13 -31.31 -3.59 -14.59
N GLU AB 14 -32.22 -2.68 -14.88
CA GLU AB 14 -33.57 -2.96 -15.41
C GLU AB 14 -34.03 -1.72 -16.18
N ASP AB 15 -35.07 -1.86 -16.99
CA ASP AB 15 -35.67 -0.73 -17.69
C ASP AB 15 -36.32 0.21 -16.67
N GLY AB 16 -36.36 1.51 -16.99
CA GLY AB 16 -37.19 2.45 -16.25
C GLY AB 16 -36.60 2.97 -14.94
N VAL AB 17 -35.30 2.79 -14.78
CA VAL AB 17 -34.57 3.38 -13.64
C VAL AB 17 -34.69 4.92 -13.74
N ASN AB 18 -34.91 5.58 -12.61
CA ASN AB 18 -34.94 7.05 -12.59
C ASN AB 18 -33.80 7.59 -11.76
N VAL AB 19 -32.97 8.46 -12.36
CA VAL AB 19 -31.91 9.19 -11.64
C VAL AB 19 -32.40 10.65 -11.45
N ILE AB 20 -32.79 10.99 -10.21
CA ILE AB 20 -33.50 12.26 -9.92
C ILE AB 20 -32.52 13.29 -9.29
N GLY AB 21 -32.39 14.46 -9.89
CA GLY AB 21 -31.63 15.54 -9.30
C GLY AB 21 -32.50 16.36 -8.41
N LEU AB 22 -32.07 16.53 -7.16
CA LEU AB 22 -32.81 17.33 -6.17
C LEU AB 22 -32.15 18.69 -6.09
N THR AB 23 -32.97 19.73 -5.89
CA THR AB 23 -32.49 21.10 -5.99
C THR AB 23 -31.56 21.46 -4.87
N ARG AB 24 -30.48 22.15 -5.23
CA ARG AB 24 -29.67 22.87 -4.26
C ARG AB 24 -30.50 24.04 -3.70
N GLY AB 25 -30.24 24.42 -2.46
CA GLY AB 25 -30.81 25.63 -1.88
C GLY AB 25 -31.75 25.37 -0.72
N ALA AB 26 -32.47 26.42 -0.30
CA ALA AB 26 -33.42 26.30 0.81
C ALA AB 26 -34.55 25.32 0.50
N ASP AB 27 -34.90 25.20 -0.79
CA ASP AB 27 -35.96 24.30 -1.23
C ASP AB 27 -35.40 22.97 -1.77
N THR AB 28 -36.06 21.87 -1.42
CA THR AB 28 -35.67 20.54 -1.92
C THR AB 28 -36.77 19.90 -2.76
N ARG AB 29 -36.65 20.04 -4.07
CA ARG AB 29 -37.65 19.54 -4.99
C ARG AB 29 -36.91 18.86 -6.13
N PHE AB 30 -37.66 18.22 -7.02
CA PHE AB 30 -37.07 17.53 -8.17
C PHE AB 30 -36.91 18.58 -9.24
N HIS AB 31 -35.75 18.62 -9.86
CA HIS AB 31 -35.66 19.51 -11.00
C HIS AB 31 -35.49 18.73 -12.30
N HIS AB 32 -35.10 17.47 -12.21
CA HIS AB 32 -34.96 16.61 -13.39
C HIS AB 32 -34.90 15.15 -13.01
N SER AB 33 -35.60 14.32 -13.78
CA SER AB 33 -35.53 12.88 -13.63
C SER AB 33 -35.05 12.28 -14.95
N GLU AB 34 -33.86 11.67 -14.94
CA GLU AB 34 -33.29 11.04 -16.13
C GLU AB 34 -33.66 9.56 -16.08
N LYS AB 35 -34.43 9.13 -17.09
CA LYS AB 35 -34.85 7.74 -17.18
C LYS AB 35 -33.82 6.94 -17.96
N LEU AB 36 -33.43 5.79 -17.39
CA LEU AB 36 -32.43 4.91 -17.97
C LEU AB 36 -33.05 3.55 -18.28
N ASP AB 37 -32.74 3.02 -19.46
CA ASP AB 37 -33.17 1.66 -19.78
C ASP AB 37 -32.03 0.70 -19.46
N LYS AB 38 -32.33 -0.60 -19.47
CA LYS AB 38 -31.41 -1.60 -18.94
C LYS AB 38 -30.07 -1.54 -19.67
N GLY AB 39 -29.01 -1.35 -18.89
CA GLY AB 39 -27.67 -1.35 -19.43
C GLY AB 39 -27.07 0.01 -19.73
N GLU AB 40 -27.91 1.05 -19.81
CA GLU AB 40 -27.40 2.40 -19.99
C GLU AB 40 -26.67 2.91 -18.74
N VAL AB 41 -25.68 3.75 -18.98
CA VAL AB 41 -24.82 4.32 -17.94
C VAL AB 41 -24.94 5.85 -17.91
N LEU AB 42 -25.18 6.39 -16.72
CA LEU AB 42 -25.17 7.83 -16.51
C LEU AB 42 -24.03 8.23 -15.53
N ILE AB 43 -23.25 9.22 -15.93
CA ILE AB 43 -22.20 9.76 -15.06
C ILE AB 43 -22.57 11.22 -14.81
N ALA AB 44 -22.91 11.53 -13.57
CA ALA AB 44 -23.53 12.82 -13.25
C ALA AB 44 -22.78 13.51 -12.10
N GLN AB 45 -22.51 14.80 -12.25
CA GLN AB 45 -21.87 15.56 -11.20
C GLN AB 45 -22.87 16.16 -10.22
N PHE AB 46 -22.34 16.53 -9.06
CA PHE AB 46 -22.99 17.54 -8.25
C PHE AB 46 -22.68 18.91 -8.88
N THR AB 47 -23.64 19.85 -8.82
CA THR AB 47 -23.57 21.10 -9.59
C THR AB 47 -24.22 22.27 -8.83
N GLU AB 48 -24.20 23.44 -9.45
CA GLU AB 48 -24.93 24.58 -8.91
C GLU AB 48 -26.40 24.22 -8.61
N HIS AB 49 -27.02 23.45 -9.49
CA HIS AB 49 -28.43 23.10 -9.35
C HIS AB 49 -28.80 21.82 -8.62
N THR AB 50 -27.84 20.92 -8.46
CA THR AB 50 -28.07 19.58 -7.90
C THR AB 50 -27.13 19.35 -6.73
N SER AB 51 -27.68 19.22 -5.53
CA SER AB 51 -26.87 18.93 -4.36
C SER AB 51 -27.23 17.58 -3.70
N ALA AB 52 -28.17 16.86 -4.31
CA ALA AB 52 -28.53 15.51 -3.87
C ALA AB 52 -29.09 14.78 -5.09
N ILE AB 53 -28.85 13.47 -5.15
CA ILE AB 53 -29.30 12.62 -6.25
C ILE AB 53 -29.98 11.41 -5.63
N LYS AB 54 -31.20 11.11 -6.08
CA LYS AB 54 -31.96 9.95 -5.64
C LYS AB 54 -32.03 8.97 -6.81
N VAL AB 55 -31.83 7.67 -6.53
CA VAL AB 55 -31.90 6.64 -7.56
C VAL AB 55 -33.03 5.70 -7.25
N ARG AB 56 -33.96 5.56 -8.20
CA ARG AB 56 -35.14 4.71 -8.01
C ARG AB 56 -35.07 3.64 -9.10
N GLY AB 57 -35.25 2.39 -8.69
CA GLY AB 57 -35.12 1.25 -9.58
C GLY AB 57 -33.80 0.54 -9.39
N LYS AB 58 -33.66 -0.63 -10.00
CA LYS AB 58 -32.47 -1.45 -9.80
C LYS AB 58 -31.28 -0.96 -10.62
N ALA AB 59 -30.19 -0.63 -9.92
CA ALA AB 59 -29.02 0.00 -10.57
C ALA AB 59 -27.76 -0.27 -9.79
N TYR AB 60 -26.64 -0.30 -10.49
CA TYR AB 60 -25.34 -0.43 -9.85
C TYR AB 60 -24.70 0.94 -9.85
N ILE AB 61 -24.22 1.35 -8.67
CA ILE AB 61 -23.74 2.74 -8.48
C ILE AB 61 -22.30 2.75 -7.96
N GLN AB 62 -21.44 3.57 -8.56
CA GLN AB 62 -20.09 3.84 -8.11
C GLN AB 62 -19.94 5.31 -7.71
N THR AB 63 -19.34 5.52 -6.54
CA THR AB 63 -18.93 6.85 -6.08
C THR AB 63 -17.54 6.72 -5.47
N ARG AB 64 -17.00 7.86 -5.06
CA ARG AB 64 -15.74 7.95 -4.34
C ARG AB 64 -15.71 7.04 -3.07
N HIS AB 65 -16.90 6.80 -2.48
CA HIS AB 65 -17.00 6.05 -1.22
C HIS AB 65 -17.20 4.55 -1.35
N GLY AB 66 -17.30 4.08 -2.59
CA GLY AB 66 -17.40 2.66 -2.86
C GLY AB 66 -18.49 2.37 -3.87
N VAL AB 67 -18.96 1.13 -3.85
CA VAL AB 67 -19.99 0.70 -4.78
C VAL AB 67 -21.23 0.27 -4.00
N ILE AB 68 -22.38 0.34 -4.67
CA ILE AB 68 -23.65 0.01 -4.03
C ILE AB 68 -24.67 -0.26 -5.14
N GLU AB 69 -25.72 -1.02 -4.81
CA GLU AB 69 -26.80 -1.27 -5.73
C GLU AB 69 -28.10 -0.79 -5.11
N SER AB 70 -28.83 -0.02 -5.89
CA SER AB 70 -30.22 0.30 -5.56
C SER AB 70 -31.10 -0.85 -6.07
N GLU AB 71 -32.24 -1.02 -5.43
CA GLU AB 71 -33.15 -2.08 -5.81
C GLU AB 71 -34.46 -1.50 -6.36
N GLY AB 72 -35.16 -2.29 -7.17
CA GLY AB 72 -36.31 -1.81 -7.93
C GLY AB 72 -37.63 -2.42 -7.54
N THR BB 3 -9.48 24.33 -16.72
CA THR BB 3 -9.59 23.24 -17.73
C THR BB 3 -9.06 21.88 -17.19
N ASN BB 4 -8.92 21.79 -15.85
CA ASN BB 4 -8.51 20.55 -15.18
C ASN BB 4 -9.66 19.77 -14.49
N SER BB 5 -10.81 19.74 -15.13
CA SER BB 5 -11.97 18.99 -14.66
C SER BB 5 -11.76 17.49 -14.84
N ASP BB 6 -12.56 16.67 -14.15
CA ASP BB 6 -12.56 15.20 -14.31
C ASP BB 6 -12.90 14.81 -15.77
N PHE BB 7 -12.45 13.62 -16.17
CA PHE BB 7 -12.82 13.12 -17.49
C PHE BB 7 -13.13 11.63 -17.43
N VAL BB 8 -13.79 11.15 -18.47
CA VAL BB 8 -14.16 9.73 -18.59
C VAL BB 8 -13.54 9.21 -19.88
N VAL BB 9 -13.20 7.91 -19.90
CA VAL BB 9 -12.73 7.20 -21.08
C VAL BB 9 -13.80 6.22 -21.54
N ILE BB 10 -14.19 6.30 -22.81
CA ILE BB 10 -15.21 5.42 -23.35
C ILE BB 10 -14.72 4.73 -24.63
N LYS BB 11 -14.77 3.40 -24.61
CA LYS BB 11 -14.41 2.63 -25.78
C LYS BB 11 -15.64 1.87 -26.24
N ALA BB 12 -16.04 2.14 -27.48
CA ALA BB 12 -17.21 1.48 -28.05
C ALA BB 12 -16.93 -0.01 -28.32
N LEU BB 13 -17.86 -0.86 -27.91
CA LEU BB 13 -17.71 -2.32 -28.09
C LEU BB 13 -18.55 -2.89 -29.26
N GLU BB 14 -19.24 -1.98 -29.95
CA GLU BB 14 -20.09 -2.27 -31.13
C GLU BB 14 -20.28 -0.95 -31.88
N ASP BB 15 -20.77 -1.02 -33.12
CA ASP BB 15 -21.02 0.21 -33.86
C ASP BB 15 -22.22 0.95 -33.28
N GLY BB 16 -22.20 2.27 -33.41
CA GLY BB 16 -23.37 3.07 -33.14
C GLY BB 16 -23.55 3.45 -31.68
N VAL BB 17 -22.49 3.32 -30.89
CA VAL BB 17 -22.50 3.80 -29.49
C VAL BB 17 -22.70 5.32 -29.49
N ASN BB 18 -23.54 5.79 -28.57
CA ASN BB 18 -23.79 7.22 -28.39
C ASN BB 18 -23.27 7.66 -27.03
N VAL BB 19 -22.40 8.66 -27.03
CA VAL BB 19 -21.95 9.33 -25.80
C VAL BB 19 -22.56 10.74 -25.82
N ILE BB 20 -23.50 10.95 -24.90
CA ILE BB 20 -24.40 12.11 -24.91
C ILE BB 20 -24.00 13.06 -23.77
N GLY BB 21 -23.73 14.33 -24.11
CA GLY BB 21 -23.51 15.36 -23.11
C GLY BB 21 -24.82 16.01 -22.71
N LEU BB 22 -25.14 15.97 -21.43
CA LEU BB 22 -26.34 16.65 -20.92
C LEU BB 22 -25.91 18.05 -20.44
N THR BB 23 -26.78 19.03 -20.65
CA THR BB 23 -26.44 20.42 -20.35
C THR BB 23 -26.31 20.65 -18.87
N ARG BB 24 -25.23 21.36 -18.50
CA ARG BB 24 -25.17 22.03 -17.19
C ARG BB 24 -26.26 23.11 -17.04
N GLY BB 25 -26.84 23.25 -15.86
CA GLY BB 25 -27.72 24.38 -15.59
C GLY BB 25 -29.08 23.98 -15.08
N ALA BB 26 -29.99 24.95 -14.99
CA ALA BB 26 -31.37 24.70 -14.55
C ALA BB 26 -32.06 23.69 -15.49
N ASP BB 27 -31.67 23.71 -16.75
CA ASP BB 27 -32.21 22.81 -17.75
C ASP BB 27 -31.33 21.59 -17.96
N THR BB 28 -31.96 20.44 -18.23
CA THR BB 28 -31.21 19.23 -18.53
C THR BB 28 -31.69 18.66 -19.87
N ARG BB 29 -30.94 18.92 -20.93
CA ARG BB 29 -31.33 18.54 -22.28
C ARG BB 29 -30.05 18.07 -22.97
N PHE BB 30 -30.16 17.43 -24.12
CA PHE BB 30 -28.97 16.99 -24.86
C PHE BB 30 -28.36 18.22 -25.47
N HIS BB 31 -27.03 18.35 -25.39
CA HIS BB 31 -26.40 19.36 -26.24
C HIS BB 31 -25.53 18.77 -27.35
N HIS BB 32 -25.11 17.52 -27.17
CA HIS BB 32 -24.34 16.86 -28.23
C HIS BB 32 -24.40 15.35 -28.00
N SER BB 33 -24.52 14.61 -29.10
CA SER BB 33 -24.42 13.17 -29.06
C SER BB 33 -23.25 12.73 -29.92
N GLU BB 34 -22.17 12.25 -29.31
CA GLU BB 34 -21.05 11.74 -30.10
C GLU BB 34 -21.28 10.28 -30.45
N LYS BB 35 -21.31 9.97 -31.75
CA LYS BB 35 -21.43 8.59 -32.21
C LYS BB 35 -20.05 7.92 -32.36
N LEU BB 36 -19.91 6.72 -31.79
CA LEU BB 36 -18.67 5.95 -31.88
C LEU BB 36 -18.90 4.62 -32.60
N ASP BB 37 -17.99 4.29 -33.50
CA ASP BB 37 -17.96 2.97 -34.13
C ASP BB 37 -17.06 2.03 -33.33
N LYS BB 38 -17.26 0.72 -33.52
CA LYS BB 38 -16.61 -0.29 -32.69
C LYS BB 38 -15.09 -0.08 -32.62
N GLY BB 39 -14.57 -0.07 -31.39
CA GLY BB 39 -13.15 0.06 -31.16
C GLY BB 39 -12.72 1.50 -30.90
N GLU BB 40 -13.50 2.49 -31.38
CA GLU BB 40 -13.16 3.89 -31.16
C GLU BB 40 -13.17 4.27 -29.70
N VAL BB 41 -12.28 5.18 -29.35
CA VAL BB 41 -12.16 5.67 -27.96
C VAL BB 41 -12.40 7.16 -27.91
N LEU BB 42 -13.25 7.55 -26.95
CA LEU BB 42 -13.48 8.96 -26.64
C LEU BB 42 -13.03 9.28 -25.20
N ILE BB 43 -12.23 10.33 -25.05
CA ILE BB 43 -11.89 10.80 -23.71
C ILE BB 43 -12.50 12.18 -23.51
N ALA BB 44 -13.45 12.28 -22.57
CA ALA BB 44 -14.29 13.48 -22.50
C ALA BB 44 -14.36 14.04 -21.08
N GLN BB 45 -14.19 15.36 -21.00
CA GLN BB 45 -14.25 16.04 -19.70
C GLN BB 45 -15.68 16.42 -19.34
N PHE BB 46 -15.95 16.62 -18.05
CA PHE BB 46 -17.02 17.52 -17.62
C PHE BB 46 -16.53 18.96 -17.85
N THR BB 47 -17.47 19.86 -18.18
CA THR BB 47 -17.11 21.19 -18.70
C THR BB 47 -18.15 22.22 -18.27
N GLU BB 48 -17.95 23.45 -18.71
CA GLU BB 48 -18.96 24.50 -18.48
C GLU BB 48 -20.33 24.06 -19.05
N HIS BB 49 -20.30 23.40 -20.21
CA HIS BB 49 -21.50 22.97 -20.92
C HIS BB 49 -22.09 21.60 -20.56
N THR BB 50 -21.25 20.70 -20.05
CA THR BB 50 -21.61 19.31 -19.73
C THR BB 50 -21.41 18.96 -18.28
N SER BB 51 -22.49 18.67 -17.58
CA SER BB 51 -22.44 18.30 -16.17
C SER BB 51 -22.90 16.84 -15.94
N ALA BB 52 -23.35 16.20 -17.01
CA ALA BB 52 -23.66 14.77 -16.99
C ALA BB 52 -23.48 14.15 -18.36
N ILE BB 53 -23.12 12.87 -18.35
CA ILE BB 53 -22.82 12.13 -19.57
C ILE BB 53 -23.58 10.83 -19.57
N LYS BB 54 -24.36 10.59 -20.64
CA LYS BB 54 -25.07 9.33 -20.76
C LYS BB 54 -24.45 8.47 -21.88
N VAL BB 55 -24.29 7.18 -21.61
CA VAL BB 55 -23.77 6.27 -22.62
C VAL BB 55 -24.84 5.23 -23.00
N ARG BB 56 -25.17 5.18 -24.30
CA ARG BB 56 -26.13 4.25 -24.86
C ARG BB 56 -25.38 3.31 -25.82
N GLY BB 57 -25.63 2.01 -25.71
CA GLY BB 57 -24.92 1.05 -26.53
C GLY BB 57 -23.83 0.39 -25.69
N LYS BB 58 -23.22 -0.63 -26.26
CA LYS BB 58 -22.22 -1.43 -25.56
C LYS BB 58 -20.84 -0.76 -25.55
N ALA BB 59 -20.35 -0.45 -24.36
CA ALA BB 59 -19.09 0.29 -24.26
C ALA BB 59 -18.40 -0.05 -22.96
N TYR BB 60 -17.09 0.12 -22.98
CA TYR BB 60 -16.27 -0.07 -21.77
C TYR BB 60 -15.82 1.30 -21.31
N ILE BB 61 -15.98 1.58 -20.01
CA ILE BB 61 -15.86 2.95 -19.51
C ILE BB 61 -14.90 2.95 -18.33
N GLN BB 62 -13.93 3.86 -18.34
CA GLN BB 62 -13.06 4.07 -17.18
C GLN BB 62 -13.30 5.47 -16.60
N THR BB 63 -13.48 5.55 -15.28
CA THR BB 63 -13.51 6.82 -14.55
C THR BB 63 -12.60 6.70 -13.35
N ARG BB 64 -12.47 7.82 -12.63
CA ARG BB 64 -11.81 7.87 -11.32
C ARG BB 64 -12.32 6.78 -10.34
N HIS BB 65 -13.60 6.42 -10.46
CA HIS BB 65 -14.20 5.46 -9.52
C HIS BB 65 -14.14 3.99 -9.89
N GLY BB 66 -13.60 3.68 -11.07
CA GLY BB 66 -13.39 2.30 -11.43
C GLY BB 66 -13.82 2.09 -12.88
N VAL BB 67 -14.07 0.84 -13.24
CA VAL BB 67 -14.48 0.52 -14.60
C VAL BB 67 -15.90 -0.04 -14.58
N ILE BB 68 -16.55 0.08 -15.73
CA ILE BB 68 -17.92 -0.38 -15.90
C ILE BB 68 -18.17 -0.56 -17.40
N GLU BB 69 -19.12 -1.41 -17.75
CA GLU BB 69 -19.53 -1.52 -19.15
C GLU BB 69 -21.01 -1.19 -19.27
N SER BB 70 -21.34 -0.34 -20.24
CA SER BB 70 -22.74 -0.16 -20.67
C SER BB 70 -23.07 -1.28 -21.62
N GLU BB 71 -24.36 -1.61 -21.76
CA GLU BB 71 -24.76 -2.56 -22.76
C GLU BB 71 -26.01 -2.09 -23.48
N GLY BB 72 -26.13 -2.55 -24.72
CA GLY BB 72 -27.34 -2.36 -25.50
C GLY BB 72 -28.13 -3.65 -25.43
N THR CB 3 -7.75 61.99 5.13
CA THR CB 3 -7.92 61.09 6.32
C THR CB 3 -7.98 59.57 5.99
N ASN CB 4 -7.83 59.21 4.70
CA ASN CB 4 -7.87 57.79 4.23
C ASN CB 4 -6.50 57.17 3.92
N SER CB 5 -5.44 57.86 4.32
CA SER CB 5 -4.06 57.43 4.10
C SER CB 5 -3.69 56.18 4.91
N ASP CB 6 -2.63 55.48 4.51
CA ASP CB 6 -2.23 54.28 5.26
C ASP CB 6 -1.74 54.51 6.68
N PHE CB 7 -1.73 53.43 7.47
CA PHE CB 7 -1.27 53.48 8.84
C PHE CB 7 -0.27 52.36 9.15
N VAL CB 8 0.46 52.54 10.24
CA VAL CB 8 1.37 51.54 10.78
C VAL CB 8 0.83 51.11 12.14
N VAL CB 9 0.96 49.82 12.44
CA VAL CB 9 0.64 49.32 13.79
C VAL CB 9 1.96 49.01 14.53
N ILE CB 10 2.19 49.61 15.68
CA ILE CB 10 3.41 49.36 16.46
C ILE CB 10 3.08 48.84 17.87
N LYS CB 11 3.60 47.66 18.20
CA LYS CB 11 3.44 47.04 19.54
C LYS CB 11 4.80 47.04 20.28
N ALA CB 12 4.91 47.78 21.38
CA ALA CB 12 6.12 47.76 22.17
C ALA CB 12 6.38 46.36 22.79
N LEU CB 13 7.58 45.84 22.56
CA LEU CB 13 8.01 44.57 23.14
C LEU CB 13 8.93 44.80 24.36
N GLU CB 14 9.21 46.07 24.66
CA GLU CB 14 9.97 46.48 25.86
C GLU CB 14 9.55 47.89 26.25
N ASP CB 15 9.94 48.35 27.44
CA ASP CB 15 9.65 49.72 27.85
C ASP CB 15 10.45 50.73 27.04
N GLY CB 16 9.89 51.93 26.86
CA GLY CB 16 10.58 53.04 26.23
C GLY CB 16 10.82 53.01 24.72
N VAL CB 17 9.96 52.29 23.99
CA VAL CB 17 9.99 52.30 22.53
C VAL CB 17 9.60 53.71 22.12
N ASN CB 18 10.29 54.28 21.13
CA ASN CB 18 9.94 55.61 20.66
C ASN CB 18 9.45 55.57 19.22
N VAL CB 19 8.25 56.11 18.98
CA VAL CB 19 7.73 56.21 17.61
C VAL CB 19 7.83 57.67 17.17
N ILE CB 20 8.68 57.94 16.17
CA ILE CB 20 9.08 59.31 15.86
C ILE CB 20 8.44 59.76 14.54
N GLY CB 21 7.73 60.89 14.55
CA GLY CB 21 7.17 61.45 13.33
C GLY CB 21 8.16 62.43 12.71
N LEU CB 22 8.47 62.23 11.43
CA LEU CB 22 9.27 63.19 10.69
C LEU CB 22 8.34 64.08 9.83
N THR CB 23 8.66 65.38 9.78
CA THR CB 23 7.88 66.35 9.02
C THR CB 23 7.82 66.12 7.54
N ARG CB 24 6.60 66.32 7.03
CA ARG CB 24 6.35 66.34 5.60
C ARG CB 24 6.85 67.68 5.09
N GLY CB 25 7.54 67.71 3.96
CA GLY CB 25 7.82 68.97 3.33
C GLY CB 25 9.25 69.02 2.87
N ALA CB 26 9.68 70.20 2.45
CA ALA CB 26 11.09 70.47 2.07
C ALA CB 26 12.09 70.22 3.21
N ASP CB 27 11.63 70.41 4.45
CA ASP CB 27 12.52 70.18 5.59
C ASP CB 27 12.12 68.90 6.29
N THR CB 28 13.12 68.21 6.85
CA THR CB 28 12.94 66.94 7.53
C THR CB 28 13.57 67.05 8.92
N ARG CB 29 12.72 67.05 9.94
CA ARG CB 29 13.18 67.02 11.33
C ARG CB 29 12.11 66.25 12.10
N PHE CB 30 12.44 65.81 13.31
CA PHE CB 30 11.48 65.07 14.14
C PHE CB 30 10.54 66.08 14.77
N HIS CB 31 9.24 65.89 14.66
CA HIS CB 31 8.27 66.84 15.27
C HIS CB 31 7.54 66.29 16.50
N HIS CB 32 7.55 64.98 16.67
CA HIS CB 32 6.93 64.36 17.82
C HIS CB 32 7.54 63.00 18.04
N SER CB 33 7.73 62.64 19.31
CA SER CB 33 8.18 61.31 19.67
C SER CB 33 7.23 60.74 20.71
N GLU CB 34 6.49 59.69 20.34
CA GLU CB 34 5.57 59.03 21.25
C GLU CB 34 6.25 57.84 21.91
N LYS CB 35 6.36 57.90 23.22
CA LYS CB 35 6.96 56.80 23.96
C LYS CB 35 5.90 55.73 24.30
N LEU CB 36 6.24 54.47 24.03
CA LEU CB 36 5.36 53.34 24.34
C LEU CB 36 6.05 52.39 25.27
N ASP CB 37 5.35 51.99 26.30
CA ASP CB 37 5.92 51.01 27.16
C ASP CB 37 5.47 49.61 26.80
N LYS CB 38 6.04 48.62 27.46
CA LYS CB 38 5.87 47.25 27.04
C LYS CB 38 4.39 46.87 26.94
N GLY CB 39 4.00 46.36 25.77
CA GLY CB 39 2.65 45.86 25.55
C GLY CB 39 1.64 46.87 25.02
N GLU CB 40 1.99 48.16 24.99
CA GLU CB 40 1.08 49.15 24.42
C GLU CB 40 1.15 49.10 22.91
N VAL CB 41 0.03 49.47 22.27
CA VAL CB 41 -0.07 49.50 20.80
C VAL CB 41 -0.42 50.90 20.30
N LEU CB 42 0.34 51.35 19.30
CA LEU CB 42 0.08 52.62 18.63
C LEU CB 42 -0.31 52.35 17.18
N ILE CB 43 -1.44 52.91 16.76
CA ILE CB 43 -1.88 52.77 15.37
C ILE CB 43 -1.83 54.18 14.78
N ALA CB 44 -0.91 54.41 13.85
CA ALA CB 44 -0.61 55.79 13.46
C ALA CB 44 -0.56 55.96 11.96
N GLN CB 45 -1.27 56.99 11.48
CA GLN CB 45 -1.35 57.27 10.06
C GLN CB 45 -0.16 58.09 9.62
N PHE CB 46 0.11 58.02 8.32
CA PHE CB 46 0.76 59.12 7.63
C PHE CB 46 -0.27 60.23 7.42
N THR CB 47 0.17 61.48 7.50
CA THR CB 47 -0.73 62.65 7.54
C THR CB 47 -0.16 63.85 6.81
N GLU CB 48 -0.92 64.93 6.76
CA GLU CB 48 -0.37 66.16 6.18
C GLU CB 48 0.94 66.60 6.89
N HIS CB 49 1.08 66.30 8.18
CA HIS CB 49 2.28 66.66 8.97
C HIS CB 49 3.43 65.62 9.09
N THR CB 50 3.11 64.36 8.84
CA THR CB 50 4.03 63.21 9.05
C THR CB 50 4.12 62.38 7.76
N SER CB 51 5.27 62.44 7.08
CA SER CB 51 5.47 61.66 5.88
C SER CB 51 6.50 60.52 6.04
N ALA CB 52 7.07 60.37 7.24
CA ALA CB 52 7.97 59.23 7.55
C ALA CB 52 7.88 58.99 9.05
N ILE CB 53 8.02 57.73 9.47
CA ILE CB 53 7.91 57.35 10.88
C ILE CB 53 9.14 56.47 11.19
N LYS CB 54 9.87 56.83 12.24
CA LYS CB 54 11.00 56.04 12.71
C LYS CB 54 10.64 55.33 14.02
N VAL CB 55 11.01 54.04 14.14
CA VAL CB 55 10.74 53.29 15.37
C VAL CB 55 12.07 52.87 16.01
N ARG CB 56 12.25 53.23 17.28
CA ARG CB 56 13.47 52.97 18.03
C ARG CB 56 13.15 52.13 19.24
N GLY CB 57 13.83 50.99 19.37
CA GLY CB 57 13.54 50.06 20.46
C GLY CB 57 12.86 48.79 19.96
N LYS CB 58 12.69 47.79 20.82
CA LYS CB 58 12.12 46.51 20.43
C LYS CB 58 10.59 46.58 20.25
N ALA CB 59 10.17 46.30 19.03
CA ALA CB 59 8.77 46.45 18.65
C ALA CB 59 8.37 45.47 17.54
N TYR CB 60 7.09 45.10 17.54
CA TYR CB 60 6.42 44.28 16.54
C TYR CB 60 5.60 45.23 15.67
N ILE CB 61 5.90 45.30 14.39
CA ILE CB 61 5.25 46.30 13.54
C ILE CB 61 4.47 45.65 12.39
N GLN CB 62 3.25 46.12 12.14
CA GLN CB 62 2.49 45.68 10.97
C GLN CB 62 2.27 46.84 10.04
N THR CB 63 2.45 46.60 8.74
CA THR CB 63 2.05 47.53 7.70
C THR CB 63 1.42 46.73 6.58
N ARG CB 64 0.92 47.48 5.61
CA ARG CB 64 0.37 46.87 4.41
C ARG CB 64 1.35 45.85 3.75
N HIS CB 65 2.65 46.00 4.01
CA HIS CB 65 3.65 45.17 3.34
C HIS CB 65 4.02 43.93 4.16
N GLY CB 66 3.41 43.81 5.33
CA GLY CB 66 3.60 42.65 6.17
C GLY CB 66 4.19 43.06 7.52
N VAL CB 67 4.82 42.09 8.18
CA VAL CB 67 5.25 42.30 9.56
C VAL CB 67 6.75 42.57 9.49
N ILE CB 68 7.22 43.42 10.40
CA ILE CB 68 8.68 43.65 10.57
C ILE CB 68 8.90 43.90 12.06
N GLU CB 69 10.12 43.69 12.54
CA GLU CB 69 10.40 43.84 13.96
C GLU CB 69 11.58 44.74 14.14
N SER CB 70 11.42 45.79 14.91
CA SER CB 70 12.55 46.62 15.32
C SER CB 70 13.21 46.00 16.53
N GLU CB 71 14.52 46.16 16.63
CA GLU CB 71 15.26 45.59 17.74
C GLU CB 71 15.98 46.72 18.45
N GLY CB 72 15.93 46.70 19.78
CA GLY CB 72 16.70 47.64 20.57
C GLY CB 72 18.03 47.09 21.01
N THR DB 3 -16.13 60.62 4.58
CA THR DB 3 -16.18 60.01 5.96
C THR DB 3 -15.88 58.49 5.90
N ASN DB 4 -15.04 58.09 4.95
CA ASN DB 4 -14.66 56.68 4.83
C ASN DB 4 -13.15 56.38 4.89
N SER DB 5 -12.63 56.47 6.10
CA SER DB 5 -11.25 56.21 6.44
C SER DB 5 -11.23 54.84 7.08
N ASP DB 6 -10.03 54.29 7.27
CA ASP DB 6 -9.85 53.02 7.98
C ASP DB 6 -10.42 53.11 9.38
N PHE DB 7 -10.69 51.94 9.97
CA PHE DB 7 -11.06 51.84 11.38
C PHE DB 7 -10.29 50.71 12.10
N VAL DB 8 -10.36 50.72 13.43
CA VAL DB 8 -9.73 49.71 14.24
C VAL DB 8 -10.87 49.14 15.07
N VAL DB 9 -10.78 47.86 15.39
CA VAL DB 9 -11.69 47.20 16.32
C VAL DB 9 -10.88 46.87 17.57
N ILE DB 10 -11.39 47.24 18.73
CA ILE DB 10 -10.72 46.96 19.99
C ILE DB 10 -11.69 46.23 20.89
N LYS DB 11 -11.33 45.03 21.29
CA LYS DB 11 -12.13 44.35 22.34
C LYS DB 11 -11.35 44.34 23.64
N ALA DB 12 -11.93 44.83 24.75
CA ALA DB 12 -11.22 44.77 26.01
C ALA DB 12 -11.23 43.36 26.66
N LEU DB 13 -10.04 42.89 27.01
CA LEU DB 13 -9.92 41.60 27.70
C LEU DB 13 -9.78 41.75 29.22
N GLU DB 14 -9.77 42.99 29.70
CA GLU DB 14 -9.78 43.30 31.14
C GLU DB 14 -10.44 44.66 31.33
N ASP DB 15 -10.82 44.96 32.59
CA ASP DB 15 -11.38 46.27 32.94
C ASP DB 15 -10.37 47.40 32.70
N GLY DB 16 -10.87 48.60 32.36
CA GLY DB 16 -10.08 49.82 32.36
C GLY DB 16 -9.11 49.99 31.20
N VAL DB 17 -9.37 49.29 30.08
CA VAL DB 17 -8.62 49.51 28.85
C VAL DB 17 -8.90 50.95 28.38
N ASN DB 18 -7.86 51.64 27.94
CA ASN DB 18 -8.01 52.98 27.39
C ASN DB 18 -7.71 53.02 25.90
N VAL DB 19 -8.65 53.58 25.14
CA VAL DB 19 -8.45 53.81 23.75
C VAL DB 19 -8.34 55.32 23.58
N ILE DB 20 -7.19 55.74 23.09
CA ILE DB 20 -6.76 57.15 23.19
C ILE DB 20 -6.57 57.73 21.80
N GLY DB 21 -7.27 58.84 21.52
CA GLY DB 21 -7.16 59.52 20.25
C GLY DB 21 -6.13 60.62 20.32
N LEU DB 22 -5.21 60.62 19.36
CA LEU DB 22 -4.17 61.63 19.29
C LEU DB 22 -4.54 62.60 18.18
N THR DB 23 -4.36 63.89 18.47
CA THR DB 23 -4.79 64.93 17.57
C THR DB 23 -4.04 64.93 16.28
N ARG DB 24 -4.81 65.11 15.21
CA ARG DB 24 -4.27 65.41 13.89
C ARG DB 24 -3.74 66.84 13.78
N GLY DB 25 -2.63 67.04 13.05
CA GLY DB 25 -2.12 68.37 12.80
C GLY DB 25 -0.67 68.51 13.23
N ALA DB 26 -0.20 69.76 13.31
CA ALA DB 26 1.17 70.06 13.71
C ALA DB 26 1.46 69.66 15.16
N ASP DB 27 0.42 69.67 15.98
CA ASP DB 27 0.48 69.44 17.41
C ASP DB 27 0.02 68.02 17.68
N THR DB 28 0.72 67.32 18.57
CA THR DB 28 0.32 65.97 18.98
C THR DB 28 0.05 65.89 20.48
N ARG DB 29 -1.21 65.71 20.83
CA ARG DB 29 -1.61 65.44 22.20
C ARG DB 29 -2.84 64.53 22.23
N PHE DB 30 -3.17 63.98 23.39
CA PHE DB 30 -4.31 63.10 23.50
C PHE DB 30 -5.50 64.03 23.61
N HIS DB 31 -6.55 63.81 22.83
CA HIS DB 31 -7.75 64.68 22.97
C HIS DB 31 -8.91 63.96 23.62
N HIS DB 32 -8.81 62.64 23.65
CA HIS DB 32 -9.86 61.84 24.27
C HIS DB 32 -9.31 60.48 24.65
N SER DB 33 -9.77 59.96 25.79
CA SER DB 33 -9.46 58.62 26.24
C SER DB 33 -10.76 57.90 26.56
N GLU DB 34 -11.08 56.89 25.75
CA GLU DB 34 -12.30 56.11 25.95
C GLU DB 34 -12.02 54.84 26.78
N LYS DB 35 -12.67 54.77 27.93
CA LYS DB 35 -12.52 53.67 28.89
C LYS DB 35 -13.41 52.49 28.52
N LEU DB 36 -12.79 51.32 28.27
CA LEU DB 36 -13.48 50.07 27.89
C LEU DB 36 -13.39 49.04 29.02
N ASP DB 37 -14.55 48.59 29.53
CA ASP DB 37 -14.55 47.51 30.49
C ASP DB 37 -14.56 46.12 29.84
N LYS DB 38 -14.23 45.09 30.62
CA LYS DB 38 -13.93 43.77 30.05
C LYS DB 38 -15.08 43.25 29.17
N GLY DB 39 -14.73 42.86 27.94
CA GLY DB 39 -15.72 42.36 27.01
C GLY DB 39 -16.40 43.38 26.10
N GLU DB 40 -16.29 44.67 26.40
CA GLU DB 40 -16.85 45.72 25.54
C GLU DB 40 -16.02 45.82 24.25
N VAL DB 41 -16.66 46.24 23.17
CA VAL DB 41 -16.00 46.37 21.87
C VAL DB 41 -16.15 47.82 21.38
N LEU DB 42 -15.07 48.39 20.86
CA LEU DB 42 -15.10 49.71 20.27
C LEU DB 42 -14.58 49.61 18.87
N ILE DB 43 -15.32 50.20 17.94
CA ILE DB 43 -14.95 50.25 16.53
C ILE DB 43 -14.76 51.71 16.19
N ALA DB 44 -13.53 52.11 15.90
CA ALA DB 44 -13.18 53.52 15.88
C ALA DB 44 -12.42 53.87 14.61
N GLN DB 45 -12.85 54.93 13.95
CA GLN DB 45 -12.19 55.35 12.70
C GLN DB 45 -11.04 56.29 12.97
N PHE DB 46 -10.12 56.42 12.01
CA PHE DB 46 -9.32 57.65 11.86
C PHE DB 46 -10.22 58.75 11.26
N THR DB 47 -9.96 60.00 11.64
CA THR DB 47 -10.87 61.12 11.34
C THR DB 47 -10.14 62.44 11.18
N GLU DB 48 -10.91 63.49 10.87
CA GLU DB 48 -10.34 64.84 10.83
C GLU DB 48 -9.58 65.13 12.13
N HIS DB 49 -10.11 64.65 13.26
CA HIS DB 49 -9.52 64.95 14.56
C HIS DB 49 -8.53 63.94 15.15
N THR DB 50 -8.50 62.73 14.58
CA THR DB 50 -7.70 61.62 15.13
C THR DB 50 -6.85 61.00 14.05
N SER DB 51 -5.53 61.15 14.14
CA SER DB 51 -4.64 60.59 13.15
C SER DB 51 -3.76 59.47 13.70
N ALA DB 52 -3.94 59.15 14.98
CA ALA DB 52 -3.17 58.08 15.62
C ALA DB 52 -3.98 57.65 16.82
N ILE DB 53 -3.98 56.35 17.11
CA ILE DB 53 -4.73 55.81 18.22
C ILE DB 53 -3.81 54.97 19.10
N LYS DB 54 -3.87 55.13 20.42
CA LYS DB 54 -3.04 54.37 21.34
C LYS DB 54 -3.95 53.49 22.18
N VAL DB 55 -3.55 52.23 22.38
CA VAL DB 55 -4.31 51.29 23.20
C VAL DB 55 -3.46 50.84 24.37
N ARG DB 56 -3.97 51.09 25.57
CA ARG DB 56 -3.32 50.75 26.82
C ARG DB 56 -4.22 49.80 27.60
N GLY DB 57 -3.67 48.68 28.05
CA GLY DB 57 -4.43 47.67 28.78
C GLY DB 57 -4.55 46.45 27.87
N LYS DB 58 -5.05 45.34 28.41
CA LYS DB 58 -5.12 44.09 27.66
C LYS DB 58 -6.33 44.07 26.72
N ALA DB 59 -6.05 44.01 25.42
CA ALA DB 59 -7.10 44.06 24.42
C ALA DB 59 -6.75 43.20 23.20
N TYR DB 60 -7.82 42.81 22.50
CA TYR DB 60 -7.75 42.09 21.21
C TYR DB 60 -8.07 43.09 20.13
N ILE DB 61 -7.14 43.31 19.19
CA ILE DB 61 -7.34 44.39 18.23
C ILE DB 61 -7.33 43.82 16.80
N GLN DB 62 -8.24 44.29 15.94
CA GLN DB 62 -8.23 43.99 14.51
C GLN DB 62 -8.07 45.25 13.69
N THR DB 63 -7.18 45.22 12.71
CA THR DB 63 -7.13 46.26 11.70
C THR DB 63 -7.05 45.59 10.33
N ARG DB 64 -6.98 46.39 9.28
CA ARG DB 64 -6.76 45.88 7.93
C ARG DB 64 -5.48 45.02 7.87
N HIS DB 65 -4.57 45.20 8.83
CA HIS DB 65 -3.31 44.45 8.75
C HIS DB 65 -3.34 43.15 9.53
N GLY DB 66 -4.45 42.89 10.19
CA GLY DB 66 -4.59 41.63 10.89
C GLY DB 66 -4.81 41.89 12.35
N VAL DB 67 -4.53 40.85 13.15
CA VAL DB 67 -4.83 40.88 14.58
C VAL DB 67 -3.57 41.27 15.34
N ILE DB 68 -3.72 42.04 16.40
CA ILE DB 68 -2.61 42.31 17.30
C ILE DB 68 -3.23 42.36 18.67
N GLU DB 69 -2.44 42.11 19.72
CA GLU DB 69 -2.98 42.19 21.08
C GLU DB 69 -2.16 43.15 21.92
N SER DB 70 -2.83 44.06 22.60
CA SER DB 70 -2.14 44.86 23.60
C SER DB 70 -2.15 44.10 24.91
N GLU DB 71 -1.10 44.31 25.69
CA GLU DB 71 -0.96 43.64 26.98
C GLU DB 71 -0.92 44.75 28.01
N GLY DB 72 -1.62 44.50 29.13
CA GLY DB 72 -1.60 45.43 30.25
C GLY DB 72 -0.47 45.07 31.18
N LYS DB 73 -0.72 45.14 32.49
CA LYS DB 73 0.29 44.75 33.48
C LYS DB 73 -0.30 43.75 34.48
N THR EB 3 -22.45 58.03 -0.04
CA THR EB 3 -22.93 57.40 1.24
C THR EB 3 -22.33 55.98 1.43
N ASN EB 4 -21.13 55.76 0.86
CA ASN EB 4 -20.47 54.44 0.86
C ASN EB 4 -19.46 54.17 1.99
N SER EB 5 -19.80 54.57 3.21
CA SER EB 5 -18.93 54.30 4.37
C SER EB 5 -18.98 52.83 4.77
N ASP EB 6 -18.02 52.43 5.60
CA ASP EB 6 -18.07 51.11 6.21
C ASP EB 6 -19.26 51.01 7.16
N PHE EB 7 -19.63 49.77 7.47
CA PHE EB 7 -20.67 49.46 8.36
C PHE EB 7 -20.25 48.25 9.17
N VAL EB 8 -21.01 48.05 10.22
CA VAL EB 8 -20.78 47.04 11.22
C VAL EB 8 -22.10 46.32 11.35
N VAL EB 9 -22.03 45.00 11.50
CA VAL EB 9 -23.20 44.19 11.75
C VAL EB 9 -23.15 43.70 13.19
N ILE EB 10 -24.21 43.94 13.93
CA ILE EB 10 -24.32 43.51 15.32
C ILE EB 10 -25.57 42.66 15.52
N LYS EB 11 -25.39 41.41 15.98
CA LYS EB 11 -26.49 40.55 16.40
C LYS EB 11 -26.45 40.37 17.92
N ALA EB 12 -27.52 40.80 18.59
CA ALA EB 12 -27.63 40.63 20.03
C ALA EB 12 -27.80 39.13 20.40
N LEU EB 13 -26.96 38.65 21.32
CA LEU EB 13 -27.08 37.28 21.83
C LEU EB 13 -27.72 37.25 23.22
N GLU EB 14 -28.16 38.43 23.65
CA GLU EB 14 -28.92 38.58 24.88
C GLU EB 14 -29.76 39.85 24.75
N ASP EB 15 -30.66 40.03 25.70
CA ASP EB 15 -31.45 41.26 25.80
C ASP EB 15 -30.59 42.44 26.26
N GLY EB 16 -30.95 43.65 25.80
CA GLY EB 16 -30.40 44.87 26.37
C GLY EB 16 -28.99 45.20 25.92
N VAL EB 17 -28.63 44.68 24.76
CA VAL EB 17 -27.37 45.03 24.10
C VAL EB 17 -27.57 46.48 23.64
N ASN EB 18 -26.54 47.29 23.87
CA ASN EB 18 -26.56 48.67 23.41
C ASN EB 18 -25.49 48.91 22.40
N VAL EB 19 -25.91 49.55 21.32
CA VAL EB 19 -25.01 49.95 20.27
C VAL EB 19 -24.98 51.48 20.33
N ILE EB 20 -23.83 52.03 20.66
CA ILE EB 20 -23.68 53.44 21.02
C ILE EB 20 -22.84 54.15 19.99
N GLY EB 21 -23.40 55.25 19.46
CA GLY EB 21 -22.67 56.07 18.49
C GLY EB 21 -21.95 57.18 19.24
N LEU EB 22 -20.70 57.41 18.86
CA LEU EB 22 -19.88 58.45 19.46
C LEU EB 22 -19.74 59.55 18.42
N THR EB 23 -19.89 60.80 18.86
CA THR EB 23 -19.85 61.94 17.97
C THR EB 23 -18.58 62.08 17.18
N ARG EB 24 -18.72 62.35 15.89
CA ARG EB 24 -17.60 62.81 15.08
C ARG EB 24 -17.27 64.26 15.47
N GLY EB 25 -15.98 64.63 15.44
CA GLY EB 25 -15.59 66.00 15.66
C GLY EB 25 -14.53 66.17 16.76
N ALA EB 26 -14.31 67.41 17.16
CA ALA EB 26 -13.35 67.72 18.23
C ALA EB 26 -13.76 67.14 19.58
N ASP EB 27 -15.07 67.06 19.79
CA ASP EB 27 -15.69 66.57 21.02
C ASP EB 27 -16.11 65.12 20.85
N THR EB 28 -15.98 64.35 21.92
CA THR EB 28 -16.35 62.95 21.85
C THR EB 28 -17.35 62.66 22.97
N ARG EB 29 -18.60 62.42 22.58
CA ARG EB 29 -19.63 61.98 23.52
C ARG EB 29 -20.58 61.01 22.83
N PHE EB 30 -21.34 60.27 23.63
CA PHE EB 30 -22.38 59.34 23.16
C PHE EB 30 -23.56 60.18 22.67
N HIS EB 31 -23.98 60.01 21.42
CA HIS EB 31 -25.14 60.81 20.94
C HIS EB 31 -26.40 59.99 20.79
N HIS EB 32 -26.25 58.68 20.76
CA HIS EB 32 -27.42 57.80 20.66
C HIS EB 32 -27.01 56.41 21.12
N SER EB 33 -27.91 55.76 21.85
CA SER EB 33 -27.74 54.36 22.21
C SER EB 33 -28.91 53.55 21.63
N GLU EB 34 -28.60 52.61 20.75
CA GLU EB 34 -29.64 51.76 20.17
C GLU EB 34 -29.65 50.45 20.94
N LYS EB 35 -30.80 50.14 21.51
CA LYS EB 35 -31.00 48.94 22.33
C LYS EB 35 -31.50 47.77 21.46
N LEU EB 36 -30.76 46.66 21.46
CA LEU EB 36 -31.17 45.43 20.78
C LEU EB 36 -31.53 44.31 21.75
N ASP EB 37 -32.67 43.68 21.49
CA ASP EB 37 -33.03 42.49 22.22
C ASP EB 37 -32.54 41.23 21.52
N LYS EB 38 -32.61 40.11 22.23
CA LYS EB 38 -32.00 38.84 21.78
C LYS EB 38 -32.45 38.42 20.38
N GLY EB 39 -31.45 38.26 19.51
CA GLY EB 39 -31.66 37.84 18.14
C GLY EB 39 -31.87 38.95 17.12
N GLU EB 40 -32.09 40.17 17.58
CA GLU EB 40 -32.23 41.30 16.68
C GLU EB 40 -30.88 41.66 16.05
N VAL EB 41 -30.94 42.21 14.84
CA VAL EB 41 -29.73 42.53 14.06
C VAL EB 41 -29.77 44.02 13.70
N LEU EB 42 -28.64 44.71 13.88
CA LEU EB 42 -28.47 46.09 13.43
C LEU EB 42 -27.27 46.18 12.53
N ILE EB 43 -27.46 46.85 11.40
CA ILE EB 43 -26.39 47.07 10.45
C ILE EB 43 -26.20 48.58 10.44
N ALA EB 44 -25.04 49.05 10.94
CA ALA EB 44 -24.88 50.46 11.18
C ALA EB 44 -23.63 50.97 10.51
N GLN EB 45 -23.76 52.10 9.80
CA GLN EB 45 -22.65 52.74 9.10
C GLN EB 45 -21.91 53.72 9.99
N PHE EB 46 -20.66 53.99 9.65
CA PHE EB 46 -20.00 55.20 10.10
C PHE EB 46 -20.55 56.34 9.27
N THR EB 47 -20.75 57.49 9.91
CA THR EB 47 -21.43 58.61 9.27
C THR EB 47 -20.79 59.99 9.52
N GLU EB 48 -21.36 61.02 8.90
CA GLU EB 48 -21.02 62.41 9.24
C GLU EB 48 -21.14 62.63 10.75
N HIS EB 49 -22.09 61.95 11.38
CA HIS EB 49 -22.30 62.17 12.81
C HIS EB 49 -21.66 61.13 13.76
N THR EB 50 -21.29 59.96 13.21
CA THR EB 50 -20.77 58.82 14.01
C THR EB 50 -19.41 58.33 13.51
N SER EB 51 -18.37 58.55 14.31
CA SER EB 51 -17.01 58.16 13.94
C SER EB 51 -16.47 57.03 14.81
N ALA EB 52 -17.23 56.58 15.79
CA ALA EB 52 -16.83 55.42 16.55
C ALA EB 52 -18.10 54.84 17.10
N ILE EB 53 -18.11 53.52 17.29
CA ILE EB 53 -19.31 52.77 17.74
C ILE EB 53 -18.83 51.85 18.86
N LYS EB 54 -19.58 51.85 19.96
CA LYS EB 54 -19.23 51.01 21.10
C LYS EB 54 -20.40 50.02 21.28
N VAL EB 55 -20.06 48.76 21.55
CA VAL EB 55 -21.08 47.71 21.78
C VAL EB 55 -20.92 47.18 23.21
N ARG EB 56 -22.00 47.20 24.00
CA ARG EB 56 -21.97 46.72 25.37
C ARG EB 56 -23.05 45.63 25.49
N GLY EB 57 -22.74 44.54 26.20
CA GLY EB 57 -23.59 43.36 26.27
C GLY EB 57 -23.09 42.28 25.30
N LYS EB 58 -23.67 41.07 25.38
CA LYS EB 58 -23.18 39.93 24.60
C LYS EB 58 -23.72 39.99 23.16
N ALA EB 59 -22.82 40.09 22.19
CA ALA EB 59 -23.23 40.21 20.77
C ALA EB 59 -22.23 39.57 19.81
N TYR EB 60 -22.69 39.21 18.60
CA TYR EB 60 -21.85 38.70 17.49
C TYR EB 60 -21.70 39.86 16.51
N ILE EB 61 -20.46 40.24 16.20
CA ILE EB 61 -20.22 41.45 15.39
C ILE EB 61 -19.41 41.07 14.13
N GLN EB 62 -19.81 41.53 12.96
CA GLN EB 62 -18.96 41.37 11.75
C GLN EB 62 -18.57 42.72 11.23
N THR EB 63 -17.30 42.89 10.84
CA THR EB 63 -16.82 44.07 10.12
C THR EB 63 -16.01 43.56 8.96
N ARG EB 64 -15.40 44.49 8.21
CA ARG EB 64 -14.51 44.16 7.14
C ARG EB 64 -13.31 43.36 7.68
N HIS EB 65 -13.02 43.47 8.99
CA HIS EB 65 -11.82 42.80 9.53
C HIS EB 65 -12.11 41.41 10.10
N GLY EB 66 -13.37 41.01 10.09
CA GLY EB 66 -13.75 39.67 10.50
C GLY EB 66 -14.76 39.70 11.62
N VAL EB 67 -14.93 38.56 12.31
CA VAL EB 67 -15.88 38.46 13.41
C VAL EB 67 -15.17 38.84 14.71
N ILE EB 68 -15.95 39.39 15.64
CA ILE EB 68 -15.47 39.65 16.99
C ILE EB 68 -16.70 39.52 17.85
N GLU EB 69 -16.52 39.13 19.11
CA GLU EB 69 -17.73 38.98 19.90
C GLU EB 69 -17.59 39.83 21.15
N SER EB 70 -18.65 40.52 21.51
CA SER EB 70 -18.63 41.29 22.75
C SER EB 70 -19.29 40.42 23.80
N GLU EB 71 -18.95 40.68 25.06
CA GLU EB 71 -19.45 39.87 26.15
C GLU EB 71 -19.84 40.84 27.25
N GLY EB 72 -20.96 40.54 27.91
CA GLY EB 72 -21.47 41.33 29.01
C GLY EB 72 -20.62 41.17 30.26
N THR FB 3 -25.66 57.09 -5.58
CA THR FB 3 -26.50 55.84 -5.49
C THR FB 3 -25.63 54.56 -5.53
N ASN FB 4 -24.36 54.71 -5.11
CA ASN FB 4 -23.32 53.67 -5.17
C ASN FB 4 -23.23 52.74 -3.93
N SER FB 5 -24.01 53.06 -2.91
CA SER FB 5 -23.85 52.48 -1.57
C SER FB 5 -24.08 50.97 -1.43
N ASP FB 6 -23.47 50.42 -0.36
CA ASP FB 6 -23.67 49.04 0.05
C ASP FB 6 -25.16 48.75 0.24
N PHE FB 7 -25.51 47.47 0.19
CA PHE FB 7 -26.89 47.02 0.42
C PHE FB 7 -26.88 45.73 1.21
N VAL FB 8 -28.02 45.44 1.85
CA VAL FB 8 -28.22 44.18 2.53
C VAL FB 8 -29.37 43.39 1.93
N VAL FB 9 -29.26 42.07 1.98
CA VAL FB 9 -30.32 41.18 1.51
C VAL FB 9 -30.96 40.56 2.73
N ILE FB 10 -32.28 40.65 2.80
CA ILE FB 10 -33.04 40.07 3.90
C ILE FB 10 -34.11 39.16 3.32
N LYS FB 11 -34.06 37.87 3.69
CA LYS FB 11 -35.13 36.93 3.40
C LYS FB 11 -35.85 36.60 4.70
N ALA FB 12 -37.15 36.88 4.74
CA ALA FB 12 -37.98 36.52 5.87
C ALA FB 12 -38.15 35.00 5.95
N LEU FB 13 -37.87 34.43 7.14
CA LEU FB 13 -38.12 33.00 7.39
C LEU FB 13 -39.39 32.77 8.19
N GLU FB 14 -40.13 33.85 8.45
CA GLU FB 14 -41.40 33.77 9.17
C GLU FB 14 -42.25 34.97 8.74
N ASP FB 15 -43.54 34.96 9.03
CA ASP FB 15 -44.36 36.13 8.76
C ASP FB 15 -44.05 37.27 9.73
N GLY FB 16 -44.16 38.50 9.24
CA GLY FB 16 -44.14 39.67 10.11
C GLY FB 16 -42.75 40.19 10.43
N VAL FB 17 -41.76 39.81 9.64
CA VAL FB 17 -40.41 40.29 9.83
C VAL FB 17 -40.43 41.79 9.53
N ASN FB 18 -39.79 42.60 10.36
CA ASN FB 18 -39.65 44.03 10.10
C ASN FB 18 -38.23 44.46 9.75
N VAL FB 19 -38.08 45.12 8.61
CA VAL FB 19 -36.83 45.77 8.22
C VAL FB 19 -37.02 47.30 8.44
N ILE FB 20 -36.28 47.83 9.41
CA ILE FB 20 -36.50 49.17 9.90
C ILE FB 20 -35.35 50.08 9.56
N GLY FB 21 -35.66 51.20 8.90
CA GLY FB 21 -34.67 52.21 8.53
C GLY FB 21 -34.55 53.29 9.59
N LEU FB 22 -33.33 53.52 10.06
CA LEU FB 22 -33.01 54.58 11.01
C LEU FB 22 -32.46 55.80 10.26
N THR FB 23 -32.86 56.99 10.70
CA THR FB 23 -32.52 58.23 9.99
C THR FB 23 -31.03 58.58 9.97
N ARG FB 24 -30.51 58.95 8.80
CA ARG FB 24 -29.19 59.60 8.75
C ARG FB 24 -29.28 61.00 9.37
N GLY FB 25 -28.21 61.41 10.10
CA GLY FB 25 -28.09 62.75 10.64
C GLY FB 25 -27.76 62.81 12.12
N ALA FB 26 -27.90 64.01 12.70
CA ALA FB 26 -27.68 64.21 14.13
C ALA FB 26 -28.74 63.46 14.94
N ASP FB 27 -29.95 63.36 14.40
CA ASP FB 27 -31.08 62.69 15.04
C ASP FB 27 -31.19 61.25 14.59
N THR FB 28 -31.53 60.36 15.52
CA THR FB 28 -31.73 58.95 15.21
C THR FB 28 -33.12 58.48 15.64
N ARG FB 29 -33.94 58.09 14.67
CA ARG FB 29 -35.24 57.51 14.93
C ARG FB 29 -35.60 56.64 13.73
N PHE FB 30 -36.62 55.80 13.89
CA PHE FB 30 -37.09 54.96 12.78
C PHE FB 30 -37.94 55.83 11.86
N HIS FB 31 -37.65 55.79 10.55
CA HIS FB 31 -38.46 56.52 9.57
C HIS FB 31 -39.37 55.63 8.74
N HIS FB 32 -39.06 54.33 8.70
CA HIS FB 32 -39.83 53.38 7.94
C HIS FB 32 -39.61 51.97 8.46
N SER FB 33 -40.69 51.21 8.53
CA SER FB 33 -40.65 49.78 8.80
C SER FB 33 -41.29 49.00 7.65
N GLU FB 34 -40.51 48.23 6.91
CA GLU FB 34 -41.05 47.37 5.83
C GLU FB 34 -41.34 45.96 6.41
N LYS FB 35 -42.60 45.56 6.36
CA LYS FB 35 -43.00 44.24 6.82
C LYS FB 35 -42.81 43.20 5.71
N LEU FB 36 -42.06 42.13 6.01
CA LEU FB 36 -41.83 41.03 5.06
C LEU FB 36 -42.53 39.77 5.56
N ASP FB 37 -43.27 39.09 4.67
CA ASP FB 37 -43.92 37.83 5.04
C ASP FB 37 -43.03 36.66 4.60
N LYS FB 38 -43.30 35.46 5.13
CA LYS FB 38 -42.38 34.34 4.95
C LYS FB 38 -41.98 34.14 3.48
N GLY FB 39 -40.69 34.03 3.23
CA GLY FB 39 -40.21 33.74 1.89
C GLY FB 39 -39.98 34.95 0.99
N GLU FB 40 -40.51 36.12 1.38
CA GLU FB 40 -40.20 37.39 0.66
C GLU FB 40 -38.75 37.85 0.88
N VAL FB 41 -38.16 38.50 -0.14
CA VAL FB 41 -36.76 38.95 -0.10
C VAL FB 41 -36.77 40.46 -0.37
N LEU FB 42 -36.07 41.20 0.47
CA LEU FB 42 -35.88 42.63 0.31
C LEU FB 42 -34.38 42.90 0.17
N ILE FB 43 -34.03 43.72 -0.79
CA ILE FB 43 -32.64 44.10 -1.00
C ILE FB 43 -32.59 45.63 -0.87
N ALA FB 44 -31.91 46.11 0.17
CA ALA FB 44 -32.10 47.50 0.62
C ALA FB 44 -30.74 48.15 0.78
N GLN FB 45 -30.60 49.37 0.25
CA GLN FB 45 -29.35 50.10 0.33
C GLN FB 45 -29.28 51.00 1.53
N PHE FB 46 -28.06 51.41 1.87
CA PHE FB 46 -27.84 52.58 2.71
C PHE FB 46 -27.93 53.77 1.79
N THR FB 47 -28.53 54.86 2.26
CA THR FB 47 -28.91 55.99 1.41
C THR FB 47 -28.70 57.33 2.12
N GLU FB 48 -29.01 58.43 1.41
CA GLU FB 48 -29.09 59.76 2.03
C GLU FB 48 -29.94 59.74 3.32
N HIS FB 49 -30.98 58.93 3.35
CA HIS FB 49 -31.94 59.01 4.46
C HIS FB 49 -31.85 57.89 5.48
N THR FB 50 -31.12 56.83 5.13
CA THR FB 50 -30.99 55.62 5.95
C THR FB 50 -29.50 55.29 6.17
N SER FB 51 -29.05 55.47 7.40
CA SER FB 51 -27.66 55.15 7.76
C SER FB 51 -27.48 53.92 8.66
N ALA FB 52 -28.60 53.30 9.06
CA ALA FB 52 -28.58 52.08 9.85
C ALA FB 52 -29.90 51.35 9.65
N ILE FB 53 -29.83 50.02 9.58
CA ILE FB 53 -31.01 49.18 9.33
C ILE FB 53 -31.12 48.18 10.47
N LYS FB 54 -32.32 48.02 11.00
CA LYS FB 54 -32.56 47.06 12.07
C LYS FB 54 -33.54 46.00 11.58
N VAL FB 55 -33.24 44.74 11.87
CA VAL FB 55 -34.07 43.61 11.45
C VAL FB 55 -34.60 42.92 12.71
N ARG FB 56 -35.93 42.78 12.76
CA ARG FB 56 -36.61 42.11 13.84
C ARG FB 56 -37.48 41.00 13.29
N GLY FB 57 -37.45 39.85 13.97
CA GLY FB 57 -38.07 38.64 13.49
C GLY FB 57 -37.02 37.74 12.81
N LYS FB 58 -37.40 36.51 12.50
CA LYS FB 58 -36.51 35.47 11.95
C LYS FB 58 -36.21 35.67 10.47
N ALA FB 59 -34.94 35.90 10.14
CA ALA FB 59 -34.55 36.21 8.77
C ALA FB 59 -33.14 35.70 8.41
N TYR FB 60 -32.90 35.49 7.11
CA TYR FB 60 -31.58 35.13 6.63
C TYR FB 60 -31.07 36.40 5.97
N ILE FB 61 -29.90 36.86 6.42
CA ILE FB 61 -29.34 38.15 5.97
C ILE FB 61 -27.99 37.99 5.30
N GLN FB 62 -27.81 38.58 4.12
CA GLN FB 62 -26.47 38.63 3.50
C GLN FB 62 -25.97 40.09 3.39
N THR FB 63 -24.75 40.32 3.86
CA THR FB 63 -24.06 41.57 3.60
C THR FB 63 -22.72 41.27 2.98
N ARG FB 64 -21.99 42.33 2.63
CA ARG FB 64 -20.61 42.18 2.21
C ARG FB 64 -19.77 41.37 3.23
N HIS FB 65 -20.18 41.38 4.50
CA HIS FB 65 -19.39 40.67 5.51
C HIS FB 65 -19.76 39.20 5.70
N GLY FB 66 -20.74 38.74 4.94
CA GLY FB 66 -21.15 37.34 4.99
C GLY FB 66 -22.59 37.24 5.46
N VAL FB 67 -22.95 36.06 5.96
CA VAL FB 67 -24.32 35.75 6.36
C VAL FB 67 -24.49 35.95 7.84
N ILE FB 68 -25.68 36.37 8.23
CA ILE FB 68 -26.03 36.44 9.63
C ILE FB 68 -27.53 36.16 9.67
N GLU FB 69 -28.05 35.67 10.79
CA GLU FB 69 -29.49 35.42 10.87
C GLU FB 69 -30.07 36.06 12.11
N SER FB 70 -31.16 36.81 11.93
CA SER FB 70 -31.91 37.36 13.07
C SER FB 70 -32.88 36.27 13.50
N GLU FB 71 -33.25 36.28 14.76
CA GLU FB 71 -34.17 35.30 15.27
C GLU FB 71 -35.32 35.97 15.99
N GLY FB 72 -36.51 35.39 15.85
CA GLY FB 72 -37.70 35.89 16.52
C GLY FB 72 -37.50 36.05 18.03
N THR GB 3 -23.13 56.22 -14.38
CA THR GB 3 -24.34 55.36 -14.04
C THR GB 3 -23.95 53.89 -13.65
N ASN GB 4 -23.05 53.76 -12.67
CA ASN GB 4 -22.40 52.47 -12.30
C ASN GB 4 -22.76 51.78 -10.95
N SER GB 5 -24.00 51.90 -10.49
CA SER GB 5 -24.44 51.29 -9.22
C SER GB 5 -24.64 49.76 -9.28
N ASP GB 6 -24.81 49.12 -8.12
CA ASP GB 6 -25.13 47.67 -8.03
C ASP GB 6 -26.41 47.28 -8.78
N PHE GB 7 -26.54 45.97 -9.05
CA PHE GB 7 -27.72 45.38 -9.67
C PHE GB 7 -28.03 44.00 -9.10
N VAL GB 8 -29.27 43.59 -9.30
CA VAL GB 8 -29.80 42.32 -8.84
C VAL GB 8 -30.30 41.56 -10.06
N VAL GB 9 -30.14 40.24 -10.05
CA VAL GB 9 -30.68 39.39 -11.11
C VAL GB 9 -31.81 38.61 -10.49
N ILE GB 10 -32.97 38.58 -11.15
CA ILE GB 10 -34.11 37.80 -10.69
C ILE GB 10 -34.58 36.89 -11.81
N LYS GB 11 -34.68 35.58 -11.52
CA LYS GB 11 -35.27 34.62 -12.44
C LYS GB 11 -36.53 34.08 -11.79
N ALA GB 12 -37.66 34.26 -12.49
CA ALA GB 12 -38.92 33.73 -11.99
C ALA GB 12 -38.94 32.20 -12.12
N LEU GB 13 -39.26 31.55 -11.01
CA LEU GB 13 -39.35 30.08 -10.98
C LEU GB 13 -40.83 29.62 -11.02
N GLU GB 14 -41.73 30.60 -11.06
CA GLU GB 14 -43.16 30.36 -11.25
C GLU GB 14 -43.73 31.59 -11.94
N ASP GB 15 -44.99 31.50 -12.40
CA ASP GB 15 -45.65 32.67 -12.96
C ASP GB 15 -46.02 33.67 -11.87
N GLY GB 16 -46.06 34.94 -12.25
CA GLY GB 16 -46.66 35.98 -11.42
C GLY GB 16 -45.76 36.50 -10.32
N VAL GB 17 -44.46 36.31 -10.48
CA VAL GB 17 -43.44 36.85 -9.60
C VAL GB 17 -43.37 38.37 -9.78
N ASN GB 18 -43.32 39.09 -8.65
CA ASN GB 18 -43.25 40.54 -8.65
C ASN GB 18 -41.91 41.05 -8.14
N VAL GB 19 -41.25 41.86 -8.96
CA VAL GB 19 -40.14 42.66 -8.50
C VAL GB 19 -40.64 44.11 -8.33
N ILE GB 20 -40.46 44.65 -7.13
CA ILE GB 20 -41.12 45.88 -6.69
C ILE GB 20 -40.03 46.87 -6.34
N GLY GB 21 -40.06 48.05 -6.94
CA GLY GB 21 -39.16 49.12 -6.57
C GLY GB 21 -39.77 50.01 -5.51
N LEU GB 22 -38.99 50.28 -4.46
CA LEU GB 22 -39.36 51.18 -3.38
C LEU GB 22 -38.63 52.52 -3.60
N THR GB 23 -39.30 53.63 -3.30
CA THR GB 23 -38.78 54.96 -3.62
C THR GB 23 -37.56 55.38 -2.80
N ARG GB 24 -36.54 55.92 -3.48
CA ARG GB 24 -35.46 56.60 -2.79
C ARG GB 24 -35.97 57.91 -2.21
N GLY GB 25 -35.52 58.27 -1.00
CA GLY GB 25 -35.86 59.56 -0.40
C GLY GB 25 -36.44 59.44 0.99
N ALA GB 26 -37.01 60.52 1.50
CA ALA GB 26 -37.57 60.53 2.86
C ALA GB 26 -38.79 59.61 2.97
N ASP GB 27 -39.50 59.42 1.86
CA ASP GB 27 -40.70 58.59 1.83
C ASP GB 27 -40.38 57.24 1.22
N THR GB 28 -41.05 56.21 1.74
CA THR GB 28 -40.91 54.85 1.24
C THR GB 28 -42.27 54.28 0.80
N ARG GB 29 -42.41 54.06 -0.50
CA ARG GB 29 -43.62 53.53 -1.11
C ARG GB 29 -43.19 52.77 -2.35
N PHE GB 30 -44.06 51.87 -2.83
CA PHE GB 30 -43.80 51.09 -4.04
C PHE GB 30 -44.06 52.02 -5.20
N HIS GB 31 -43.15 52.12 -6.15
CA HIS GB 31 -43.38 52.99 -7.29
C HIS GB 31 -43.60 52.20 -8.57
N HIS GB 32 -43.18 50.95 -8.56
CA HIS GB 32 -43.38 50.07 -9.71
C HIS GB 32 -43.37 48.62 -9.29
N SER GB 33 -44.21 47.82 -9.93
CA SER GB 33 -44.17 46.37 -9.76
C SER GB 33 -43.99 45.69 -11.12
N GLU GB 34 -42.88 45.03 -11.33
CA GLU GB 34 -42.64 44.33 -12.59
C GLU GB 34 -43.00 42.86 -12.42
N LYS GB 35 -43.96 42.41 -13.22
CA LYS GB 35 -44.38 41.01 -13.18
C LYS GB 35 -43.52 40.16 -14.09
N LEU GB 36 -43.00 39.06 -13.54
CA LEU GB 36 -42.25 38.07 -14.31
C LEU GB 36 -42.99 36.74 -14.37
N ASP GB 37 -43.11 36.19 -15.58
CA ASP GB 37 -43.61 34.84 -15.72
C ASP GB 37 -42.47 33.82 -15.64
N LYS GB 38 -42.84 32.56 -15.43
CA LYS GB 38 -41.88 31.48 -15.20
C LYS GB 38 -40.79 31.46 -16.28
N GLY GB 39 -39.54 31.46 -15.84
CA GLY GB 39 -38.40 31.43 -16.74
C GLY GB 39 -37.88 32.77 -17.28
N GLU GB 40 -38.61 33.85 -17.03
CA GLU GB 40 -38.16 35.20 -17.42
C GLU GB 40 -37.07 35.70 -16.46
N VAL GB 41 -36.15 36.52 -16.96
CA VAL GB 41 -35.09 37.06 -16.12
C VAL GB 41 -35.10 38.59 -16.17
N LEU GB 42 -35.14 39.21 -15.02
CA LEU GB 42 -34.99 40.66 -14.93
C LEU GB 42 -33.63 41.00 -14.25
N ILE GB 43 -32.87 41.89 -14.87
CA ILE GB 43 -31.64 42.44 -14.29
C ILE GB 43 -31.87 43.94 -14.00
N ALA GB 44 -31.88 44.31 -12.73
CA ALA GB 44 -32.33 45.65 -12.33
C ALA GB 44 -31.32 46.32 -11.41
N GLN GB 45 -30.96 47.57 -11.69
CA GLN GB 45 -30.07 48.37 -10.85
C GLN GB 45 -30.76 49.05 -9.71
N PHE GB 46 -29.95 49.44 -8.72
CA PHE GB 46 -30.33 50.51 -7.83
C PHE GB 46 -30.09 51.83 -8.59
N THR GB 47 -30.97 52.81 -8.36
CA THR GB 47 -31.00 54.01 -9.21
C THR GB 47 -31.33 55.26 -8.40
N GLU GB 48 -31.38 56.42 -9.06
CA GLU GB 48 -31.89 57.65 -8.44
C GLU GB 48 -33.28 57.42 -7.82
N HIS GB 49 -34.11 56.57 -8.45
CA HIS GB 49 -35.50 56.41 -8.00
C HIS GB 49 -35.80 55.17 -7.16
N THR GB 50 -34.88 54.22 -7.20
CA THR GB 50 -35.06 52.95 -6.53
C THR GB 50 -33.89 52.69 -5.59
N SER GB 51 -34.18 52.63 -4.28
CA SER GB 51 -33.16 52.37 -3.26
C SER GB 51 -33.38 51.07 -2.48
N ALA GB 52 -34.49 50.38 -2.75
CA ALA GB 52 -34.79 49.07 -2.17
C ALA GB 52 -35.65 48.32 -3.18
N ILE GB 53 -35.44 47.01 -3.26
CA ILE GB 53 -36.17 46.13 -4.19
C ILE GB 53 -36.73 44.95 -3.39
N LYS GB 54 -38.04 44.69 -3.52
CA LYS GB 54 -38.70 43.56 -2.86
C LYS GB 54 -39.06 42.54 -3.95
N VAL GB 55 -38.87 41.26 -3.65
CA VAL GB 55 -39.26 40.19 -4.57
C VAL GB 55 -40.28 39.30 -3.87
N ARG GB 56 -41.42 39.11 -4.54
CA ARG GB 56 -42.55 38.32 -4.05
C ARG GB 56 -42.78 37.16 -5.01
N GLY GB 57 -42.96 35.94 -4.49
CA GLY GB 57 -43.11 34.77 -5.32
C GLY GB 57 -41.81 34.00 -5.51
N LYS GB 58 -41.93 32.76 -5.99
CA LYS GB 58 -40.78 31.84 -6.14
C LYS GB 58 -39.80 32.31 -7.23
N ALA GB 59 -38.59 32.70 -6.81
CA ALA GB 59 -37.59 33.23 -7.72
C ALA GB 59 -36.13 32.91 -7.30
N TYR GB 60 -35.24 32.80 -8.28
CA TYR GB 60 -33.82 32.60 -8.07
C TYR GB 60 -33.14 33.95 -8.22
N ILE GB 61 -32.50 34.40 -7.16
CA ILE GB 61 -31.90 35.76 -7.13
C ILE GB 61 -30.37 35.76 -6.98
N GLN GB 62 -29.67 36.53 -7.81
CA GLN GB 62 -28.23 36.74 -7.68
C GLN GB 62 -27.91 38.21 -7.37
N THR GB 63 -27.13 38.44 -6.33
CA THR GB 63 -26.53 39.75 -6.07
C THR GB 63 -25.05 39.59 -5.87
N ARG GB 64 -24.39 40.72 -5.62
CA ARG GB 64 -22.97 40.73 -5.26
C ARG GB 64 -22.69 39.78 -4.09
N HIS GB 65 -23.68 39.57 -3.21
CA HIS GB 65 -23.41 38.75 -2.01
C HIS GB 65 -23.66 37.26 -2.19
N GLY GB 66 -24.02 36.85 -3.40
CA GLY GB 66 -24.31 35.46 -3.65
C GLY GB 66 -25.75 35.23 -4.07
N VAL GB 67 -26.16 33.96 -4.01
CA VAL GB 67 -27.51 33.57 -4.40
C VAL GB 67 -28.42 33.60 -3.22
N ILE GB 68 -29.66 34.01 -3.48
CA ILE GB 68 -30.70 33.83 -2.48
C ILE GB 68 -31.95 33.43 -3.25
N GLU GB 69 -32.92 32.82 -2.58
CA GLU GB 69 -34.13 32.38 -3.27
C GLU GB 69 -35.34 32.90 -2.54
N SER GB 70 -36.23 33.55 -3.27
CA SER GB 70 -37.52 33.92 -2.71
C SER GB 70 -38.42 32.73 -2.89
N GLU GB 71 -39.36 32.57 -1.96
CA GLU GB 71 -40.30 31.45 -1.99
C GLU GB 71 -41.71 31.98 -2.21
N GLY GB 72 -42.58 31.11 -2.73
CA GLY GB 72 -43.98 31.44 -2.96
C GLY GB 72 -44.65 32.16 -1.81
N THR HB 3 -20.55 56.11 -19.20
CA THR HB 3 -20.36 55.02 -20.22
C THR HB 3 -19.46 53.85 -19.71
N ASN HB 4 -19.07 53.93 -18.43
CA ASN HB 4 -18.31 52.85 -17.76
C ASN HB 4 -19.19 51.86 -16.95
N SER HB 5 -20.49 51.85 -17.23
CA SER HB 5 -21.48 51.00 -16.53
C SER HB 5 -21.31 49.47 -16.77
N ASP HB 6 -21.91 48.67 -15.88
CA ASP HB 6 -22.00 47.21 -15.98
C ASP HB 6 -22.69 46.84 -17.28
N PHE HB 7 -22.45 45.62 -17.75
CA PHE HB 7 -23.14 45.14 -18.93
C PHE HB 7 -23.57 43.67 -18.75
N VAL HB 8 -24.45 43.21 -19.64
CA VAL HB 8 -24.94 41.85 -19.56
C VAL HB 8 -24.70 41.23 -20.95
N VAL HB 9 -24.39 39.95 -20.96
CA VAL HB 9 -24.18 39.19 -22.20
C VAL HB 9 -25.37 38.26 -22.32
N ILE HB 10 -26.02 38.27 -23.49
CA ILE HB 10 -27.18 37.41 -23.74
C ILE HB 10 -26.95 36.62 -25.03
N LYS HB 11 -26.95 35.29 -24.92
CA LYS HB 11 -26.90 34.42 -26.09
C LYS HB 11 -28.26 33.77 -26.27
N ALA HB 12 -28.90 34.08 -27.39
CA ALA HB 12 -30.20 33.46 -27.72
C ALA HB 12 -30.00 31.96 -27.95
N LEU HB 13 -30.71 31.13 -27.17
CA LEU HB 13 -30.75 29.69 -27.42
C LEU HB 13 -31.93 29.20 -28.31
N GLU HB 14 -32.78 30.12 -28.74
CA GLU HB 14 -33.85 29.83 -29.71
C GLU HB 14 -34.08 31.10 -30.49
N ASP HB 15 -34.85 31.00 -31.58
CA ASP HB 15 -35.29 32.20 -32.29
C ASP HB 15 -36.26 33.05 -31.45
N GLY HB 16 -36.23 34.36 -31.65
CA GLY HB 16 -37.27 35.25 -31.14
C GLY HB 16 -37.17 35.66 -29.67
N VAL HB 17 -35.97 35.54 -29.11
CA VAL HB 17 -35.65 36.03 -27.77
C VAL HB 17 -35.74 37.56 -27.79
N ASN HB 18 -36.37 38.12 -26.78
CA ASN HB 18 -36.47 39.56 -26.64
C ASN HB 18 -35.66 40.05 -25.45
N VAL HB 19 -34.77 40.99 -25.72
CA VAL HB 19 -34.07 41.70 -24.67
C VAL HB 19 -34.65 43.12 -24.60
N ILE HB 20 -35.27 43.41 -23.46
CA ILE HB 20 -36.13 44.57 -23.32
C ILE HB 20 -35.51 45.56 -22.32
N GLY HB 21 -35.40 46.82 -22.72
CA GLY HB 21 -34.87 47.87 -21.87
C GLY HB 21 -36.00 48.63 -21.20
N LEU HB 22 -35.90 48.78 -19.87
CA LEU HB 22 -36.90 49.49 -19.09
C LEU HB 22 -36.32 50.87 -18.79
N THR HB 23 -37.15 51.90 -18.93
CA THR HB 23 -36.69 53.29 -18.79
C THR HB 23 -36.14 53.61 -17.40
N ARG HB 24 -35.00 54.25 -17.39
CA ARG HB 24 -34.52 54.94 -16.17
C ARG HB 24 -35.42 56.15 -15.82
N GLY HB 25 -35.68 56.37 -14.51
CA GLY HB 25 -36.38 57.52 -14.03
C GLY HB 25 -37.55 57.19 -13.12
N ALA HB 26 -38.38 58.20 -12.87
CA ALA HB 26 -39.54 58.05 -11.98
C ALA HB 26 -40.56 57.06 -12.56
N ASP HB 27 -40.57 56.94 -13.88
CA ASP HB 27 -41.52 56.06 -14.55
C ASP HB 27 -40.84 54.86 -15.17
N THR HB 28 -41.58 53.76 -15.25
CA THR HB 28 -41.01 52.52 -15.76
C THR HB 28 -41.87 51.95 -16.87
N ARG HB 29 -41.33 51.92 -18.08
CA ARG HB 29 -41.96 51.29 -19.24
C ARG HB 29 -40.86 50.73 -20.12
N PHE HB 30 -41.26 49.90 -21.09
CA PHE HB 30 -40.33 49.29 -22.02
C PHE HB 30 -40.02 50.33 -23.11
N HIS HB 31 -38.75 50.61 -23.36
CA HIS HB 31 -38.45 51.62 -24.39
C HIS HB 31 -37.91 50.99 -25.66
N HIS HB 32 -37.40 49.77 -25.56
CA HIS HB 32 -36.92 49.07 -26.75
C HIS HB 32 -36.92 47.59 -26.47
N SER HB 33 -37.26 46.82 -27.48
CA SER HB 33 -37.11 45.39 -27.43
C SER HB 33 -36.22 44.93 -28.58
N GLU HB 34 -35.08 44.32 -28.26
CA GLU HB 34 -34.19 43.82 -29.28
C GLU HB 34 -34.47 42.33 -29.44
N LYS HB 35 -34.81 41.96 -30.66
CA LYS HB 35 -35.09 40.55 -30.93
C LYS HB 35 -33.81 39.87 -31.39
N LEU HB 36 -33.50 38.73 -30.75
CA LEU HB 36 -32.36 37.91 -31.14
C LEU HB 36 -32.81 36.56 -31.66
N ASP HB 37 -32.16 36.10 -32.72
CA ASP HB 37 -32.37 34.75 -33.21
C ASP HB 37 -31.33 33.78 -32.66
N LYS HB 38 -31.57 32.49 -32.83
CA LYS HB 38 -30.79 31.48 -32.16
C LYS HB 38 -29.31 31.67 -32.49
N GLY HB 39 -28.47 31.73 -31.45
CA GLY HB 39 -27.04 31.79 -31.66
C GLY HB 39 -26.43 33.18 -31.63
N GLU HB 40 -27.25 34.21 -31.86
CA GLU HB 40 -26.79 35.60 -31.75
C GLU HB 40 -26.51 35.99 -30.31
N VAL HB 41 -25.52 36.87 -30.15
CA VAL HB 41 -25.08 37.36 -28.88
C VAL HB 41 -25.22 38.88 -28.83
N LEU HB 42 -25.87 39.36 -27.76
CA LEU HB 42 -25.96 40.79 -27.49
C LEU HB 42 -25.21 41.07 -26.18
N ILE HB 43 -24.39 42.10 -26.20
CA ILE HB 43 -23.70 42.58 -25.01
C ILE HB 43 -24.18 44.01 -24.79
N ALA HB 44 -24.94 44.20 -23.70
CA ALA HB 44 -25.71 45.44 -23.51
C ALA HB 44 -25.46 46.03 -22.13
N GLN HB 45 -25.16 47.32 -22.10
CA GLN HB 45 -24.88 48.05 -20.85
C GLN HB 45 -26.12 48.55 -20.19
N PHE HB 46 -26.01 48.85 -18.89
CA PHE HB 46 -26.97 49.75 -18.28
C PHE HB 46 -26.55 51.16 -18.68
N THR HB 47 -27.50 52.09 -18.88
CA THR HB 47 -27.20 53.40 -19.48
C THR HB 47 -28.07 54.48 -18.86
N GLU HB 48 -27.85 55.71 -19.29
CA GLU HB 48 -28.72 56.84 -18.94
C GLU HB 48 -30.21 56.50 -19.21
N HIS HB 49 -30.49 55.75 -20.29
CA HIS HB 49 -31.87 55.44 -20.66
C HIS HB 49 -32.42 54.10 -20.16
N THR HB 50 -31.51 53.19 -19.82
CA THR HB 50 -31.83 51.81 -19.44
C THR HB 50 -31.24 51.49 -18.06
N SER HB 51 -32.13 51.32 -17.08
CA SER HB 51 -31.71 50.95 -15.73
C SER HB 51 -32.19 49.55 -15.32
N ALA HB 52 -32.85 48.86 -16.26
CA ALA HB 52 -33.29 47.49 -16.02
C ALA HB 52 -33.52 46.79 -17.35
N ILE HB 53 -33.22 45.48 -17.38
CA ILE HB 53 -33.27 44.68 -18.61
C ILE HB 53 -34.01 43.40 -18.33
N LYS HB 54 -35.01 43.13 -19.18
CA LYS HB 54 -35.84 41.92 -19.09
C LYS HB 54 -35.50 41.00 -20.26
N VAL HB 55 -35.34 39.70 -19.98
CA VAL HB 55 -35.04 38.75 -21.04
C VAL HB 55 -36.17 37.74 -21.13
N ARG HB 56 -36.74 37.63 -22.32
CA ARG HB 56 -37.89 36.77 -22.56
C ARG HB 56 -37.51 35.72 -23.63
N GLY HB 57 -37.72 34.46 -23.32
CA GLY HB 57 -37.33 33.40 -24.24
C GLY HB 57 -36.09 32.70 -23.73
N LYS HB 58 -35.73 31.58 -24.38
CA LYS HB 58 -34.64 30.75 -23.90
C LYS HB 58 -33.28 31.35 -24.23
N ALA HB 59 -32.52 31.69 -23.19
CA ALA HB 59 -31.22 32.35 -23.39
C ALA HB 59 -30.20 32.02 -22.29
N TYR HB 60 -28.92 32.04 -22.64
CA TYR HB 60 -27.81 31.91 -21.69
C TYR HB 60 -27.25 33.31 -21.39
N ILE HB 61 -27.17 33.66 -20.11
CA ILE HB 61 -26.90 35.06 -19.73
C ILE HB 61 -25.69 35.10 -18.80
N GLN HB 62 -24.77 36.01 -19.09
CA GLN HB 62 -23.66 36.27 -18.20
C GLN HB 62 -23.72 37.68 -17.62
N THR HB 63 -23.56 37.79 -16.31
CA THR HB 63 -23.32 39.06 -15.63
C THR HB 63 -22.17 38.93 -14.67
N ARG HB 64 -21.83 40.05 -14.06
CA ARG HB 64 -20.81 40.11 -12.99
C ARG HB 64 -21.12 39.07 -11.88
N HIS HB 65 -22.38 38.67 -11.75
CA HIS HB 65 -22.78 37.76 -10.68
C HIS HB 65 -22.80 36.28 -11.11
N GLY HB 66 -22.40 36.02 -12.36
CA GLY HB 66 -22.28 34.66 -12.86
C GLY HB 66 -23.24 34.38 -14.03
N VAL HB 67 -23.56 33.11 -14.21
CA VAL HB 67 -24.44 32.71 -15.31
C VAL HB 67 -25.84 32.49 -14.79
N ILE HB 68 -26.80 32.75 -15.64
CA ILE HB 68 -28.19 32.44 -15.37
C ILE HB 68 -28.83 32.17 -16.72
N GLU HB 69 -29.92 31.42 -16.74
CA GLU HB 69 -30.55 31.07 -17.99
C GLU HB 69 -31.99 31.46 -17.93
N SER HB 70 -32.44 32.15 -18.98
CA SER HB 70 -33.88 32.36 -19.11
C SER HB 70 -34.50 31.17 -19.86
N GLU HB 71 -35.74 30.83 -19.53
CA GLU HB 71 -36.42 29.77 -20.25
C GLU HB 71 -37.67 30.37 -20.90
N GLY HB 72 -37.99 29.86 -22.08
CA GLY HB 72 -39.20 30.23 -22.80
C GLY HB 72 -40.13 29.04 -22.84
N THR IB 3 -12.53 57.42 -21.97
CA THR IB 3 -11.88 56.41 -22.86
C THR IB 3 -11.41 55.12 -22.13
N ASN IB 4 -11.83 54.96 -20.86
CA ASN IB 4 -11.52 53.76 -20.04
C ASN IB 4 -12.69 52.74 -19.86
N SER IB 5 -13.58 52.64 -20.85
CA SER IB 5 -14.75 51.77 -20.69
C SER IB 5 -14.39 50.28 -20.85
N ASP IB 6 -15.35 49.41 -20.55
CA ASP IB 6 -15.20 47.97 -20.86
C ASP IB 6 -15.09 47.75 -22.37
N PHE IB 7 -14.49 46.63 -22.76
CA PHE IB 7 -14.45 46.27 -24.16
C PHE IB 7 -14.74 44.75 -24.32
N VAL IB 8 -15.02 44.36 -25.56
CA VAL IB 8 -15.27 42.97 -25.95
C VAL IB 8 -14.24 42.57 -27.02
N VAL IB 9 -13.80 41.32 -27.01
CA VAL IB 9 -12.89 40.76 -28.02
C VAL IB 9 -13.75 39.82 -28.84
N ILE IB 10 -13.69 39.95 -30.16
CA ILE IB 10 -14.47 39.11 -31.07
C ILE IB 10 -13.51 38.51 -32.09
N LYS IB 11 -13.41 37.18 -32.12
CA LYS IB 11 -12.64 36.54 -33.16
C LYS IB 11 -13.60 35.80 -34.09
N ALA IB 12 -13.61 36.18 -35.36
CA ALA IB 12 -14.43 35.50 -36.37
C ALA IB 12 -13.96 34.07 -36.64
N LEU IB 13 -14.88 33.12 -36.52
CA LEU IB 13 -14.65 31.69 -36.83
C LEU IB 13 -15.13 31.30 -38.24
N GLU IB 14 -15.68 32.27 -38.96
CA GLU IB 14 -16.12 32.06 -40.34
C GLU IB 14 -16.05 33.42 -41.05
N ASP IB 15 -16.07 33.43 -42.38
CA ASP IB 15 -16.18 34.73 -43.10
C ASP IB 15 -17.51 35.42 -42.85
N GLY IB 16 -17.50 36.76 -42.89
CA GLY IB 16 -18.73 37.56 -42.93
C GLY IB 16 -19.43 37.69 -41.59
N VAL IB 17 -18.71 37.59 -40.49
CA VAL IB 17 -19.23 37.89 -39.14
C VAL IB 17 -19.49 39.41 -39.07
N ASN IB 18 -20.61 39.77 -38.47
CA ASN IB 18 -21.04 41.17 -38.34
C ASN IB 18 -21.02 41.58 -36.90
N VAL IB 19 -20.17 42.54 -36.57
CA VAL IB 19 -20.16 43.12 -35.22
C VAL IB 19 -20.91 44.49 -35.27
N ILE IB 20 -22.08 44.53 -34.63
CA ILE IB 20 -23.00 45.62 -34.87
C ILE IB 20 -23.06 46.52 -33.64
N GLY IB 21 -22.78 47.82 -33.82
CA GLY IB 21 -22.88 48.79 -32.74
C GLY IB 21 -24.25 49.42 -32.70
N LEU IB 22 -24.93 49.34 -31.55
CA LEU IB 22 -26.25 49.93 -31.38
C LEU IB 22 -26.09 51.29 -30.65
N THR IB 23 -26.82 52.30 -31.12
CA THR IB 23 -26.68 53.68 -30.63
C THR IB 23 -27.00 53.82 -29.16
N ARG IB 24 -26.15 54.55 -28.44
CA ARG IB 24 -26.51 55.04 -27.09
C ARG IB 24 -27.56 56.16 -27.17
N GLY IB 25 -28.49 56.18 -26.22
CA GLY IB 25 -29.50 57.21 -26.17
C GLY IB 25 -30.92 56.67 -26.15
N ALA IB 26 -31.85 57.60 -26.38
CA ALA IB 26 -33.28 57.33 -26.38
C ALA IB 26 -33.62 56.37 -27.51
N ASP IB 27 -32.89 56.47 -28.62
CA ASP IB 27 -33.13 55.64 -29.78
C ASP IB 27 -32.16 54.46 -29.85
N THR IB 28 -32.67 53.32 -30.27
CA THR IB 28 -31.84 52.14 -30.45
C THR IB 28 -31.88 51.64 -31.89
N ARG IB 29 -30.81 51.89 -32.63
CA ARG IB 29 -30.69 51.40 -34.00
C ARG IB 29 -29.23 51.14 -34.22
N PHE IB 30 -28.89 50.34 -35.24
CA PHE IB 30 -27.46 50.15 -35.52
C PHE IB 30 -26.88 51.34 -36.25
N HIS IB 31 -25.68 51.76 -35.86
CA HIS IB 31 -25.04 52.91 -36.46
C HIS IB 31 -23.81 52.43 -37.25
N HIS IB 32 -23.36 51.21 -36.99
CA HIS IB 32 -22.17 50.68 -37.70
C HIS IB 32 -22.20 49.16 -37.63
N SER IB 33 -21.90 48.50 -38.75
CA SER IB 33 -21.63 47.06 -38.69
C SER IB 33 -20.23 46.81 -39.25
N GLU IB 34 -19.33 46.30 -38.40
CA GLU IB 34 -17.97 45.91 -38.84
C GLU IB 34 -17.92 44.44 -39.26
N LYS IB 35 -17.57 44.20 -40.52
CA LYS IB 35 -17.42 42.87 -41.09
C LYS IB 35 -16.09 42.25 -40.68
N LEU IB 36 -16.13 41.02 -40.19
CA LEU IB 36 -14.88 40.29 -39.93
C LEU IB 36 -14.82 39.02 -40.75
N ASP IB 37 -13.72 38.83 -41.46
CA ASP IB 37 -13.46 37.56 -42.13
C ASP IB 37 -12.83 36.52 -41.18
N LYS IB 38 -12.78 35.26 -41.64
CA LYS IB 38 -12.34 34.16 -40.77
C LYS IB 38 -10.97 34.46 -40.13
N GLY IB 39 -10.90 34.36 -38.78
CA GLY IB 39 -9.65 34.52 -38.05
C GLY IB 39 -9.26 35.96 -37.71
N GLU IB 40 -9.99 36.93 -38.27
CA GLU IB 40 -9.78 38.32 -37.91
C GLU IB 40 -10.29 38.55 -36.50
N VAL IB 41 -9.65 39.49 -35.78
CA VAL IB 41 -10.02 39.82 -34.40
C VAL IB 41 -10.38 41.30 -34.25
N LEU IB 42 -11.51 41.58 -33.57
CA LEU IB 42 -11.87 42.98 -33.28
C LEU IB 42 -11.95 43.18 -31.78
N ILE IB 43 -11.32 44.25 -31.29
CA ILE IB 43 -11.38 44.56 -29.85
C ILE IB 43 -12.09 45.90 -29.83
N ALA IB 44 -13.31 45.90 -29.31
CA ALA IB 44 -14.19 47.07 -29.46
C ALA IB 44 -14.71 47.50 -28.10
N GLN IB 45 -14.56 48.78 -27.75
CA GLN IB 45 -15.10 49.34 -26.49
C GLN IB 45 -16.60 49.67 -26.51
N PHE IB 46 -17.21 49.80 -25.34
CA PHE IB 46 -18.43 50.60 -25.22
C PHE IB 46 -17.99 52.10 -25.18
N THR IB 47 -18.79 52.99 -25.77
CA THR IB 47 -18.35 54.38 -25.95
C THR IB 47 -19.52 55.33 -25.79
N GLU IB 48 -19.23 56.62 -25.98
CA GLU IB 48 -20.28 57.64 -26.05
C GLU IB 48 -21.40 57.27 -27.06
N HIS IB 49 -21.03 56.61 -28.15
CA HIS IB 49 -21.95 56.33 -29.25
C HIS IB 49 -22.49 54.91 -29.32
N THR IB 50 -21.84 53.99 -28.58
CA THR IB 50 -22.16 52.55 -28.60
C THR IB 50 -22.41 52.06 -27.18
N SER IB 51 -23.66 51.69 -26.88
CA SER IB 51 -24.02 51.19 -25.56
C SER IB 51 -24.46 49.72 -25.59
N ALA IB 52 -24.51 49.13 -26.79
CA ALA IB 52 -24.83 47.71 -26.95
C ALA IB 52 -24.17 47.22 -28.25
N ILE IB 53 -23.67 45.98 -28.20
CA ILE IB 53 -23.05 45.35 -29.34
C ILE IB 53 -23.67 43.99 -29.60
N LYS IB 54 -24.03 43.74 -30.87
CA LYS IB 54 -24.60 42.48 -31.26
C LYS IB 54 -23.65 41.78 -32.28
N VAL IB 55 -23.43 40.48 -32.08
CA VAL IB 55 -22.58 39.68 -32.98
C VAL IB 55 -23.46 38.67 -33.69
N ARG IB 56 -23.35 38.67 -35.01
CA ARG IB 56 -24.11 37.82 -35.89
C ARG IB 56 -23.10 37.01 -36.75
N GLY IB 57 -23.22 35.69 -36.71
CA GLY IB 57 -22.25 34.83 -37.35
C GLY IB 57 -21.45 34.11 -36.30
N LYS IB 58 -20.62 33.15 -36.74
CA LYS IB 58 -19.87 32.28 -35.84
C LYS IB 58 -18.61 32.99 -35.33
N ALA IB 59 -18.55 33.17 -34.01
CA ALA IB 59 -17.49 33.94 -33.37
C ALA IB 59 -17.10 33.48 -31.97
N TYR IB 60 -15.83 33.63 -31.62
CA TYR IB 60 -15.40 33.38 -30.25
C TYR IB 60 -15.30 34.71 -29.52
N ILE IB 61 -15.98 34.85 -28.38
CA ILE IB 61 -16.09 36.18 -27.79
C ILE IB 61 -15.57 36.13 -26.36
N GLN IB 62 -14.75 37.12 -26.02
CA GLN IB 62 -14.30 37.34 -24.66
C GLN IB 62 -14.81 38.65 -24.08
N THR IB 63 -15.38 38.58 -22.87
CA THR IB 63 -15.64 39.80 -22.09
C THR IB 63 -15.13 39.59 -20.66
N ARG IB 64 -15.27 40.63 -19.84
CA ARG IB 64 -14.95 40.57 -18.42
C ARG IB 64 -15.69 39.37 -17.79
N HIS IB 65 -16.86 39.00 -18.32
CA HIS IB 65 -17.61 37.87 -17.70
C HIS IB 65 -17.17 36.47 -18.18
N GLY IB 66 -16.22 36.43 -19.10
CA GLY IB 66 -15.67 35.17 -19.56
C GLY IB 66 -15.89 35.00 -21.04
N VAL IB 67 -15.83 33.76 -21.49
CA VAL IB 67 -16.01 33.48 -22.90
C VAL IB 67 -17.45 33.10 -23.24
N ILE IB 68 -17.83 33.44 -24.47
CA ILE IB 68 -19.11 33.06 -25.03
C ILE IB 68 -18.90 32.90 -26.55
N GLU IB 69 -19.74 32.08 -27.17
CA GLU IB 69 -19.59 31.81 -28.60
C GLU IB 69 -20.87 32.11 -29.30
N SER IB 70 -20.80 32.92 -30.34
CA SER IB 70 -21.98 33.14 -31.17
C SER IB 70 -21.97 32.13 -32.29
N GLU IB 71 -23.17 31.74 -32.69
CA GLU IB 71 -23.34 30.71 -33.70
C GLU IB 71 -24.14 31.35 -34.84
N GLY IB 72 -23.63 31.12 -36.06
CA GLY IB 72 -24.16 31.78 -37.25
C GLY IB 72 -25.42 31.13 -37.79
N THR JB 3 -5.35 59.33 -19.89
CA THR JB 3 -4.27 58.47 -20.48
C THR JB 3 -4.07 57.13 -19.73
N ASN JB 4 -5.00 56.82 -18.81
CA ASN JB 4 -5.05 55.52 -18.11
C ASN JB 4 -5.98 54.42 -18.71
N SER JB 5 -6.17 54.45 -20.02
CA SER JB 5 -7.03 53.49 -20.68
C SER JB 5 -6.40 52.08 -20.76
N ASP JB 6 -7.22 51.06 -21.00
CA ASP JB 6 -6.65 49.74 -21.21
C ASP JB 6 -5.86 49.67 -22.52
N PHE JB 7 -5.09 48.60 -22.67
CA PHE JB 7 -4.26 48.41 -23.85
C PHE JB 7 -4.29 46.94 -24.28
N VAL JB 8 -3.89 46.73 -25.52
CA VAL JB 8 -3.79 45.38 -26.07
C VAL JB 8 -2.34 45.15 -26.47
N VAL JB 9 -1.87 43.91 -26.39
CA VAL JB 9 -0.52 43.56 -26.85
C VAL JB 9 -0.66 42.70 -28.13
N ILE JB 10 0.03 43.05 -29.20
CA ILE JB 10 -0.07 42.28 -30.43
C ILE JB 10 1.33 41.87 -30.81
N LYS JB 11 1.57 40.56 -30.88
CA LYS JB 11 2.83 40.04 -31.42
C LYS JB 11 2.59 39.43 -32.83
N ALA JB 12 3.27 39.92 -33.87
CA ALA JB 12 3.14 39.36 -35.22
C ALA JB 12 3.70 37.93 -35.28
N LEU JB 13 2.92 37.00 -35.80
CA LEU JB 13 3.45 35.62 -36.02
C LEU JB 13 3.81 35.37 -37.48
N GLU JB 14 3.63 36.40 -38.31
CA GLU JB 14 4.03 36.33 -39.71
C GLU JB 14 4.21 37.78 -40.16
N ASP JB 15 4.77 37.96 -41.35
CA ASP JB 15 4.97 39.29 -41.95
C ASP JB 15 3.65 39.93 -42.40
N GLY JB 16 3.57 41.26 -42.34
CA GLY JB 16 2.44 42.00 -42.88
C GLY JB 16 1.17 41.94 -42.04
N VAL JB 17 1.31 41.63 -40.76
CA VAL JB 17 0.15 41.75 -39.85
C VAL JB 17 -0.25 43.24 -39.81
N ASN JB 18 -1.55 43.54 -39.77
CA ASN JB 18 -2.01 44.93 -39.66
C ASN JB 18 -2.78 45.16 -38.39
N VAL JB 19 -2.40 46.19 -37.63
CA VAL JB 19 -3.18 46.55 -36.43
C VAL JB 19 -3.89 47.87 -36.83
N ILE JB 20 -5.22 47.84 -36.93
CA ILE JB 20 -5.95 48.96 -37.52
C ILE JB 20 -6.75 49.70 -36.45
N GLY JB 21 -6.59 51.03 -36.36
CA GLY JB 21 -7.39 51.80 -35.39
C GLY JB 21 -8.71 52.28 -35.97
N LEU JB 22 -9.83 52.08 -35.28
CA LEU JB 22 -11.12 52.59 -35.75
C LEU JB 22 -11.46 53.87 -34.99
N THR JB 23 -11.89 54.90 -35.71
CA THR JB 23 -12.18 56.19 -35.07
C THR JB 23 -13.22 56.09 -33.97
N ARG JB 24 -12.93 56.76 -32.84
CA ARG JB 24 -13.95 57.13 -31.83
C ARG JB 24 -14.96 58.17 -32.39
N GLY JB 25 -16.22 58.09 -31.98
CA GLY JB 25 -17.22 59.11 -32.32
C GLY JB 25 -18.43 58.52 -33.01
N ALA JB 26 -19.30 59.38 -33.53
CA ALA JB 26 -20.49 58.98 -34.27
C ALA JB 26 -20.14 58.27 -35.62
N ASP JB 27 -18.99 58.60 -36.19
CA ASP JB 27 -18.54 57.94 -37.41
C ASP JB 27 -17.46 56.90 -37.11
N THR JB 28 -17.43 55.84 -37.93
CA THR JB 28 -16.48 54.75 -37.75
C THR JB 28 -15.78 54.48 -39.06
N ARG JB 29 -14.48 54.76 -39.07
CA ARG JB 29 -13.64 54.45 -40.21
C ARG JB 29 -12.25 54.11 -39.70
N PHE JB 30 -11.45 53.47 -40.53
CA PHE JB 30 -10.06 53.20 -40.18
C PHE JB 30 -9.30 54.53 -40.25
N HIS JB 31 -8.63 54.94 -39.17
CA HIS JB 31 -7.74 56.12 -39.22
C HIS JB 31 -6.25 55.81 -39.36
N HIS JB 32 -5.87 54.59 -38.98
CA HIS JB 32 -4.46 54.18 -39.03
C HIS JB 32 -4.30 52.67 -39.11
N SER JB 33 -3.36 52.22 -39.92
CA SER JB 33 -3.06 50.80 -40.02
C SER JB 33 -1.55 50.64 -39.78
N GLU JB 34 -1.21 49.99 -38.67
CA GLU JB 34 0.21 49.79 -38.31
C GLU JB 34 0.66 48.38 -38.76
N LYS JB 35 1.65 48.33 -39.64
CA LYS JB 35 2.10 47.03 -40.15
C LYS JB 35 3.22 46.44 -39.27
N LEU JB 36 3.05 45.18 -38.91
CA LEU JB 36 3.98 44.51 -37.99
C LEU JB 36 4.56 43.35 -38.77
N ASP JB 37 5.88 43.31 -38.94
CA ASP JB 37 6.50 42.08 -39.43
C ASP JB 37 6.76 41.00 -38.36
N LYS JB 38 7.19 39.83 -38.81
CA LYS JB 38 7.16 38.65 -37.90
C LYS JB 38 7.99 38.93 -36.65
N GLY JB 39 7.41 38.71 -35.47
CA GLY JB 39 8.19 38.82 -34.25
C GLY JB 39 8.15 40.21 -33.58
N GLU JB 40 7.69 41.22 -34.34
CA GLU JB 40 7.52 42.56 -33.80
C GLU JB 40 6.34 42.59 -32.84
N VAL JB 41 6.42 43.43 -31.80
CA VAL JB 41 5.36 43.52 -30.80
C VAL JB 41 4.85 44.97 -30.73
N LEU JB 42 3.52 45.14 -30.80
CA LEU JB 42 2.89 46.45 -30.60
C LEU JB 42 2.05 46.43 -29.33
N ILE JB 43 2.22 47.45 -28.47
CA ILE JB 43 1.39 47.61 -27.25
C ILE JB 43 0.59 48.90 -27.47
N ALA JB 44 -0.72 48.78 -27.69
CA ALA JB 44 -1.54 49.90 -28.15
C ALA JB 44 -2.72 50.15 -27.23
N GLN JB 45 -2.88 51.40 -26.78
CA GLN JB 45 -4.03 51.70 -25.94
C GLN JB 45 -5.28 52.06 -26.75
N PHE JB 46 -6.44 51.99 -26.10
CA PHE JB 46 -7.62 52.76 -26.49
C PHE JB 46 -7.43 54.24 -26.06
N THR JB 47 -7.86 55.17 -26.91
CA THR JB 47 -7.50 56.60 -26.76
C THR JB 47 -8.68 57.49 -27.13
N GLU JB 48 -8.48 58.80 -27.05
CA GLU JB 48 -9.46 59.76 -27.53
C GLU JB 48 -9.80 59.46 -28.99
N HIS JB 49 -8.81 59.03 -29.74
CA HIS JB 49 -8.99 58.83 -31.17
C HIS JB 49 -9.38 57.41 -31.62
N THR JB 50 -9.16 56.42 -30.75
CA THR JB 50 -9.28 54.99 -31.10
C THR JB 50 -10.12 54.27 -30.10
N SER JB 51 -11.32 53.84 -30.51
CA SER JB 51 -12.19 53.10 -29.58
C SER JB 51 -12.46 51.63 -29.98
N ALA JB 52 -11.86 51.19 -31.09
CA ALA JB 52 -11.89 49.79 -31.51
C ALA JB 52 -10.63 49.51 -32.31
N ILE JB 53 -10.11 48.28 -32.19
CA ILE JB 53 -8.86 47.86 -32.83
C ILE JB 53 -9.14 46.53 -33.53
N LYS JB 54 -8.67 46.43 -34.78
CA LYS JB 54 -8.92 45.27 -35.66
C LYS JB 54 -7.54 44.73 -36.01
N VAL JB 55 -7.36 43.41 -35.88
CA VAL JB 55 -6.08 42.76 -36.24
C VAL JB 55 -6.32 41.83 -37.43
N ARG JB 56 -5.55 42.03 -38.49
CA ARG JB 56 -5.59 41.20 -39.68
C ARG JB 56 -4.22 40.55 -39.87
N GLY JB 57 -4.20 39.22 -39.97
CA GLY JB 57 -2.97 38.47 -40.13
C GLY JB 57 -2.76 37.63 -38.87
N LYS JB 58 -1.72 36.79 -38.89
CA LYS JB 58 -1.53 35.80 -37.86
C LYS JB 58 -0.85 36.45 -36.66
N ALA JB 59 -1.55 36.52 -35.53
CA ALA JB 59 -0.99 37.22 -34.38
C ALA JB 59 -1.35 36.60 -33.06
N TYR JB 60 -0.45 36.76 -32.08
CA TYR JB 60 -0.69 36.41 -30.68
C TYR JB 60 -1.09 37.66 -29.91
N ILE JB 61 -2.26 37.64 -29.27
CA ILE JB 61 -2.83 38.87 -28.70
C ILE JB 61 -3.11 38.66 -27.22
N GLN JB 62 -2.71 39.64 -26.41
CA GLN JB 62 -3.06 39.67 -24.98
C GLN JB 62 -3.87 40.89 -24.65
N THR JB 63 -4.98 40.67 -23.95
CA THR JB 63 -5.73 41.75 -23.34
C THR JB 63 -6.01 41.42 -21.89
N ARG JB 64 -6.67 42.32 -21.20
CA ARG JB 64 -7.08 42.02 -19.84
C ARG JB 64 -7.93 40.73 -19.78
N HIS JB 65 -8.54 40.36 -20.92
CA HIS JB 65 -9.43 39.20 -20.89
C HIS JB 65 -8.68 37.89 -21.14
N GLY JB 66 -7.39 37.96 -21.45
CA GLY JB 66 -6.62 36.75 -21.68
C GLY JB 66 -6.02 36.75 -23.08
N VAL JB 67 -5.67 35.56 -23.55
CA VAL JB 67 -4.96 35.45 -24.82
C VAL JB 67 -6.00 35.17 -25.90
N ILE JB 68 -5.75 35.67 -27.11
CA ILE JB 68 -6.54 35.31 -28.29
C ILE JB 68 -5.57 35.35 -29.45
N GLU JB 69 -5.87 34.60 -30.51
CA GLU JB 69 -4.97 34.56 -31.65
C GLU JB 69 -5.72 34.84 -32.93
N SER JB 70 -5.24 35.81 -33.70
CA SER JB 70 -5.80 36.01 -35.03
C SER JB 70 -5.14 35.04 -36.02
N GLU JB 71 -5.89 34.66 -37.04
CA GLU JB 71 -5.36 33.78 -38.08
C GLU JB 71 -5.41 34.47 -39.41
N GLY JB 72 -4.38 34.25 -40.22
CA GLY JB 72 -4.33 34.84 -41.56
C GLY JB 72 -5.34 34.18 -42.48
N THR KB 3 -0.07 60.82 -14.73
CA THR KB 3 1.29 60.23 -14.48
C THR KB 3 1.19 58.88 -13.73
N ASN KB 4 -0.04 58.37 -13.60
CA ASN KB 4 -0.34 57.03 -13.07
C ASN KB 4 -0.78 56.03 -14.15
N SER KB 5 -0.16 56.17 -15.31
CA SER KB 5 -0.46 55.31 -16.44
C SER KB 5 0.16 53.92 -16.25
N ASP KB 6 -0.27 52.98 -17.09
CA ASP KB 6 0.38 51.67 -17.22
C ASP KB 6 1.80 51.91 -17.77
N PHE KB 7 2.67 50.93 -17.55
CA PHE KB 7 4.01 50.94 -18.14
C PHE KB 7 4.34 49.55 -18.63
N VAL KB 8 5.40 49.48 -19.45
CA VAL KB 8 5.86 48.25 -20.06
C VAL KB 8 7.34 48.09 -19.66
N VAL KB 9 7.78 46.86 -19.42
CA VAL KB 9 9.21 46.59 -19.13
C VAL KB 9 9.78 45.86 -20.33
N ILE KB 10 10.93 46.29 -20.82
CA ILE KB 10 11.50 45.69 -22.03
C ILE KB 10 12.94 45.40 -21.66
N LYS KB 11 13.32 44.11 -21.66
CA LYS KB 11 14.73 43.75 -21.49
C LYS KB 11 15.29 43.31 -22.84
N ALA KB 12 16.31 44.01 -23.32
CA ALA KB 12 16.99 43.66 -24.57
C ALA KB 12 17.72 42.31 -24.48
N LEU KB 13 17.44 41.42 -25.43
CA LEU KB 13 18.08 40.10 -25.48
C LEU KB 13 19.14 40.02 -26.53
N GLU KB 14 19.30 41.12 -27.29
CA GLU KB 14 20.37 41.29 -28.24
C GLU KB 14 20.67 42.79 -28.31
N ASP KB 15 21.77 43.14 -28.94
CA ASP KB 15 22.05 44.56 -29.26
C ASP KB 15 21.11 45.14 -30.31
N GLY KB 16 20.90 46.45 -30.25
CA GLY KB 16 20.11 47.13 -31.28
C GLY KB 16 18.59 47.01 -31.17
N VAL KB 17 18.05 46.57 -30.04
CA VAL KB 17 16.60 46.56 -29.83
C VAL KB 17 16.12 48.03 -29.93
N ASN KB 18 14.99 48.26 -30.62
CA ASN KB 18 14.39 49.60 -30.67
C ASN KB 18 13.05 49.60 -29.97
N VAL KB 19 12.89 50.50 -28.99
CA VAL KB 19 11.58 50.71 -28.40
C VAL KB 19 11.02 52.02 -28.95
N ILE KB 20 9.91 51.94 -29.69
CA ILE KB 20 9.48 53.07 -30.50
C ILE KB 20 8.17 53.60 -29.93
N GLY KB 21 8.11 54.91 -29.66
CA GLY KB 21 6.88 55.54 -29.23
C GLY KB 21 6.10 56.09 -30.41
N LEU KB 22 4.80 55.79 -30.45
CA LEU KB 22 3.90 56.34 -31.45
C LEU KB 22 3.07 57.48 -30.83
N THR KB 23 2.86 58.54 -31.62
CA THR KB 23 2.21 59.75 -31.10
C THR KB 23 0.76 59.54 -30.73
N ARG KB 24 0.37 60.07 -29.57
CA ARG KB 24 -1.03 60.15 -29.20
C ARG KB 24 -1.73 61.23 -30.05
N GLY KB 25 -3.00 61.01 -30.36
CA GLY KB 25 -3.80 62.00 -31.09
C GLY KB 25 -4.31 61.49 -32.44
N ALA KB 26 -4.84 62.40 -33.25
CA ALA KB 26 -5.43 62.05 -34.54
C ALA KB 26 -4.39 61.51 -35.53
N ASP KB 27 -3.14 61.95 -35.37
CA ASP KB 27 -1.99 61.54 -36.19
C ASP KB 27 -1.18 60.45 -35.51
N THR KB 28 -0.75 59.46 -36.29
CA THR KB 28 0.09 58.37 -35.79
C THR KB 28 1.44 58.32 -36.50
N ARG KB 29 2.49 58.68 -35.79
CA ARG KB 29 3.86 58.60 -36.32
C ARG KB 29 4.80 58.28 -35.17
N PHE KB 30 6.02 57.88 -35.52
CA PHE KB 30 7.02 57.52 -34.50
C PHE KB 30 7.61 58.85 -34.09
N HIS KB 31 7.63 59.13 -32.79
CA HIS KB 31 8.24 60.38 -32.32
C HIS KB 31 9.59 60.17 -31.66
N HIS KB 32 9.89 58.92 -31.32
CA HIS KB 32 11.12 58.59 -30.65
C HIS KB 32 11.44 57.10 -30.78
N SER KB 33 12.71 56.79 -31.02
CA SER KB 33 13.18 55.41 -30.92
C SER KB 33 14.33 55.30 -29.93
N GLU KB 34 14.13 54.50 -28.89
CA GLU KB 34 15.17 54.26 -27.91
C GLU KB 34 15.89 52.93 -28.20
N LYS KB 35 17.18 53.00 -28.52
CA LYS KB 35 18.00 51.83 -28.81
C LYS KB 35 18.55 51.23 -27.51
N LEU KB 36 18.33 49.92 -27.33
CA LEU KB 36 18.81 49.16 -26.17
C LEU KB 36 19.89 48.14 -26.54
N ASP KB 37 20.97 48.17 -25.76
CA ASP KB 37 22.04 47.18 -25.85
C ASP KB 37 21.64 45.91 -25.12
N LYS KB 38 22.23 44.79 -25.52
CA LYS KB 38 21.92 43.51 -24.86
C LYS KB 38 21.99 43.64 -23.33
N GLY KB 39 20.94 43.19 -22.65
CA GLY KB 39 20.96 43.19 -21.20
C GLY KB 39 20.42 44.47 -20.54
N GLU KB 40 20.33 45.57 -21.29
CA GLU KB 40 19.68 46.78 -20.76
C GLU KB 40 18.16 46.63 -20.59
N VAL KB 41 17.60 47.25 -19.53
CA VAL KB 41 16.17 47.24 -19.27
C VAL KB 41 15.55 48.66 -19.39
N LEU KB 42 14.41 48.78 -20.10
CA LEU KB 42 13.71 50.05 -20.19
C LEU KB 42 12.35 49.86 -19.56
N ILE KB 43 11.96 50.77 -18.69
CA ILE KB 43 10.63 50.71 -18.06
C ILE KB 43 9.93 51.99 -18.54
N ALA KB 44 8.91 51.84 -19.38
CA ALA KB 44 8.34 53.00 -20.11
C ALA KB 44 6.83 53.08 -19.97
N GLN KB 45 6.34 54.28 -19.68
CA GLN KB 45 4.91 54.48 -19.50
C GLN KB 45 4.24 54.88 -20.80
N PHE KB 46 2.94 54.63 -20.87
CA PHE KB 46 2.05 55.41 -21.74
C PHE KB 46 1.87 56.81 -21.16
N THR KB 47 1.83 57.83 -22.02
CA THR KB 47 1.89 59.23 -21.57
C THR KB 47 1.02 60.14 -22.44
N GLU KB 48 1.03 61.42 -22.11
CA GLU KB 48 0.35 62.42 -22.94
C GLU KB 48 0.82 62.33 -24.41
N HIS KB 49 2.09 61.96 -24.61
CA HIS KB 49 2.71 61.97 -25.92
C HIS KB 49 2.77 60.61 -26.63
N THR KB 50 2.67 59.53 -25.84
CA THR KB 50 2.83 58.16 -26.34
C THR KB 50 1.60 57.31 -25.99
N SER KB 51 0.85 56.90 -27.02
CA SER KB 51 -0.32 56.03 -26.83
C SER KB 51 -0.16 54.60 -27.36
N ALA KB 52 1.00 54.30 -27.93
CA ALA KB 52 1.31 52.97 -28.45
C ALA KB 52 2.83 52.84 -28.53
N ILE KB 53 3.33 51.64 -28.25
CA ILE KB 53 4.76 51.33 -28.21
C ILE KB 53 5.05 50.10 -29.05
N LYS KB 54 6.07 50.20 -29.90
CA LYS KB 54 6.40 49.11 -30.80
C LYS KB 54 7.83 48.65 -30.48
N VAL KB 55 8.00 47.35 -30.34
CA VAL KB 55 9.32 46.77 -30.06
C VAL KB 55 9.83 45.95 -31.23
N ARG KB 56 11.02 46.32 -31.69
CA ARG KB 56 11.68 45.61 -32.80
C ARG KB 56 13.03 45.05 -32.33
N GLY KB 57 13.27 43.76 -32.59
CA GLY KB 57 14.49 43.11 -32.13
C GLY KB 57 14.09 42.13 -31.03
N LYS KB 58 15.03 41.28 -30.63
CA LYS KB 58 14.79 40.23 -29.64
C LYS KB 58 14.72 40.81 -28.23
N ALA KB 59 13.56 40.69 -27.58
CA ALA KB 59 13.35 41.24 -26.23
C ALA KB 59 12.36 40.48 -25.36
N TYR KB 60 12.57 40.60 -24.05
CA TYR KB 60 11.70 39.97 -23.08
C TYR KB 60 10.89 41.09 -22.46
N ILE KB 61 9.57 40.96 -22.49
CA ILE KB 61 8.65 42.10 -22.26
C ILE KB 61 7.63 41.69 -21.25
N GLN KB 62 7.48 42.54 -20.25
CA GLN KB 62 6.44 42.41 -19.23
C GLN KB 62 5.43 43.55 -19.28
N THR KB 63 4.16 43.21 -19.19
CA THR KB 63 3.07 44.17 -19.00
C THR KB 63 2.08 43.63 -17.98
N ARG KB 64 1.07 44.43 -17.70
CA ARG KB 64 -0.01 44.00 -16.82
C ARG KB 64 -0.66 42.67 -17.30
N HIS KB 65 -0.54 42.36 -18.60
CA HIS KB 65 -1.21 41.16 -19.10
C HIS KB 65 -0.32 39.92 -19.13
N GLY KB 66 0.96 40.07 -18.78
CA GLY KB 66 1.84 38.93 -18.66
C GLY KB 66 3.10 39.17 -19.45
N VAL KB 67 3.81 38.08 -19.76
CA VAL KB 67 5.07 38.18 -20.49
C VAL KB 67 4.84 37.93 -21.97
N ILE KB 68 5.68 38.55 -22.79
CA ILE KB 68 5.70 38.34 -24.23
C ILE KB 68 7.12 38.59 -24.74
N GLU KB 69 7.49 37.97 -25.86
CA GLU KB 69 8.85 38.12 -26.36
C GLU KB 69 8.79 38.56 -27.81
N SER KB 70 9.50 39.62 -28.12
CA SER KB 70 9.65 40.02 -29.50
C SER KB 70 10.81 39.23 -30.04
N GLU KB 71 10.81 38.97 -31.34
CA GLU KB 71 11.90 38.25 -31.99
C GLU KB 71 12.42 39.09 -33.15
N GLY KB 72 13.74 39.08 -33.33
CA GLY KB 72 14.38 39.84 -34.40
C GLY KB 72 14.19 39.23 -35.79
N THR LB 3 1.39 62.40 -6.77
CA THR LB 3 2.63 61.90 -6.07
C THR LB 3 2.55 60.38 -5.78
N ASN LB 4 1.51 59.75 -6.36
CA ASN LB 4 1.15 58.34 -6.13
C ASN LB 4 1.43 57.41 -7.32
N SER LB 5 2.45 57.73 -8.11
CA SER LB 5 2.77 56.97 -9.31
C SER LB 5 3.42 55.64 -8.99
N ASP LB 6 3.44 54.74 -9.99
CA ASP LB 6 4.15 53.48 -9.90
C ASP LB 6 5.63 53.77 -9.60
N PHE LB 7 6.32 52.78 -9.04
CA PHE LB 7 7.74 52.90 -8.80
C PHE LB 7 8.43 51.55 -9.14
N VAL LB 8 9.74 51.63 -9.28
CA VAL LB 8 10.58 50.52 -9.65
C VAL LB 8 11.65 50.39 -8.56
N VAL LB 9 11.96 49.15 -8.18
CA VAL LB 9 13.04 48.94 -7.20
C VAL LB 9 14.24 48.41 -7.95
N ILE LB 10 15.43 48.99 -7.71
CA ILE LB 10 16.65 48.58 -8.46
C ILE LB 10 17.75 48.26 -7.43
N LYS LB 11 18.30 47.04 -7.48
CA LYS LB 11 19.40 46.67 -6.59
C LYS LB 11 20.61 46.40 -7.45
N ALA LB 12 21.65 47.21 -7.29
CA ALA LB 12 22.88 47.02 -8.02
C ALA LB 12 23.52 45.68 -7.65
N LEU LB 13 23.89 44.89 -8.65
CA LEU LB 13 24.61 43.63 -8.37
C LEU LB 13 26.09 43.72 -8.64
N GLU LB 14 26.52 44.92 -9.07
CA GLU LB 14 27.92 45.25 -9.34
C GLU LB 14 28.07 46.74 -9.18
N ASP LB 15 29.31 47.22 -9.20
CA ASP LB 15 29.60 48.66 -9.13
C ASP LB 15 29.25 49.37 -10.45
N GLY LB 16 28.82 50.62 -10.36
CA GLY LB 16 28.72 51.46 -11.55
C GLY LB 16 27.46 51.24 -12.38
N VAL LB 17 26.41 50.69 -11.74
CA VAL LB 17 25.06 50.57 -12.33
C VAL LB 17 24.51 51.99 -12.51
N ASN LB 18 23.90 52.28 -13.67
CA ASN LB 18 23.22 53.56 -13.89
C ASN LB 18 21.71 53.38 -14.03
N VAL LB 19 20.96 54.18 -13.27
CA VAL LB 19 19.52 54.30 -13.40
C VAL LB 19 19.24 55.66 -14.03
N ILE LB 20 18.74 55.65 -15.25
CA ILE LB 20 18.70 56.88 -16.05
C ILE LB 20 17.22 57.30 -16.22
N GLY LB 21 16.91 58.56 -15.92
CA GLY LB 21 15.56 59.08 -16.12
C GLY LB 21 15.42 59.76 -17.45
N LEU LB 22 14.39 59.36 -18.20
CA LEU LB 22 14.06 59.99 -19.48
C LEU LB 22 12.92 61.01 -19.32
N THR LB 23 13.07 62.16 -19.97
CA THR LB 23 12.13 63.27 -19.86
C THR LB 23 10.74 62.93 -20.36
N ARG LB 24 9.75 63.25 -19.52
CA ARG LB 24 8.38 63.28 -19.95
C ARG LB 24 8.19 64.44 -20.96
N GLY LB 25 7.29 64.26 -21.93
CA GLY LB 25 6.92 65.31 -22.85
C GLY LB 25 7.17 64.93 -24.31
N ALA LB 26 7.10 65.94 -25.18
CA ALA LB 26 7.28 65.76 -26.62
C ALA LB 26 8.71 65.37 -26.93
N ASP LB 27 9.63 65.79 -26.06
CA ASP LB 27 11.04 65.53 -26.20
C ASP LB 27 11.46 64.37 -25.33
N THR LB 28 12.38 63.53 -25.81
CA THR LB 28 12.88 62.40 -25.04
C THR LB 28 14.40 62.48 -24.97
N ARG LB 29 14.92 62.80 -23.80
CA ARG LB 29 16.36 62.84 -23.53
C ARG LB 29 16.60 62.40 -22.10
N PHE LB 30 17.85 62.05 -21.77
CA PHE LB 30 18.19 61.68 -20.39
C PHE LB 30 18.35 62.98 -19.60
N HIS LB 31 17.75 63.07 -18.43
CA HIS LB 31 17.89 64.30 -17.61
C HIS LB 31 18.71 64.02 -16.34
N HIS LB 32 18.81 62.74 -15.97
CA HIS LB 32 19.59 62.36 -14.80
C HIS LB 32 20.06 60.91 -14.90
N SER LB 33 21.31 60.69 -14.52
CA SER LB 33 21.82 59.33 -14.31
C SER LB 33 22.20 59.10 -12.84
N GLU LB 34 21.49 58.20 -12.16
CA GLU LB 34 21.84 57.88 -10.78
C GLU LB 34 22.78 56.66 -10.73
N LYS LB 35 24.00 56.87 -10.25
CA LYS LB 35 24.97 55.80 -10.17
C LYS LB 35 24.82 55.00 -8.88
N LEU LB 36 24.68 53.68 -9.03
CA LEU LB 36 24.52 52.74 -7.91
C LEU LB 36 25.74 51.83 -7.82
N ASP LB 37 26.24 51.62 -6.61
CA ASP LB 37 27.36 50.71 -6.46
C ASP LB 37 26.85 49.41 -5.82
N LYS LB 38 27.68 48.38 -5.86
CA LYS LB 38 27.23 47.01 -5.56
C LYS LB 38 26.46 46.94 -4.23
N GLY LB 39 25.21 46.49 -4.30
CA GLY LB 39 24.38 46.23 -3.14
C GLY LB 39 23.52 47.41 -2.71
N GLU LB 40 23.70 48.57 -3.36
CA GLU LB 40 22.82 49.72 -3.12
C GLU LB 40 21.46 49.48 -3.78
N VAL LB 41 20.44 50.04 -3.15
CA VAL LB 41 19.08 49.92 -3.63
C VAL LB 41 18.45 51.30 -3.86
N LEU LB 42 17.85 51.46 -5.03
CA LEU LB 42 17.18 52.71 -5.38
C LEU LB 42 15.74 52.37 -5.65
N ILE LB 43 14.84 53.11 -5.01
CA ILE LB 43 13.40 52.97 -5.23
C ILE LB 43 12.93 54.30 -5.84
N ALA LB 44 12.55 54.27 -7.12
CA ALA LB 44 12.32 55.49 -7.89
C ALA LB 44 10.94 55.45 -8.58
N GLN LB 45 10.19 56.54 -8.46
CA GLN LB 45 8.87 56.67 -9.08
C GLN LB 45 8.94 57.19 -10.51
N PHE LB 46 7.87 56.92 -11.29
CA PHE LB 46 7.58 57.76 -12.45
C PHE LB 46 6.99 59.08 -11.93
N THR LB 47 7.25 60.19 -12.62
CA THR LB 47 6.97 61.52 -12.06
C THR LB 47 6.56 62.50 -13.16
N GLU LB 48 6.31 63.75 -12.79
CA GLU LB 48 6.10 64.82 -13.77
C GLU LB 48 7.27 64.90 -14.75
N HIS LB 49 8.47 64.69 -14.25
CA HIS LB 49 9.66 64.86 -15.05
C HIS LB 49 10.22 63.59 -15.72
N THR LB 50 9.80 62.41 -15.23
CA THR LB 50 10.36 61.12 -15.64
C THR LB 50 9.26 60.16 -16.12
N SER LB 51 9.25 59.85 -17.43
CA SER LB 51 8.18 58.98 -17.94
C SER LB 51 8.70 57.62 -18.45
N ALA LB 52 10.03 57.44 -18.38
CA ALA LB 52 10.67 56.17 -18.69
C ALA LB 52 11.99 56.13 -17.95
N ILE LB 53 12.42 54.92 -17.58
CA ILE LB 53 13.64 54.70 -16.81
C ILE LB 53 14.45 53.59 -17.50
N LYS LB 54 15.74 53.84 -17.70
CA LYS LB 54 16.65 52.86 -18.28
C LYS LB 54 17.67 52.41 -17.22
N VAL LB 55 17.85 51.09 -17.06
CA VAL LB 55 18.88 50.59 -16.16
C VAL LB 55 19.96 49.97 -17.01
N ARG LB 56 21.20 50.42 -16.77
CA ARG LB 56 22.38 49.87 -17.40
C ARG LB 56 23.32 49.29 -16.34
N GLY LB 57 23.88 48.10 -16.62
CA GLY LB 57 24.73 47.39 -15.69
C GLY LB 57 23.92 46.32 -14.98
N LYS LB 58 24.60 45.45 -14.26
CA LYS LB 58 23.98 44.28 -13.68
C LYS LB 58 23.13 44.58 -12.45
N ALA LB 59 21.84 44.30 -12.52
CA ALA LB 59 20.95 44.74 -11.45
C ALA LB 59 19.73 43.83 -11.30
N TYR LB 60 19.17 43.77 -10.10
CA TYR LB 60 17.95 43.01 -9.81
C TYR LB 60 16.83 44.04 -9.72
N ILE LB 61 15.78 43.90 -10.53
CA ILE LB 61 14.73 44.92 -10.63
C ILE LB 61 13.38 44.31 -10.28
N GLN LB 62 12.64 45.00 -9.43
CA GLN LB 62 11.25 44.67 -9.15
C GLN LB 62 10.29 45.74 -9.63
N THR LB 63 9.18 45.33 -10.23
CA THR LB 63 8.10 46.26 -10.56
C THR LB 63 6.79 45.57 -10.26
N ARG LB 64 5.68 46.28 -10.42
CA ARG LB 64 4.35 45.68 -10.31
C ARG LB 64 4.23 44.40 -11.17
N HIS LB 65 4.98 44.34 -12.28
CA HIS LB 65 4.86 43.20 -13.20
C HIS LB 65 5.72 42.00 -12.84
N GLY LB 66 6.60 42.18 -11.88
CA GLY LB 66 7.36 41.07 -11.35
C GLY LB 66 8.83 41.44 -11.32
N VAL LB 67 9.67 40.41 -11.32
CA VAL LB 67 11.10 40.59 -11.25
C VAL LB 67 11.71 40.53 -12.63
N ILE LB 68 12.73 41.36 -12.87
CA ILE LB 68 13.51 41.33 -14.11
C ILE LB 68 14.99 41.65 -13.77
N GLU LB 69 15.92 41.15 -14.57
CA GLU LB 69 17.33 41.47 -14.28
C GLU LB 69 18.00 42.09 -15.47
N SER LB 70 18.68 43.23 -15.24
CA SER LB 70 19.54 43.82 -16.26
C SER LB 70 20.91 43.19 -16.16
N GLU LB 71 21.63 43.16 -17.29
CA GLU LB 71 22.93 42.53 -17.27
C GLU LB 71 23.93 43.51 -17.85
N GLY LB 72 25.08 43.64 -17.18
CA GLY LB 72 26.17 44.48 -17.68
C GLY LB 72 26.48 44.20 -19.14
N THR MB 3 -2.55 62.43 0.73
CA THR MB 3 -1.40 61.89 1.54
C THR MB 3 -1.35 60.34 1.55
N ASN MB 4 -1.99 59.68 0.56
CA ASN MB 4 -1.96 58.21 0.40
C ASN MB 4 -1.01 57.67 -0.71
N SER MB 5 0.23 58.16 -0.68
CA SER MB 5 1.28 57.67 -1.55
C SER MB 5 1.78 56.34 -1.01
N ASP MB 6 2.52 55.64 -1.85
CA ASP MB 6 3.21 54.42 -1.45
C ASP MB 6 4.28 54.76 -0.42
N PHE MB 7 4.68 53.76 0.36
CA PHE MB 7 5.77 53.93 1.30
C PHE MB 7 6.70 52.71 1.26
N VAL MB 8 7.93 52.91 1.76
CA VAL MB 8 8.92 51.86 1.91
C VAL MB 8 9.18 51.61 3.40
N VAL MB 9 9.39 50.35 3.79
CA VAL MB 9 9.83 49.97 5.13
C VAL MB 9 11.33 49.60 5.06
N ILE MB 10 12.17 50.23 5.90
CA ILE MB 10 13.60 49.91 5.96
C ILE MB 10 14.01 49.55 7.39
N LYS MB 11 14.47 48.30 7.59
CA LYS MB 11 15.10 47.89 8.84
C LYS MB 11 16.62 47.85 8.69
N ALA MB 12 17.32 48.62 9.51
CA ALA MB 12 18.79 48.54 9.54
C ALA MB 12 19.28 47.20 10.11
N LEU MB 13 20.18 46.55 9.37
CA LEU MB 13 20.77 45.29 9.83
C LEU MB 13 22.19 45.53 10.38
N GLU MB 14 22.66 46.76 10.27
CA GLU MB 14 23.94 47.18 10.82
C GLU MB 14 23.84 48.67 11.23
N ASP MB 15 24.81 49.15 12.03
CA ASP MB 15 24.86 50.59 12.33
C ASP MB 15 25.12 51.44 11.09
N GLY MB 16 24.54 52.64 11.04
CA GLY MB 16 24.97 53.62 10.07
C GLY MB 16 24.39 53.43 8.67
N VAL MB 17 23.28 52.72 8.59
CA VAL MB 17 22.52 52.64 7.33
C VAL MB 17 22.01 54.05 7.01
N ASN MB 18 22.12 54.44 5.73
CA ASN MB 18 21.74 55.76 5.24
C ASN MB 18 20.51 55.66 4.31
N VAL MB 19 19.39 56.28 4.68
CA VAL MB 19 18.22 56.32 3.78
C VAL MB 19 18.19 57.74 3.19
N ILE MB 20 18.39 57.84 1.87
CA ILE MB 20 18.67 59.12 1.23
C ILE MB 20 17.48 59.53 0.34
N GLY MB 21 16.92 60.73 0.55
CA GLY MB 21 15.76 61.19 -0.20
C GLY MB 21 16.21 62.06 -1.36
N LEU MB 22 15.81 61.69 -2.59
CA LEU MB 22 16.14 62.48 -3.77
C LEU MB 22 14.98 63.41 -4.13
N THR MB 23 15.33 64.63 -4.59
CA THR MB 23 14.37 65.70 -4.87
C THR MB 23 13.49 65.35 -6.06
N ARG MB 24 12.19 65.53 -5.86
CA ARG MB 24 11.21 65.62 -6.96
C ARG MB 24 11.45 66.86 -7.80
N GLY MB 25 11.23 66.74 -9.12
CA GLY MB 25 11.36 67.88 -10.00
C GLY MB 25 12.40 67.72 -11.09
N ALA MB 26 12.69 68.83 -11.77
CA ALA MB 26 13.64 68.85 -12.89
C ALA MB 26 15.05 68.50 -12.41
N ASP MB 27 15.33 68.90 -11.18
CA ASP MB 27 16.59 68.75 -10.50
C ASP MB 27 16.62 67.46 -9.71
N THR MB 28 17.73 66.72 -9.75
CA THR MB 28 17.88 65.51 -8.90
C THR MB 28 19.13 65.61 -8.01
N ARG MB 29 18.92 65.81 -6.71
CA ARG MB 29 20.00 65.72 -5.72
C ARG MB 29 19.39 65.30 -4.39
N PHE MB 30 20.21 64.81 -3.46
CA PHE MB 30 19.66 64.42 -2.17
C PHE MB 30 19.31 65.63 -1.34
N HIS MB 31 18.16 65.59 -0.68
CA HIS MB 31 17.75 66.72 0.16
C HIS MB 31 17.84 66.34 1.61
N HIS MB 32 17.83 65.02 1.87
CA HIS MB 32 17.95 64.53 3.21
C HIS MB 32 18.61 63.16 3.24
N SER MB 33 19.43 62.94 4.26
CA SER MB 33 19.97 61.62 4.58
C SER MB 33 19.58 61.25 6.02
N GLU MB 34 18.76 60.22 6.18
CA GLU MB 34 18.42 59.77 7.54
C GLU MB 34 19.25 58.53 7.91
N LYS MB 35 20.05 58.62 8.99
CA LYS MB 35 20.86 57.48 9.45
C LYS MB 35 20.02 56.58 10.33
N LEU MB 36 20.20 55.27 10.19
CA LEU MB 36 19.54 54.31 11.06
C LEU MB 36 20.59 53.39 11.69
N ASP MB 37 20.46 53.17 12.99
CA ASP MB 37 21.35 52.22 13.62
C ASP MB 37 20.71 50.86 13.69
N LYS MB 38 21.55 49.85 13.95
CA LYS MB 38 21.13 48.47 13.87
C LYS MB 38 19.80 48.23 14.60
N GLY MB 39 18.82 47.66 13.90
CA GLY MB 39 17.58 47.31 14.56
C GLY MB 39 16.49 48.38 14.46
N GLU MB 40 16.87 49.61 14.13
CA GLU MB 40 15.87 50.67 13.92
C GLU MB 40 15.10 50.52 12.60
N VAL MB 41 13.85 50.93 12.60
CA VAL MB 41 13.01 50.81 11.40
C VAL MB 41 12.46 52.19 10.97
N LEU MB 42 12.53 52.47 9.68
CA LEU MB 42 12.04 53.74 9.11
C LEU MB 42 10.99 53.36 8.05
N ILE MB 43 9.78 53.92 8.20
CA ILE MB 43 8.72 53.72 7.22
C ILE MB 43 8.53 55.10 6.58
N ALA MB 44 8.89 55.22 5.31
CA ALA MB 44 8.96 56.50 4.63
C ALA MB 44 8.17 56.53 3.31
N GLN MB 45 7.42 57.59 3.09
CA GLN MB 45 6.56 57.73 1.91
C GLN MB 45 7.30 58.39 0.79
N PHE MB 46 6.80 58.20 -0.44
CA PHE MB 46 7.09 59.13 -1.52
C PHE MB 46 6.20 60.34 -1.30
N THR MB 47 6.69 61.52 -1.70
CA THR MB 47 6.05 62.77 -1.27
C THR MB 47 6.18 63.84 -2.32
N GLU MB 48 5.60 65.00 -2.04
CA GLU MB 48 5.80 66.18 -2.89
C GLU MB 48 7.29 66.50 -3.09
N HIS MB 49 8.09 66.23 -2.08
CA HIS MB 49 9.52 66.58 -2.10
C HIS MB 49 10.48 65.42 -2.42
N THR MB 50 10.00 64.17 -2.23
CA THR MB 50 10.82 62.96 -2.46
C THR MB 50 10.18 62.02 -3.47
N SER MB 51 10.84 61.85 -4.61
CA SER MB 51 10.35 60.98 -5.69
C SER MB 51 11.26 59.77 -5.98
N ALA MB 52 12.41 59.72 -5.30
CA ALA MB 52 13.23 58.51 -5.29
C ALA MB 52 13.92 58.37 -3.94
N ILE MB 53 14.15 57.13 -3.50
CA ILE MB 53 14.81 56.88 -2.23
C ILE MB 53 15.96 55.92 -2.47
N LYS MB 54 17.12 56.21 -1.87
CA LYS MB 54 18.28 55.34 -1.99
C LYS MB 54 18.78 54.86 -0.64
N VAL MB 55 19.15 53.58 -0.55
CA VAL MB 55 19.46 52.99 0.75
C VAL MB 55 20.87 52.46 0.61
N ARG MB 56 21.74 52.95 1.50
CA ARG MB 56 23.15 52.55 1.53
C ARG MB 56 23.44 51.87 2.87
N GLY MB 57 24.17 50.74 2.82
CA GLY MB 57 24.34 49.90 4.00
C GLY MB 57 23.43 48.69 4.04
N LYS MB 58 23.69 47.77 4.97
CA LYS MB 58 22.94 46.52 5.05
C LYS MB 58 21.57 46.74 5.71
N ALA MB 59 20.51 46.45 4.95
CA ALA MB 59 19.14 46.71 5.41
C ALA MB 59 18.09 45.72 4.78
N TYR MB 60 17.04 45.41 5.52
CA TYR MB 60 15.92 44.58 5.06
C TYR MB 60 14.80 45.55 4.62
N ILE MB 61 14.35 45.44 3.37
CA ILE MB 61 13.43 46.44 2.82
C ILE MB 61 12.14 45.79 2.32
N GLN MB 62 10.99 46.35 2.72
CA GLN MB 62 9.72 45.90 2.20
C GLN MB 62 9.13 47.02 1.36
N THR MB 63 8.60 46.66 0.18
CA THR MB 63 7.74 47.54 -0.60
C THR MB 63 6.53 46.78 -1.09
N ARG MB 64 5.63 47.46 -1.77
CA ARG MB 64 4.53 46.73 -2.36
C ARG MB 64 4.96 45.64 -3.33
N HIS MB 65 6.22 45.69 -3.82
CA HIS MB 65 6.68 44.68 -4.78
C HIS MB 65 7.35 43.49 -4.09
N GLY MB 66 7.50 43.57 -2.78
CA GLY MB 66 8.04 42.46 -2.00
C GLY MB 66 9.25 42.88 -1.16
N VAL MB 67 10.02 41.89 -0.69
CA VAL MB 67 11.25 42.15 0.05
C VAL MB 67 12.46 42.30 -0.87
N ILE MB 68 13.36 43.20 -0.47
CA ILE MB 68 14.66 43.38 -1.15
C ILE MB 68 15.66 43.69 -0.01
N GLU MB 69 16.92 43.28 -0.14
CA GLU MB 69 17.93 43.54 0.88
C GLU MB 69 19.06 44.35 0.28
N SER MB 70 19.36 45.51 0.84
CA SER MB 70 20.57 46.24 0.51
C SER MB 70 21.78 45.64 1.25
N GLU MB 71 22.96 45.73 0.65
CA GLU MB 71 24.21 45.24 1.26
C GLU MB 71 25.21 46.39 1.29
N GLY MB 72 25.97 46.48 2.38
CA GLY MB 72 26.88 47.60 2.61
C GLY MB 72 28.03 47.62 1.62
#